data_8VZJ
#
_entry.id   8VZJ
#
_cell.length_a   324.220
_cell.length_b   77.840
_cell.length_c   229.550
_cell.angle_alpha   90.000
_cell.angle_beta   134.530
_cell.angle_gamma   90.000
#
_symmetry.space_group_name_H-M   'C 1 2 1'
#
loop_
_entity.id
_entity.type
_entity.pdbx_description
1 polymer 'Oxalyl-CoA decarboxylase'
2 non-polymer 'THIAMINE DIPHOSPHATE'
3 non-polymer "ADENOSINE-5'-DIPHOSPHATE"
4 non-polymer GLYCEROL
5 non-polymer 'MAGNESIUM ION'
6 non-polymer 1,2-ETHANEDIOL
7 water water
#
_entity_poly.entity_id   1
_entity_poly.type   'polypeptide(L)'
_entity_poly.pdbx_seq_one_letter_code
;SNAMGQITGAQIVARALKQQGVEYMFGIVGIPVIPIAMFAQREGIKFYGFRNEQSASYAAAAVGYLTGRPGVCLGVSGPG
MIHGVAGMANAWSNCWPMILIGGANDSYQNGQGAFQEAPQIEAARPFAKYCARPDSLARLPFYVEQAVRTSIYGRPGAVY
LDLPGDIITGAMEEEDVHFPPRCPDAPRMMAPQESIDAAMAALKSAERPLVIVGKGAAYSRAENEVREFLETTQLPYLAS
PMGKGVMPDDHPLSIAPARSAALLGADVILLMGARLNWMMHFGHPPRFDPKVRVIQMDISAEEIGTNVPTEVALVGDAKA
ITTQLNASLKQQPWQYPSETTWWTGLRKKIDENGATVAEMMADESVPMSYYRVYREIRDLIPNDAIIQNEGASTMDIGRT
LMPNFLPRHRLDAGSFGTMGVGLGQAIAAAAVHPDKHVFCIEGDSAFGFSGMEVETAARYGMKNITFIIINNNGIGGGPD
TLDPTRVPPSAYTPNAHYEKMAEIYGGKGYFVTEPSQLRPALEEAIKADKPAIVNIMISATSQRKPQQFAWLTR
;
_entity_poly.pdbx_strand_id   A,B,C,D,E,F,G,H
#
loop_
_chem_comp.id
_chem_comp.type
_chem_comp.name
_chem_comp.formula
ADP non-polymer ADENOSINE-5'-DIPHOSPHATE 'C10 H15 N5 O10 P2'
EDO non-polymer 1,2-ETHANEDIOL 'C2 H6 O2'
GOL non-polymer GLYCEROL 'C3 H8 O3'
MG non-polymer 'MAGNESIUM ION' 'Mg 2'
TPP non-polymer 'THIAMINE DIPHOSPHATE' 'C12 H19 N4 O7 P2 S 1'
#
# COMPACT_ATOMS: atom_id res chain seq x y z
N GLY A 5 60.87 13.74 -28.26
CA GLY A 5 59.99 12.91 -27.44
C GLY A 5 58.53 13.34 -27.52
N GLN A 6 57.63 12.38 -27.46
CA GLN A 6 56.20 12.65 -27.52
C GLN A 6 55.61 12.70 -26.12
N ILE A 7 54.64 13.60 -25.93
CA ILE A 7 53.97 13.79 -24.66
C ILE A 7 52.47 13.73 -24.89
N THR A 8 51.74 13.14 -23.94
CA THR A 8 50.30 13.01 -24.05
C THR A 8 49.61 14.27 -23.54
N GLY A 9 48.33 14.40 -23.90
CA GLY A 9 47.56 15.54 -23.44
C GLY A 9 47.33 15.55 -21.95
N ALA A 10 47.23 14.37 -21.33
CA ALA A 10 47.11 14.30 -19.88
C ALA A 10 48.34 14.87 -19.19
N GLN A 11 49.53 14.58 -19.72
CA GLN A 11 50.75 15.12 -19.15
C GLN A 11 50.92 16.59 -19.50
N ILE A 12 50.40 17.01 -20.66
CA ILE A 12 50.48 18.43 -21.03
C ILE A 12 49.66 19.28 -20.08
N VAL A 13 48.44 18.84 -19.75
CA VAL A 13 47.59 19.63 -18.86
C VAL A 13 48.09 19.53 -17.42
N ALA A 14 48.67 18.38 -17.04
CA ALA A 14 49.20 18.25 -15.69
C ALA A 14 50.41 19.17 -15.48
N ARG A 15 51.31 19.22 -16.46
CA ARG A 15 52.47 20.10 -16.34
C ARG A 15 52.05 21.57 -16.42
N ALA A 16 51.12 21.89 -17.32
CA ALA A 16 50.67 23.27 -17.45
C ALA A 16 49.98 23.75 -16.16
N LEU A 17 49.17 22.88 -15.55
CA LEU A 17 48.56 23.22 -14.27
C LEU A 17 49.60 23.54 -13.22
N LYS A 18 50.63 22.70 -13.11
CA LYS A 18 51.68 22.93 -12.12
C LYS A 18 52.46 24.21 -12.44
N GLN A 19 52.70 24.48 -13.73
CA GLN A 19 53.41 25.69 -14.11
C GLN A 19 52.61 26.94 -13.74
N GLN A 20 51.28 26.86 -13.78
CA GLN A 20 50.43 28.01 -13.51
C GLN A 20 50.06 28.15 -12.05
N GLY A 21 50.71 27.41 -11.15
CA GLY A 21 50.51 27.58 -9.73
C GLY A 21 49.51 26.67 -9.07
N VAL A 22 48.98 25.68 -9.79
CA VAL A 22 48.07 24.72 -9.20
C VAL A 22 48.87 23.72 -8.39
N GLU A 23 48.53 23.57 -7.11
CA GLU A 23 49.24 22.67 -6.22
C GLU A 23 48.39 21.50 -5.72
N TYR A 24 47.07 21.64 -5.68
CA TYR A 24 46.19 20.63 -5.11
C TYR A 24 45.10 20.28 -6.11
N MET A 25 44.79 18.99 -6.20
CA MET A 25 43.72 18.48 -7.05
C MET A 25 42.90 17.49 -6.26
N PHE A 26 41.58 17.66 -6.27
CA PHE A 26 40.67 16.78 -5.57
C PHE A 26 39.67 16.21 -6.56
N GLY A 27 39.29 14.95 -6.38
CA GLY A 27 38.30 14.35 -7.24
C GLY A 27 38.30 12.85 -7.12
N ILE A 28 37.70 12.20 -8.13
CA ILE A 28 37.56 10.75 -8.17
C ILE A 28 37.90 10.29 -9.58
N VAL A 29 38.76 9.28 -9.68
CA VAL A 29 39.27 8.83 -10.98
C VAL A 29 38.26 7.95 -11.68
N GLY A 30 38.59 7.53 -12.90
CA GLY A 30 37.69 6.80 -13.75
C GLY A 30 37.81 7.27 -15.18
N ILE A 31 37.21 6.54 -16.11
CA ILE A 31 37.29 6.92 -17.53
C ILE A 31 36.62 8.27 -17.72
N PRO A 32 37.27 9.23 -18.40
CA PRO A 32 38.59 9.16 -19.03
C PRO A 32 39.65 10.02 -18.34
N VAL A 33 39.55 10.28 -17.04
CA VAL A 33 40.44 11.22 -16.38
C VAL A 33 41.48 10.52 -15.53
N ILE A 34 41.67 9.21 -15.70
CA ILE A 34 42.70 8.50 -14.94
C ILE A 34 44.11 9.03 -15.24
N PRO A 35 44.53 9.19 -16.50
CA PRO A 35 45.89 9.68 -16.74
C PRO A 35 46.15 11.08 -16.20
N ILE A 36 45.11 11.90 -16.09
CA ILE A 36 45.29 13.25 -15.54
C ILE A 36 45.70 13.16 -14.07
N ALA A 37 45.03 12.33 -13.29
CA ALA A 37 45.35 12.20 -11.87
C ALA A 37 46.73 11.58 -11.67
N MET A 38 47.10 10.62 -12.52
CA MET A 38 48.41 10.00 -12.40
C MET A 38 49.52 10.97 -12.78
N PHE A 39 49.38 11.62 -13.94
CA PHE A 39 50.41 12.56 -14.38
C PHE A 39 50.48 13.80 -13.49
N ALA A 40 49.39 14.16 -12.80
CA ALA A 40 49.45 15.29 -11.89
C ALA A 40 50.39 15.01 -10.72
N GLN A 41 50.34 13.80 -10.17
CA GLN A 41 51.26 13.44 -9.10
C GLN A 41 52.71 13.40 -9.58
N ARG A 42 52.93 12.98 -10.82
CA ARG A 42 54.28 12.97 -11.37
C ARG A 42 54.84 14.38 -11.55
N GLU A 43 53.97 15.38 -11.70
CA GLU A 43 54.40 16.73 -12.01
C GLU A 43 54.40 17.66 -10.80
N GLY A 44 54.05 17.16 -9.62
CA GLY A 44 54.10 17.95 -8.40
C GLY A 44 52.76 18.32 -7.82
N ILE A 45 51.66 18.08 -8.53
CA ILE A 45 50.33 18.36 -8.01
C ILE A 45 49.91 17.20 -7.11
N LYS A 46 49.33 17.52 -5.95
CA LYS A 46 48.90 16.50 -5.01
C LYS A 46 47.44 16.16 -5.28
N PHE A 47 47.17 14.89 -5.57
CA PHE A 47 45.83 14.41 -5.86
C PHE A 47 45.24 13.73 -4.64
N TYR A 48 44.01 14.10 -4.30
CA TYR A 48 43.28 13.51 -3.18
C TYR A 48 42.01 12.87 -3.72
N GLY A 49 41.91 11.54 -3.57
CA GLY A 49 40.73 10.83 -4.00
C GLY A 49 39.62 10.86 -2.97
N PHE A 50 38.59 11.65 -3.23
CA PHE A 50 37.46 11.78 -2.30
C PHE A 50 36.48 10.63 -2.50
N ARG A 51 35.41 10.64 -1.70
CA ARG A 51 34.33 9.68 -1.84
C ARG A 51 33.19 10.20 -2.69
N ASN A 52 33.15 11.52 -2.94
CA ASN A 52 32.12 12.11 -3.78
C ASN A 52 32.66 13.43 -4.35
N GLU A 53 32.43 13.66 -5.64
CA GLU A 53 32.97 14.84 -6.29
C GLU A 53 32.38 16.12 -5.69
N GLN A 54 31.16 16.05 -5.17
CA GLN A 54 30.56 17.22 -4.53
C GLN A 54 31.45 17.75 -3.42
N SER A 55 31.88 16.87 -2.52
CA SER A 55 32.79 17.29 -1.45
C SER A 55 34.13 17.74 -2.01
N ALA A 56 34.59 17.09 -3.09
CA ALA A 56 35.87 17.47 -3.68
C ALA A 56 35.81 18.86 -4.31
N SER A 57 34.68 19.20 -4.94
CA SER A 57 34.54 20.51 -5.55
C SER A 57 34.44 21.62 -4.50
N TYR A 58 33.94 21.28 -3.31
CA TYR A 58 33.97 22.24 -2.22
C TYR A 58 35.38 22.40 -1.67
N ALA A 59 36.16 21.32 -1.65
CA ALA A 59 37.55 21.40 -1.22
C ALA A 59 38.38 22.22 -2.21
N ALA A 60 38.08 22.10 -3.50
CA ALA A 60 38.84 22.84 -4.51
C ALA A 60 38.60 24.34 -4.40
N ALA A 61 37.36 24.75 -4.10
CA ALA A 61 37.06 26.15 -3.93
C ALA A 61 37.72 26.71 -2.68
N ALA A 62 37.89 25.89 -1.64
CA ALA A 62 38.53 26.35 -0.41
C ALA A 62 40.02 26.60 -0.63
N VAL A 63 40.66 25.85 -1.52
CA VAL A 63 42.08 26.08 -1.81
C VAL A 63 42.28 27.46 -2.42
N GLY A 64 41.35 27.90 -3.28
CA GLY A 64 41.45 29.23 -3.84
C GLY A 64 41.41 30.32 -2.79
N TYR A 65 40.58 30.14 -1.77
CA TYR A 65 40.50 31.13 -0.70
C TYR A 65 41.73 31.09 0.20
N LEU A 66 42.33 29.92 0.39
CA LEU A 66 43.45 29.80 1.32
C LEU A 66 44.78 30.17 0.68
N THR A 67 44.92 29.96 -0.64
CA THR A 67 46.21 30.16 -1.29
C THR A 67 46.23 31.30 -2.30
N GLY A 68 45.07 31.69 -2.85
CA GLY A 68 45.02 32.71 -3.87
C GLY A 68 45.10 32.20 -5.29
N ARG A 69 45.51 30.96 -5.49
CA ARG A 69 45.49 30.25 -6.76
C ARG A 69 44.45 29.14 -6.72
N PRO A 70 43.76 28.88 -7.84
CA PRO A 70 42.58 28.00 -7.78
C PRO A 70 42.96 26.55 -7.54
N GLY A 71 42.22 25.91 -6.64
CA GLY A 71 42.26 24.46 -6.56
C GLY A 71 41.49 23.84 -7.72
N VAL A 72 41.84 22.59 -8.03
CA VAL A 72 41.28 21.89 -9.17
C VAL A 72 40.42 20.73 -8.68
N CYS A 73 39.20 20.66 -9.19
CA CYS A 73 38.33 19.51 -8.97
C CYS A 73 38.29 18.68 -10.24
N LEU A 74 38.66 17.41 -10.12
CA LEU A 74 38.72 16.49 -11.27
C LEU A 74 37.51 15.57 -11.23
N GLY A 75 36.72 15.61 -12.30
CA GLY A 75 35.55 14.76 -12.40
C GLY A 75 35.51 14.04 -13.73
N VAL A 76 34.96 12.83 -13.71
CA VAL A 76 34.78 12.04 -14.92
C VAL A 76 33.65 12.66 -15.74
N SER A 77 33.48 12.19 -16.97
CA SER A 77 32.43 12.71 -17.82
C SER A 77 31.05 12.43 -17.22
N GLY A 78 30.08 13.23 -17.65
CA GLY A 78 28.71 13.05 -17.24
C GLY A 78 28.47 13.35 -15.77
N PRO A 79 28.06 12.32 -15.02
CA PRO A 79 27.70 12.55 -13.61
C PRO A 79 28.88 12.99 -12.74
N GLY A 80 30.10 12.60 -13.09
CA GLY A 80 31.25 13.04 -12.31
C GLY A 80 31.44 14.55 -12.36
N MET A 81 31.27 15.14 -13.54
CA MET A 81 31.40 16.58 -13.68
C MET A 81 30.22 17.32 -13.07
N ILE A 82 29.01 16.74 -13.17
CA ILE A 82 27.82 17.40 -12.66
C ILE A 82 27.86 17.49 -11.14
N HIS A 83 28.36 16.44 -10.48
CA HIS A 83 28.56 16.49 -9.04
C HIS A 83 29.48 17.64 -8.65
N GLY A 84 30.45 17.98 -9.50
CA GLY A 84 31.39 19.03 -9.25
C GLY A 84 30.92 20.44 -9.56
N VAL A 85 29.68 20.59 -10.05
CA VAL A 85 29.14 21.92 -10.30
C VAL A 85 28.78 22.62 -8.99
N ALA A 86 28.50 21.85 -7.93
CA ALA A 86 28.20 22.44 -6.64
C ALA A 86 29.33 23.33 -6.16
N GLY A 87 30.57 22.84 -6.25
CA GLY A 87 31.71 23.66 -5.88
C GLY A 87 31.90 24.86 -6.77
N MET A 88 31.59 24.72 -8.06
CA MET A 88 31.61 25.87 -8.95
C MET A 88 30.66 26.96 -8.46
N ALA A 89 29.45 26.58 -8.07
CA ALA A 89 28.49 27.55 -7.56
C ALA A 89 28.94 28.15 -6.23
N ASN A 90 29.52 27.32 -5.36
CA ASN A 90 29.99 27.83 -4.07
C ASN A 90 31.13 28.83 -4.27
N ALA A 91 32.07 28.53 -5.17
CA ALA A 91 33.11 29.49 -5.49
C ALA A 91 32.52 30.72 -6.19
N TRP A 92 31.48 30.50 -7.01
CA TRP A 92 30.80 31.63 -7.66
C TRP A 92 30.13 32.54 -6.64
N SER A 93 29.61 31.96 -5.55
CA SER A 93 28.94 32.76 -4.53
C SER A 93 29.94 33.47 -3.62
N ASN A 94 31.04 32.80 -3.26
CA ASN A 94 32.02 33.34 -2.33
C ASN A 94 33.13 34.12 -3.03
N CYS A 95 33.11 34.19 -4.36
CA CYS A 95 34.15 34.89 -5.14
C CYS A 95 35.52 34.27 -4.90
N TRP A 96 35.60 32.94 -5.03
CA TRP A 96 36.85 32.22 -4.86
C TRP A 96 37.31 31.62 -6.19
N PRO A 97 38.61 31.61 -6.46
CA PRO A 97 39.10 30.96 -7.69
C PRO A 97 39.05 29.45 -7.56
N MET A 98 38.53 28.80 -8.60
CA MET A 98 38.34 27.35 -8.56
C MET A 98 38.21 26.84 -9.99
N ILE A 99 38.83 25.69 -10.26
CA ILE A 99 38.82 25.07 -11.58
C ILE A 99 38.17 23.70 -11.47
N LEU A 100 37.17 23.46 -12.30
CA LEU A 100 36.54 22.14 -12.42
C LEU A 100 36.97 21.54 -13.75
N ILE A 101 37.79 20.50 -13.69
CA ILE A 101 38.21 19.76 -14.88
C ILE A 101 37.32 18.54 -14.99
N GLY A 102 36.44 18.52 -15.98
CA GLY A 102 35.52 17.43 -16.22
C GLY A 102 35.90 16.68 -17.47
N GLY A 103 35.89 15.36 -17.37
CA GLY A 103 36.09 14.53 -18.54
C GLY A 103 34.93 14.63 -19.51
N ALA A 104 35.15 14.09 -20.70
CA ALA A 104 34.13 14.06 -21.73
C ALA A 104 34.39 12.87 -22.65
N ASN A 105 33.32 12.35 -23.24
CA ASN A 105 33.46 11.23 -24.15
C ASN A 105 34.28 11.63 -25.37
N ASP A 106 34.75 10.62 -26.10
CA ASP A 106 35.57 10.86 -27.28
C ASP A 106 34.82 11.72 -28.29
N SER A 107 35.55 12.69 -28.87
CA SER A 107 34.91 13.66 -29.76
C SER A 107 34.32 12.99 -31.00
N TYR A 108 34.92 11.90 -31.47
CA TYR A 108 34.41 11.20 -32.63
C TYR A 108 33.20 10.33 -32.31
N GLN A 109 32.60 10.49 -31.12
CA GLN A 109 31.39 9.77 -30.75
C GLN A 109 30.26 10.71 -30.36
N ASN A 110 30.41 12.02 -30.59
CA ASN A 110 29.35 12.97 -30.27
C ASN A 110 28.10 12.67 -31.10
N GLY A 111 26.94 12.86 -30.48
CA GLY A 111 25.67 12.60 -31.13
C GLY A 111 25.31 11.13 -31.23
N GLN A 112 26.19 10.22 -30.85
CA GLN A 112 25.92 8.79 -30.93
C GLN A 112 25.33 8.22 -29.65
N GLY A 113 25.08 9.06 -28.65
CA GLY A 113 24.70 8.55 -27.35
C GLY A 113 25.88 7.84 -26.71
N ALA A 114 27.03 8.52 -26.68
CA ALA A 114 28.24 7.94 -26.14
C ALA A 114 28.12 7.75 -24.63
N PHE A 115 29.14 7.09 -24.06
CA PHE A 115 29.15 6.84 -22.63
C PHE A 115 29.32 8.15 -21.88
N GLN A 116 28.31 8.52 -21.10
CA GLN A 116 28.30 9.73 -20.28
C GLN A 116 28.37 11.00 -21.14
N GLU A 117 27.77 10.96 -22.31
CA GLU A 117 27.62 12.17 -23.13
C GLU A 117 26.59 13.08 -22.50
N ALA A 118 26.99 14.33 -22.21
CA ALA A 118 26.13 15.26 -21.49
C ALA A 118 26.53 16.69 -21.86
N PRO A 119 25.58 17.64 -21.80
CA PRO A 119 25.90 19.05 -22.08
C PRO A 119 26.57 19.74 -20.89
N GLN A 120 27.86 19.43 -20.71
CA GLN A 120 28.56 19.85 -19.51
C GLN A 120 28.93 21.33 -19.52
N ILE A 121 29.19 21.91 -20.69
CA ILE A 121 29.48 23.34 -20.76
C ILE A 121 28.27 24.14 -20.27
N GLU A 122 27.07 23.77 -20.72
CA GLU A 122 25.86 24.48 -20.32
C GLU A 122 25.53 24.26 -18.85
N ALA A 123 25.85 23.08 -18.31
CA ALA A 123 25.56 22.82 -16.90
C ALA A 123 26.40 23.69 -15.98
N ALA A 124 27.61 24.06 -16.41
CA ALA A 124 28.52 24.82 -15.57
C ALA A 124 28.43 26.32 -15.79
N ARG A 125 27.97 26.76 -16.96
CA ARG A 125 28.03 28.17 -17.32
C ARG A 125 27.32 29.11 -16.35
N PRO A 126 26.13 28.79 -15.81
CA PRO A 126 25.47 29.75 -14.89
C PRO A 126 26.36 30.17 -13.72
N PHE A 127 27.37 29.38 -13.36
CA PHE A 127 28.24 29.69 -12.24
C PHE A 127 29.69 29.89 -12.66
N ALA A 128 29.94 30.08 -13.95
CA ALA A 128 31.30 30.03 -14.50
C ALA A 128 31.69 31.39 -15.09
N LYS A 129 32.90 31.82 -14.78
CA LYS A 129 33.50 32.94 -15.49
C LYS A 129 34.06 32.53 -16.84
N TYR A 130 34.23 31.24 -17.09
CA TYR A 130 34.95 30.78 -18.27
C TYR A 130 34.68 29.30 -18.48
N CYS A 131 34.10 28.95 -19.63
CA CYS A 131 33.95 27.58 -20.07
C CYS A 131 34.66 27.42 -21.40
N ALA A 132 35.44 26.35 -21.54
CA ALA A 132 36.16 26.11 -22.78
C ALA A 132 36.41 24.62 -22.97
N ARG A 133 36.17 24.14 -24.19
CA ARG A 133 36.58 22.81 -24.59
C ARG A 133 37.79 22.95 -25.50
N PRO A 134 38.99 22.57 -25.06
CA PRO A 134 40.19 22.78 -25.88
C PRO A 134 40.06 22.11 -27.24
N ASP A 135 40.50 22.83 -28.27
CA ASP A 135 40.30 22.39 -29.65
C ASP A 135 41.38 21.39 -30.09
N SER A 136 42.60 21.52 -29.59
CA SER A 136 43.69 20.65 -30.03
C SER A 136 44.67 20.44 -28.88
N LEU A 137 45.62 19.55 -29.11
CA LEU A 137 46.59 19.21 -28.07
C LEU A 137 47.61 20.31 -27.87
N ALA A 138 48.12 20.89 -28.97
CA ALA A 138 49.17 21.89 -28.87
C ALA A 138 48.72 23.14 -28.14
N ARG A 139 47.41 23.41 -28.09
CA ARG A 139 46.89 24.61 -27.45
C ARG A 139 46.35 24.34 -26.04
N LEU A 140 46.56 23.13 -25.51
CA LEU A 140 46.14 22.83 -24.15
C LEU A 140 46.71 23.79 -23.11
N PRO A 141 48.01 24.15 -23.13
CA PRO A 141 48.48 25.13 -22.13
C PRO A 141 47.85 26.49 -22.26
N PHE A 142 47.41 26.87 -23.47
CA PHE A 142 46.72 28.14 -23.64
C PHE A 142 45.42 28.17 -22.85
N TYR A 143 44.63 27.10 -22.94
CA TYR A 143 43.38 27.03 -22.19
C TYR A 143 43.62 26.91 -20.69
N VAL A 144 44.73 26.27 -20.29
CA VAL A 144 45.03 26.16 -18.87
C VAL A 144 45.46 27.51 -18.31
N GLU A 145 46.31 28.24 -19.03
CA GLU A 145 46.76 29.54 -18.54
C GLU A 145 45.61 30.54 -18.51
N GLN A 146 44.72 30.48 -19.50
CA GLN A 146 43.60 31.42 -19.54
C GLN A 146 42.59 31.11 -18.44
N ALA A 147 42.38 29.83 -18.13
CA ALA A 147 41.45 29.45 -17.07
C ALA A 147 41.95 29.93 -15.72
N VAL A 148 43.23 29.69 -15.41
CA VAL A 148 43.81 30.16 -14.16
C VAL A 148 43.72 31.69 -14.07
N ARG A 149 44.14 32.36 -15.15
CA ARG A 149 44.17 33.82 -15.15
C ARG A 149 42.77 34.40 -14.97
N THR A 150 41.76 33.78 -15.59
CA THR A 150 40.39 34.29 -15.46
C THR A 150 39.85 34.06 -14.07
N SER A 151 40.22 32.95 -13.42
CA SER A 151 39.67 32.63 -12.12
C SER A 151 40.19 33.55 -11.01
N ILE A 152 41.35 34.17 -11.20
CA ILE A 152 41.96 34.97 -10.16
C ILE A 152 41.93 36.47 -10.47
N TYR A 153 41.88 36.86 -11.73
CA TYR A 153 41.88 38.29 -12.06
C TYR A 153 40.50 38.89 -11.86
N GLY A 154 40.48 40.18 -11.53
CA GLY A 154 39.22 40.84 -11.24
C GLY A 154 38.55 40.23 -10.03
N ARG A 155 37.23 40.10 -10.10
CA ARG A 155 36.49 39.39 -9.06
C ARG A 155 36.70 37.89 -9.24
N PRO A 156 37.32 37.20 -8.28
CA PRO A 156 37.63 35.78 -8.48
C PRO A 156 36.37 34.93 -8.62
N GLY A 157 36.52 33.81 -9.32
CA GLY A 157 35.37 32.95 -9.56
C GLY A 157 35.81 31.62 -10.10
N ALA A 158 34.81 30.81 -10.48
CA ALA A 158 35.02 29.44 -10.93
C ALA A 158 35.06 29.37 -12.45
N VAL A 159 35.96 28.54 -12.97
CA VAL A 159 36.07 28.28 -14.40
C VAL A 159 35.92 26.78 -14.62
N TYR A 160 35.67 26.41 -15.87
CA TYR A 160 35.43 25.02 -16.22
C TYR A 160 36.15 24.66 -17.51
N LEU A 161 36.86 23.53 -17.49
CA LEU A 161 37.56 23.00 -18.65
C LEU A 161 36.93 21.66 -19.03
N ASP A 162 36.51 21.54 -20.29
CA ASP A 162 35.83 20.35 -20.80
C ASP A 162 36.83 19.56 -21.64
N LEU A 163 37.27 18.42 -21.12
CA LEU A 163 38.32 17.64 -21.78
C LEU A 163 37.76 16.35 -22.36
N PRO A 164 37.63 16.26 -23.68
CA PRO A 164 37.20 14.99 -24.29
C PRO A 164 38.26 13.90 -24.13
N GLY A 165 37.80 12.66 -24.31
CA GLY A 165 38.67 11.53 -24.02
C GLY A 165 39.91 11.48 -24.90
N ASP A 166 39.74 11.72 -26.20
CA ASP A 166 40.87 11.60 -27.12
C ASP A 166 41.84 12.77 -27.01
N ILE A 167 41.40 13.90 -26.43
CA ILE A 167 42.35 14.97 -26.13
C ILE A 167 43.27 14.55 -24.98
N ILE A 168 42.75 13.77 -24.04
CA ILE A 168 43.56 13.33 -22.91
C ILE A 168 44.59 12.28 -23.35
N THR A 169 44.18 11.36 -24.22
CA THR A 169 45.03 10.22 -24.57
C THR A 169 45.92 10.47 -25.79
N GLY A 170 45.59 11.45 -26.63
CA GLY A 170 46.43 11.75 -27.77
C GLY A 170 47.80 12.25 -27.36
N ALA A 171 48.74 12.16 -28.30
CA ALA A 171 50.12 12.55 -28.03
C ALA A 171 50.73 13.21 -29.27
N MET A 172 51.74 14.03 -29.03
CA MET A 172 52.49 14.70 -30.09
C MET A 172 53.86 15.09 -29.53
N GLU A 173 54.76 15.46 -30.43
CA GLU A 173 56.11 15.83 -30.03
C GLU A 173 56.08 17.01 -29.06
N GLU A 174 56.89 16.90 -28.00
CA GLU A 174 56.84 17.88 -26.91
C GLU A 174 57.34 19.26 -27.32
N GLU A 175 58.13 19.35 -28.39
CA GLU A 175 58.67 20.66 -28.78
C GLU A 175 57.57 21.59 -29.27
N ASP A 176 56.57 21.05 -29.97
CA ASP A 176 55.52 21.87 -30.55
C ASP A 176 54.58 22.45 -29.49
N VAL A 177 54.67 22.00 -28.24
CA VAL A 177 53.81 22.49 -27.18
C VAL A 177 54.46 23.73 -26.57
N HIS A 178 53.77 24.86 -26.65
CA HIS A 178 54.22 26.09 -26.02
C HIS A 178 53.61 26.19 -24.63
N PHE A 179 54.46 26.23 -23.61
CA PHE A 179 53.99 26.41 -22.24
C PHE A 179 54.16 27.86 -21.84
N PRO A 180 53.08 28.64 -21.73
CA PRO A 180 53.21 30.03 -21.28
C PRO A 180 53.77 30.09 -19.87
N PRO A 181 54.41 31.19 -19.51
CA PRO A 181 54.94 31.31 -18.14
C PRO A 181 53.82 31.36 -17.12
N ARG A 182 54.21 31.20 -15.85
CA ARG A 182 53.26 31.36 -14.76
C ARG A 182 52.66 32.76 -14.82
N CYS A 183 51.34 32.81 -14.97
CA CYS A 183 50.69 34.12 -15.11
C CYS A 183 50.93 34.95 -13.86
N PRO A 184 51.18 36.25 -14.01
CA PRO A 184 51.47 37.08 -12.84
C PRO A 184 50.31 37.12 -11.87
N ASP A 185 50.61 37.54 -10.64
CA ASP A 185 49.58 37.63 -9.62
C ASP A 185 48.53 38.66 -10.00
N ALA A 186 47.37 38.56 -9.36
CA ALA A 186 46.25 39.43 -9.69
C ALA A 186 46.64 40.89 -9.47
N PRO A 187 46.40 41.76 -10.44
CA PRO A 187 46.77 43.18 -10.28
C PRO A 187 45.97 43.85 -9.18
N ARG A 188 46.60 44.84 -8.55
CA ARG A 188 46.03 45.55 -7.40
C ARG A 188 45.82 47.01 -7.79
N MET A 189 44.72 47.28 -8.49
CA MET A 189 44.36 48.66 -8.78
C MET A 189 43.88 49.36 -7.51
N MET A 190 43.90 50.69 -7.54
CA MET A 190 43.57 51.48 -6.35
C MET A 190 42.70 52.66 -6.75
N ALA A 191 42.22 53.38 -5.73
CA ALA A 191 41.28 54.47 -5.86
C ALA A 191 41.99 55.80 -6.03
N PRO A 192 41.32 56.81 -6.59
CA PRO A 192 41.93 58.14 -6.70
C PRO A 192 42.16 58.76 -5.34
N GLN A 193 43.08 59.74 -5.32
CA GLN A 193 43.33 60.49 -4.10
C GLN A 193 42.08 61.25 -3.66
N GLU A 194 41.26 61.69 -4.63
CA GLU A 194 40.02 62.37 -4.29
C GLU A 194 39.10 61.46 -3.50
N SER A 195 38.93 60.21 -3.96
CA SER A 195 38.10 59.25 -3.23
C SER A 195 38.72 58.90 -1.88
N ILE A 196 40.05 58.86 -1.78
CA ILE A 196 40.70 58.58 -0.52
C ILE A 196 40.44 59.71 0.48
N ASP A 197 40.69 60.95 0.07
CA ASP A 197 40.46 62.08 0.95
C ASP A 197 38.99 62.26 1.27
N ALA A 198 38.10 61.87 0.34
CA ALA A 198 36.67 61.96 0.61
C ALA A 198 36.23 60.93 1.63
N ALA A 199 36.74 59.69 1.51
CA ALA A 199 36.41 58.65 2.48
C ALA A 199 36.96 59.00 3.86
N MET A 200 38.19 59.52 3.91
CA MET A 200 38.75 59.96 5.18
C MET A 200 37.97 61.13 5.77
N ALA A 201 37.49 62.04 4.91
CA ALA A 201 36.66 63.13 5.40
C ALA A 201 35.30 62.64 5.88
N ALA A 202 34.82 61.51 5.34
CA ALA A 202 33.55 60.95 5.81
C ALA A 202 33.71 60.31 7.19
N LEU A 203 34.79 59.58 7.41
CA LEU A 203 35.04 58.99 8.73
C LEU A 203 35.31 60.07 9.77
N LYS A 204 36.05 61.11 9.39
CA LYS A 204 36.34 62.20 10.32
C LYS A 204 35.08 62.95 10.75
N SER A 205 33.99 62.83 10.01
CA SER A 205 32.75 63.53 10.29
C SER A 205 31.69 62.64 10.93
N ALA A 206 31.97 61.35 11.10
CA ALA A 206 30.97 60.42 11.61
C ALA A 206 30.77 60.61 13.10
N GLU A 207 29.52 60.80 13.52
CA GLU A 207 29.20 60.79 14.94
C GLU A 207 29.30 59.37 15.49
N ARG A 208 28.85 58.38 14.72
CA ARG A 208 28.82 56.98 15.14
C ARG A 208 29.37 56.13 14.01
N PRO A 209 30.69 56.08 13.85
CA PRO A 209 31.29 55.30 12.76
C PRO A 209 31.38 53.82 13.08
N LEU A 210 31.49 53.03 12.02
CA LEU A 210 31.64 51.58 12.13
C LEU A 210 32.36 51.07 10.88
N VAL A 211 33.28 50.13 11.08
CA VAL A 211 34.05 49.52 10.01
C VAL A 211 33.70 48.05 9.93
N ILE A 212 33.42 47.56 8.73
CA ILE A 212 33.05 46.17 8.50
C ILE A 212 34.19 45.47 7.78
N VAL A 213 34.73 44.43 8.40
CA VAL A 213 35.86 43.69 7.87
C VAL A 213 35.35 42.34 7.36
N GLY A 214 35.29 42.19 6.04
CA GLY A 214 34.82 40.97 5.42
C GLY A 214 35.97 40.11 4.90
N LYS A 215 35.60 38.92 4.42
CA LYS A 215 36.60 37.99 3.91
C LYS A 215 37.22 38.45 2.58
N GLY A 216 36.64 39.47 1.94
CA GLY A 216 37.32 40.08 0.81
C GLY A 216 38.63 40.71 1.20
N ALA A 217 38.68 41.33 2.39
CA ALA A 217 39.94 41.82 2.92
C ALA A 217 40.85 40.67 3.34
N ALA A 218 40.26 39.56 3.80
CA ALA A 218 41.06 38.39 4.14
C ALA A 218 41.65 37.76 2.89
N TYR A 219 40.82 37.59 1.84
CA TYR A 219 41.33 37.02 0.58
C TYR A 219 42.40 37.91 -0.03
N SER A 220 42.22 39.23 0.03
CA SER A 220 43.21 40.17 -0.48
C SER A 220 44.51 40.13 0.32
N ARG A 221 44.52 39.45 1.47
CA ARG A 221 45.70 39.35 2.34
C ARG A 221 46.15 40.73 2.79
N ALA A 222 45.21 41.50 3.33
CA ALA A 222 45.44 42.86 3.80
C ALA A 222 45.38 42.97 5.32
N GLU A 223 45.65 41.87 6.03
CA GLU A 223 45.50 41.87 7.48
C GLU A 223 46.42 42.88 8.14
N ASN A 224 47.65 43.01 7.64
CA ASN A 224 48.59 43.96 8.24
C ASN A 224 48.14 45.40 8.03
N GLU A 225 47.67 45.72 6.84
CA GLU A 225 47.26 47.08 6.53
C GLU A 225 45.95 47.45 7.24
N VAL A 226 45.04 46.47 7.41
CA VAL A 226 43.82 46.71 8.17
C VAL A 226 44.16 46.94 9.64
N ARG A 227 45.04 46.11 10.21
CA ARG A 227 45.46 46.29 11.59
C ARG A 227 46.22 47.59 11.79
N GLU A 228 46.90 48.08 10.75
CA GLU A 228 47.58 49.37 10.84
C GLU A 228 46.59 50.52 10.77
N PHE A 229 45.52 50.38 9.98
CA PHE A 229 44.54 51.45 9.83
C PHE A 229 43.62 51.52 11.04
N LEU A 230 43.11 50.37 11.50
CA LEU A 230 42.15 50.39 12.60
C LEU A 230 42.81 50.81 13.91
N GLU A 231 44.04 50.36 14.16
CA GLU A 231 44.71 50.72 15.40
C GLU A 231 45.10 52.19 15.42
N THR A 232 45.30 52.79 14.25
CA THR A 232 45.57 54.22 14.18
C THR A 232 44.31 55.02 14.45
N THR A 233 43.22 54.71 13.75
CA THR A 233 41.98 55.45 13.89
C THR A 233 41.22 55.10 15.15
N GLN A 234 41.46 53.91 15.72
CA GLN A 234 40.72 53.42 16.89
C GLN A 234 39.22 53.33 16.61
N LEU A 235 38.86 53.07 15.35
CA LEU A 235 37.47 52.96 14.96
C LEU A 235 36.91 51.60 15.42
N PRO A 236 35.69 51.58 15.96
CA PRO A 236 35.04 50.30 16.25
C PRO A 236 34.75 49.56 14.96
N TYR A 237 35.06 48.27 14.95
CA TYR A 237 34.93 47.46 13.75
C TYR A 237 34.09 46.21 14.03
N LEU A 238 33.41 45.73 12.99
CA LEU A 238 32.67 44.49 13.02
C LEU A 238 33.25 43.54 11.98
N ALA A 239 33.47 42.30 12.36
CA ALA A 239 34.04 41.29 11.49
C ALA A 239 32.95 40.32 11.05
N SER A 240 32.88 40.08 9.73
CA SER A 240 31.98 39.08 9.18
C SER A 240 32.44 37.70 9.62
N PRO A 241 31.58 36.68 9.46
CA PRO A 241 31.97 35.32 9.94
C PRO A 241 33.34 34.86 9.47
N MET A 242 33.63 34.94 8.18
CA MET A 242 34.95 34.57 7.69
C MET A 242 35.88 35.77 7.57
N GLY A 243 35.41 36.97 7.91
CA GLY A 243 36.30 38.10 8.10
C GLY A 243 37.05 38.09 9.42
N LYS A 244 36.65 37.22 10.34
CA LYS A 244 37.36 37.07 11.60
C LYS A 244 38.80 36.68 11.35
N GLY A 245 39.70 37.17 12.21
CA GLY A 245 41.11 36.89 12.12
C GLY A 245 41.91 37.97 11.42
N VAL A 246 41.29 38.72 10.51
CA VAL A 246 41.97 39.88 9.94
C VAL A 246 42.43 40.81 11.05
N MET A 247 41.58 41.05 12.02
CA MET A 247 41.90 41.61 13.31
C MET A 247 41.82 40.52 14.37
N PRO A 248 42.67 40.56 15.40
CA PRO A 248 42.53 39.59 16.50
C PRO A 248 41.17 39.72 17.15
N ASP A 249 40.43 38.61 17.21
CA ASP A 249 39.07 38.64 17.73
C ASP A 249 39.00 39.14 19.17
N ASP A 250 40.12 39.09 19.90
CA ASP A 250 40.20 39.67 21.24
C ASP A 250 40.83 41.06 21.14
N HIS A 251 40.08 41.98 20.54
CA HIS A 251 40.53 43.34 20.36
C HIS A 251 39.51 44.31 20.97
N PRO A 252 39.96 45.31 21.73
CA PRO A 252 39.00 46.28 22.29
C PRO A 252 38.22 47.05 21.24
N LEU A 253 38.72 47.14 20.02
CA LEU A 253 37.99 47.80 18.94
C LEU A 253 36.89 46.93 18.35
N SER A 254 36.82 45.66 18.75
CA SER A 254 35.79 44.77 18.23
C SER A 254 34.49 44.98 18.99
N ILE A 255 33.39 45.18 18.25
CA ILE A 255 32.08 45.39 18.84
C ILE A 255 31.17 44.24 18.43
N ALA A 256 31.75 43.08 18.13
CA ALA A 256 30.96 41.94 17.68
C ALA A 256 29.89 41.50 18.67
N PRO A 257 30.12 41.46 19.99
CA PRO A 257 29.02 41.13 20.90
C PRO A 257 27.84 42.09 20.83
N ALA A 258 28.03 43.29 20.28
CA ALA A 258 26.93 44.23 20.12
C ALA A 258 26.71 44.56 18.65
N ARG A 259 26.66 43.51 17.81
CA ARG A 259 26.56 43.72 16.37
C ARG A 259 25.26 44.42 15.99
N SER A 260 24.14 44.00 16.58
CA SER A 260 22.85 44.59 16.24
C SER A 260 22.83 46.07 16.56
N ALA A 261 23.30 46.46 17.75
CA ALA A 261 23.32 47.86 18.12
C ALA A 261 24.27 48.68 17.24
N ALA A 262 25.39 48.08 16.82
CA ALA A 262 26.36 48.81 16.02
C ALA A 262 25.83 49.09 14.62
N LEU A 263 25.17 48.10 14.01
CA LEU A 263 24.66 48.29 12.66
C LEU A 263 23.49 49.27 12.63
N LEU A 264 22.71 49.34 13.70
CA LEU A 264 21.55 50.23 13.74
C LEU A 264 21.98 51.68 13.97
N GLY A 265 22.78 51.94 15.00
CA GLY A 265 23.16 53.29 15.36
C GLY A 265 24.21 53.93 14.47
N ALA A 266 24.88 53.16 13.62
CA ALA A 266 25.93 53.71 12.79
C ALA A 266 25.35 54.65 11.73
N ASP A 267 26.04 55.77 11.51
CA ASP A 267 25.67 56.69 10.45
C ASP A 267 26.68 56.72 9.30
N VAL A 268 27.90 56.23 9.51
CA VAL A 268 28.90 56.10 8.46
C VAL A 268 29.53 54.72 8.59
N ILE A 269 29.59 54.00 7.47
CA ILE A 269 30.08 52.62 7.46
C ILE A 269 31.13 52.48 6.37
N LEU A 270 32.26 51.85 6.71
CA LEU A 270 33.32 51.54 5.76
C LEU A 270 33.30 50.04 5.49
N LEU A 271 33.04 49.66 4.24
CA LEU A 271 32.98 48.26 3.85
C LEU A 271 34.35 47.83 3.33
N MET A 272 35.00 46.93 4.07
CA MET A 272 36.31 46.39 3.71
C MET A 272 36.11 44.97 3.22
N GLY A 273 35.85 44.82 1.92
CA GLY A 273 35.66 43.51 1.33
C GLY A 273 34.45 42.77 1.84
N ALA A 274 33.34 43.46 2.05
CA ALA A 274 32.10 42.84 2.51
C ALA A 274 30.93 43.44 1.72
N ARG A 275 29.97 42.59 1.38
CA ARG A 275 28.83 43.00 0.59
C ARG A 275 27.63 43.28 1.49
N LEU A 276 26.74 44.16 1.01
CA LEU A 276 25.48 44.43 1.69
C LEU A 276 24.41 43.48 1.15
N ASN A 277 24.56 42.21 1.52
CA ASN A 277 23.68 41.14 1.08
C ASN A 277 22.86 40.64 2.27
N TRP A 278 22.38 39.39 2.19
CA TRP A 278 21.55 38.84 3.25
C TRP A 278 22.29 38.80 4.58
N MET A 279 23.62 38.62 4.56
CA MET A 279 24.39 38.59 5.79
C MET A 279 24.40 39.93 6.50
N MET A 280 24.37 41.03 5.74
CA MET A 280 24.30 42.37 6.29
C MET A 280 22.89 42.96 6.21
N HIS A 281 21.88 42.10 6.06
CA HIS A 281 20.48 42.52 6.04
C HIS A 281 20.21 43.54 4.93
N PHE A 282 20.99 43.48 3.86
CA PHE A 282 20.92 44.38 2.71
C PHE A 282 21.16 45.84 3.08
N GLY A 283 21.63 46.12 4.29
CA GLY A 283 21.81 47.49 4.72
C GLY A 283 20.52 48.27 4.86
N HIS A 284 19.38 47.57 4.97
CA HIS A 284 18.06 48.17 5.02
C HIS A 284 17.55 48.25 6.46
N PRO A 285 16.65 49.19 6.74
CA PRO A 285 15.94 49.18 8.01
C PRO A 285 15.10 47.93 8.15
N PRO A 286 14.66 47.58 9.36
CA PRO A 286 14.85 48.28 10.64
C PRO A 286 16.18 47.97 11.32
N ARG A 287 17.12 47.33 10.62
CA ARG A 287 18.41 46.99 11.19
C ARG A 287 19.50 47.98 10.82
N PHE A 288 19.17 49.03 10.06
CA PHE A 288 20.13 50.03 9.64
C PHE A 288 19.47 51.42 9.70
N ASP A 289 20.30 52.43 9.88
CA ASP A 289 19.82 53.80 9.77
C ASP A 289 19.45 54.08 8.33
N PRO A 290 18.23 54.56 8.05
CA PRO A 290 17.82 54.79 6.66
C PRO A 290 18.74 55.73 5.90
N LYS A 291 19.33 56.70 6.58
CA LYS A 291 20.24 57.66 5.97
C LYS A 291 21.70 57.31 6.23
N VAL A 292 22.05 56.04 6.14
CA VAL A 292 23.42 55.60 6.41
C VAL A 292 24.30 55.95 5.22
N ARG A 293 25.49 56.48 5.51
CA ARG A 293 26.47 56.84 4.49
C ARG A 293 27.53 55.74 4.43
N VAL A 294 27.78 55.24 3.23
CA VAL A 294 28.55 54.00 3.04
C VAL A 294 29.78 54.30 2.18
N ILE A 295 30.94 53.89 2.67
CA ILE A 295 32.17 53.82 1.89
C ILE A 295 32.45 52.36 1.60
N GLN A 296 32.49 52.00 0.32
CA GLN A 296 32.57 50.60 -0.10
C GLN A 296 33.89 50.36 -0.82
N MET A 297 34.68 49.41 -0.32
CA MET A 297 35.94 49.00 -0.93
C MET A 297 35.76 47.59 -1.48
N ASP A 298 35.81 47.45 -2.80
CA ASP A 298 35.47 46.19 -3.44
C ASP A 298 36.21 46.07 -4.76
N ILE A 299 36.63 44.85 -5.10
CA ILE A 299 37.35 44.62 -6.34
C ILE A 299 36.40 44.73 -7.53
N SER A 300 35.11 44.45 -7.33
CA SER A 300 34.13 44.46 -8.40
C SER A 300 33.43 45.80 -8.45
N ALA A 301 33.58 46.51 -9.58
CA ALA A 301 32.90 47.79 -9.75
C ALA A 301 31.39 47.62 -9.86
N GLU A 302 30.93 46.47 -10.36
CA GLU A 302 29.50 46.22 -10.48
C GLU A 302 28.82 46.07 -9.12
N GLU A 303 29.56 45.68 -8.09
CA GLU A 303 28.99 45.52 -6.76
C GLU A 303 28.75 46.86 -6.05
N ILE A 304 29.45 47.91 -6.46
CA ILE A 304 29.35 49.20 -5.78
C ILE A 304 27.94 49.75 -5.92
N GLY A 305 27.34 50.14 -4.80
CA GLY A 305 26.03 50.75 -4.81
C GLY A 305 24.85 49.82 -4.76
N THR A 306 25.06 48.57 -4.36
CA THR A 306 23.97 47.60 -4.31
C THR A 306 23.13 47.84 -3.06
N ASN A 307 21.80 47.86 -3.25
CA ASN A 307 20.81 48.03 -2.19
C ASN A 307 20.87 49.41 -1.56
N VAL A 308 22.02 49.79 -1.04
CA VAL A 308 22.21 51.08 -0.37
C VAL A 308 23.15 51.93 -1.21
N PRO A 309 22.83 53.21 -1.44
CA PRO A 309 23.76 54.07 -2.19
C PRO A 309 25.12 54.16 -1.52
N THR A 310 26.15 54.33 -2.35
CA THR A 310 27.54 54.41 -1.88
C THR A 310 28.03 55.84 -2.05
N GLU A 311 28.27 56.52 -0.93
CA GLU A 311 28.74 57.91 -1.00
C GLU A 311 30.14 58.00 -1.58
N VAL A 312 31.03 57.10 -1.17
CA VAL A 312 32.42 57.08 -1.64
C VAL A 312 32.74 55.67 -2.12
N ALA A 313 33.07 55.54 -3.39
CA ALA A 313 33.38 54.25 -4.00
C ALA A 313 34.89 54.09 -4.10
N LEU A 314 35.42 53.05 -3.47
CA LEU A 314 36.84 52.72 -3.53
C LEU A 314 36.96 51.38 -4.24
N VAL A 315 37.00 51.42 -5.57
CA VAL A 315 37.06 50.21 -6.38
C VAL A 315 38.51 49.81 -6.57
N GLY A 316 38.87 48.63 -6.12
CA GLY A 316 40.22 48.13 -6.29
C GLY A 316 40.52 47.06 -5.27
N ASP A 317 41.80 46.68 -5.23
CA ASP A 317 42.27 45.68 -4.29
C ASP A 317 42.23 46.24 -2.86
N ALA A 318 41.76 45.41 -1.92
CA ALA A 318 41.61 45.88 -0.55
C ALA A 318 42.96 46.22 0.08
N LYS A 319 44.00 45.43 -0.23
CA LYS A 319 45.32 45.71 0.31
C LYS A 319 45.91 46.98 -0.26
N ALA A 320 45.67 47.23 -1.56
CA ALA A 320 46.23 48.41 -2.20
C ALA A 320 45.54 49.69 -1.71
N ILE A 321 44.21 49.64 -1.55
CA ILE A 321 43.47 50.84 -1.15
C ILE A 321 43.71 51.14 0.33
N THR A 322 43.81 50.09 1.16
CA THR A 322 44.10 50.31 2.58
C THR A 322 45.49 50.92 2.76
N THR A 323 46.42 50.61 1.86
CA THR A 323 47.72 51.28 1.87
C THR A 323 47.56 52.78 1.67
N GLN A 324 46.65 53.17 0.77
CA GLN A 324 46.39 54.59 0.57
C GLN A 324 45.77 55.23 1.81
N LEU A 325 44.88 54.50 2.49
CA LEU A 325 44.27 55.02 3.70
C LEU A 325 45.29 55.19 4.82
N ASN A 326 46.38 54.43 4.78
CA ASN A 326 47.44 54.59 5.76
C ASN A 326 48.39 55.72 5.37
N ALA A 327 48.65 55.88 4.08
CA ALA A 327 49.49 56.99 3.63
C ALA A 327 48.80 58.33 3.89
N SER A 328 47.48 58.37 3.73
CA SER A 328 46.73 59.59 4.05
C SER A 328 46.77 59.89 5.54
N LEU A 329 46.79 58.86 6.38
CA LEU A 329 46.87 59.08 7.82
C LEU A 329 48.28 59.44 8.27
N LYS A 330 49.31 58.95 7.57
CA LYS A 330 50.68 59.29 7.93
C LYS A 330 50.97 60.78 7.73
N GLN A 331 50.21 61.45 6.87
CA GLN A 331 50.35 62.89 6.66
C GLN A 331 49.31 63.70 7.40
N GLN A 332 48.10 63.18 7.58
CA GLN A 332 47.04 63.82 8.35
C GLN A 332 46.56 62.85 9.41
N PRO A 333 47.28 62.72 10.51
CA PRO A 333 46.89 61.77 11.55
C PRO A 333 45.57 62.16 12.19
N TRP A 334 44.73 61.16 12.45
CA TRP A 334 43.43 61.37 13.06
C TRP A 334 43.03 60.11 13.81
N GLN A 335 42.50 60.29 15.01
CA GLN A 335 42.03 59.19 15.84
C GLN A 335 40.61 59.46 16.30
N TYR A 336 39.77 58.45 16.20
CA TYR A 336 38.43 58.54 16.77
C TYR A 336 38.54 58.47 18.30
N PRO A 337 37.95 59.42 19.03
CA PRO A 337 38.11 59.43 20.48
C PRO A 337 37.52 58.17 21.12
N SER A 338 38.13 57.76 22.22
CA SER A 338 37.75 56.52 22.91
C SER A 338 36.72 56.74 24.01
N GLU A 339 36.26 57.98 24.22
CA GLU A 339 35.29 58.29 25.27
C GLU A 339 34.15 59.12 24.64
N THR A 340 33.38 58.48 23.77
CA THR A 340 32.21 59.09 23.15
C THR A 340 30.96 58.34 23.59
N THR A 341 29.81 59.00 23.39
CA THR A 341 28.54 58.34 23.67
C THR A 341 28.34 57.12 22.78
N TRP A 342 28.93 57.13 21.58
CA TRP A 342 28.88 55.94 20.73
C TRP A 342 29.66 54.79 21.34
N TRP A 343 30.85 55.06 21.90
CA TRP A 343 31.64 54.00 22.52
C TRP A 343 30.95 53.46 23.77
N THR A 344 30.60 54.34 24.70
CA THR A 344 30.00 53.88 25.96
C THR A 344 28.67 53.18 25.72
N GLY A 345 27.97 53.52 24.64
CA GLY A 345 26.74 52.80 24.32
C GLY A 345 27.01 51.37 23.88
N LEU A 346 27.97 51.18 22.98
CA LEU A 346 28.29 49.84 22.50
C LEU A 346 28.88 48.98 23.61
N ARG A 347 29.77 49.56 24.43
CA ARG A 347 30.40 48.79 25.50
C ARG A 347 29.39 48.35 26.56
N LYS A 348 28.35 49.15 26.79
CA LYS A 348 27.31 48.74 27.74
C LYS A 348 26.60 47.48 27.27
N LYS A 349 26.34 47.37 25.98
CA LYS A 349 25.76 46.15 25.44
C LYS A 349 26.76 45.00 25.43
N ILE A 350 28.05 45.30 25.25
CA ILE A 350 29.06 44.24 25.17
C ILE A 350 29.24 43.58 26.53
N ASP A 351 29.34 44.39 27.60
CA ASP A 351 29.55 43.82 28.93
C ASP A 351 28.34 43.01 29.39
N GLU A 352 27.14 43.40 28.99
CA GLU A 352 25.95 42.67 29.41
C GLU A 352 25.76 41.39 28.60
N ASN A 353 26.06 41.43 27.30
CA ASN A 353 26.00 40.20 26.50
C ASN A 353 27.09 39.23 26.92
N GLY A 354 28.29 39.73 27.23
CA GLY A 354 29.35 38.86 27.70
C GLY A 354 29.02 38.19 29.02
N ALA A 355 28.25 38.85 29.88
CA ALA A 355 27.84 38.25 31.13
C ALA A 355 26.84 37.14 30.91
N THR A 356 25.87 37.35 30.02
CA THR A 356 24.90 36.31 29.71
C THR A 356 25.55 35.12 29.01
N VAL A 357 26.54 35.39 28.16
CA VAL A 357 27.28 34.29 27.52
C VAL A 357 28.06 33.50 28.57
N ALA A 358 28.69 34.20 29.52
CA ALA A 358 29.44 33.51 30.56
C ALA A 358 28.53 32.68 31.45
N GLU A 359 27.29 33.12 31.65
CA GLU A 359 26.36 32.36 32.50
C GLU A 359 25.92 31.07 31.82
N MET A 360 25.62 31.13 30.52
CA MET A 360 25.18 29.93 29.81
C MET A 360 26.29 28.89 29.73
N MET A 361 27.56 29.32 29.75
CA MET A 361 28.65 28.37 29.77
C MET A 361 28.81 27.71 31.14
N ALA A 362 28.41 28.40 32.21
CA ALA A 362 28.50 27.83 33.55
C ALA A 362 27.48 26.73 33.78
N ASP A 363 26.54 26.53 32.86
CA ASP A 363 25.52 25.51 33.05
C ASP A 363 26.13 24.12 32.86
N GLU A 364 25.97 23.26 33.86
CA GLU A 364 26.52 21.91 33.84
C GLU A 364 25.44 20.84 33.68
N SER A 365 24.22 21.23 33.32
CA SER A 365 23.10 20.30 33.28
C SER A 365 23.20 19.38 32.07
N VAL A 366 22.54 18.22 32.20
CA VAL A 366 22.49 17.21 31.14
C VAL A 366 21.04 17.07 30.70
N PRO A 367 20.74 17.07 29.39
CA PRO A 367 21.67 17.18 28.26
C PRO A 367 22.30 18.56 28.15
N MET A 368 23.54 18.61 27.65
CA MET A 368 24.30 19.86 27.63
C MET A 368 23.75 20.80 26.56
N SER A 369 24.22 22.05 26.62
CA SER A 369 23.86 23.09 25.68
C SER A 369 25.04 23.42 24.78
N TYR A 370 24.78 24.26 23.77
CA TYR A 370 25.84 24.69 22.87
C TYR A 370 26.94 25.42 23.63
N TYR A 371 26.58 26.19 24.64
CA TYR A 371 27.56 27.04 25.32
C TYR A 371 28.47 26.24 26.24
N ARG A 372 27.93 25.23 26.93
CA ARG A 372 28.77 24.40 27.79
C ARG A 372 29.74 23.57 26.96
N VAL A 373 29.30 23.05 25.81
CA VAL A 373 30.16 22.27 24.94
C VAL A 373 31.26 23.15 24.35
N TYR A 374 30.87 24.29 23.78
CA TYR A 374 31.85 25.21 23.22
C TYR A 374 32.77 25.81 24.28
N ARG A 375 32.34 25.85 25.54
CA ARG A 375 33.22 26.32 26.61
C ARG A 375 34.47 25.47 26.70
N GLU A 376 34.34 24.16 26.50
CA GLU A 376 35.50 23.28 26.54
C GLU A 376 36.24 23.27 25.21
N ILE A 377 35.51 23.31 24.09
CA ILE A 377 36.13 23.29 22.78
C ILE A 377 37.00 24.54 22.59
N ARG A 378 36.45 25.71 22.94
CA ARG A 378 37.19 26.96 22.80
C ARG A 378 38.51 26.93 23.57
N ASP A 379 38.55 26.25 24.71
CA ASP A 379 39.73 26.24 25.56
C ASP A 379 40.78 25.21 25.14
N LEU A 380 40.47 24.35 24.18
CA LEU A 380 41.42 23.34 23.72
C LEU A 380 41.91 23.59 22.30
N ILE A 381 41.61 24.75 21.72
CA ILE A 381 41.98 25.06 20.35
C ILE A 381 43.16 26.03 20.38
N PRO A 382 44.29 25.69 19.75
CA PRO A 382 45.42 26.63 19.71
C PRO A 382 45.05 27.89 18.94
N ASN A 383 45.75 28.98 19.26
CA ASN A 383 45.48 30.27 18.65
C ASN A 383 45.90 30.33 17.19
N ASP A 384 46.60 29.32 16.68
CA ASP A 384 47.00 29.26 15.28
C ASP A 384 46.33 28.12 14.53
N ALA A 385 45.30 27.51 15.10
CA ALA A 385 44.60 26.42 14.45
C ALA A 385 43.59 26.96 13.44
N ILE A 386 43.00 26.04 12.67
CA ILE A 386 42.01 26.37 11.66
C ILE A 386 40.66 25.83 12.10
N ILE A 387 39.65 26.68 12.08
CA ILE A 387 38.30 26.33 12.53
C ILE A 387 37.43 26.10 11.30
N GLN A 388 36.90 24.88 11.18
CA GLN A 388 35.89 24.56 10.17
C GLN A 388 34.58 24.33 10.90
N ASN A 389 33.65 25.26 10.75
CA ASN A 389 32.38 25.26 11.47
C ASN A 389 31.24 25.23 10.46
N GLU A 390 30.45 24.16 10.48
CA GLU A 390 29.34 24.01 9.56
C GLU A 390 28.11 23.52 10.31
N GLY A 391 26.97 24.12 9.99
CA GLY A 391 25.71 23.76 10.61
C GLY A 391 24.79 24.96 10.68
N ALA A 392 23.76 24.85 11.51
CA ALA A 392 22.84 25.96 11.74
C ALA A 392 23.23 26.70 13.01
N SER A 393 22.58 26.35 14.13
CA SER A 393 22.96 26.93 15.41
C SER A 393 24.40 26.59 15.77
N THR A 394 24.83 25.38 15.43
CA THR A 394 26.22 24.97 15.68
C THR A 394 27.20 25.93 15.02
N MET A 395 26.88 26.39 13.81
CA MET A 395 27.77 27.31 13.10
C MET A 395 27.63 28.73 13.61
N ASP A 396 26.40 29.17 13.92
CA ASP A 396 26.17 30.55 14.32
C ASP A 396 26.59 30.80 15.75
N ILE A 397 26.29 29.88 16.67
CA ILE A 397 26.74 30.02 18.05
C ILE A 397 28.26 29.91 18.12
N GLY A 398 28.85 29.09 17.27
CA GLY A 398 30.30 28.94 17.28
C GLY A 398 31.02 30.21 16.84
N ARG A 399 30.47 30.90 15.85
CA ARG A 399 31.12 32.11 15.35
C ARG A 399 31.31 33.14 16.46
N THR A 400 30.33 33.27 17.36
CA THR A 400 30.46 34.20 18.48
C THR A 400 31.37 33.66 19.56
N LEU A 401 31.49 32.33 19.68
CA LEU A 401 32.23 31.72 20.78
C LEU A 401 33.63 31.26 20.39
N MET A 402 33.91 31.10 19.10
CA MET A 402 35.22 30.66 18.62
C MET A 402 36.03 31.86 18.16
N PRO A 403 36.99 32.34 18.94
CA PRO A 403 37.82 33.46 18.47
C PRO A 403 38.89 33.00 17.49
N ASN A 404 39.07 33.79 16.44
CA ASN A 404 40.13 33.59 15.46
C ASN A 404 41.13 34.73 15.56
N PHE A 405 42.41 34.38 15.64
CA PHE A 405 43.47 35.38 15.82
C PHE A 405 44.29 35.60 14.56
N LEU A 406 44.13 34.77 13.53
CA LEU A 406 44.85 34.89 12.28
C LEU A 406 43.87 34.95 11.12
N PRO A 407 44.20 35.68 10.05
CA PRO A 407 43.29 35.74 8.90
C PRO A 407 43.20 34.40 8.18
N ARG A 408 42.04 34.17 7.56
CA ARG A 408 41.80 32.98 6.75
C ARG A 408 41.98 31.69 7.56
N HIS A 409 41.57 31.73 8.83
CA HIS A 409 41.65 30.56 9.70
C HIS A 409 40.27 30.03 10.09
N ARG A 410 39.20 30.58 9.52
CA ARG A 410 37.86 30.07 9.74
C ARG A 410 37.18 29.82 8.41
N LEU A 411 36.63 28.62 8.24
CA LEU A 411 35.89 28.25 7.04
C LEU A 411 34.51 27.77 7.46
N ASP A 412 33.47 28.43 6.95
CA ASP A 412 32.11 28.00 7.25
C ASP A 412 31.31 27.78 5.97
N ALA A 413 29.99 27.96 6.04
CA ALA A 413 29.14 27.71 4.89
C ALA A 413 29.29 28.76 3.80
N GLY A 414 29.81 29.94 4.13
CA GLY A 414 30.07 30.96 3.14
C GLY A 414 28.85 31.79 2.78
N SER A 415 28.99 32.54 1.69
CA SER A 415 27.92 33.40 1.20
C SER A 415 26.74 32.61 0.65
N PHE A 416 26.93 31.32 0.34
CA PHE A 416 25.87 30.50 -0.21
C PHE A 416 25.11 29.72 0.86
N GLY A 417 25.57 29.76 2.11
CA GLY A 417 24.93 28.98 3.17
C GLY A 417 24.91 27.50 2.90
N THR A 418 25.99 26.95 2.36
CA THR A 418 26.00 25.60 1.83
C THR A 418 26.22 24.58 2.92
N MET A 419 25.42 23.52 2.90
CA MET A 419 25.68 22.32 3.69
C MET A 419 26.37 21.29 2.80
N GLY A 420 27.43 20.67 3.31
CA GLY A 420 28.22 19.75 2.54
C GLY A 420 29.63 20.21 2.24
N VAL A 421 29.98 21.44 2.64
CA VAL A 421 31.33 21.94 2.41
C VAL A 421 32.29 21.58 3.53
N GLY A 422 31.78 21.17 4.69
CA GLY A 422 32.57 21.01 5.89
C GLY A 422 33.82 20.16 5.78
N LEU A 423 33.64 18.84 5.66
CA LEU A 423 34.80 17.94 5.65
C LEU A 423 35.71 18.22 4.46
N GLY A 424 35.14 18.54 3.31
CA GLY A 424 35.96 18.91 2.17
C GLY A 424 36.84 20.11 2.46
N GLN A 425 36.26 21.14 3.07
CA GLN A 425 37.05 22.32 3.43
C GLN A 425 38.08 22.00 4.50
N ALA A 426 37.77 21.06 5.42
CA ALA A 426 38.74 20.68 6.44
C ALA A 426 39.90 19.93 5.83
N ILE A 427 39.63 19.06 4.84
CA ILE A 427 40.71 18.35 4.16
C ILE A 427 41.60 19.32 3.40
N ALA A 428 40.99 20.31 2.74
CA ALA A 428 41.79 21.30 2.02
C ALA A 428 42.62 22.14 2.96
N ALA A 429 42.09 22.45 4.15
CA ALA A 429 42.86 23.20 5.13
C ALA A 429 44.06 22.40 5.61
N ALA A 430 43.87 21.09 5.85
CA ALA A 430 44.97 20.25 6.30
C ALA A 430 46.01 20.05 5.21
N ALA A 431 45.59 20.02 3.95
CA ALA A 431 46.55 19.87 2.86
C ALA A 431 47.38 21.13 2.69
N VAL A 432 46.77 22.30 2.87
CA VAL A 432 47.50 23.55 2.75
C VAL A 432 48.38 23.77 3.98
N HIS A 433 47.85 23.49 5.17
CA HIS A 433 48.56 23.68 6.44
C HIS A 433 48.70 22.34 7.15
N PRO A 434 49.67 21.52 6.75
CA PRO A 434 49.90 20.26 7.47
C PRO A 434 50.49 20.47 8.86
N ASP A 435 51.06 21.64 9.14
CA ASP A 435 51.64 21.91 10.45
C ASP A 435 50.56 22.31 11.46
N LYS A 436 49.63 23.16 11.04
CA LYS A 436 48.57 23.59 11.94
C LYS A 436 47.51 22.49 12.10
N HIS A 437 46.76 22.58 13.19
CA HIS A 437 45.68 21.64 13.45
C HIS A 437 44.37 22.19 12.91
N VAL A 438 43.52 21.31 12.41
CA VAL A 438 42.23 21.68 11.83
C VAL A 438 41.14 21.08 12.70
N PHE A 439 40.26 21.94 13.22
CA PHE A 439 39.12 21.53 14.02
C PHE A 439 37.86 21.62 13.16
N CYS A 440 37.23 20.48 12.91
CA CYS A 440 36.05 20.39 12.04
C CYS A 440 34.84 20.21 12.94
N ILE A 441 34.24 21.32 13.37
CA ILE A 441 33.09 21.30 14.25
C ILE A 441 31.84 21.30 13.37
N GLU A 442 31.08 20.20 13.44
CA GLU A 442 29.94 19.99 12.56
C GLU A 442 28.68 19.72 13.38
N GLY A 443 27.54 20.13 12.82
CA GLY A 443 26.28 19.63 13.31
C GLY A 443 26.02 18.23 12.80
N ASP A 444 25.16 17.49 13.53
CA ASP A 444 24.88 16.11 13.13
C ASP A 444 24.24 16.05 11.75
N SER A 445 23.45 17.06 11.38
CA SER A 445 22.88 17.11 10.04
C SER A 445 23.95 17.43 9.01
N ALA A 446 24.78 18.45 9.29
CA ALA A 446 25.82 18.85 8.35
C ALA A 446 26.84 17.74 8.12
N PHE A 447 27.12 16.95 9.16
CA PHE A 447 28.12 15.89 9.02
C PHE A 447 27.70 14.84 8.00
N GLY A 448 26.40 14.56 7.91
CA GLY A 448 25.92 13.53 7.01
C GLY A 448 26.07 13.85 5.54
N PHE A 449 26.22 15.13 5.20
CA PHE A 449 26.35 15.51 3.80
C PHE A 449 27.62 14.95 3.17
N SER A 450 28.71 14.88 3.94
CA SER A 450 29.97 14.36 3.42
C SER A 450 30.70 13.59 4.52
N GLY A 451 29.96 12.77 5.27
CA GLY A 451 30.56 12.05 6.38
C GLY A 451 31.57 11.02 5.95
N MET A 452 31.41 10.46 4.75
CA MET A 452 32.34 9.43 4.28
C MET A 452 33.74 9.95 4.07
N GLU A 453 33.92 11.28 4.03
CA GLU A 453 35.25 11.83 3.81
C GLU A 453 36.16 11.70 5.03
N VAL A 454 35.68 11.15 6.16
CA VAL A 454 36.57 10.87 7.27
C VAL A 454 37.61 9.84 6.86
N GLU A 455 37.22 8.89 6.01
CA GLU A 455 38.19 7.90 5.51
C GLU A 455 39.21 8.55 4.60
N THR A 456 38.78 9.54 3.79
CA THR A 456 39.72 10.25 2.94
C THR A 456 40.77 10.97 3.78
N ALA A 457 40.35 11.60 4.88
CA ALA A 457 41.31 12.27 5.75
C ALA A 457 42.30 11.29 6.35
N ALA A 458 41.83 10.10 6.75
CA ALA A 458 42.72 9.11 7.33
C ALA A 458 43.63 8.48 6.29
N ARG A 459 43.12 8.29 5.07
CA ARG A 459 43.91 7.64 4.02
C ARG A 459 45.16 8.45 3.68
N TYR A 460 45.09 9.77 3.79
CA TYR A 460 46.23 10.64 3.52
C TYR A 460 46.94 11.08 4.79
N GLY A 461 46.75 10.37 5.90
CA GLY A 461 47.47 10.64 7.12
C GLY A 461 47.23 12.00 7.71
N MET A 462 46.02 12.54 7.55
CA MET A 462 45.68 13.86 8.08
C MET A 462 45.28 13.73 9.54
N LYS A 463 46.29 13.46 10.37
CA LYS A 463 46.09 13.39 11.81
C LYS A 463 45.85 14.76 12.42
N ASN A 464 46.14 15.83 11.68
CA ASN A 464 45.92 17.19 12.17
C ASN A 464 44.45 17.61 12.10
N ILE A 465 43.56 16.74 11.65
CA ILE A 465 42.14 17.01 11.61
C ILE A 465 41.46 16.29 12.77
N THR A 466 40.61 17.00 13.50
CA THR A 466 39.78 16.41 14.53
C THR A 466 38.33 16.71 14.19
N PHE A 467 37.51 15.67 14.10
CA PHE A 467 36.10 15.82 13.75
C PHE A 467 35.28 15.88 15.04
N ILE A 468 34.60 17.00 15.25
CA ILE A 468 33.75 17.21 16.41
C ILE A 468 32.32 17.36 15.92
N ILE A 469 31.43 16.52 16.43
CA ILE A 469 30.02 16.50 16.01
C ILE A 469 29.17 16.93 17.19
N ILE A 470 28.50 18.06 17.05
CA ILE A 470 27.56 18.57 18.05
C ILE A 470 26.18 18.05 17.65
N ASN A 471 25.70 17.04 18.36
CA ASN A 471 24.56 16.24 17.94
C ASN A 471 23.33 16.62 18.77
N ASN A 472 22.32 17.17 18.10
CA ASN A 472 21.02 17.45 18.72
C ASN A 472 19.91 16.60 18.12
N ASN A 473 20.26 15.50 17.44
CA ASN A 473 19.32 14.50 16.95
C ASN A 473 18.37 15.07 15.90
N GLY A 474 18.88 15.94 15.03
CA GLY A 474 18.08 16.41 13.93
C GLY A 474 18.55 17.75 13.40
N ILE A 475 17.78 18.26 12.44
CA ILE A 475 18.01 19.58 11.86
C ILE A 475 17.38 20.60 12.80
N GLY A 476 18.21 21.26 13.60
CA GLY A 476 17.67 22.17 14.60
C GLY A 476 17.01 21.49 15.76
N GLY A 477 17.30 20.21 15.98
CA GLY A 477 16.70 19.47 17.07
C GLY A 477 15.84 18.30 16.62
N GLY A 478 15.59 17.37 17.53
CA GLY A 478 14.78 16.21 17.22
C GLY A 478 14.43 15.42 18.47
N PRO A 479 13.40 14.59 18.37
CA PRO A 479 12.97 13.82 19.54
C PRO A 479 13.99 12.74 19.91
N ASP A 480 13.80 12.19 21.10
CA ASP A 480 14.69 11.15 21.63
C ASP A 480 14.18 9.74 21.37
N THR A 481 13.00 9.59 20.78
CA THR A 481 12.48 8.31 20.33
C THR A 481 11.86 8.50 18.96
N LEU A 482 12.20 7.63 18.02
CA LEU A 482 11.75 7.73 16.65
C LEU A 482 10.92 6.51 16.29
N ASP A 483 9.66 6.73 15.93
CA ASP A 483 8.86 5.68 15.32
C ASP A 483 9.19 5.61 13.83
N PRO A 484 9.58 4.45 13.30
CA PRO A 484 10.02 4.40 11.90
C PRO A 484 8.99 4.89 10.89
N THR A 485 7.71 4.92 11.25
CA THR A 485 6.69 5.43 10.36
C THR A 485 6.49 6.94 10.54
N ARG A 486 6.19 7.37 11.76
CA ARG A 486 5.98 8.78 12.06
C ARG A 486 7.34 9.44 12.34
N VAL A 487 8.03 9.80 11.28
CA VAL A 487 9.35 10.41 11.34
C VAL A 487 9.21 11.89 11.00
N PRO A 488 9.61 12.79 11.90
CA PRO A 488 9.64 14.22 11.55
C PRO A 488 10.62 14.45 10.42
N PRO A 489 10.26 15.30 9.43
CA PRO A 489 11.15 15.52 8.29
C PRO A 489 12.50 16.12 8.65
N SER A 490 12.67 16.62 9.88
CA SER A 490 13.92 17.27 10.29
C SER A 490 14.62 16.51 11.42
N ALA A 491 14.29 15.24 11.62
CA ALA A 491 14.83 14.46 12.71
C ALA A 491 15.65 13.29 12.17
N TYR A 492 16.66 12.90 12.94
CA TYR A 492 17.49 11.74 12.62
C TYR A 492 17.37 10.70 13.75
N THR A 493 18.16 9.65 13.64
CA THR A 493 18.14 8.60 14.64
C THR A 493 18.56 9.17 15.99
N PRO A 494 17.74 8.99 17.04
CA PRO A 494 18.13 9.49 18.36
C PRO A 494 19.42 8.84 18.85
N ASN A 495 20.36 9.67 19.27
CA ASN A 495 21.66 9.22 19.77
C ASN A 495 22.39 8.38 18.72
N ALA A 496 22.53 8.95 17.52
CA ALA A 496 23.28 8.29 16.46
C ALA A 496 24.75 8.24 16.81
N HIS A 497 25.39 7.11 16.52
CA HIS A 497 26.79 6.90 16.88
C HIS A 497 27.68 7.18 15.66
N TYR A 498 27.75 8.47 15.30
CA TYR A 498 28.61 8.88 14.20
C TYR A 498 30.08 8.62 14.49
N GLU A 499 30.46 8.55 15.77
CA GLU A 499 31.86 8.30 16.12
C GLU A 499 32.32 6.91 15.72
N LYS A 500 31.38 5.97 15.51
CA LYS A 500 31.73 4.64 15.04
C LYS A 500 32.41 4.66 13.68
N MET A 501 32.21 5.74 12.90
CA MET A 501 32.84 5.83 11.59
C MET A 501 34.36 5.93 11.67
N ALA A 502 34.90 6.36 12.81
CA ALA A 502 36.35 6.37 12.97
C ALA A 502 36.93 4.96 12.93
N GLU A 503 36.16 3.96 13.35
CA GLU A 503 36.61 2.58 13.33
C GLU A 503 36.64 1.97 11.93
N ILE A 504 36.20 2.71 10.91
CA ILE A 504 36.35 2.25 9.54
C ILE A 504 37.81 2.15 9.17
N TYR A 505 38.60 3.16 9.54
CA TYR A 505 40.01 3.25 9.22
C TYR A 505 40.91 2.93 10.41
N GLY A 506 40.36 2.32 11.45
CA GLY A 506 41.13 2.01 12.64
C GLY A 506 41.29 3.14 13.62
N GLY A 507 40.57 4.23 13.45
CA GLY A 507 40.66 5.37 14.34
C GLY A 507 39.89 5.14 15.63
N LYS A 508 39.81 6.21 16.42
CA LYS A 508 39.15 6.18 17.71
C LYS A 508 37.95 7.12 17.70
N GLY A 509 36.83 6.65 18.26
CA GLY A 509 35.62 7.44 18.36
C GLY A 509 35.27 7.70 19.81
N TYR A 510 34.67 8.87 20.05
CA TYR A 510 34.31 9.29 21.40
C TYR A 510 32.84 9.72 21.42
N PHE A 511 32.07 9.11 22.31
CA PHE A 511 30.65 9.44 22.48
C PHE A 511 30.50 10.17 23.81
N VAL A 512 30.36 11.49 23.74
CA VAL A 512 30.32 12.35 24.92
C VAL A 512 28.88 12.72 25.20
N THR A 513 28.46 12.56 26.46
CA THR A 513 27.12 12.92 26.89
C THR A 513 27.07 13.70 28.19
N GLU A 514 28.18 13.83 28.92
CA GLU A 514 28.21 14.52 30.19
C GLU A 514 29.31 15.58 30.18
N PRO A 515 29.16 16.64 30.98
CA PRO A 515 30.20 17.67 31.02
C PRO A 515 31.56 17.16 31.48
N SER A 516 31.58 16.14 32.35
CA SER A 516 32.84 15.60 32.83
C SER A 516 33.56 14.74 31.80
N GLN A 517 32.95 14.50 30.63
CA GLN A 517 33.57 13.72 29.57
C GLN A 517 34.17 14.57 28.47
N LEU A 518 33.88 15.87 28.43
CA LEU A 518 34.28 16.71 27.31
C LEU A 518 35.80 16.82 27.23
N ARG A 519 36.42 17.38 28.27
CA ARG A 519 37.88 17.60 28.23
C ARG A 519 38.67 16.31 28.07
N PRO A 520 38.41 15.22 28.79
CA PRO A 520 39.19 14.00 28.55
C PRO A 520 39.04 13.42 27.15
N ALA A 521 37.83 13.45 26.61
CA ALA A 521 37.64 12.89 25.26
C ALA A 521 38.17 13.84 24.19
N LEU A 522 38.06 15.15 24.40
CA LEU A 522 38.59 16.09 23.42
C LEU A 522 40.11 16.15 23.44
N GLU A 523 40.70 16.15 24.64
CA GLU A 523 42.16 16.22 24.74
C GLU A 523 42.82 14.98 24.17
N GLU A 524 42.17 13.81 24.28
CA GLU A 524 42.76 12.59 23.74
C GLU A 524 42.51 12.45 22.24
N ALA A 525 41.44 13.07 21.73
CA ALA A 525 41.17 13.00 20.29
C ALA A 525 42.14 13.85 19.49
N ILE A 526 42.60 14.96 20.07
CA ILE A 526 43.54 15.83 19.36
C ILE A 526 44.89 15.14 19.22
N LYS A 527 45.25 14.28 20.17
CA LYS A 527 46.57 13.66 20.21
C LYS A 527 46.59 12.29 19.56
N ALA A 528 45.50 11.86 18.93
CA ALA A 528 45.49 10.58 18.24
C ALA A 528 46.34 10.63 16.98
N ASP A 529 46.94 9.50 16.63
CA ASP A 529 47.77 9.41 15.43
C ASP A 529 46.94 9.23 14.15
N LYS A 530 45.64 9.05 14.28
CA LYS A 530 44.68 9.03 13.18
C LYS A 530 43.59 10.05 13.48
N PRO A 531 42.94 10.61 12.46
CA PRO A 531 41.87 11.59 12.72
C PRO A 531 40.72 10.95 13.50
N ALA A 532 40.38 11.57 14.63
CA ALA A 532 39.38 11.04 15.55
C ALA A 532 38.07 11.81 15.41
N ILE A 533 37.01 11.21 15.95
CA ILE A 533 35.67 11.77 15.91
C ILE A 533 35.14 11.87 17.33
N VAL A 534 34.57 13.03 17.67
CA VAL A 534 34.01 13.28 18.99
C VAL A 534 32.54 13.62 18.79
N ASN A 535 31.66 12.66 19.08
CA ASN A 535 30.22 12.84 18.91
C ASN A 535 29.64 13.30 20.24
N ILE A 536 29.32 14.59 20.33
CA ILE A 536 28.87 15.21 21.57
C ILE A 536 27.36 15.40 21.50
N MET A 537 26.65 14.85 22.48
CA MET A 537 25.20 14.99 22.56
C MET A 537 24.82 16.24 23.33
N ILE A 538 23.82 16.96 22.83
CA ILE A 538 23.31 18.18 23.44
C ILE A 538 21.80 18.12 23.49
N SER A 539 21.19 19.12 24.12
CA SER A 539 19.74 19.22 24.20
C SER A 539 19.17 19.68 22.87
N ALA A 540 18.09 19.02 22.44
CA ALA A 540 17.45 19.41 21.19
C ALA A 540 16.77 20.77 21.29
N THR A 541 16.27 21.12 22.47
CA THR A 541 15.62 22.41 22.70
C THR A 541 16.59 23.47 23.20
N SER A 542 17.82 23.47 22.70
CA SER A 542 18.84 24.44 23.10
C SER A 542 18.91 25.54 22.05
N GLN A 543 18.79 26.80 22.50
CA GLN A 543 18.77 27.95 21.62
C GLN A 543 20.00 28.81 21.84
N ARG A 544 20.03 29.97 21.19
CA ARG A 544 21.09 30.94 21.37
C ARG A 544 20.64 32.04 22.31
N LYS A 545 21.53 32.98 22.57
CA LYS A 545 21.18 34.16 23.34
C LYS A 545 20.20 35.00 22.53
N PRO A 546 19.00 35.29 23.06
CA PRO A 546 18.01 36.10 22.35
C PRO A 546 18.50 37.51 22.01
N GLY B 5 -11.48 28.89 6.45
CA GLY B 5 -10.04 28.81 6.60
C GLY B 5 -9.29 29.02 5.29
N GLN B 6 -8.06 29.50 5.39
CA GLN B 6 -7.22 29.76 4.23
C GLN B 6 -6.20 28.64 4.06
N ILE B 7 -5.62 28.59 2.86
CA ILE B 7 -4.65 27.55 2.50
C ILE B 7 -3.38 28.23 2.02
N THR B 8 -2.24 27.64 2.33
CA THR B 8 -0.93 28.19 1.96
C THR B 8 -0.42 27.55 0.67
N GLY B 9 0.54 28.24 0.05
CA GLY B 9 1.13 27.72 -1.17
C GLY B 9 1.79 26.37 -0.97
N ALA B 10 2.41 26.15 0.20
CA ALA B 10 3.00 24.85 0.50
C ALA B 10 1.93 23.76 0.55
N GLN B 11 0.79 24.07 1.19
CA GLN B 11 -0.30 23.10 1.24
C GLN B 11 -0.95 22.91 -0.13
N ILE B 12 -0.98 23.95 -0.95
CA ILE B 12 -1.54 23.84 -2.29
C ILE B 12 -0.69 22.89 -3.14
N VAL B 13 0.64 23.04 -3.07
CA VAL B 13 1.53 22.19 -3.86
C VAL B 13 1.43 20.74 -3.42
N ALA B 14 1.34 20.51 -2.10
CA ALA B 14 1.32 19.15 -1.59
C ALA B 14 0.06 18.40 -2.04
N ARG B 15 -1.10 19.06 -1.95
CA ARG B 15 -2.34 18.40 -2.35
C ARG B 15 -2.39 18.18 -3.85
N ALA B 16 -1.93 19.17 -4.63
CA ALA B 16 -1.90 19.01 -6.08
C ALA B 16 -0.98 17.88 -6.50
N LEU B 17 0.17 17.75 -5.83
CA LEU B 17 1.08 16.64 -6.12
C LEU B 17 0.41 15.30 -5.85
N LYS B 18 -0.24 15.17 -4.69
CA LYS B 18 -0.91 13.91 -4.35
C LYS B 18 -2.00 13.59 -5.34
N GLN B 19 -2.72 14.61 -5.82
CA GLN B 19 -3.80 14.36 -6.77
C GLN B 19 -3.27 13.85 -8.10
N GLN B 20 -2.12 14.36 -8.54
CA GLN B 20 -1.54 13.94 -9.82
C GLN B 20 -0.75 12.65 -9.71
N GLY B 21 -0.84 11.94 -8.59
CA GLY B 21 -0.25 10.61 -8.47
C GLY B 21 1.06 10.54 -7.71
N VAL B 22 1.61 11.67 -7.25
CA VAL B 22 2.85 11.64 -6.50
C VAL B 22 2.62 11.02 -5.14
N GLU B 23 3.39 9.98 -4.82
CA GLU B 23 3.28 9.29 -3.54
C GLU B 23 4.57 9.24 -2.74
N TYR B 24 5.70 9.66 -3.33
CA TYR B 24 6.98 9.58 -2.65
C TYR B 24 7.75 10.87 -2.87
N MET B 25 8.31 11.41 -1.80
CA MET B 25 9.10 12.63 -1.85
C MET B 25 10.37 12.43 -1.03
N PHE B 26 11.50 12.85 -1.58
CA PHE B 26 12.79 12.73 -0.92
C PHE B 26 13.50 14.07 -0.95
N GLY B 27 14.39 14.29 -0.01
CA GLY B 27 15.16 15.51 0.05
C GLY B 27 15.46 15.89 1.49
N ILE B 28 15.90 17.13 1.65
CA ILE B 28 16.30 17.66 2.95
C ILE B 28 15.56 18.98 3.17
N VAL B 29 15.02 19.15 4.37
CA VAL B 29 14.23 20.33 4.70
C VAL B 29 15.16 21.51 4.97
N GLY B 30 14.59 22.70 5.01
CA GLY B 30 15.36 23.92 5.21
C GLY B 30 14.64 25.09 4.59
N ILE B 31 15.26 26.26 4.76
CA ILE B 31 14.66 27.49 4.23
C ILE B 31 14.62 27.41 2.71
N PRO B 32 13.47 27.65 2.06
CA PRO B 32 12.16 27.91 2.66
C PRO B 32 11.17 26.77 2.42
N VAL B 33 11.64 25.54 2.21
CA VAL B 33 10.78 24.44 1.80
C VAL B 33 10.36 23.57 2.98
N ILE B 34 10.54 24.03 4.21
CA ILE B 34 10.11 23.25 5.37
C ILE B 34 8.62 22.99 5.37
N PRO B 35 7.74 23.98 5.14
CA PRO B 35 6.30 23.67 5.13
C PRO B 35 5.88 22.69 4.05
N ILE B 36 6.64 22.60 2.95
CA ILE B 36 6.28 21.68 1.88
C ILE B 36 6.38 20.23 2.36
N ALA B 37 7.44 19.89 3.08
CA ALA B 37 7.58 18.53 3.59
C ALA B 37 6.55 18.22 4.67
N MET B 38 6.15 19.24 5.45
CA MET B 38 5.15 19.01 6.49
C MET B 38 3.80 18.65 5.88
N PHE B 39 3.33 19.45 4.91
CA PHE B 39 2.08 19.14 4.25
C PHE B 39 2.19 17.94 3.33
N ALA B 40 3.41 17.60 2.90
CA ALA B 40 3.60 16.36 2.13
C ALA B 40 3.14 15.15 2.93
N GLN B 41 3.63 15.01 4.16
CA GLN B 41 3.13 13.97 5.05
C GLN B 41 1.65 14.18 5.35
N ARG B 42 1.21 15.43 5.45
CA ARG B 42 -0.18 15.71 5.81
C ARG B 42 -1.14 15.29 4.70
N GLU B 43 -0.76 15.53 3.44
CA GLU B 43 -1.62 15.22 2.31
C GLU B 43 -1.47 13.78 1.83
N GLY B 44 -0.67 12.96 2.51
CA GLY B 44 -0.55 11.56 2.16
C GLY B 44 0.63 11.20 1.30
N ILE B 45 1.63 12.06 1.21
CA ILE B 45 2.84 11.80 0.44
C ILE B 45 3.93 11.36 1.40
N LYS B 46 4.48 10.17 1.16
CA LYS B 46 5.54 9.63 2.02
C LYS B 46 6.82 10.43 1.84
N PHE B 47 7.20 11.22 2.85
CA PHE B 47 8.40 12.02 2.80
C PHE B 47 9.54 11.30 3.51
N TYR B 48 10.72 11.32 2.89
CA TYR B 48 11.90 10.66 3.43
C TYR B 48 13.04 11.67 3.48
N GLY B 49 13.53 11.95 4.68
CA GLY B 49 14.60 12.91 4.86
C GLY B 49 15.97 12.30 4.66
N PHE B 50 16.63 12.65 3.56
CA PHE B 50 17.92 12.07 3.21
C PHE B 50 19.06 12.83 3.90
N ARG B 51 20.28 12.34 3.68
CA ARG B 51 21.47 12.99 4.20
C ARG B 51 22.13 13.91 3.18
N ASN B 52 21.83 13.73 1.89
CA ASN B 52 22.34 14.59 0.84
C ASN B 52 21.29 14.64 -0.27
N GLU B 53 21.10 15.83 -0.85
CA GLU B 53 20.13 15.96 -1.94
C GLU B 53 20.54 15.17 -3.17
N GLN B 54 21.84 14.91 -3.34
CA GLN B 54 22.29 14.14 -4.49
C GLN B 54 21.72 12.73 -4.47
N SER B 55 21.80 12.06 -3.31
CA SER B 55 21.23 10.72 -3.20
C SER B 55 19.71 10.76 -3.22
N ALA B 56 19.10 11.85 -2.74
CA ALA B 56 17.65 11.97 -2.78
C ALA B 56 17.13 12.09 -4.20
N SER B 57 17.80 12.89 -5.03
CA SER B 57 17.35 13.08 -6.41
C SER B 57 17.49 11.82 -7.25
N TYR B 58 18.37 10.89 -6.83
CA TYR B 58 18.43 9.60 -7.50
C TYR B 58 17.29 8.69 -7.07
N ALA B 59 16.89 8.77 -5.79
CA ALA B 59 15.74 8.02 -5.32
C ALA B 59 14.46 8.48 -6.00
N ALA B 60 14.37 9.78 -6.32
CA ALA B 60 13.20 10.28 -7.02
C ALA B 60 13.11 9.72 -8.43
N ALA B 61 14.23 9.68 -9.15
CA ALA B 61 14.23 9.13 -10.50
C ALA B 61 13.96 7.63 -10.49
N ALA B 62 14.32 6.93 -9.42
CA ALA B 62 14.05 5.51 -9.33
C ALA B 62 12.56 5.24 -9.15
N VAL B 63 11.89 6.04 -8.33
CA VAL B 63 10.44 5.88 -8.14
C VAL B 63 9.71 6.06 -9.47
N GLY B 64 10.16 7.02 -10.28
CA GLY B 64 9.54 7.21 -11.59
C GLY B 64 9.63 5.98 -12.46
N TYR B 65 10.74 5.25 -12.37
CA TYR B 65 10.88 4.02 -13.14
C TYR B 65 10.07 2.88 -12.53
N LEU B 66 9.94 2.85 -11.21
CA LEU B 66 9.23 1.76 -10.55
C LEU B 66 7.72 1.91 -10.60
N THR B 67 7.21 3.15 -10.55
CA THR B 67 5.78 3.39 -10.40
C THR B 67 5.11 3.88 -11.67
N GLY B 68 5.81 4.62 -12.53
CA GLY B 68 5.22 5.21 -13.71
C GLY B 68 4.83 6.66 -13.57
N ARG B 69 4.89 7.20 -12.35
CA ARG B 69 4.64 8.61 -12.09
C ARG B 69 5.78 9.16 -11.25
N PRO B 70 6.15 10.43 -11.45
CA PRO B 70 7.45 10.92 -10.98
C PRO B 70 7.51 11.05 -9.47
N GLY B 71 8.59 10.53 -8.89
CA GLY B 71 8.95 10.90 -7.54
C GLY B 71 9.45 12.33 -7.47
N VAL B 72 9.35 12.92 -6.29
CA VAL B 72 9.70 14.32 -6.08
C VAL B 72 10.96 14.41 -5.23
N CYS B 73 11.87 15.29 -5.63
CA CYS B 73 13.04 15.64 -4.83
C CYS B 73 12.88 17.08 -4.36
N LEU B 74 12.86 17.28 -3.05
CA LEU B 74 12.66 18.59 -2.46
C LEU B 74 13.99 19.13 -1.95
N GLY B 75 14.42 20.26 -2.50
CA GLY B 75 15.66 20.88 -2.09
C GLY B 75 15.47 22.34 -1.76
N VAL B 76 16.30 22.83 -0.85
CA VAL B 76 16.26 24.24 -0.44
C VAL B 76 16.78 25.11 -1.57
N SER B 77 16.76 26.42 -1.38
CA SER B 77 17.27 27.33 -2.39
C SER B 77 18.78 27.19 -2.54
N GLY B 78 19.28 27.53 -3.73
CA GLY B 78 20.69 27.55 -4.00
C GLY B 78 21.34 26.18 -3.93
N PRO B 79 22.21 25.98 -2.93
CA PRO B 79 22.97 24.72 -2.85
C PRO B 79 22.11 23.47 -2.83
N GLY B 80 20.98 23.50 -2.12
CA GLY B 80 20.14 22.31 -2.05
C GLY B 80 19.59 21.89 -3.39
N MET B 81 19.08 22.84 -4.17
CA MET B 81 18.55 22.53 -5.49
C MET B 81 19.65 22.09 -6.44
N ILE B 82 20.82 22.73 -6.36
CA ILE B 82 21.91 22.42 -7.29
C ILE B 82 22.38 20.98 -7.08
N HIS B 83 22.41 20.52 -5.84
CA HIS B 83 22.75 19.12 -5.56
C HIS B 83 21.76 18.17 -6.22
N GLY B 84 20.50 18.58 -6.36
CA GLY B 84 19.47 17.73 -6.93
C GLY B 84 19.47 17.64 -8.44
N VAL B 85 20.25 18.48 -9.12
CA VAL B 85 20.32 18.41 -10.58
C VAL B 85 20.93 17.11 -11.05
N ALA B 86 21.75 16.47 -10.21
CA ALA B 86 22.33 15.16 -10.56
C ALA B 86 21.24 14.15 -10.91
N GLY B 87 20.28 13.96 -10.00
CA GLY B 87 19.18 13.07 -10.28
C GLY B 87 18.35 13.50 -11.48
N MET B 88 18.19 14.81 -11.68
CA MET B 88 17.56 15.32 -12.89
C MET B 88 18.29 14.84 -14.13
N ALA B 89 19.62 14.87 -14.10
CA ALA B 89 20.39 14.39 -15.26
C ALA B 89 20.29 12.88 -15.40
N ASN B 90 20.18 12.15 -14.30
CA ASN B 90 20.05 10.70 -14.37
C ASN B 90 18.71 10.31 -14.99
N ALA B 91 17.63 10.98 -14.58
CA ALA B 91 16.33 10.76 -15.22
C ALA B 91 16.35 11.21 -16.68
N TRP B 92 17.09 12.27 -16.98
CA TRP B 92 17.23 12.73 -18.36
C TRP B 92 17.96 11.70 -19.22
N SER B 93 18.91 10.96 -18.62
CA SER B 93 19.68 9.95 -19.35
C SER B 93 18.95 8.62 -19.45
N ASN B 94 18.17 8.25 -18.43
CA ASN B 94 17.48 6.97 -18.41
C ASN B 94 16.04 7.05 -18.90
N CYS B 95 15.57 8.25 -19.27
CA CYS B 95 14.19 8.46 -19.69
C CYS B 95 13.21 8.03 -18.59
N TRP B 96 13.39 8.60 -17.41
CA TRP B 96 12.56 8.33 -16.25
C TRP B 96 11.82 9.59 -15.83
N PRO B 97 10.57 9.46 -15.37
CA PRO B 97 9.85 10.65 -14.87
C PRO B 97 10.34 11.04 -13.48
N MET B 98 10.64 12.32 -13.31
CA MET B 98 11.25 12.79 -12.07
C MET B 98 10.97 14.28 -11.94
N ILE B 99 10.75 14.73 -10.70
CA ILE B 99 10.44 16.12 -10.40
C ILE B 99 11.41 16.62 -9.34
N LEU B 100 12.09 17.73 -9.63
CA LEU B 100 12.90 18.43 -8.64
C LEU B 100 12.17 19.72 -8.26
N ILE B 101 11.81 19.83 -6.98
CA ILE B 101 11.17 21.03 -6.45
C ILE B 101 12.21 21.77 -5.64
N GLY B 102 12.78 22.83 -6.21
CA GLY B 102 13.80 23.62 -5.54
C GLY B 102 13.22 24.93 -5.07
N GLY B 103 13.41 25.21 -3.79
CA GLY B 103 13.01 26.49 -3.24
C GLY B 103 13.84 27.63 -3.81
N ALA B 104 13.38 28.84 -3.54
CA ALA B 104 14.08 30.04 -4.00
C ALA B 104 13.94 31.12 -2.94
N ASN B 105 14.77 32.16 -3.07
CA ASN B 105 14.66 33.30 -2.18
C ASN B 105 13.36 34.04 -2.45
N ASP B 106 12.97 34.89 -1.49
CA ASP B 106 11.78 35.70 -1.65
C ASP B 106 11.90 36.57 -2.90
N SER B 107 10.81 36.63 -3.67
CA SER B 107 10.85 37.30 -4.97
C SER B 107 11.12 38.79 -4.83
N TYR B 108 10.72 39.39 -3.71
CA TYR B 108 10.99 40.81 -3.48
C TYR B 108 12.41 41.07 -2.98
N GLN B 109 13.31 40.09 -3.11
CA GLN B 109 14.71 40.26 -2.76
C GLN B 109 15.64 39.96 -3.92
N ASN B 110 15.11 39.67 -5.11
CA ASN B 110 15.96 39.38 -6.27
C ASN B 110 16.81 40.60 -6.61
N GLY B 111 18.07 40.34 -6.96
CA GLY B 111 19.02 41.38 -7.25
C GLY B 111 19.68 42.00 -6.04
N GLN B 112 19.17 41.75 -4.84
CA GLN B 112 19.74 42.30 -3.61
C GLN B 112 20.87 41.46 -3.06
N GLY B 113 21.10 40.25 -3.57
CA GLY B 113 22.03 39.33 -2.96
C GLY B 113 21.37 38.55 -1.86
N ALA B 114 20.18 38.02 -2.14
CA ALA B 114 19.39 37.32 -1.14
C ALA B 114 20.07 36.02 -0.73
N PHE B 115 19.51 35.38 0.30
CA PHE B 115 20.07 34.14 0.81
C PHE B 115 19.87 33.02 -0.21
N GLN B 116 20.99 32.44 -0.65
CA GLN B 116 20.99 31.31 -1.59
C GLN B 116 20.32 31.69 -2.92
N GLU B 117 20.46 32.95 -3.32
CA GLU B 117 19.99 33.38 -4.63
C GLU B 117 20.93 32.82 -5.70
N ALA B 118 20.35 32.21 -6.74
CA ALA B 118 21.14 31.52 -7.74
C ALA B 118 20.31 31.33 -9.00
N PRO B 119 20.95 31.23 -10.18
CA PRO B 119 20.20 30.97 -11.43
C PRO B 119 19.79 29.51 -11.54
N GLN B 120 18.79 29.13 -10.73
CA GLN B 120 18.42 27.73 -10.62
C GLN B 120 17.74 27.23 -11.90
N ILE B 121 16.94 28.09 -12.54
CA ILE B 121 16.28 27.70 -13.79
C ILE B 121 17.32 27.33 -14.84
N GLU B 122 18.34 28.18 -15.01
CA GLU B 122 19.37 27.91 -16.01
C GLU B 122 20.22 26.70 -15.64
N ALA B 123 20.34 26.39 -14.34
CA ALA B 123 21.14 25.24 -13.93
C ALA B 123 20.43 23.92 -14.19
N ALA B 124 19.10 23.90 -14.12
CA ALA B 124 18.33 22.70 -14.37
C ALA B 124 17.99 22.48 -15.84
N ARG B 125 17.97 23.55 -16.64
CA ARG B 125 17.47 23.45 -18.01
C ARG B 125 18.18 22.43 -18.88
N PRO B 126 19.51 22.29 -18.88
CA PRO B 126 20.15 21.34 -19.81
C PRO B 126 19.65 19.91 -19.66
N PHE B 127 19.03 19.55 -18.54
CA PHE B 127 18.55 18.19 -18.31
C PHE B 127 17.05 18.11 -18.11
N ALA B 128 16.33 19.22 -18.27
CA ALA B 128 14.91 19.29 -17.95
C ALA B 128 14.07 19.38 -19.21
N LYS B 129 12.95 18.67 -19.22
CA LYS B 129 11.94 18.85 -20.25
C LYS B 129 11.07 20.07 -19.99
N TYR B 130 11.07 20.60 -18.77
CA TYR B 130 10.15 21.66 -18.39
C TYR B 130 10.67 22.32 -17.12
N CYS B 131 11.03 23.61 -17.22
CA CYS B 131 11.36 24.45 -16.08
C CYS B 131 10.31 25.54 -15.96
N ALA B 132 9.87 25.80 -14.73
CA ALA B 132 8.83 26.81 -14.53
C ALA B 132 8.95 27.41 -13.14
N ARG B 133 8.80 28.73 -13.08
CA ARG B 133 8.68 29.46 -11.81
C ARG B 133 7.24 29.92 -11.68
N PRO B 134 6.41 29.24 -10.90
CA PRO B 134 4.99 29.61 -10.80
C PRO B 134 4.81 31.08 -10.43
N ASP B 135 3.91 31.74 -11.17
CA ASP B 135 3.77 33.19 -11.06
C ASP B 135 2.92 33.62 -9.88
N SER B 136 2.00 32.75 -9.43
CA SER B 136 1.06 33.13 -8.37
C SER B 136 0.60 31.88 -7.65
N LEU B 137 -0.08 32.10 -6.52
CA LEU B 137 -0.54 30.98 -5.70
C LEU B 137 -1.70 30.24 -6.36
N ALA B 138 -2.64 30.99 -6.95
CA ALA B 138 -3.83 30.36 -7.51
C ALA B 138 -3.49 29.40 -8.64
N ARG B 139 -2.41 29.66 -9.38
CA ARG B 139 -2.03 28.84 -10.51
C ARG B 139 -1.06 27.73 -10.15
N LEU B 140 -0.76 27.55 -8.86
CA LEU B 140 0.13 26.46 -8.45
C LEU B 140 -0.38 25.08 -8.90
N PRO B 141 -1.66 24.73 -8.74
CA PRO B 141 -2.11 23.42 -9.26
C PRO B 141 -1.96 23.29 -10.77
N PHE B 142 -1.96 24.41 -11.50
CA PHE B 142 -1.73 24.35 -12.94
C PHE B 142 -0.31 23.90 -13.25
N TYR B 143 0.68 24.51 -12.59
CA TYR B 143 2.06 24.15 -12.84
C TYR B 143 2.39 22.73 -12.37
N VAL B 144 1.76 22.29 -11.27
CA VAL B 144 2.03 20.94 -10.78
C VAL B 144 1.50 19.90 -11.75
N GLU B 145 0.28 20.10 -12.27
CA GLU B 145 -0.25 19.16 -13.25
C GLU B 145 0.56 19.21 -14.54
N GLN B 146 0.98 20.40 -14.96
CA GLN B 146 1.78 20.51 -16.17
C GLN B 146 3.16 19.88 -15.99
N ALA B 147 3.70 19.92 -14.78
CA ALA B 147 5.00 19.30 -14.54
C ALA B 147 4.91 17.78 -14.56
N VAL B 148 3.91 17.22 -13.86
CA VAL B 148 3.75 15.77 -13.83
C VAL B 148 3.44 15.23 -15.22
N ARG B 149 2.52 15.90 -15.92
CA ARG B 149 2.11 15.44 -17.25
C ARG B 149 3.27 15.48 -18.24
N THR B 150 4.07 16.55 -18.20
CA THR B 150 5.23 16.64 -19.08
C THR B 150 6.30 15.61 -18.75
N SER B 151 6.36 15.14 -17.49
CA SER B 151 7.39 14.18 -17.11
C SER B 151 7.05 12.77 -17.55
N ILE B 152 5.77 12.44 -17.70
CA ILE B 152 5.36 11.08 -18.02
C ILE B 152 4.87 10.93 -19.46
N TYR B 153 4.52 12.01 -20.14
CA TYR B 153 4.04 11.92 -21.51
C TYR B 153 5.21 11.92 -22.49
N GLY B 154 5.00 11.25 -23.62
CA GLY B 154 6.08 11.12 -24.59
C GLY B 154 7.24 10.32 -24.02
N ARG B 155 8.45 10.70 -24.38
CA ARG B 155 9.63 10.12 -23.75
C ARG B 155 9.75 10.69 -22.34
N PRO B 156 9.71 9.85 -21.30
CA PRO B 156 9.75 10.38 -19.92
C PRO B 156 11.04 11.13 -19.65
N GLY B 157 10.95 12.12 -18.76
CA GLY B 157 12.10 12.92 -18.41
C GLY B 157 11.89 13.60 -17.08
N ALA B 158 12.80 14.53 -16.77
CA ALA B 158 12.79 15.26 -15.51
C ALA B 158 12.33 16.70 -15.73
N VAL B 159 11.61 17.23 -14.76
CA VAL B 159 11.13 18.61 -14.79
C VAL B 159 11.57 19.30 -13.51
N TYR B 160 11.47 20.63 -13.51
CA TYR B 160 11.91 21.43 -12.38
C TYR B 160 10.95 22.59 -12.15
N LEU B 161 10.60 22.80 -10.88
CA LEU B 161 9.72 23.90 -10.47
C LEU B 161 10.48 24.80 -9.50
N ASP B 162 10.53 26.09 -9.83
CA ASP B 162 11.24 27.08 -9.02
C ASP B 162 10.23 27.78 -8.12
N LEU B 163 10.23 27.42 -6.84
CA LEU B 163 9.25 27.94 -5.88
C LEU B 163 9.86 28.98 -4.96
N PRO B 164 9.59 30.27 -5.18
CA PRO B 164 10.08 31.28 -4.24
C PRO B 164 9.46 31.12 -2.87
N GLY B 165 10.15 31.64 -1.86
CA GLY B 165 9.69 31.46 -0.49
C GLY B 165 8.35 32.11 -0.22
N ASP B 166 8.11 33.27 -0.83
CA ASP B 166 6.85 33.98 -0.60
C ASP B 166 5.67 33.25 -1.25
N ILE B 167 5.91 32.55 -2.36
CA ILE B 167 4.87 31.70 -2.93
C ILE B 167 4.57 30.55 -1.98
N ILE B 168 5.60 30.04 -1.29
CA ILE B 168 5.40 28.93 -0.37
C ILE B 168 4.65 29.37 0.88
N THR B 169 5.03 30.52 1.45
CA THR B 169 4.45 30.97 2.70
C THR B 169 3.16 31.75 2.52
N GLY B 170 2.86 32.24 1.31
CA GLY B 170 1.64 32.97 1.10
C GLY B 170 0.40 32.12 1.28
N ALA B 171 -0.73 32.79 1.51
CA ALA B 171 -1.99 32.10 1.74
C ALA B 171 -3.11 32.83 1.00
N MET B 172 -4.20 32.09 0.76
CA MET B 172 -5.37 32.65 0.10
C MET B 172 -6.56 31.77 0.43
N GLU B 173 -7.74 32.21 0.00
CA GLU B 173 -8.96 31.46 0.23
C GLU B 173 -8.90 30.10 -0.44
N GLU B 174 -9.24 29.05 0.31
CA GLU B 174 -9.10 27.69 -0.20
C GLU B 174 -10.07 27.42 -1.35
N GLU B 175 -11.31 27.88 -1.22
CA GLU B 175 -12.32 27.60 -2.24
C GLU B 175 -12.07 28.35 -3.55
N ASP B 176 -11.10 29.27 -3.58
CA ASP B 176 -10.77 30.01 -4.78
C ASP B 176 -9.64 29.36 -5.60
N VAL B 177 -9.10 28.25 -5.12
CA VAL B 177 -8.03 27.53 -5.81
C VAL B 177 -8.64 26.34 -6.54
N HIS B 178 -8.41 26.27 -7.85
CA HIS B 178 -8.95 25.19 -8.68
C HIS B 178 -7.88 24.13 -8.90
N PHE B 179 -8.21 22.88 -8.55
CA PHE B 179 -7.29 21.77 -8.73
C PHE B 179 -7.71 20.99 -9.97
N PRO B 180 -6.90 20.95 -11.03
CA PRO B 180 -7.26 20.12 -12.18
C PRO B 180 -7.23 18.65 -11.80
N PRO B 181 -8.06 17.82 -12.44
CA PRO B 181 -8.12 16.41 -12.08
C PRO B 181 -6.81 15.70 -12.43
N ARG B 182 -6.66 14.50 -11.86
CA ARG B 182 -5.47 13.69 -12.10
C ARG B 182 -5.32 13.43 -13.59
N CYS B 183 -4.20 13.87 -14.15
CA CYS B 183 -3.99 13.72 -15.58
C CYS B 183 -3.94 12.24 -15.94
N PRO B 184 -4.51 11.85 -17.09
CA PRO B 184 -4.56 10.43 -17.44
C PRO B 184 -3.17 9.83 -17.61
N ASP B 185 -3.12 8.51 -17.56
CA ASP B 185 -1.87 7.81 -17.78
C ASP B 185 -1.30 8.13 -19.16
N ALA B 186 0.00 7.91 -19.31
CA ALA B 186 0.70 8.25 -20.54
C ALA B 186 0.01 7.63 -21.75
N PRO B 187 -0.45 8.42 -22.71
CA PRO B 187 -1.19 7.86 -23.84
C PRO B 187 -0.31 6.93 -24.67
N ARG B 188 -0.89 5.80 -25.07
CA ARG B 188 -0.19 4.80 -25.85
C ARG B 188 -0.29 5.13 -27.34
N MET B 189 0.83 5.08 -28.04
CA MET B 189 0.84 5.23 -29.49
C MET B 189 0.99 3.86 -30.14
N MET B 190 0.35 3.72 -31.30
CA MET B 190 0.41 2.47 -32.07
C MET B 190 1.08 2.72 -33.41
N ALA B 191 1.70 1.66 -33.93
CA ALA B 191 2.36 1.72 -35.23
C ALA B 191 1.36 1.35 -36.34
N PRO B 192 1.58 1.86 -37.55
CA PRO B 192 0.70 1.49 -38.66
C PRO B 192 0.74 -0.01 -38.93
N GLN B 193 -0.38 -0.52 -39.44
CA GLN B 193 -0.49 -1.96 -39.69
C GLN B 193 0.56 -2.44 -40.69
N GLU B 194 0.94 -1.57 -41.64
CA GLU B 194 1.98 -1.95 -42.59
C GLU B 194 3.33 -2.14 -41.91
N SER B 195 3.60 -1.36 -40.86
CA SER B 195 4.85 -1.51 -40.12
C SER B 195 4.90 -2.82 -39.35
N ILE B 196 3.74 -3.27 -38.85
CA ILE B 196 3.69 -4.56 -38.15
C ILE B 196 3.99 -5.69 -39.12
N ASP B 197 3.41 -5.64 -40.32
CA ASP B 197 3.62 -6.70 -41.30
C ASP B 197 5.05 -6.67 -41.85
N ALA B 198 5.64 -5.49 -41.97
CA ALA B 198 7.02 -5.40 -42.44
C ALA B 198 7.99 -5.94 -41.39
N ALA B 199 7.70 -5.70 -40.11
CA ALA B 199 8.53 -6.27 -39.05
C ALA B 199 8.41 -7.79 -39.01
N MET B 200 7.19 -8.30 -39.22
CA MET B 200 7.01 -9.75 -39.27
C MET B 200 7.72 -10.34 -40.48
N ALA B 201 7.70 -9.64 -41.61
CA ALA B 201 8.40 -10.13 -42.79
C ALA B 201 9.90 -10.23 -42.55
N ALA B 202 10.49 -9.19 -41.93
CA ALA B 202 11.92 -9.22 -41.66
C ALA B 202 12.28 -10.30 -40.65
N LEU B 203 11.42 -10.53 -39.66
CA LEU B 203 11.68 -11.59 -38.70
C LEU B 203 11.53 -12.97 -39.33
N LYS B 204 10.54 -13.13 -40.22
CA LYS B 204 10.36 -14.41 -40.89
C LYS B 204 11.49 -14.66 -41.89
N SER B 205 11.98 -13.62 -42.55
CA SER B 205 13.06 -13.75 -43.51
C SER B 205 14.44 -13.74 -42.86
N ALA B 206 14.51 -13.65 -41.54
CA ALA B 206 15.79 -13.52 -40.85
C ALA B 206 16.48 -14.88 -40.76
N GLU B 207 17.73 -14.93 -41.23
CA GLU B 207 18.53 -16.15 -41.06
C GLU B 207 18.95 -16.32 -39.61
N ARG B 208 19.39 -15.23 -38.97
CA ARG B 208 19.91 -15.27 -37.60
C ARG B 208 19.30 -14.13 -36.81
N PRO B 209 18.05 -14.29 -36.38
CA PRO B 209 17.37 -13.18 -35.69
C PRO B 209 17.82 -13.06 -34.24
N LEU B 210 17.51 -11.90 -33.67
CA LEU B 210 17.87 -11.60 -32.29
C LEU B 210 16.94 -10.53 -31.76
N VAL B 211 16.38 -10.75 -30.58
CA VAL B 211 15.48 -9.80 -29.92
C VAL B 211 16.22 -9.18 -28.75
N ILE B 212 16.37 -7.86 -28.76
CA ILE B 212 17.02 -7.15 -27.66
C ILE B 212 15.92 -6.50 -26.83
N VAL B 213 15.66 -7.07 -25.65
CA VAL B 213 14.66 -6.56 -24.73
C VAL B 213 15.33 -5.58 -23.79
N GLY B 214 14.95 -4.31 -23.87
CA GLY B 214 15.52 -3.27 -23.06
C GLY B 214 14.60 -2.84 -21.92
N LYS B 215 15.13 -1.94 -21.08
CA LYS B 215 14.35 -1.45 -19.95
C LYS B 215 13.24 -0.50 -20.38
N GLY B 216 13.29 0.01 -21.61
CA GLY B 216 12.15 0.76 -22.13
C GLY B 216 10.89 -0.09 -22.19
N ALA B 217 11.04 -1.39 -22.48
CA ALA B 217 9.90 -2.29 -22.42
C ALA B 217 9.49 -2.56 -20.98
N ALA B 218 10.46 -2.62 -20.06
CA ALA B 218 10.14 -2.81 -18.66
C ALA B 218 9.37 -1.63 -18.10
N TYR B 219 9.81 -0.40 -18.42
CA TYR B 219 9.06 0.77 -17.99
C TYR B 219 7.69 0.83 -18.64
N SER B 220 7.57 0.36 -19.88
CA SER B 220 6.27 0.29 -20.54
C SER B 220 5.33 -0.70 -19.87
N ARG B 221 5.85 -1.56 -19.00
CA ARG B 221 5.06 -2.56 -18.27
C ARG B 221 4.33 -3.48 -19.25
N ALA B 222 5.11 -4.11 -20.12
CA ALA B 222 4.61 -5.01 -21.15
C ALA B 222 5.16 -6.42 -20.98
N GLU B 223 5.44 -6.83 -19.74
CA GLU B 223 6.01 -8.15 -19.49
C GLU B 223 5.04 -9.25 -19.92
N ASN B 224 3.74 -9.05 -19.68
CA ASN B 224 2.76 -10.05 -20.09
C ASN B 224 2.67 -10.18 -21.60
N GLU B 225 2.94 -9.08 -22.32
CA GLU B 225 2.86 -9.11 -23.78
C GLU B 225 4.16 -9.57 -24.42
N VAL B 226 5.31 -9.28 -23.80
CA VAL B 226 6.58 -9.75 -24.35
C VAL B 226 6.72 -11.25 -24.17
N ARG B 227 6.22 -11.79 -23.04
CA ARG B 227 6.28 -13.23 -22.83
C ARG B 227 5.38 -13.98 -23.79
N GLU B 228 4.18 -13.43 -24.08
CA GLU B 228 3.31 -14.04 -25.07
C GLU B 228 3.94 -14.00 -26.46
N PHE B 229 4.76 -12.98 -26.73
CA PHE B 229 5.40 -12.86 -28.04
C PHE B 229 6.51 -13.89 -28.19
N LEU B 230 7.50 -13.86 -27.30
CA LEU B 230 8.68 -14.72 -27.45
C LEU B 230 8.31 -16.19 -27.31
N GLU B 231 7.40 -16.52 -26.39
CA GLU B 231 6.98 -17.92 -26.25
C GLU B 231 6.30 -18.42 -27.52
N THR B 232 5.61 -17.54 -28.24
CA THR B 232 4.95 -17.95 -29.48
C THR B 232 5.95 -18.14 -30.61
N THR B 233 6.81 -17.15 -30.83
CA THR B 233 7.73 -17.19 -31.97
C THR B 233 9.01 -17.96 -31.67
N GLN B 234 9.32 -18.19 -30.40
CA GLN B 234 10.53 -18.92 -29.98
C GLN B 234 11.80 -18.27 -30.52
N LEU B 235 11.80 -16.94 -30.60
CA LEU B 235 12.98 -16.21 -31.05
C LEU B 235 14.01 -16.12 -29.92
N PRO B 236 15.31 -16.21 -30.25
CA PRO B 236 16.32 -15.98 -29.21
C PRO B 236 16.39 -14.51 -28.86
N TYR B 237 16.48 -14.24 -27.55
CA TYR B 237 16.44 -12.88 -27.06
C TYR B 237 17.61 -12.61 -26.13
N LEU B 238 18.05 -11.35 -26.12
CA LEU B 238 19.08 -10.85 -25.21
C LEU B 238 18.52 -9.66 -24.46
N ALA B 239 18.54 -9.74 -23.13
CA ALA B 239 18.01 -8.69 -22.28
C ALA B 239 19.11 -7.75 -21.84
N SER B 240 18.81 -6.45 -21.86
CA SER B 240 19.74 -5.45 -21.35
C SER B 240 19.89 -5.61 -19.84
N PRO B 241 20.90 -4.97 -19.24
CA PRO B 241 21.06 -5.09 -17.78
C PRO B 241 19.79 -4.80 -16.99
N MET B 242 19.09 -3.71 -17.30
CA MET B 242 17.82 -3.42 -16.64
C MET B 242 16.62 -3.98 -17.40
N GLY B 243 16.83 -4.53 -18.59
CA GLY B 243 15.79 -5.26 -19.28
C GLY B 243 15.54 -6.65 -18.75
N LYS B 244 16.39 -7.13 -17.84
CA LYS B 244 16.19 -8.43 -17.23
C LYS B 244 14.94 -8.42 -16.36
N GLY B 245 14.25 -9.55 -16.32
CA GLY B 245 13.01 -9.71 -15.59
C GLY B 245 11.78 -9.68 -16.46
N VAL B 246 11.82 -8.94 -17.58
CA VAL B 246 10.72 -8.97 -18.54
C VAL B 246 10.46 -10.41 -18.97
N MET B 247 11.53 -11.15 -19.26
CA MET B 247 11.52 -12.59 -19.37
C MET B 247 12.36 -13.19 -18.25
N PRO B 248 11.92 -14.29 -17.63
CA PRO B 248 12.73 -14.90 -16.57
C PRO B 248 14.09 -15.32 -17.12
N ASP B 249 15.14 -15.01 -16.36
CA ASP B 249 16.49 -15.24 -16.85
C ASP B 249 16.79 -16.72 -17.10
N ASP B 250 16.02 -17.63 -16.52
CA ASP B 250 16.18 -19.05 -16.76
C ASP B 250 15.41 -19.54 -17.98
N HIS B 251 14.86 -18.63 -18.77
CA HIS B 251 14.11 -19.03 -19.95
C HIS B 251 15.05 -19.62 -21.00
N PRO B 252 14.68 -20.73 -21.63
CA PRO B 252 15.57 -21.33 -22.65
C PRO B 252 15.84 -20.42 -23.83
N LEU B 253 14.96 -19.48 -24.14
CA LEU B 253 15.16 -18.57 -25.27
C LEU B 253 16.26 -17.54 -25.02
N SER B 254 16.81 -17.49 -23.81
CA SER B 254 17.82 -16.49 -23.48
C SER B 254 19.19 -16.91 -24.03
N ILE B 255 19.85 -15.99 -24.70
CA ILE B 255 21.20 -16.20 -25.22
C ILE B 255 22.20 -15.28 -24.52
N ALA B 256 21.83 -14.74 -23.36
CA ALA B 256 22.71 -13.82 -22.65
C ALA B 256 24.10 -14.37 -22.36
N PRO B 257 24.29 -15.65 -21.99
CA PRO B 257 25.66 -16.15 -21.81
C PRO B 257 26.53 -16.02 -23.05
N ALA B 258 25.93 -15.91 -24.24
CA ALA B 258 26.70 -15.66 -25.45
C ALA B 258 26.28 -14.34 -26.08
N ARG B 259 26.36 -13.26 -25.30
CA ARG B 259 25.95 -11.94 -25.79
C ARG B 259 26.82 -11.49 -26.95
N SER B 260 28.14 -11.51 -26.76
CA SER B 260 29.07 -11.03 -27.78
C SER B 260 29.01 -11.86 -29.06
N ALA B 261 28.40 -13.04 -29.02
CA ALA B 261 28.31 -13.87 -30.22
C ALA B 261 27.10 -13.50 -31.06
N ALA B 262 25.93 -13.34 -30.44
CA ALA B 262 24.72 -13.04 -31.20
C ALA B 262 24.78 -11.64 -31.81
N LEU B 263 25.25 -10.66 -31.04
CA LEU B 263 25.39 -9.31 -31.58
C LEU B 263 26.34 -9.27 -32.78
N LEU B 264 27.32 -10.16 -32.80
CA LEU B 264 28.28 -10.21 -33.90
C LEU B 264 27.67 -10.83 -35.15
N GLY B 265 26.78 -11.81 -35.00
CA GLY B 265 26.25 -12.51 -36.17
C GLY B 265 24.73 -12.55 -36.25
N ALA B 266 24.08 -11.42 -36.04
CA ALA B 266 22.63 -11.31 -36.17
C ALA B 266 22.30 -10.49 -37.41
N ASP B 267 21.63 -11.11 -38.37
CA ASP B 267 21.27 -10.40 -39.60
C ASP B 267 20.09 -9.48 -39.41
N VAL B 268 19.18 -9.81 -38.49
CA VAL B 268 18.02 -8.99 -38.19
C VAL B 268 17.87 -8.91 -36.68
N ILE B 269 17.78 -7.70 -36.14
CA ILE B 269 17.69 -7.46 -34.71
C ILE B 269 16.43 -6.65 -34.43
N LEU B 270 15.72 -7.02 -33.36
CA LEU B 270 14.50 -6.34 -32.94
C LEU B 270 14.79 -5.62 -31.62
N LEU B 271 14.76 -4.29 -31.67
CA LEU B 271 15.01 -3.46 -30.50
C LEU B 271 13.67 -3.16 -29.81
N MET B 272 13.44 -3.78 -28.67
CA MET B 272 12.20 -3.64 -27.91
C MET B 272 12.47 -2.73 -26.72
N GLY B 273 12.24 -1.43 -26.93
CA GLY B 273 12.54 -0.47 -25.89
C GLY B 273 14.01 -0.35 -25.56
N ALA B 274 14.88 -0.81 -26.47
CA ALA B 274 16.33 -0.77 -26.26
C ALA B 274 16.94 0.29 -27.18
N ARG B 275 17.90 1.02 -26.63
CA ARG B 275 18.57 2.10 -27.35
C ARG B 275 19.92 1.62 -27.86
N LEU B 276 20.25 1.96 -29.10
CA LEU B 276 21.51 1.55 -29.72
C LEU B 276 22.63 2.52 -29.31
N ASN B 277 22.84 2.62 -28.01
CA ASN B 277 23.77 3.56 -27.41
C ASN B 277 25.11 2.88 -27.14
N TRP B 278 25.87 3.43 -26.18
CA TRP B 278 27.17 2.84 -25.84
C TRP B 278 27.02 1.43 -25.29
N MET B 279 25.90 1.13 -24.63
CA MET B 279 25.67 -0.22 -24.12
C MET B 279 25.68 -1.24 -25.25
N MET B 280 25.04 -0.92 -26.37
CA MET B 280 25.02 -1.79 -27.53
C MET B 280 26.13 -1.48 -28.52
N HIS B 281 27.19 -0.79 -28.07
CA HIS B 281 28.34 -0.48 -28.90
C HIS B 281 27.95 0.25 -30.18
N PHE B 282 26.92 1.07 -30.11
CA PHE B 282 26.41 1.89 -31.21
C PHE B 282 25.87 1.05 -32.38
N GLY B 283 25.75 -0.26 -32.21
CA GLY B 283 25.30 -1.11 -33.28
C GLY B 283 26.26 -1.20 -34.45
N HIS B 284 27.51 -0.81 -34.27
CA HIS B 284 28.53 -0.81 -35.30
C HIS B 284 29.46 -2.00 -35.14
N PRO B 285 30.16 -2.39 -36.20
CA PRO B 285 31.26 -3.34 -36.06
C PRO B 285 32.35 -2.77 -35.17
N PRO B 286 33.26 -3.62 -34.65
CA PRO B 286 33.44 -5.05 -34.91
C PRO B 286 32.45 -5.94 -34.15
N ARG B 287 31.62 -5.38 -33.28
CA ARG B 287 30.69 -6.18 -32.49
C ARG B 287 29.32 -6.34 -33.14
N PHE B 288 29.16 -5.87 -34.38
CA PHE B 288 27.88 -5.96 -35.08
C PHE B 288 28.11 -6.29 -36.55
N ASP B 289 27.08 -6.84 -37.16
CA ASP B 289 27.07 -7.06 -38.61
C ASP B 289 27.08 -5.71 -39.31
N PRO B 290 28.05 -5.43 -40.18
CA PRO B 290 28.08 -4.14 -40.88
C PRO B 290 26.84 -3.85 -41.72
N LYS B 291 25.98 -4.83 -41.95
CA LYS B 291 24.75 -4.65 -42.72
C LYS B 291 23.56 -5.20 -41.96
N VAL B 292 23.56 -5.00 -40.64
CA VAL B 292 22.47 -5.52 -39.80
C VAL B 292 21.20 -4.70 -40.06
N ARG B 293 20.07 -5.40 -40.17
CA ARG B 293 18.79 -4.77 -40.39
C ARG B 293 18.06 -4.66 -39.06
N VAL B 294 17.54 -3.46 -38.76
CA VAL B 294 17.04 -3.13 -37.44
C VAL B 294 15.54 -2.87 -37.50
N ILE B 295 14.80 -3.50 -36.60
CA ILE B 295 13.40 -3.20 -36.34
C ILE B 295 13.35 -2.50 -34.99
N GLN B 296 13.22 -1.19 -35.00
CA GLN B 296 13.34 -0.38 -33.78
C GLN B 296 11.96 -0.07 -33.23
N MET B 297 11.78 -0.29 -31.93
CA MET B 297 10.53 -0.05 -31.22
C MET B 297 10.81 0.91 -30.07
N ASP B 298 10.46 2.18 -30.25
CA ASP B 298 10.73 3.20 -29.25
C ASP B 298 9.61 4.23 -29.29
N ILE B 299 9.39 4.90 -28.16
CA ILE B 299 8.34 5.91 -28.10
C ILE B 299 8.82 7.24 -28.65
N SER B 300 10.12 7.52 -28.55
CA SER B 300 10.68 8.77 -29.04
C SER B 300 10.95 8.65 -30.54
N ALA B 301 10.27 9.49 -31.34
CA ALA B 301 10.48 9.46 -32.78
C ALA B 301 11.87 9.96 -33.15
N GLU B 302 12.41 10.93 -32.41
CA GLU B 302 13.76 11.43 -32.68
C GLU B 302 14.82 10.37 -32.45
N GLU B 303 14.55 9.37 -31.60
CA GLU B 303 15.53 8.34 -31.33
C GLU B 303 15.68 7.38 -32.50
N ILE B 304 14.64 7.24 -33.32
CA ILE B 304 14.66 6.26 -34.41
C ILE B 304 15.72 6.64 -35.43
N GLY B 305 16.48 5.66 -35.89
CA GLY B 305 17.51 5.89 -36.87
C GLY B 305 18.84 6.35 -36.33
N THR B 306 19.00 6.40 -35.01
CA THR B 306 20.26 6.83 -34.42
C THR B 306 21.34 5.76 -34.62
N ASN B 307 22.54 6.22 -35.00
CA ASN B 307 23.71 5.37 -35.19
C ASN B 307 23.57 4.42 -36.38
N VAL B 308 22.50 3.63 -36.39
CA VAL B 308 22.31 2.59 -37.40
C VAL B 308 20.97 2.82 -38.09
N PRO B 309 20.90 2.70 -39.43
CA PRO B 309 19.62 2.88 -40.11
C PRO B 309 18.57 1.87 -39.65
N THR B 310 17.35 2.35 -39.46
CA THR B 310 16.24 1.53 -39.00
C THR B 310 15.35 1.18 -40.18
N GLU B 311 15.20 -0.11 -40.46
CA GLU B 311 14.38 -0.54 -41.59
C GLU B 311 12.89 -0.43 -41.27
N VAL B 312 12.47 -0.96 -40.14
CA VAL B 312 11.08 -0.90 -39.70
C VAL B 312 11.04 -0.06 -38.43
N ALA B 313 10.41 1.10 -38.50
CA ALA B 313 10.33 2.03 -37.39
C ALA B 313 8.99 1.84 -36.68
N LEU B 314 9.03 1.22 -35.50
CA LEU B 314 7.83 1.02 -34.68
C LEU B 314 7.82 2.09 -33.59
N VAL B 315 7.37 3.29 -33.97
CA VAL B 315 7.33 4.43 -33.07
C VAL B 315 6.05 4.38 -32.27
N GLY B 316 6.17 4.33 -30.95
CA GLY B 316 5.02 4.28 -30.07
C GLY B 316 5.36 3.53 -28.80
N ASP B 317 4.31 3.27 -28.01
CA ASP B 317 4.49 2.58 -26.75
C ASP B 317 4.78 1.10 -26.99
N ALA B 318 5.69 0.54 -26.17
CA ALA B 318 6.13 -0.83 -26.37
C ALA B 318 5.05 -1.84 -26.04
N LYS B 319 4.13 -1.50 -25.13
CA LYS B 319 3.06 -2.43 -24.79
C LYS B 319 1.98 -2.46 -25.86
N ALA B 320 1.66 -1.31 -26.45
CA ALA B 320 0.64 -1.27 -27.49
C ALA B 320 1.16 -1.89 -28.79
N ILE B 321 2.42 -1.66 -29.12
CA ILE B 321 2.98 -2.20 -30.36
C ILE B 321 3.17 -3.71 -30.24
N THR B 322 3.69 -4.18 -29.11
CA THR B 322 3.83 -5.62 -28.91
C THR B 322 2.47 -6.32 -28.95
N THR B 323 1.41 -5.65 -28.48
CA THR B 323 0.08 -6.21 -28.58
C THR B 323 -0.33 -6.40 -30.04
N GLN B 324 0.03 -5.44 -30.90
CA GLN B 324 -0.24 -5.59 -32.33
C GLN B 324 0.52 -6.79 -32.90
N LEU B 325 1.75 -6.99 -32.44
CA LEU B 325 2.55 -8.11 -32.92
C LEU B 325 1.90 -9.44 -32.52
N ASN B 326 1.44 -9.55 -31.27
CA ASN B 326 0.80 -10.78 -30.83
C ASN B 326 -0.51 -11.03 -31.57
N ALA B 327 -1.30 -9.97 -31.80
CA ALA B 327 -2.54 -10.13 -32.55
C ALA B 327 -2.25 -10.58 -33.98
N SER B 328 -1.14 -10.12 -34.56
CA SER B 328 -0.77 -10.57 -35.90
C SER B 328 -0.26 -12.00 -35.88
N LEU B 329 0.45 -12.38 -34.82
CA LEU B 329 1.04 -13.71 -34.75
C LEU B 329 -0.03 -14.80 -34.59
N LYS B 330 -1.07 -14.52 -33.82
CA LYS B 330 -2.12 -15.52 -33.63
C LYS B 330 -3.04 -15.64 -34.85
N GLN B 331 -3.06 -14.65 -35.73
CA GLN B 331 -3.76 -14.78 -36.99
C GLN B 331 -2.87 -15.26 -38.13
N GLN B 332 -1.55 -15.17 -37.95
CA GLN B 332 -0.57 -15.70 -38.90
C GLN B 332 0.51 -16.41 -38.11
N PRO B 333 0.27 -17.65 -37.71
CA PRO B 333 1.22 -18.35 -36.83
C PRO B 333 2.57 -18.54 -37.49
N TRP B 334 3.62 -18.12 -36.78
CA TRP B 334 4.99 -18.32 -37.23
C TRP B 334 5.89 -18.52 -36.02
N GLN B 335 6.78 -19.50 -36.12
CA GLN B 335 7.73 -19.81 -35.07
C GLN B 335 9.11 -20.01 -35.68
N TYR B 336 10.12 -19.43 -35.05
CA TYR B 336 11.50 -19.67 -35.47
C TYR B 336 11.84 -21.14 -35.21
N PRO B 337 12.39 -21.85 -36.20
CA PRO B 337 12.61 -23.28 -36.04
C PRO B 337 13.54 -23.59 -34.86
N SER B 338 13.15 -24.61 -34.08
CA SER B 338 13.91 -24.96 -32.89
C SER B 338 15.29 -25.52 -33.24
N GLU B 339 15.43 -26.13 -34.41
CA GLU B 339 16.69 -26.69 -34.87
C GLU B 339 17.21 -25.84 -36.01
N THR B 340 18.22 -25.03 -35.74
CA THR B 340 18.80 -24.13 -36.72
C THR B 340 20.31 -24.09 -36.53
N THR B 341 21.03 -23.82 -37.61
CA THR B 341 22.46 -23.57 -37.50
C THR B 341 22.74 -22.37 -36.60
N TRP B 342 21.80 -21.43 -36.54
CA TRP B 342 21.94 -20.29 -35.64
C TRP B 342 21.69 -20.70 -34.19
N TRP B 343 20.73 -21.60 -33.95
CA TRP B 343 20.46 -22.06 -32.60
C TRP B 343 21.62 -22.90 -32.06
N THR B 344 22.19 -23.77 -32.91
CA THR B 344 23.25 -24.66 -32.47
C THR B 344 24.59 -23.96 -32.27
N GLY B 345 24.74 -22.74 -32.79
CA GLY B 345 25.98 -22.00 -32.61
C GLY B 345 26.01 -21.25 -31.30
N LEU B 346 24.91 -20.57 -30.98
CA LEU B 346 24.85 -19.85 -29.71
C LEU B 346 24.78 -20.81 -28.53
N ARG B 347 24.04 -21.91 -28.68
CA ARG B 347 23.87 -22.84 -27.57
C ARG B 347 25.20 -23.46 -27.16
N LYS B 348 26.09 -23.71 -28.13
CA LYS B 348 27.42 -24.22 -27.81
C LYS B 348 28.20 -23.22 -26.98
N LYS B 349 28.18 -21.94 -27.39
CA LYS B 349 28.86 -20.91 -26.62
C LYS B 349 28.23 -20.71 -25.25
N ILE B 350 26.91 -20.88 -25.14
CA ILE B 350 26.26 -20.79 -23.84
C ILE B 350 26.74 -21.91 -22.93
N ASP B 351 26.85 -23.13 -23.45
CA ASP B 351 27.36 -24.24 -22.65
C ASP B 351 28.84 -24.08 -22.38
N GLU B 352 29.60 -23.54 -23.33
CA GLU B 352 31.04 -23.35 -23.14
C GLU B 352 31.31 -22.25 -22.12
N ASN B 353 30.56 -21.14 -22.19
CA ASN B 353 30.73 -20.08 -21.21
C ASN B 353 30.27 -20.52 -19.83
N GLY B 354 29.16 -21.27 -19.77
CA GLY B 354 28.67 -21.74 -18.48
C GLY B 354 29.62 -22.69 -17.79
N ALA B 355 30.42 -23.43 -18.56
CA ALA B 355 31.39 -24.33 -17.96
C ALA B 355 32.50 -23.54 -17.25
N THR B 356 32.98 -22.47 -17.88
CA THR B 356 34.01 -21.65 -17.25
C THR B 356 33.47 -20.89 -16.04
N VAL B 357 32.17 -20.57 -16.04
CA VAL B 357 31.58 -19.91 -14.89
C VAL B 357 31.58 -20.83 -13.67
N ALA B 358 31.18 -22.10 -13.87
CA ALA B 358 31.16 -23.04 -12.76
C ALA B 358 32.56 -23.30 -12.21
N GLU B 359 33.55 -23.39 -13.10
CA GLU B 359 34.93 -23.60 -12.65
C GLU B 359 35.51 -22.38 -11.97
N MET B 360 34.85 -21.23 -12.04
CA MET B 360 35.29 -20.04 -11.32
C MET B 360 34.58 -19.84 -9.99
N MET B 361 33.31 -20.26 -9.88
CA MET B 361 32.58 -20.16 -8.63
C MET B 361 32.97 -21.26 -7.64
N ALA B 362 33.65 -22.30 -8.10
CA ALA B 362 34.18 -23.33 -7.20
C ALA B 362 35.52 -22.95 -6.60
N ASP B 363 36.04 -21.76 -6.92
CA ASP B 363 37.31 -21.30 -6.36
C ASP B 363 37.12 -20.97 -4.88
N GLU B 364 37.93 -21.58 -4.03
CA GLU B 364 37.86 -21.39 -2.58
C GLU B 364 39.05 -20.62 -2.03
N SER B 365 39.90 -20.08 -2.89
CA SER B 365 41.11 -19.42 -2.43
C SER B 365 40.77 -18.12 -1.70
N VAL B 366 41.64 -17.76 -0.75
CA VAL B 366 41.53 -16.53 0.01
C VAL B 366 42.75 -15.68 -0.32
N PRO B 367 42.60 -14.40 -0.69
CA PRO B 367 41.35 -13.62 -0.79
C PRO B 367 40.41 -14.13 -1.88
N MET B 368 39.10 -13.98 -1.67
CA MET B 368 38.10 -14.55 -2.55
C MET B 368 38.01 -13.77 -3.86
N SER B 369 37.21 -14.29 -4.77
CA SER B 369 36.96 -13.68 -6.07
C SER B 369 35.49 -13.26 -6.17
N TYR B 370 35.18 -12.52 -7.23
CA TYR B 370 33.80 -12.07 -7.45
C TYR B 370 32.86 -13.27 -7.57
N TYR B 371 33.27 -14.30 -8.30
CA TYR B 371 32.37 -15.40 -8.61
C TYR B 371 32.05 -16.24 -7.38
N ARG B 372 33.05 -16.46 -6.52
CA ARG B 372 32.81 -17.19 -5.27
C ARG B 372 31.83 -16.44 -4.38
N VAL B 373 32.03 -15.13 -4.24
CA VAL B 373 31.16 -14.33 -3.37
C VAL B 373 29.74 -14.30 -3.91
N TYR B 374 29.58 -14.08 -5.22
CA TYR B 374 28.25 -14.03 -5.81
C TYR B 374 27.54 -15.37 -5.79
N ARG B 375 28.27 -16.48 -5.61
CA ARG B 375 27.62 -17.78 -5.57
C ARG B 375 26.73 -17.92 -4.34
N GLU B 376 27.21 -17.47 -3.19
CA GLU B 376 26.41 -17.53 -1.97
C GLU B 376 25.28 -16.50 -2.01
N ILE B 377 25.56 -15.32 -2.56
CA ILE B 377 24.51 -14.31 -2.66
C ILE B 377 23.39 -14.78 -3.59
N ARG B 378 23.76 -15.47 -4.67
CA ARG B 378 22.76 -16.00 -5.59
C ARG B 378 21.89 -17.04 -4.91
N ASP B 379 22.47 -17.85 -4.03
CA ASP B 379 21.75 -18.93 -3.37
C ASP B 379 20.81 -18.43 -2.27
N LEU B 380 20.86 -17.15 -1.93
CA LEU B 380 20.07 -16.61 -0.82
C LEU B 380 19.11 -15.50 -1.22
N ILE B 381 19.10 -15.09 -2.48
CA ILE B 381 18.17 -14.06 -2.95
C ILE B 381 16.94 -14.77 -3.49
N PRO B 382 15.75 -14.49 -2.96
CA PRO B 382 14.53 -15.12 -3.48
C PRO B 382 14.18 -14.59 -4.87
N ASN B 383 13.16 -15.21 -5.46
CA ASN B 383 12.76 -14.86 -6.82
C ASN B 383 11.93 -13.58 -6.90
N ASP B 384 11.37 -13.13 -5.78
CA ASP B 384 10.57 -11.92 -5.75
C ASP B 384 11.33 -10.71 -5.22
N ALA B 385 12.60 -10.88 -4.85
CA ALA B 385 13.36 -9.79 -4.26
C ALA B 385 13.78 -8.79 -5.34
N ILE B 386 14.30 -7.66 -4.87
CA ILE B 386 14.78 -6.57 -5.72
C ILE B 386 16.28 -6.42 -5.51
N ILE B 387 17.03 -6.36 -6.60
CA ILE B 387 18.49 -6.28 -6.56
C ILE B 387 18.91 -4.88 -6.97
N GLN B 388 19.81 -4.29 -6.18
CA GLN B 388 20.41 -2.99 -6.49
C GLN B 388 21.92 -3.18 -6.56
N ASN B 389 22.46 -3.13 -7.76
CA ASN B 389 23.87 -3.46 -8.00
C ASN B 389 24.57 -2.23 -8.56
N GLU B 390 25.64 -1.81 -7.88
CA GLU B 390 26.41 -0.63 -8.28
C GLU B 390 27.89 -0.92 -8.13
N GLY B 391 28.68 -0.28 -9.00
CA GLY B 391 30.11 -0.48 -9.07
C GLY B 391 30.55 -0.62 -10.52
N ALA B 392 31.71 -1.25 -10.72
CA ALA B 392 32.23 -1.47 -12.06
C ALA B 392 32.30 -2.97 -12.27
N SER B 393 33.38 -3.65 -11.87
CA SER B 393 33.40 -5.10 -11.99
C SER B 393 32.36 -5.75 -11.09
N THR B 394 32.18 -5.22 -9.87
CA THR B 394 31.15 -5.74 -8.98
C THR B 394 29.78 -5.72 -9.64
N MET B 395 29.48 -4.67 -10.41
CA MET B 395 28.17 -4.54 -11.04
C MET B 395 28.08 -5.35 -12.33
N ASP B 396 29.16 -5.38 -13.12
CA ASP B 396 29.12 -6.07 -14.41
C ASP B 396 29.09 -7.58 -14.23
N ILE B 397 29.90 -8.11 -13.30
CA ILE B 397 29.85 -9.54 -13.01
C ILE B 397 28.54 -9.89 -12.35
N GLY B 398 27.99 -8.99 -11.51
CA GLY B 398 26.69 -9.23 -10.93
C GLY B 398 25.57 -9.22 -11.94
N ARG B 399 25.75 -8.52 -13.07
CA ARG B 399 24.74 -8.49 -14.11
C ARG B 399 24.59 -9.88 -14.74
N THR B 400 25.69 -10.59 -14.95
CA THR B 400 25.66 -11.90 -15.58
C THR B 400 25.42 -13.04 -14.61
N LEU B 401 25.56 -12.82 -13.30
CA LEU B 401 25.40 -13.86 -12.31
C LEU B 401 24.11 -13.75 -11.49
N MET B 402 23.59 -12.55 -11.29
CA MET B 402 22.33 -12.40 -10.57
C MET B 402 21.17 -12.68 -11.51
N PRO B 403 20.24 -13.57 -11.15
CA PRO B 403 19.07 -13.81 -11.99
C PRO B 403 17.89 -12.95 -11.56
N ASN B 404 17.13 -12.49 -12.56
CA ASN B 404 15.94 -11.68 -12.32
C ASN B 404 14.76 -12.33 -13.04
N PHE B 405 13.67 -12.55 -12.30
CA PHE B 405 12.50 -13.23 -12.83
C PHE B 405 11.29 -12.32 -13.02
N LEU B 406 11.15 -11.28 -12.20
CA LEU B 406 10.11 -10.30 -12.41
C LEU B 406 10.69 -9.03 -13.00
N PRO B 407 9.93 -8.31 -13.83
CA PRO B 407 10.46 -7.09 -14.44
C PRO B 407 10.60 -5.96 -13.42
N ARG B 408 11.52 -5.05 -13.72
CA ARG B 408 11.78 -3.88 -12.88
C ARG B 408 12.19 -4.29 -11.47
N HIS B 409 12.95 -5.37 -11.36
CA HIS B 409 13.45 -5.85 -10.09
C HIS B 409 14.96 -5.70 -9.97
N ARG B 410 15.61 -5.07 -10.94
CA ARG B 410 17.04 -4.78 -10.87
C ARG B 410 17.25 -3.30 -11.12
N LEU B 411 18.09 -2.68 -10.29
CA LEU B 411 18.45 -1.27 -10.43
C LEU B 411 19.97 -1.16 -10.41
N ASP B 412 20.54 -0.58 -11.45
CA ASP B 412 21.99 -0.45 -11.56
C ASP B 412 22.34 1.01 -11.84
N ALA B 413 23.54 1.22 -12.38
CA ALA B 413 23.99 2.58 -12.66
C ALA B 413 23.16 3.25 -13.75
N GLY B 414 22.65 2.48 -14.70
CA GLY B 414 21.80 3.02 -15.73
C GLY B 414 22.57 3.53 -16.93
N SER B 415 21.81 4.17 -17.83
CA SER B 415 22.37 4.67 -19.08
C SER B 415 23.42 5.75 -18.87
N PHE B 416 23.44 6.37 -17.69
CA PHE B 416 24.44 7.39 -17.38
C PHE B 416 25.69 6.80 -16.73
N GLY B 417 25.63 5.55 -16.26
CA GLY B 417 26.77 4.96 -15.57
C GLY B 417 27.14 5.70 -14.30
N THR B 418 26.13 6.08 -13.51
CA THR B 418 26.32 6.99 -12.39
C THR B 418 26.70 6.22 -11.14
N MET B 419 27.81 6.64 -10.51
CA MET B 419 28.15 6.18 -9.17
C MET B 419 27.56 7.14 -8.15
N GLY B 420 26.78 6.61 -7.22
CA GLY B 420 26.06 7.41 -6.25
C GLY B 420 24.57 7.16 -6.21
N VAL B 421 24.02 6.42 -7.18
CA VAL B 421 22.60 6.09 -7.18
C VAL B 421 22.27 4.88 -6.34
N GLY B 422 23.28 4.20 -5.80
CA GLY B 422 23.09 2.94 -5.12
C GLY B 422 22.08 2.96 -3.98
N LEU B 423 22.44 3.58 -2.87
CA LEU B 423 21.58 3.56 -1.69
C LEU B 423 20.30 4.35 -1.93
N GLY B 424 20.34 5.37 -2.80
CA GLY B 424 19.12 6.09 -3.13
C GLY B 424 18.09 5.22 -3.83
N GLN B 425 18.53 4.46 -4.83
CA GLN B 425 17.62 3.57 -5.54
C GLN B 425 17.18 2.41 -4.66
N ALA B 426 18.02 1.99 -3.71
CA ALA B 426 17.63 0.93 -2.79
C ALA B 426 16.55 1.41 -1.84
N ILE B 427 16.68 2.64 -1.34
CA ILE B 427 15.65 3.20 -0.46
C ILE B 427 14.34 3.38 -1.21
N ALA B 428 14.42 3.85 -2.45
CA ALA B 428 13.21 3.99 -3.26
C ALA B 428 12.54 2.65 -3.50
N ALA B 429 13.34 1.60 -3.74
CA ALA B 429 12.77 0.28 -3.97
C ALA B 429 12.10 -0.27 -2.71
N ALA B 430 12.62 0.07 -1.53
CA ALA B 430 12.01 -0.40 -0.29
C ALA B 430 10.73 0.35 0.04
N ALA B 431 10.63 1.61 -0.35
CA ALA B 431 9.42 2.38 -0.12
C ALA B 431 8.30 1.99 -1.08
N VAL B 432 8.65 1.62 -2.31
CA VAL B 432 7.64 1.18 -3.26
C VAL B 432 7.20 -0.25 -2.95
N HIS B 433 8.11 -1.10 -2.49
CA HIS B 433 7.83 -2.49 -2.15
C HIS B 433 8.25 -2.75 -0.71
N PRO B 434 7.46 -2.29 0.27
CA PRO B 434 7.78 -2.61 1.68
C PRO B 434 7.61 -4.08 2.01
N ASP B 435 6.98 -4.87 1.13
CA ASP B 435 6.77 -6.29 1.36
C ASP B 435 7.89 -7.16 0.82
N LYS B 436 8.65 -6.67 -0.16
CA LYS B 436 9.76 -7.42 -0.76
C LYS B 436 11.08 -7.02 -0.10
N HIS B 437 12.07 -7.90 -0.26
CA HIS B 437 13.40 -7.65 0.28
C HIS B 437 14.28 -7.00 -0.79
N VAL B 438 15.04 -5.99 -0.38
CA VAL B 438 15.85 -5.19 -1.29
C VAL B 438 17.33 -5.49 -1.01
N PHE B 439 18.01 -6.09 -1.99
CA PHE B 439 19.43 -6.34 -1.89
C PHE B 439 20.21 -5.20 -2.56
N CYS B 440 21.17 -4.65 -1.84
CA CYS B 440 21.97 -3.51 -2.30
C CYS B 440 23.44 -3.93 -2.34
N ILE B 441 23.83 -4.57 -3.43
CA ILE B 441 25.19 -5.07 -3.60
C ILE B 441 26.02 -3.93 -4.22
N GLU B 442 26.99 -3.44 -3.45
CA GLU B 442 27.76 -2.25 -3.83
C GLU B 442 29.25 -2.57 -3.83
N GLY B 443 29.98 -1.88 -4.70
CA GLY B 443 31.42 -1.84 -4.56
C GLY B 443 31.85 -0.88 -3.47
N ASP B 444 33.08 -1.09 -2.98
CA ASP B 444 33.57 -0.22 -1.91
C ASP B 444 33.67 1.23 -2.35
N SER B 445 34.00 1.46 -3.63
CA SER B 445 34.03 2.83 -4.14
C SER B 445 32.63 3.40 -4.28
N ALA B 446 31.72 2.64 -4.88
CA ALA B 446 30.34 3.09 -5.05
C ALA B 446 29.68 3.33 -3.69
N PHE B 447 30.05 2.57 -2.67
CA PHE B 447 29.46 2.77 -1.35
C PHE B 447 29.90 4.09 -0.73
N GLY B 448 31.11 4.55 -1.05
CA GLY B 448 31.57 5.83 -0.54
C GLY B 448 30.77 7.02 -1.06
N PHE B 449 30.12 6.86 -2.22
CA PHE B 449 29.37 7.97 -2.80
C PHE B 449 28.10 8.28 -2.00
N SER B 450 27.48 7.26 -1.39
CA SER B 450 26.24 7.50 -0.68
C SER B 450 26.09 6.61 0.56
N GLY B 451 27.19 6.08 1.11
CA GLY B 451 27.09 5.18 2.26
C GLY B 451 26.51 5.81 3.50
N MET B 452 26.53 7.15 3.59
CA MET B 452 25.92 7.84 4.71
C MET B 452 24.41 7.63 4.76
N GLU B 453 23.80 7.14 3.69
CA GLU B 453 22.36 6.99 3.64
C GLU B 453 21.85 5.71 4.30
N VAL B 454 22.74 4.88 4.86
CA VAL B 454 22.28 3.74 5.64
C VAL B 454 21.48 4.21 6.86
N GLU B 455 21.79 5.40 7.36
CA GLU B 455 21.03 5.95 8.46
C GLU B 455 19.61 6.32 8.02
N THR B 456 19.47 6.84 6.80
CA THR B 456 18.14 7.10 6.26
C THR B 456 17.33 5.82 6.17
N ALA B 457 17.95 4.74 5.68
CA ALA B 457 17.25 3.46 5.57
C ALA B 457 16.84 2.94 6.94
N ALA B 458 17.73 3.08 7.93
CA ALA B 458 17.41 2.58 9.26
C ALA B 458 16.38 3.46 9.96
N ARG B 459 16.47 4.78 9.76
CA ARG B 459 15.57 5.69 10.45
C ARG B 459 14.12 5.42 10.11
N TYR B 460 13.84 5.04 8.87
CA TYR B 460 12.48 4.73 8.45
C TYR B 460 12.13 3.25 8.55
N GLY B 461 12.92 2.49 9.32
CA GLY B 461 12.61 1.10 9.57
C GLY B 461 12.66 0.20 8.36
N MET B 462 13.53 0.49 7.39
CA MET B 462 13.63 -0.30 6.17
C MET B 462 14.54 -1.51 6.40
N LYS B 463 14.08 -2.40 7.29
CA LYS B 463 14.83 -3.61 7.58
C LYS B 463 14.75 -4.62 6.45
N ASN B 464 14.00 -4.34 5.38
CA ASN B 464 13.98 -5.18 4.19
C ASN B 464 15.15 -4.91 3.26
N ILE B 465 16.02 -3.97 3.60
CA ILE B 465 17.22 -3.67 2.82
C ILE B 465 18.42 -4.33 3.49
N THR B 466 19.21 -5.05 2.70
CA THR B 466 20.46 -5.64 3.17
C THR B 466 21.60 -5.06 2.32
N PHE B 467 22.49 -4.32 2.98
CA PHE B 467 23.61 -3.69 2.30
C PHE B 467 24.77 -4.67 2.23
N ILE B 468 25.16 -5.04 1.01
CA ILE B 468 26.27 -5.95 0.76
C ILE B 468 27.36 -5.19 0.03
N ILE B 469 28.54 -5.10 0.65
CA ILE B 469 29.67 -4.39 0.07
C ILE B 469 30.71 -5.42 -0.37
N ILE B 470 31.12 -5.32 -1.62
CA ILE B 470 32.17 -6.18 -2.18
C ILE B 470 33.42 -5.32 -2.30
N ASN B 471 34.39 -5.57 -1.42
CA ASN B 471 35.51 -4.66 -1.18
C ASN B 471 36.78 -5.26 -1.78
N ASN B 472 37.28 -4.64 -2.85
CA ASN B 472 38.61 -4.94 -3.39
C ASN B 472 39.58 -3.79 -3.13
N ASN B 473 39.32 -3.02 -2.07
CA ASN B 473 40.21 -1.97 -1.56
C ASN B 473 40.43 -0.81 -2.53
N GLY B 474 39.54 -0.62 -3.50
CA GLY B 474 39.68 0.53 -4.37
C GLY B 474 38.83 0.40 -5.62
N ILE B 475 38.98 1.42 -6.47
CA ILE B 475 38.29 1.49 -7.75
C ILE B 475 38.95 0.53 -8.73
N GLY B 476 38.44 -0.71 -8.78
CA GLY B 476 39.08 -1.72 -9.59
C GLY B 476 40.28 -2.38 -8.94
N GLY B 477 40.35 -2.36 -7.61
CA GLY B 477 41.47 -2.95 -6.91
C GLY B 477 42.21 -1.98 -6.03
N GLY B 478 42.80 -2.47 -4.94
CA GLY B 478 43.57 -1.66 -4.04
C GLY B 478 44.69 -2.44 -3.40
N PRO B 479 45.81 -1.76 -3.10
CA PRO B 479 46.96 -2.45 -2.52
C PRO B 479 46.71 -2.85 -1.08
N ASP B 480 47.64 -3.65 -0.55
CA ASP B 480 47.53 -4.15 0.81
C ASP B 480 47.96 -3.12 1.84
N THR B 481 48.95 -2.28 1.52
CA THR B 481 49.42 -1.24 2.42
C THR B 481 49.45 0.09 1.68
N LEU B 482 49.27 1.16 2.43
CA LEU B 482 49.24 2.52 1.88
C LEU B 482 50.17 3.42 2.67
N ASP B 483 50.98 4.20 1.96
CA ASP B 483 51.71 5.31 2.54
C ASP B 483 50.98 6.60 2.21
N PRO B 484 50.72 7.46 3.20
CA PRO B 484 49.91 8.66 2.93
C PRO B 484 50.50 9.58 1.88
N THR B 485 51.81 9.56 1.69
CA THR B 485 52.47 10.40 0.69
C THR B 485 52.56 9.72 -0.67
N ARG B 486 52.01 8.52 -0.82
CA ARG B 486 52.09 7.78 -2.07
C ARG B 486 50.82 6.96 -2.27
N VAL B 487 49.67 7.60 -2.07
CA VAL B 487 48.38 6.93 -2.23
C VAL B 487 47.99 6.90 -3.70
N PRO B 488 47.78 5.73 -4.28
CA PRO B 488 47.27 5.67 -5.66
C PRO B 488 45.92 6.34 -5.76
N PRO B 489 45.65 7.05 -6.87
CA PRO B 489 44.39 7.81 -6.98
C PRO B 489 43.15 6.93 -7.03
N SER B 490 43.29 5.61 -7.10
CA SER B 490 42.15 4.70 -7.11
C SER B 490 42.09 3.84 -5.85
N ALA B 491 43.01 4.01 -4.91
CA ALA B 491 43.08 3.19 -3.73
C ALA B 491 42.30 3.80 -2.58
N TYR B 492 41.75 2.93 -1.74
CA TYR B 492 41.11 3.33 -0.49
C TYR B 492 41.87 2.69 0.67
N THR B 493 41.39 2.96 1.88
CA THR B 493 41.97 2.38 3.08
C THR B 493 41.91 0.86 3.00
N PRO B 494 43.05 0.16 3.11
CA PRO B 494 43.01 -1.30 3.05
C PRO B 494 42.19 -1.89 4.19
N ASN B 495 41.33 -2.84 3.85
CA ASN B 495 40.44 -3.50 4.81
C ASN B 495 39.63 -2.48 5.61
N ALA B 496 38.99 -1.58 4.88
CA ALA B 496 38.16 -0.55 5.52
C ALA B 496 36.87 -1.17 6.03
N HIS B 497 36.69 -1.15 7.36
CA HIS B 497 35.52 -1.76 7.98
C HIS B 497 34.33 -0.82 7.83
N TYR B 498 33.71 -0.88 6.64
CA TYR B 498 32.53 -0.05 6.38
C TYR B 498 31.33 -0.52 7.19
N GLU B 499 31.29 -1.80 7.56
CA GLU B 499 30.14 -2.32 8.30
C GLU B 499 30.00 -1.70 9.68
N LYS B 500 31.06 -1.05 10.19
CA LYS B 500 30.96 -0.33 11.45
C LYS B 500 29.89 0.76 11.41
N MET B 501 29.56 1.26 10.22
CA MET B 501 28.51 2.27 10.10
C MET B 501 27.14 1.75 10.51
N ALA B 502 26.96 0.43 10.54
CA ALA B 502 25.72 -0.14 11.05
C ALA B 502 25.54 0.12 12.55
N GLU B 503 26.64 0.35 13.28
CA GLU B 503 26.57 0.65 14.70
C GLU B 503 26.14 2.09 14.98
N ILE B 504 26.03 2.92 13.94
CA ILE B 504 25.51 4.28 14.13
C ILE B 504 24.08 4.22 14.65
N TYR B 505 23.26 3.36 14.03
CA TYR B 505 21.86 3.20 14.41
C TYR B 505 21.63 1.91 15.21
N GLY B 506 22.68 1.31 15.74
CA GLY B 506 22.54 0.10 16.52
C GLY B 506 22.30 -1.16 15.73
N GLY B 507 22.73 -1.21 14.47
CA GLY B 507 22.56 -2.38 13.64
C GLY B 507 23.72 -3.35 13.78
N LYS B 508 23.70 -4.37 12.92
CA LYS B 508 24.71 -5.41 12.90
C LYS B 508 25.62 -5.22 11.69
N GLY B 509 26.93 -5.32 11.92
CA GLY B 509 27.89 -5.25 10.85
C GLY B 509 28.67 -6.56 10.74
N TYR B 510 29.03 -6.93 9.52
CA TYR B 510 29.70 -8.19 9.25
C TYR B 510 30.91 -7.97 8.35
N PHE B 511 32.01 -8.63 8.69
CA PHE B 511 33.28 -8.50 7.97
C PHE B 511 33.70 -9.90 7.53
N VAL B 512 33.55 -10.20 6.24
CA VAL B 512 33.80 -11.52 5.69
C VAL B 512 35.09 -11.48 4.89
N THR B 513 35.98 -12.42 5.17
CA THR B 513 37.22 -12.59 4.43
C THR B 513 37.39 -13.96 3.80
N GLU B 514 36.77 -14.99 4.37
CA GLU B 514 36.89 -16.36 3.90
C GLU B 514 35.52 -16.93 3.57
N PRO B 515 35.44 -17.85 2.60
CA PRO B 515 34.12 -18.36 2.19
C PRO B 515 33.34 -19.03 3.30
N SER B 516 33.99 -19.42 4.40
CA SER B 516 33.28 -20.05 5.50
C SER B 516 32.31 -19.10 6.17
N GLN B 517 32.58 -17.80 6.12
CA GLN B 517 31.74 -16.80 6.77
C GLN B 517 30.66 -16.23 5.86
N LEU B 518 30.72 -16.53 4.56
CA LEU B 518 29.79 -15.92 3.60
C LEU B 518 28.35 -16.25 3.95
N ARG B 519 27.99 -17.53 3.88
CA ARG B 519 26.59 -17.93 4.10
C ARG B 519 26.08 -17.56 5.48
N PRO B 520 26.79 -17.80 6.59
CA PRO B 520 26.24 -17.41 7.89
C PRO B 520 26.01 -15.92 8.03
N ALA B 521 26.94 -15.10 7.55
CA ALA B 521 26.78 -13.65 7.66
C ALA B 521 25.61 -13.14 6.83
N LEU B 522 25.46 -13.66 5.61
CA LEU B 522 24.37 -13.21 4.75
C LEU B 522 23.02 -13.67 5.28
N GLU B 523 22.93 -14.92 5.74
CA GLU B 523 21.68 -15.42 6.31
C GLU B 523 21.33 -14.69 7.61
N GLU B 524 22.35 -14.32 8.40
CA GLU B 524 22.09 -13.60 9.64
C GLU B 524 21.67 -12.16 9.39
N ALA B 525 22.17 -11.56 8.30
CA ALA B 525 21.85 -10.16 8.01
C ALA B 525 20.44 -9.99 7.47
N ILE B 526 19.93 -10.97 6.72
CA ILE B 526 18.58 -10.85 6.17
C ILE B 526 17.53 -10.89 7.28
N LYS B 527 17.79 -11.66 8.34
CA LYS B 527 16.86 -11.76 9.47
C LYS B 527 16.94 -10.57 10.41
N ALA B 528 17.87 -9.65 10.20
CA ALA B 528 18.09 -8.57 11.15
C ALA B 528 16.90 -7.61 11.18
N ASP B 529 16.54 -7.17 12.39
CA ASP B 529 15.45 -6.22 12.56
C ASP B 529 15.84 -4.81 12.15
N LYS B 530 17.14 -4.54 11.97
CA LYS B 530 17.66 -3.28 11.48
C LYS B 530 18.49 -3.54 10.22
N PRO B 531 18.59 -2.54 9.32
CA PRO B 531 19.38 -2.74 8.11
C PRO B 531 20.83 -3.11 8.40
N ALA B 532 21.19 -4.35 8.14
CA ALA B 532 22.54 -4.84 8.39
C ALA B 532 23.45 -4.53 7.21
N ILE B 533 24.76 -4.55 7.48
CA ILE B 533 25.78 -4.31 6.48
C ILE B 533 26.74 -5.49 6.47
N VAL B 534 26.97 -6.06 5.29
CA VAL B 534 27.90 -7.17 5.11
C VAL B 534 29.04 -6.68 4.25
N ASN B 535 30.24 -6.60 4.83
CA ASN B 535 31.43 -6.14 4.12
C ASN B 535 32.28 -7.36 3.79
N ILE B 536 32.39 -7.65 2.48
CA ILE B 536 33.05 -8.85 2.00
C ILE B 536 34.35 -8.44 1.32
N MET B 537 35.48 -8.93 1.85
CA MET B 537 36.77 -8.67 1.25
C MET B 537 37.02 -9.63 0.09
N ILE B 538 37.44 -9.09 -1.05
CA ILE B 538 37.78 -9.88 -2.22
C ILE B 538 39.17 -9.51 -2.69
N SER B 539 39.71 -10.33 -3.58
CA SER B 539 41.05 -10.11 -4.10
C SER B 539 41.04 -8.94 -5.08
N ALA B 540 42.10 -8.12 -5.02
CA ALA B 540 42.26 -7.05 -5.99
C ALA B 540 42.67 -7.57 -7.36
N THR B 541 43.08 -8.83 -7.46
CA THR B 541 43.51 -9.40 -8.72
C THR B 541 42.38 -10.06 -9.50
N SER B 542 41.30 -10.48 -8.83
CA SER B 542 40.21 -11.16 -9.52
C SER B 542 39.55 -10.23 -10.53
N GLN B 543 39.25 -10.77 -11.70
CA GLN B 543 38.68 -10.00 -12.78
C GLN B 543 37.44 -10.66 -13.37
N SER C 1 -48.80 -3.80 33.80
CA SER C 1 -49.79 -4.52 33.01
C SER C 1 -50.51 -3.58 32.05
N ASN C 2 -51.81 -3.78 31.88
CA ASN C 2 -52.58 -3.02 30.92
C ASN C 2 -54.05 -3.01 31.34
N ALA C 3 -54.76 -1.94 30.96
CA ALA C 3 -56.16 -1.81 31.31
C ALA C 3 -57.02 -2.88 30.64
N MET C 4 -56.54 -3.47 29.55
CA MET C 4 -57.24 -4.57 28.91
C MET C 4 -57.04 -5.91 29.61
N GLY C 5 -56.42 -5.90 30.79
CA GLY C 5 -56.17 -7.12 31.52
C GLY C 5 -55.10 -8.01 30.94
N GLN C 6 -54.32 -7.53 29.98
CA GLN C 6 -53.28 -8.32 29.35
C GLN C 6 -51.89 -7.85 29.80
N ILE C 7 -50.91 -8.73 29.61
CA ILE C 7 -49.55 -8.50 30.09
C ILE C 7 -48.58 -9.10 29.09
N THR C 8 -47.47 -8.39 28.85
CA THR C 8 -46.49 -8.83 27.88
C THR C 8 -45.53 -9.84 28.50
N GLY C 9 -44.89 -10.62 27.63
CA GLY C 9 -43.97 -11.64 28.10
C GLY C 9 -42.78 -11.08 28.85
N ALA C 10 -42.37 -9.85 28.53
CA ALA C 10 -41.28 -9.23 29.27
C ALA C 10 -41.64 -9.03 30.73
N GLN C 11 -42.89 -8.68 31.01
CA GLN C 11 -43.32 -8.53 32.40
C GLN C 11 -43.64 -9.88 33.04
N ILE C 12 -44.02 -10.87 32.23
CA ILE C 12 -44.20 -12.23 32.75
C ILE C 12 -42.87 -12.76 33.28
N VAL C 13 -41.79 -12.50 32.55
CA VAL C 13 -40.46 -12.94 32.99
C VAL C 13 -40.04 -12.19 34.24
N ALA C 14 -40.16 -10.86 34.22
CA ALA C 14 -39.69 -10.05 35.34
C ALA C 14 -40.42 -10.39 36.63
N ARG C 15 -41.72 -10.68 36.54
CA ARG C 15 -42.48 -10.99 37.75
C ARG C 15 -42.12 -12.37 38.29
N ALA C 16 -41.96 -13.35 37.40
CA ALA C 16 -41.57 -14.69 37.84
C ALA C 16 -40.18 -14.69 38.46
N LEU C 17 -39.29 -13.82 37.99
CA LEU C 17 -37.97 -13.69 38.60
C LEU C 17 -38.08 -13.18 40.03
N LYS C 18 -38.84 -12.11 40.23
CA LYS C 18 -39.07 -11.59 41.58
C LYS C 18 -39.78 -12.62 42.46
N GLN C 19 -40.65 -13.44 41.86
CA GLN C 19 -41.32 -14.49 42.61
C GLN C 19 -40.33 -15.51 43.15
N GLN C 20 -39.37 -15.91 42.32
CA GLN C 20 -38.42 -16.95 42.70
C GLN C 20 -37.27 -16.44 43.56
N GLY C 21 -37.23 -15.15 43.85
CA GLY C 21 -36.20 -14.59 44.72
C GLY C 21 -35.12 -13.78 44.04
N VAL C 22 -35.23 -13.54 42.73
CA VAL C 22 -34.26 -12.70 42.04
C VAL C 22 -34.45 -11.26 42.50
N GLU C 23 -33.37 -10.67 43.04
CA GLU C 23 -33.42 -9.30 43.55
C GLU C 23 -32.59 -8.31 42.75
N TYR C 24 -31.54 -8.78 42.06
CA TYR C 24 -30.63 -7.91 41.34
C TYR C 24 -30.51 -8.37 39.90
N MET C 25 -30.34 -7.40 39.01
CA MET C 25 -30.18 -7.66 37.58
C MET C 25 -29.19 -6.66 37.01
N PHE C 26 -28.15 -7.17 36.36
CA PHE C 26 -27.13 -6.35 35.73
C PHE C 26 -27.10 -6.63 34.24
N GLY C 27 -26.64 -5.66 33.47
CA GLY C 27 -26.53 -5.84 32.04
C GLY C 27 -26.66 -4.51 31.31
N ILE C 28 -26.83 -4.62 30.00
CA ILE C 28 -26.95 -3.47 29.12
C ILE C 28 -28.19 -3.66 28.25
N VAL C 29 -29.01 -2.62 28.15
CA VAL C 29 -30.29 -2.72 27.46
C VAL C 29 -30.11 -2.52 25.96
N GLY C 30 -31.14 -2.84 25.20
CA GLY C 30 -31.08 -2.79 23.76
C GLY C 30 -32.05 -3.79 23.16
N ILE C 31 -32.04 -3.86 21.85
CA ILE C 31 -32.96 -4.76 21.14
C ILE C 31 -32.59 -6.21 21.45
N PRO C 32 -33.54 -7.05 21.89
CA PRO C 32 -34.93 -6.72 22.21
C PRO C 32 -35.23 -6.77 23.71
N VAL C 33 -34.24 -6.58 24.57
CA VAL C 33 -34.41 -6.76 26.00
C VAL C 33 -34.81 -5.45 26.67
N ILE C 34 -35.07 -4.42 25.87
CA ILE C 34 -35.51 -3.14 26.43
C ILE C 34 -36.71 -3.28 27.36
N PRO C 35 -37.80 -3.98 26.98
CA PRO C 35 -38.93 -4.10 27.91
C PRO C 35 -38.62 -4.90 29.15
N ILE C 36 -37.64 -5.81 29.11
CA ILE C 36 -37.35 -6.66 30.27
C ILE C 36 -36.81 -5.82 31.42
N ALA C 37 -35.84 -4.95 31.13
CA ALA C 37 -35.27 -4.12 32.19
C ALA C 37 -36.28 -3.12 32.75
N MET C 38 -37.22 -2.68 31.92
CA MET C 38 -38.26 -1.76 32.39
C MET C 38 -39.13 -2.43 33.45
N PHE C 39 -39.76 -3.55 33.09
CA PHE C 39 -40.63 -4.25 34.03
C PHE C 39 -39.86 -4.85 35.19
N ALA C 40 -38.54 -5.03 35.05
CA ALA C 40 -37.73 -5.51 36.17
C ALA C 40 -37.80 -4.55 37.34
N GLN C 41 -37.61 -3.25 37.08
CA GLN C 41 -37.74 -2.26 38.15
C GLN C 41 -39.18 -2.11 38.62
N ARG C 42 -40.14 -2.25 37.70
CA ARG C 42 -41.55 -2.12 38.07
C ARG C 42 -42.03 -3.29 38.93
N GLU C 43 -41.33 -4.43 38.88
CA GLU C 43 -41.66 -5.58 39.72
C GLU C 43 -40.79 -5.66 40.96
N GLY C 44 -40.01 -4.63 41.25
CA GLY C 44 -39.23 -4.57 42.46
C GLY C 44 -37.86 -5.19 42.39
N ILE C 45 -37.29 -5.34 41.19
CA ILE C 45 -35.95 -5.88 41.01
C ILE C 45 -35.00 -4.73 40.69
N LYS C 46 -33.91 -4.61 41.44
CA LYS C 46 -32.94 -3.56 41.21
C LYS C 46 -32.16 -3.86 39.94
N PHE C 47 -32.25 -2.96 38.96
CA PHE C 47 -31.52 -3.10 37.70
C PHE C 47 -30.34 -2.15 37.68
N TYR C 48 -29.22 -2.61 37.12
CA TYR C 48 -27.99 -1.84 37.04
C TYR C 48 -27.46 -1.88 35.61
N GLY C 49 -27.63 -0.78 34.89
CA GLY C 49 -27.10 -0.67 33.55
C GLY C 49 -25.59 -0.52 33.55
N PHE C 50 -24.88 -1.58 33.16
CA PHE C 50 -23.43 -1.60 33.24
C PHE C 50 -22.80 -1.02 31.98
N ARG C 51 -21.47 -1.02 31.95
CA ARG C 51 -20.70 -0.55 30.80
C ARG C 51 -20.28 -1.67 29.87
N ASN C 52 -20.38 -2.92 30.31
CA ASN C 52 -20.05 -4.07 29.47
C ASN C 52 -20.71 -5.30 30.08
N GLU C 53 -21.32 -6.12 29.23
CA GLU C 53 -21.97 -7.33 29.70
C GLU C 53 -20.97 -8.27 30.38
N GLN C 54 -19.70 -8.23 29.96
CA GLN C 54 -18.69 -9.08 30.58
C GLN C 54 -18.57 -8.77 32.06
N SER C 55 -18.46 -7.49 32.42
CA SER C 55 -18.42 -7.12 33.83
C SER C 55 -19.77 -7.30 34.49
N ALA C 56 -20.85 -7.26 33.71
CA ALA C 56 -22.18 -7.41 34.29
C ALA C 56 -22.47 -8.87 34.62
N SER C 57 -21.97 -9.80 33.82
CA SER C 57 -22.17 -11.21 34.10
C SER C 57 -21.38 -11.65 35.33
N TYR C 58 -20.20 -11.06 35.54
CA TYR C 58 -19.45 -11.34 36.76
C TYR C 58 -20.17 -10.79 37.99
N ALA C 59 -20.87 -9.67 37.85
CA ALA C 59 -21.65 -9.13 38.96
C ALA C 59 -22.83 -10.04 39.29
N ALA C 60 -23.46 -10.62 38.27
CA ALA C 60 -24.59 -11.51 38.51
C ALA C 60 -24.16 -12.78 39.25
N ALA C 61 -22.98 -13.30 38.92
CA ALA C 61 -22.49 -14.50 39.59
C ALA C 61 -22.13 -14.20 41.04
N ALA C 62 -21.62 -13.00 41.32
CA ALA C 62 -21.26 -12.64 42.69
C ALA C 62 -22.49 -12.59 43.59
N VAL C 63 -23.62 -12.14 43.05
CA VAL C 63 -24.86 -12.12 43.82
C VAL C 63 -25.27 -13.52 44.21
N GLY C 64 -24.99 -14.51 43.35
CA GLY C 64 -25.32 -15.88 43.69
C GLY C 64 -24.56 -16.40 44.90
N TYR C 65 -23.26 -16.07 44.98
CA TYR C 65 -22.46 -16.51 46.12
C TYR C 65 -22.87 -15.80 47.40
N LEU C 66 -23.31 -14.55 47.30
CA LEU C 66 -23.64 -13.76 48.49
C LEU C 66 -25.04 -14.08 49.01
N THR C 67 -26.06 -13.81 48.18
CA THR C 67 -27.44 -13.92 48.64
C THR C 67 -27.86 -15.37 48.83
N GLY C 68 -27.38 -16.27 47.97
CA GLY C 68 -27.82 -17.64 47.95
C GLY C 68 -28.80 -17.97 46.84
N ARG C 69 -29.35 -16.95 46.17
CA ARG C 69 -30.18 -17.11 45.00
C ARG C 69 -29.56 -16.37 43.83
N PRO C 70 -29.79 -16.82 42.59
CA PRO C 70 -28.96 -16.35 41.48
C PRO C 70 -29.26 -14.92 41.07
N GLY C 71 -28.20 -14.18 40.76
CA GLY C 71 -28.36 -12.91 40.08
C GLY C 71 -28.50 -13.10 38.58
N VAL C 72 -29.13 -12.13 37.94
CA VAL C 72 -29.48 -12.21 36.53
C VAL C 72 -28.64 -11.23 35.74
N CYS C 73 -28.06 -11.69 34.64
CA CYS C 73 -27.34 -10.84 33.70
C CYS C 73 -28.18 -10.73 32.42
N LEU C 74 -28.54 -9.49 32.07
CA LEU C 74 -29.40 -9.24 30.92
C LEU C 74 -28.55 -8.76 29.75
N GLY C 75 -28.54 -9.54 28.68
CA GLY C 75 -27.80 -9.19 27.49
C GLY C 75 -28.67 -9.23 26.25
N VAL C 76 -28.36 -8.35 25.30
CA VAL C 76 -29.10 -8.28 24.05
C VAL C 76 -28.76 -9.51 23.21
N SER C 77 -29.42 -9.63 22.05
CA SER C 77 -29.15 -10.75 21.17
C SER C 77 -27.75 -10.65 20.57
N GLY C 78 -27.26 -11.79 20.09
CA GLY C 78 -25.97 -11.85 19.44
C GLY C 78 -24.81 -11.60 20.37
N PRO C 79 -24.04 -10.54 20.08
CA PRO C 79 -22.81 -10.30 20.86
C PRO C 79 -23.07 -9.93 22.30
N GLY C 80 -24.24 -9.40 22.64
CA GLY C 80 -24.53 -9.09 24.03
C GLY C 80 -24.57 -10.32 24.91
N MET C 81 -25.31 -11.34 24.47
CA MET C 81 -25.36 -12.59 25.22
C MET C 81 -24.00 -13.27 25.25
N ILE C 82 -23.24 -13.18 24.16
CA ILE C 82 -21.93 -13.82 24.10
C ILE C 82 -20.98 -13.18 25.10
N HIS C 83 -21.06 -11.85 25.27
CA HIS C 83 -20.24 -11.19 26.28
C HIS C 83 -20.54 -11.71 27.67
N GLY C 84 -21.78 -12.13 27.92
CA GLY C 84 -22.19 -12.65 29.20
C GLY C 84 -21.82 -14.09 29.47
N VAL C 85 -21.26 -14.81 28.50
CA VAL C 85 -20.85 -16.18 28.73
C VAL C 85 -19.68 -16.24 29.72
N ALA C 86 -18.89 -15.16 29.79
CA ALA C 86 -17.75 -15.13 30.71
C ALA C 86 -18.21 -15.31 32.16
N GLY C 87 -19.29 -14.64 32.55
CA GLY C 87 -19.83 -14.81 33.89
C GLY C 87 -20.40 -16.19 34.12
N MET C 88 -20.97 -16.80 33.09
CA MET C 88 -21.46 -18.16 33.20
C MET C 88 -20.32 -19.12 33.53
N ALA C 89 -19.20 -18.99 32.82
CA ALA C 89 -18.05 -19.84 33.08
C ALA C 89 -17.47 -19.59 34.46
N ASN C 90 -17.48 -18.34 34.92
CA ASN C 90 -16.98 -18.05 36.26
C ASN C 90 -17.89 -18.61 37.33
N ALA C 91 -19.21 -18.59 37.09
CA ALA C 91 -20.13 -19.24 38.01
C ALA C 91 -20.05 -20.75 37.90
N TRP C 92 -19.81 -21.27 36.69
CA TRP C 92 -19.62 -22.70 36.51
C TRP C 92 -18.35 -23.18 37.20
N SER C 93 -17.32 -22.34 37.28
CA SER C 93 -16.07 -22.75 37.91
C SER C 93 -16.15 -22.65 39.42
N ASN C 94 -16.76 -21.59 39.95
CA ASN C 94 -16.85 -21.38 41.38
C ASN C 94 -18.08 -22.01 42.02
N CYS C 95 -18.93 -22.66 41.22
CA CYS C 95 -20.14 -23.31 41.72
C CYS C 95 -21.08 -22.32 42.40
N TRP C 96 -21.46 -21.29 41.64
CA TRP C 96 -22.37 -20.25 42.10
C TRP C 96 -23.63 -20.23 41.26
N PRO C 97 -24.78 -19.89 41.85
CA PRO C 97 -26.01 -19.75 41.06
C PRO C 97 -25.99 -18.44 40.27
N MET C 98 -26.25 -18.54 38.96
CA MET C 98 -26.21 -17.41 38.06
C MET C 98 -27.14 -17.67 36.89
N ILE C 99 -27.82 -16.63 36.42
CA ILE C 99 -28.73 -16.74 35.29
C ILE C 99 -28.34 -15.71 34.25
N LEU C 100 -28.14 -16.16 33.02
CA LEU C 100 -27.88 -15.28 31.88
C LEU C 100 -29.14 -15.27 31.01
N ILE C 101 -29.83 -14.15 30.98
CA ILE C 101 -31.00 -13.96 30.14
C ILE C 101 -30.54 -13.19 28.89
N GLY C 102 -30.57 -13.85 27.74
CA GLY C 102 -30.15 -13.21 26.52
C GLY C 102 -31.26 -13.07 25.50
N GLY C 103 -31.34 -11.91 24.86
CA GLY C 103 -32.32 -11.71 23.81
C GLY C 103 -31.99 -12.51 22.57
N ALA C 104 -32.96 -12.55 21.66
CA ALA C 104 -32.78 -13.26 20.40
C ALA C 104 -33.67 -12.60 19.34
N ASN C 105 -33.30 -12.82 18.09
CA ASN C 105 -34.10 -12.31 16.99
C ASN C 105 -35.49 -12.94 17.02
N ASP C 106 -36.43 -12.27 16.35
CA ASP C 106 -37.79 -12.79 16.27
C ASP C 106 -37.77 -14.19 15.66
N SER C 107 -38.57 -15.09 16.24
CA SER C 107 -38.54 -16.49 15.84
C SER C 107 -38.88 -16.65 14.36
N TYR C 108 -39.79 -15.82 13.86
CA TYR C 108 -40.18 -15.89 12.45
C TYR C 108 -39.12 -15.34 11.51
N GLN C 109 -37.95 -14.97 12.01
CA GLN C 109 -36.84 -14.53 11.18
C GLN C 109 -35.66 -15.50 11.21
N ASN C 110 -35.80 -16.62 11.90
CA ASN C 110 -34.71 -17.60 11.97
C ASN C 110 -34.36 -18.12 10.59
N GLY C 111 -33.06 -18.21 10.31
CA GLY C 111 -32.58 -18.65 9.02
C GLY C 111 -32.51 -17.58 7.95
N GLN C 112 -33.16 -16.44 8.16
CA GLN C 112 -33.13 -15.35 7.19
C GLN C 112 -31.92 -14.45 7.35
N GLY C 113 -31.00 -14.77 8.26
CA GLY C 113 -29.90 -13.88 8.55
C GLY C 113 -30.37 -12.68 9.35
N ALA C 114 -31.16 -12.93 10.38
CA ALA C 114 -31.78 -11.86 11.15
C ALA C 114 -30.73 -11.07 11.93
N PHE C 115 -31.18 -9.97 12.52
CA PHE C 115 -30.28 -9.09 13.26
C PHE C 115 -29.79 -9.79 14.53
N GLN C 116 -28.47 -9.95 14.62
CA GLN C 116 -27.82 -10.56 15.78
C GLN C 116 -28.30 -12.01 15.99
N GLU C 117 -28.44 -12.74 14.89
CA GLU C 117 -28.76 -14.16 14.96
C GLU C 117 -27.47 -14.95 15.22
N ALA C 118 -27.50 -15.82 16.22
CA ALA C 118 -26.30 -16.54 16.62
C ALA C 118 -26.71 -17.83 17.33
N PRO C 119 -25.88 -18.88 17.26
CA PRO C 119 -26.17 -20.09 18.03
C PRO C 119 -25.95 -19.87 19.52
N GLN C 120 -26.87 -19.16 20.17
CA GLN C 120 -26.66 -18.76 21.55
C GLN C 120 -26.87 -19.92 22.52
N ILE C 121 -27.66 -20.92 22.14
CA ILE C 121 -27.79 -22.11 22.99
C ILE C 121 -26.47 -22.89 23.01
N GLU C 122 -25.83 -23.04 21.85
CA GLU C 122 -24.58 -23.78 21.78
C GLU C 122 -23.47 -23.06 22.55
N ALA C 123 -23.36 -21.74 22.36
CA ALA C 123 -22.29 -20.98 23.00
C ALA C 123 -22.43 -20.94 24.52
N ALA C 124 -23.63 -21.19 25.05
CA ALA C 124 -23.82 -21.23 26.49
C ALA C 124 -23.67 -22.63 27.07
N ARG C 125 -23.79 -23.66 26.25
CA ARG C 125 -23.84 -25.03 26.76
C ARG C 125 -22.61 -25.45 27.57
N PRO C 126 -21.37 -25.17 27.14
CA PRO C 126 -20.21 -25.73 27.88
C PRO C 126 -20.17 -25.37 29.36
N PHE C 127 -20.82 -24.29 29.78
CA PHE C 127 -20.74 -23.83 31.16
C PHE C 127 -22.09 -23.76 31.85
N ALA C 128 -23.12 -24.39 31.28
CA ALA C 128 -24.49 -24.23 31.75
C ALA C 128 -25.06 -25.55 32.23
N LYS C 129 -25.69 -25.52 33.41
CA LYS C 129 -26.49 -26.65 33.86
C LYS C 129 -27.81 -26.75 33.08
N TYR C 130 -28.24 -25.68 32.44
CA TYR C 130 -29.60 -25.62 31.88
C TYR C 130 -29.63 -24.55 30.80
N CYS C 131 -30.02 -24.94 29.59
CA CYS C 131 -30.24 -24.00 28.48
C CYS C 131 -31.61 -24.29 27.89
N ALA C 132 -32.48 -23.27 27.85
CA ALA C 132 -33.81 -23.46 27.33
C ALA C 132 -34.29 -22.18 26.65
N ARG C 133 -34.94 -22.35 25.48
CA ARG C 133 -35.68 -21.28 24.85
C ARG C 133 -37.16 -21.51 25.10
N PRO C 134 -37.85 -20.65 25.84
CA PRO C 134 -39.27 -20.87 26.11
C PRO C 134 -40.08 -20.95 24.81
N ASP C 135 -41.06 -21.84 24.81
CA ASP C 135 -41.85 -22.12 23.61
C ASP C 135 -43.04 -21.17 23.46
N SER C 136 -43.63 -20.72 24.56
CA SER C 136 -44.84 -19.92 24.48
C SER C 136 -44.86 -18.92 25.64
N LEU C 137 -45.79 -17.98 25.55
CA LEU C 137 -45.95 -16.98 26.62
C LEU C 137 -46.42 -17.63 27.90
N ALA C 138 -47.45 -18.46 27.83
CA ALA C 138 -48.05 -19.04 29.03
C ALA C 138 -47.05 -19.84 29.84
N ARG C 139 -46.06 -20.45 29.18
CA ARG C 139 -45.09 -21.29 29.87
C ARG C 139 -43.84 -20.52 30.30
N LEU C 140 -43.82 -19.20 30.12
CA LEU C 140 -42.67 -18.42 30.57
C LEU C 140 -42.37 -18.57 32.06
N PRO C 141 -43.34 -18.54 32.98
CA PRO C 141 -43.01 -18.77 34.39
C PRO C 141 -42.47 -20.17 34.66
N PHE C 142 -42.83 -21.16 33.82
CA PHE C 142 -42.33 -22.50 34.01
C PHE C 142 -40.82 -22.57 33.78
N TYR C 143 -40.33 -21.88 32.75
CA TYR C 143 -38.90 -21.88 32.48
C TYR C 143 -38.14 -21.04 33.51
N VAL C 144 -38.77 -20.01 34.06
CA VAL C 144 -38.10 -19.18 35.05
C VAL C 144 -37.90 -19.95 36.35
N GLU C 145 -38.97 -20.61 36.82
CA GLU C 145 -38.86 -21.40 38.04
C GLU C 145 -37.87 -22.54 37.86
N GLN C 146 -37.90 -23.20 36.71
CA GLN C 146 -36.98 -24.30 36.45
C GLN C 146 -35.54 -23.83 36.32
N ALA C 147 -35.33 -22.60 35.81
CA ALA C 147 -33.98 -22.07 35.69
C ALA C 147 -33.44 -21.62 37.05
N VAL C 148 -34.27 -20.99 37.85
CA VAL C 148 -33.85 -20.59 39.20
C VAL C 148 -33.60 -21.82 40.05
N ARG C 149 -34.47 -22.83 39.95
CA ARG C 149 -34.35 -24.02 40.78
C ARG C 149 -33.09 -24.83 40.46
N THR C 150 -32.70 -24.87 39.18
CA THR C 150 -31.52 -25.65 38.79
C THR C 150 -30.24 -25.00 39.28
N SER C 151 -30.18 -23.67 39.32
CA SER C 151 -28.95 -22.98 39.68
C SER C 151 -28.63 -23.08 41.17
N ILE C 152 -29.61 -23.42 42.01
CA ILE C 152 -29.39 -23.44 43.45
C ILE C 152 -29.45 -24.86 44.03
N TYR C 153 -29.91 -25.84 43.29
CA TYR C 153 -30.01 -27.21 43.78
C TYR C 153 -28.79 -28.01 43.35
N GLY C 154 -28.40 -28.97 44.21
CA GLY C 154 -27.18 -29.71 43.96
C GLY C 154 -25.98 -28.80 43.96
N ARG C 155 -25.05 -29.05 43.06
CA ARG C 155 -23.94 -28.13 42.88
C ARG C 155 -24.44 -26.89 42.13
N PRO C 156 -24.33 -25.70 42.72
CA PRO C 156 -24.81 -24.50 42.03
C PRO C 156 -24.06 -24.25 40.74
N GLY C 157 -24.76 -23.68 39.77
CA GLY C 157 -24.15 -23.41 38.48
C GLY C 157 -24.95 -22.38 37.71
N ALA C 158 -24.44 -22.06 36.52
CA ALA C 158 -25.07 -21.07 35.67
C ALA C 158 -26.10 -21.72 34.75
N VAL C 159 -27.16 -20.96 34.44
CA VAL C 159 -28.18 -21.37 33.50
C VAL C 159 -28.38 -20.26 32.49
N TYR C 160 -28.96 -20.62 31.34
CA TYR C 160 -29.18 -19.68 30.26
C TYR C 160 -30.62 -19.77 29.76
N LEU C 161 -31.20 -18.62 29.42
CA LEU C 161 -32.54 -18.53 28.89
C LEU C 161 -32.51 -17.75 27.58
N ASP C 162 -32.99 -18.38 26.50
CA ASP C 162 -32.99 -17.79 25.17
C ASP C 162 -34.38 -17.22 24.90
N LEU C 163 -34.50 -15.90 24.93
CA LEU C 163 -35.80 -15.23 24.78
C LEU C 163 -35.89 -14.55 23.43
N PRO C 164 -36.65 -15.11 22.47
CA PRO C 164 -36.84 -14.43 21.19
C PRO C 164 -37.65 -13.15 21.37
N GLY C 165 -37.47 -12.24 20.41
CA GLY C 165 -38.11 -10.93 20.52
C GLY C 165 -39.62 -11.00 20.54
N ASP C 166 -40.21 -11.84 19.69
CA ASP C 166 -41.66 -11.91 19.62
C ASP C 166 -42.27 -12.44 20.91
N ILE C 167 -41.52 -13.22 21.68
CA ILE C 167 -42.02 -13.67 22.98
C ILE C 167 -41.84 -12.60 24.04
N ILE C 168 -40.80 -11.77 23.92
CA ILE C 168 -40.60 -10.67 24.85
C ILE C 168 -41.70 -9.63 24.70
N THR C 169 -42.07 -9.31 23.46
CA THR C 169 -43.07 -8.29 23.21
C THR C 169 -44.49 -8.84 23.11
N GLY C 170 -44.66 -10.14 22.89
CA GLY C 170 -45.99 -10.70 22.83
C GLY C 170 -46.71 -10.59 24.16
N ALA C 171 -48.04 -10.52 24.09
CA ALA C 171 -48.86 -10.33 25.28
C ALA C 171 -50.01 -11.33 25.27
N MET C 172 -50.51 -11.63 26.47
CA MET C 172 -51.67 -12.49 26.64
C MET C 172 -52.44 -12.03 27.87
N GLU C 173 -53.62 -12.63 28.06
CA GLU C 173 -54.45 -12.28 29.20
C GLU C 173 -53.76 -12.68 30.51
N GLU C 174 -53.78 -11.77 31.48
CA GLU C 174 -53.07 -11.99 32.72
C GLU C 174 -53.71 -13.08 33.57
N GLU C 175 -55.03 -13.27 33.45
CA GLU C 175 -55.71 -14.30 34.22
C GLU C 175 -55.30 -15.71 33.80
N ASP C 176 -54.81 -15.87 32.57
CA ASP C 176 -54.43 -17.20 32.08
C ASP C 176 -53.04 -17.63 32.52
N VAL C 177 -52.21 -16.69 32.97
CA VAL C 177 -50.84 -17.02 33.36
C VAL C 177 -50.85 -17.66 34.74
N HIS C 178 -50.36 -18.90 34.82
CA HIS C 178 -50.21 -19.60 36.09
C HIS C 178 -48.79 -19.39 36.59
N PHE C 179 -48.64 -18.65 37.69
CA PHE C 179 -47.33 -18.39 38.27
C PHE C 179 -47.04 -19.44 39.33
N PRO C 180 -46.03 -20.30 39.14
CA PRO C 180 -45.73 -21.31 40.15
C PRO C 180 -45.20 -20.65 41.41
N PRO C 181 -45.40 -21.28 42.57
CA PRO C 181 -44.93 -20.67 43.82
C PRO C 181 -43.42 -20.59 43.89
N ARG C 182 -42.95 -19.77 44.82
CA ARG C 182 -41.52 -19.60 45.04
C ARG C 182 -40.90 -20.94 45.42
N CYS C 183 -39.91 -21.37 44.64
CA CYS C 183 -39.30 -22.67 44.89
C CYS C 183 -38.61 -22.66 46.26
N PRO C 184 -38.71 -23.75 47.02
CA PRO C 184 -38.15 -23.76 48.38
C PRO C 184 -36.64 -23.58 48.37
N ASP C 185 -36.09 -23.45 49.57
CA ASP C 185 -34.64 -23.36 49.72
C ASP C 185 -33.98 -24.63 49.21
N ALA C 186 -32.68 -24.56 49.00
CA ALA C 186 -31.93 -25.70 48.50
C ALA C 186 -32.03 -26.85 49.49
N PRO C 187 -32.34 -28.06 49.04
CA PRO C 187 -32.39 -29.21 49.98
C PRO C 187 -31.04 -29.48 50.58
N ARG C 188 -31.02 -29.72 51.90
CA ARG C 188 -29.79 -29.95 52.64
C ARG C 188 -29.67 -31.43 52.94
N MET C 189 -28.96 -32.15 52.07
CA MET C 189 -28.72 -33.56 52.30
C MET C 189 -27.82 -33.78 53.50
N MET C 190 -27.92 -34.96 54.09
CA MET C 190 -27.08 -35.35 55.21
C MET C 190 -26.33 -36.63 54.88
N ALA C 191 -25.38 -36.95 55.74
CA ALA C 191 -24.58 -38.17 55.70
C ALA C 191 -25.17 -39.21 56.64
N PRO C 192 -25.02 -40.50 56.32
CA PRO C 192 -25.58 -41.53 57.21
C PRO C 192 -24.78 -41.64 58.50
N GLN C 193 -25.41 -42.27 59.49
CA GLN C 193 -24.83 -42.33 60.83
C GLN C 193 -23.53 -43.12 60.86
N GLU C 194 -23.24 -43.91 59.84
CA GLU C 194 -22.00 -44.66 59.80
C GLU C 194 -20.85 -43.79 59.28
N SER C 195 -21.10 -43.01 58.22
CA SER C 195 -20.07 -42.13 57.69
C SER C 195 -19.75 -41.00 58.67
N ILE C 196 -20.73 -40.54 59.43
CA ILE C 196 -20.46 -39.49 60.41
C ILE C 196 -19.64 -40.04 61.58
N ASP C 197 -19.76 -41.34 61.85
CA ASP C 197 -18.95 -41.96 62.90
C ASP C 197 -17.57 -42.33 62.37
N ALA C 198 -17.48 -42.80 61.13
CA ALA C 198 -16.18 -43.07 60.53
C ALA C 198 -15.38 -41.79 60.37
N ALA C 199 -16.05 -40.64 60.24
CA ALA C 199 -15.35 -39.37 60.17
C ALA C 199 -14.74 -39.01 61.52
N MET C 200 -15.46 -39.29 62.61
CA MET C 200 -14.91 -39.03 63.93
C MET C 200 -13.86 -40.05 64.32
N ALA C 201 -13.97 -41.28 63.81
CA ALA C 201 -12.98 -42.30 64.13
C ALA C 201 -11.62 -41.97 63.53
N ALA C 202 -11.61 -41.36 62.34
CA ALA C 202 -10.36 -40.96 61.73
C ALA C 202 -9.78 -39.70 62.37
N LEU C 203 -10.64 -38.77 62.81
CA LEU C 203 -10.16 -37.59 63.51
C LEU C 203 -9.56 -37.96 64.87
N LYS C 204 -10.13 -38.95 65.54
CA LYS C 204 -9.67 -39.38 66.85
C LYS C 204 -8.37 -40.17 66.79
N SER C 205 -7.92 -40.57 65.61
CA SER C 205 -6.69 -41.36 65.46
C SER C 205 -5.62 -40.63 64.67
N ALA C 206 -5.81 -39.35 64.36
CA ALA C 206 -4.85 -38.61 63.55
C ALA C 206 -3.71 -38.11 64.42
N GLU C 207 -2.48 -38.35 63.97
CA GLU C 207 -1.31 -37.83 64.66
C GLU C 207 -1.12 -36.34 64.38
N ARG C 208 -1.43 -35.91 63.16
CA ARG C 208 -1.25 -34.52 62.74
C ARG C 208 -2.52 -34.09 61.99
N PRO C 209 -3.60 -33.80 62.72
CA PRO C 209 -4.86 -33.46 62.05
C PRO C 209 -4.81 -32.08 61.41
N LEU C 210 -5.76 -31.84 60.51
CA LEU C 210 -5.86 -30.57 59.82
C LEU C 210 -7.25 -30.43 59.21
N VAL C 211 -7.86 -29.26 59.39
CA VAL C 211 -9.16 -28.95 58.81
C VAL C 211 -8.98 -27.84 57.79
N ILE C 212 -9.63 -27.99 56.64
CA ILE C 212 -9.54 -27.02 55.55
C ILE C 212 -10.92 -26.41 55.37
N VAL C 213 -11.11 -25.22 55.91
CA VAL C 213 -12.38 -24.49 55.77
C VAL C 213 -12.39 -23.82 54.41
N GLY C 214 -13.28 -24.28 53.52
CA GLY C 214 -13.34 -23.80 52.17
C GLY C 214 -14.52 -22.88 51.90
N LYS C 215 -14.57 -22.41 50.65
CA LYS C 215 -15.64 -21.50 50.22
C LYS C 215 -17.00 -22.19 50.25
N GLY C 216 -17.03 -23.49 50.00
CA GLY C 216 -18.30 -24.21 50.01
C GLY C 216 -19.03 -24.11 51.34
N ALA C 217 -18.28 -24.05 52.44
CA ALA C 217 -18.92 -23.86 53.74
C ALA C 217 -19.47 -22.44 53.89
N ALA C 218 -18.85 -21.46 53.24
CA ALA C 218 -19.36 -20.10 53.29
C ALA C 218 -20.68 -19.98 52.53
N TYR C 219 -20.76 -20.56 51.33
CA TYR C 219 -22.01 -20.52 50.58
C TYR C 219 -23.11 -21.33 51.28
N SER C 220 -22.73 -22.36 52.04
CA SER C 220 -23.69 -23.14 52.81
C SER C 220 -24.25 -22.38 54.01
N ARG C 221 -23.78 -21.16 54.26
CA ARG C 221 -24.23 -20.35 55.39
C ARG C 221 -24.12 -21.14 56.70
N ALA C 222 -23.01 -21.85 56.85
CA ALA C 222 -22.78 -22.74 57.97
C ALA C 222 -21.70 -22.23 58.92
N GLU C 223 -21.54 -20.91 59.00
CA GLU C 223 -20.49 -20.34 59.85
C GLU C 223 -20.73 -20.67 61.32
N ASN C 224 -21.99 -20.80 61.74
CA ASN C 224 -22.28 -21.06 63.13
C ASN C 224 -21.89 -22.47 63.55
N GLU C 225 -22.20 -23.46 62.71
CA GLU C 225 -21.87 -24.84 63.04
C GLU C 225 -20.37 -25.10 62.95
N VAL C 226 -19.68 -24.44 62.01
CA VAL C 226 -18.24 -24.63 61.88
C VAL C 226 -17.51 -24.05 63.08
N ARG C 227 -17.94 -22.87 63.55
CA ARG C 227 -17.31 -22.27 64.72
C ARG C 227 -17.54 -23.09 65.99
N GLU C 228 -18.59 -23.92 66.02
CA GLU C 228 -18.79 -24.80 67.17
C GLU C 228 -17.94 -26.06 67.05
N PHE C 229 -17.83 -26.62 65.85
CA PHE C 229 -17.10 -27.86 65.66
C PHE C 229 -15.62 -27.69 65.98
N LEU C 230 -14.98 -26.67 65.40
CA LEU C 230 -13.54 -26.50 65.61
C LEU C 230 -13.23 -26.10 67.05
N GLU C 231 -14.06 -25.26 67.66
CA GLU C 231 -13.79 -24.84 69.04
C GLU C 231 -14.01 -25.98 70.03
N THR C 232 -14.88 -26.94 69.69
CA THR C 232 -15.10 -28.08 70.58
C THR C 232 -13.96 -29.09 70.47
N THR C 233 -13.45 -29.33 69.27
CA THR C 233 -12.37 -30.30 69.07
C THR C 233 -10.99 -29.67 69.13
N GLN C 234 -10.88 -28.34 69.02
CA GLN C 234 -9.61 -27.64 69.09
C GLN C 234 -8.62 -28.15 68.03
N LEU C 235 -9.11 -28.32 66.81
CA LEU C 235 -8.32 -28.78 65.68
C LEU C 235 -7.68 -27.59 64.95
N PRO C 236 -6.42 -27.70 64.55
CA PRO C 236 -5.82 -26.65 63.71
C PRO C 236 -6.47 -26.64 62.34
N TYR C 237 -6.94 -25.46 61.92
CA TYR C 237 -7.68 -25.33 60.67
C TYR C 237 -6.96 -24.36 59.74
N LEU C 238 -7.12 -24.61 58.44
CA LEU C 238 -6.59 -23.75 57.38
C LEU C 238 -7.74 -23.22 56.56
N ALA C 239 -7.83 -21.90 56.44
CA ALA C 239 -8.89 -21.27 55.67
C ALA C 239 -8.43 -21.03 54.23
N SER C 240 -9.32 -21.32 53.28
CA SER C 240 -9.04 -21.10 51.87
C SER C 240 -9.11 -19.61 51.57
N PRO C 241 -8.70 -19.18 50.36
CA PRO C 241 -8.77 -17.75 50.03
C PRO C 241 -10.11 -17.10 50.32
N MET C 242 -11.20 -17.63 49.80
CA MET C 242 -12.52 -17.12 50.10
C MET C 242 -13.19 -17.88 51.25
N GLY C 243 -12.49 -18.82 51.87
CA GLY C 243 -12.94 -19.41 53.11
C GLY C 243 -12.66 -18.58 54.34
N LYS C 244 -11.90 -17.50 54.19
CA LYS C 244 -11.68 -16.58 55.29
C LYS C 244 -13.01 -15.95 55.72
N GLY C 245 -13.15 -15.73 57.02
CA GLY C 245 -14.34 -15.15 57.59
C GLY C 245 -15.31 -16.17 58.16
N VAL C 246 -15.40 -17.36 57.55
CA VAL C 246 -16.19 -18.45 58.15
C VAL C 246 -15.72 -18.69 59.58
N MET C 247 -14.41 -18.70 59.78
CA MET C 247 -13.73 -18.61 61.05
C MET C 247 -12.99 -17.28 61.14
N PRO C 248 -13.02 -16.62 62.29
CA PRO C 248 -12.24 -15.38 62.43
C PRO C 248 -10.77 -15.64 62.18
N ASP C 249 -10.19 -14.87 61.26
CA ASP C 249 -8.82 -15.11 60.83
C ASP C 249 -7.81 -14.96 61.97
N ASP C 250 -8.13 -14.20 63.00
CA ASP C 250 -7.25 -14.05 64.15
C ASP C 250 -7.50 -15.10 65.23
N HIS C 251 -8.21 -16.17 64.90
CA HIS C 251 -8.44 -17.24 65.86
C HIS C 251 -7.13 -17.99 66.12
N PRO C 252 -6.82 -18.30 67.38
CA PRO C 252 -5.58 -19.01 67.67
C PRO C 252 -5.48 -20.37 66.99
N LEU C 253 -6.61 -20.98 66.63
CA LEU C 253 -6.58 -22.26 65.91
C LEU C 253 -6.25 -22.10 64.44
N SER C 254 -6.14 -20.88 63.93
CA SER C 254 -5.79 -20.66 62.54
C SER C 254 -4.30 -20.85 62.35
N ILE C 255 -3.92 -21.83 61.55
CA ILE C 255 -2.52 -22.12 61.27
C ILE C 255 -2.18 -21.64 59.86
N ALA C 256 -2.85 -20.57 59.43
CA ALA C 256 -2.66 -20.07 58.06
C ALA C 256 -1.22 -19.69 57.74
N PRO C 257 -0.45 -19.02 58.61
CA PRO C 257 0.94 -18.68 58.22
C PRO C 257 1.79 -19.88 57.88
N ALA C 258 1.57 -21.03 58.51
CA ALA C 258 2.34 -22.24 58.21
C ALA C 258 1.54 -23.20 57.33
N ARG C 259 1.07 -22.69 56.19
CA ARG C 259 0.20 -23.48 55.33
C ARG C 259 0.94 -24.64 54.68
N SER C 260 2.14 -24.39 54.15
CA SER C 260 2.86 -25.43 53.43
C SER C 260 3.24 -26.59 54.33
N ALA C 261 3.72 -26.30 55.55
CA ALA C 261 4.09 -27.36 56.48
C ALA C 261 2.84 -28.05 57.05
N ALA C 262 1.73 -27.34 57.14
CA ALA C 262 0.49 -27.96 57.62
C ALA C 262 -0.06 -28.94 56.60
N LEU C 263 -0.04 -28.57 55.32
CA LEU C 263 -0.54 -29.48 54.28
C LEU C 263 0.41 -30.66 54.08
N LEU C 264 1.72 -30.44 54.22
CA LEU C 264 2.67 -31.53 54.03
C LEU C 264 2.67 -32.48 55.22
N GLY C 265 2.62 -31.94 56.44
CA GLY C 265 2.68 -32.77 57.62
C GLY C 265 1.39 -33.47 57.99
N ALA C 266 0.26 -32.97 57.51
CA ALA C 266 -1.03 -33.54 57.87
C ALA C 266 -1.17 -34.96 57.35
N ASP C 267 -1.51 -35.89 58.25
CA ASP C 267 -1.82 -37.26 57.86
C ASP C 267 -3.30 -37.48 57.65
N VAL C 268 -4.15 -36.66 58.26
CA VAL C 268 -5.61 -36.73 58.10
C VAL C 268 -6.11 -35.31 57.87
N ILE C 269 -6.87 -35.13 56.80
CA ILE C 269 -7.39 -33.82 56.41
C ILE C 269 -8.91 -33.89 56.32
N LEU C 270 -9.57 -32.87 56.85
CA LEU C 270 -11.03 -32.72 56.77
C LEU C 270 -11.34 -31.58 55.81
N LEU C 271 -11.77 -31.93 54.59
CA LEU C 271 -12.16 -30.93 53.61
C LEU C 271 -13.57 -30.43 53.93
N MET C 272 -13.68 -29.14 54.24
CA MET C 272 -14.96 -28.51 54.57
C MET C 272 -15.32 -27.56 53.43
N GLY C 273 -15.98 -28.09 52.41
CA GLY C 273 -16.39 -27.28 51.28
C GLY C 273 -15.22 -26.79 50.44
N ALA C 274 -14.19 -27.60 50.27
CA ALA C 274 -13.04 -27.25 49.47
C ALA C 274 -12.66 -28.42 48.58
N ARG C 275 -12.12 -28.10 47.40
CA ARG C 275 -11.71 -29.10 46.43
C ARG C 275 -10.20 -29.24 46.41
N LEU C 276 -9.75 -30.45 46.10
CA LEU C 276 -8.32 -30.72 45.90
C LEU C 276 -7.93 -30.40 44.45
N ASN C 277 -8.21 -29.16 44.06
CA ASN C 277 -7.91 -28.70 42.71
C ASN C 277 -6.56 -28.01 42.68
N TRP C 278 -6.36 -27.11 41.71
CA TRP C 278 -5.10 -26.38 41.63
C TRP C 278 -4.83 -25.54 42.88
N MET C 279 -5.88 -25.14 43.61
CA MET C 279 -5.67 -24.38 44.84
C MET C 279 -4.85 -25.18 45.84
N MET C 280 -5.21 -26.44 46.08
CA MET C 280 -4.53 -27.30 47.03
C MET C 280 -3.53 -28.23 46.37
N HIS C 281 -3.00 -27.84 45.21
CA HIS C 281 -1.96 -28.59 44.51
C HIS C 281 -2.38 -30.03 44.24
N PHE C 282 -3.67 -30.23 43.97
CA PHE C 282 -4.25 -31.54 43.67
C PHE C 282 -4.06 -32.54 44.80
N GLY C 283 -3.74 -32.08 46.00
CA GLY C 283 -3.51 -32.97 47.12
C GLY C 283 -2.34 -33.92 46.93
N HIS C 284 -1.47 -33.65 45.98
CA HIS C 284 -0.37 -34.52 45.62
C HIS C 284 0.94 -34.02 46.22
N PRO C 285 1.91 -34.92 46.42
CA PRO C 285 3.25 -34.49 46.79
C PRO C 285 3.88 -33.66 45.68
N PRO C 286 4.97 -32.93 45.96
CA PRO C 286 5.69 -32.79 47.24
C PRO C 286 4.97 -31.89 48.25
N ARG C 287 3.85 -31.27 47.86
CA ARG C 287 3.14 -30.39 48.78
C ARG C 287 2.32 -31.14 49.82
N PHE C 288 2.10 -32.44 49.65
CA PHE C 288 1.26 -33.22 50.54
C PHE C 288 1.95 -34.53 50.89
N ASP C 289 1.47 -35.15 51.95
CA ASP C 289 1.95 -36.47 52.35
C ASP C 289 1.27 -37.54 51.51
N PRO C 290 2.02 -38.35 50.75
CA PRO C 290 1.38 -39.37 49.90
C PRO C 290 0.56 -40.39 50.68
N LYS C 291 0.66 -40.43 52.01
CA LYS C 291 -0.11 -41.33 52.84
C LYS C 291 -1.27 -40.64 53.55
N VAL C 292 -1.68 -39.47 53.06
CA VAL C 292 -2.68 -38.68 53.75
C VAL C 292 -4.05 -39.35 53.63
N ARG C 293 -4.87 -39.16 54.66
CA ARG C 293 -6.24 -39.64 54.68
C ARG C 293 -7.19 -38.46 54.59
N VAL C 294 -8.14 -38.54 53.65
CA VAL C 294 -9.00 -37.41 53.31
C VAL C 294 -10.42 -37.70 53.77
N ILE C 295 -11.00 -36.75 54.50
CA ILE C 295 -12.42 -36.75 54.84
C ILE C 295 -13.03 -35.57 54.12
N GLN C 296 -13.72 -35.83 53.02
CA GLN C 296 -14.18 -34.79 52.10
C GLN C 296 -15.65 -34.50 52.34
N MET C 297 -15.98 -33.22 52.54
CA MET C 297 -17.35 -32.75 52.67
C MET C 297 -17.64 -31.83 51.49
N ASP C 298 -18.66 -32.19 50.70
CA ASP C 298 -18.91 -31.47 49.45
C ASP C 298 -20.33 -31.78 49.00
N ILE C 299 -21.01 -30.77 48.45
CA ILE C 299 -22.36 -30.97 47.94
C ILE C 299 -22.37 -31.83 46.70
N SER C 300 -21.26 -31.90 45.97
CA SER C 300 -21.16 -32.67 44.74
C SER C 300 -20.68 -34.08 45.07
N ALA C 301 -21.46 -35.08 44.66
CA ALA C 301 -21.04 -36.46 44.84
C ALA C 301 -19.97 -36.87 43.85
N GLU C 302 -20.01 -36.32 42.63
CA GLU C 302 -18.98 -36.62 41.63
C GLU C 302 -17.63 -36.04 42.01
N GLU C 303 -17.59 -35.06 42.91
CA GLU C 303 -16.33 -34.46 43.33
C GLU C 303 -15.54 -35.38 44.27
N ILE C 304 -16.23 -36.31 44.93
CA ILE C 304 -15.57 -37.18 45.89
C ILE C 304 -14.53 -38.04 45.19
N GLY C 305 -13.34 -38.11 45.77
CA GLY C 305 -12.27 -38.94 45.23
C GLY C 305 -11.42 -38.31 44.16
N THR C 306 -11.59 -37.02 43.89
CA THR C 306 -10.82 -36.36 42.84
C THR C 306 -9.36 -36.23 43.27
N ASN C 307 -8.46 -36.60 42.35
CA ASN C 307 -7.01 -36.48 42.53
C ASN C 307 -6.50 -37.37 43.65
N VAL C 308 -7.07 -37.27 44.84
CA VAL C 308 -6.68 -38.09 45.97
C VAL C 308 -7.89 -38.91 46.42
N PRO C 309 -7.72 -40.20 46.70
CA PRO C 309 -8.86 -40.99 47.19
C PRO C 309 -9.41 -40.44 48.49
N THR C 310 -10.72 -40.56 48.66
CA THR C 310 -11.41 -40.11 49.85
C THR C 310 -11.82 -41.32 50.69
N GLU C 311 -11.39 -41.33 51.97
CA GLU C 311 -11.69 -42.45 52.83
C GLU C 311 -13.08 -42.34 53.45
N VAL C 312 -13.51 -41.13 53.79
CA VAL C 312 -14.82 -40.88 54.38
C VAL C 312 -15.52 -39.85 53.51
N ALA C 313 -16.56 -40.27 52.80
CA ALA C 313 -17.31 -39.37 51.92
C ALA C 313 -18.47 -38.77 52.70
N LEU C 314 -18.34 -37.49 53.03
CA LEU C 314 -19.41 -36.75 53.70
C LEU C 314 -20.12 -35.89 52.65
N VAL C 315 -20.96 -36.54 51.86
CA VAL C 315 -21.66 -35.88 50.77
C VAL C 315 -22.96 -35.30 51.29
N GLY C 316 -23.21 -34.03 50.97
CA GLY C 316 -24.40 -33.33 51.41
C GLY C 316 -24.07 -31.90 51.72
N ASP C 317 -25.05 -31.19 52.29
CA ASP C 317 -24.87 -29.80 52.66
C ASP C 317 -23.90 -29.70 53.84
N ALA C 318 -23.03 -28.69 53.79
CA ALA C 318 -22.04 -28.52 54.85
C ALA C 318 -22.70 -28.19 56.18
N LYS C 319 -23.76 -27.38 56.15
CA LYS C 319 -24.46 -27.03 57.39
C LYS C 319 -25.15 -28.25 57.99
N ALA C 320 -25.72 -29.11 57.15
CA ALA C 320 -26.40 -30.30 57.66
C ALA C 320 -25.42 -31.34 58.18
N ILE C 321 -24.21 -31.38 57.64
CA ILE C 321 -23.23 -32.37 58.06
C ILE C 321 -22.42 -31.87 59.25
N THR C 322 -22.02 -30.59 59.25
CA THR C 322 -21.33 -30.03 60.41
C THR C 322 -22.22 -30.07 61.64
N THR C 323 -23.54 -29.97 61.46
CA THR C 323 -24.46 -30.20 62.56
C THR C 323 -24.39 -31.65 63.04
N GLN C 324 -24.29 -32.59 62.11
CA GLN C 324 -24.17 -34.00 62.47
C GLN C 324 -22.87 -34.25 63.24
N LEU C 325 -21.79 -33.55 62.86
CA LEU C 325 -20.54 -33.68 63.59
C LEU C 325 -20.69 -33.17 65.02
N ASN C 326 -21.37 -32.03 65.19
CA ASN C 326 -21.60 -31.51 66.53
C ASN C 326 -22.53 -32.40 67.34
N ALA C 327 -23.47 -33.07 66.67
CA ALA C 327 -24.36 -34.00 67.37
C ALA C 327 -23.59 -35.19 67.91
N SER C 328 -22.51 -35.59 67.24
CA SER C 328 -21.64 -36.65 67.73
C SER C 328 -20.70 -36.19 68.82
N LEU C 329 -20.63 -34.88 69.07
CA LEU C 329 -19.76 -34.34 70.12
C LEU C 329 -20.48 -34.13 71.44
N LYS C 330 -21.81 -34.09 71.44
CA LYS C 330 -22.54 -34.03 72.71
C LYS C 330 -22.67 -35.40 73.35
N GLN C 331 -22.82 -36.45 72.54
CA GLN C 331 -22.87 -37.81 73.05
C GLN C 331 -21.50 -38.23 73.59
N GLN C 332 -20.52 -38.37 72.70
CA GLN C 332 -19.15 -38.70 73.08
C GLN C 332 -18.24 -37.52 72.77
N PRO C 333 -17.93 -36.67 73.74
CA PRO C 333 -17.09 -35.52 73.46
C PRO C 333 -15.65 -35.91 73.16
N TRP C 334 -14.93 -34.97 72.53
CA TRP C 334 -13.54 -35.18 72.18
C TRP C 334 -12.90 -33.82 71.92
N GLN C 335 -11.56 -33.81 71.93
CA GLN C 335 -10.81 -32.57 71.75
C GLN C 335 -9.37 -32.91 71.46
N TYR C 336 -8.71 -32.04 70.69
CA TYR C 336 -7.28 -32.17 70.44
C TYR C 336 -6.51 -31.56 71.61
N PRO C 337 -5.47 -32.23 72.12
CA PRO C 337 -4.90 -31.84 73.43
C PRO C 337 -4.32 -30.42 73.49
N SER C 338 -4.25 -29.69 72.38
CA SER C 338 -3.80 -28.31 72.35
C SER C 338 -2.33 -28.15 72.75
N GLU C 339 -1.67 -29.26 73.13
CA GLU C 339 -0.26 -29.26 73.50
C GLU C 339 0.34 -30.59 73.03
N THR C 340 0.52 -30.72 71.72
CA THR C 340 1.06 -31.91 71.10
C THR C 340 2.31 -31.56 70.30
N THR C 341 2.99 -32.61 69.82
CA THR C 341 4.15 -32.39 68.97
C THR C 341 3.75 -31.78 67.63
N TRP C 342 2.53 -32.04 67.18
CA TRP C 342 2.04 -31.41 65.94
C TRP C 342 1.70 -29.95 66.15
N TRP C 343 1.29 -29.57 67.36
CA TRP C 343 1.04 -28.16 67.65
C TRP C 343 2.33 -27.37 67.71
N THR C 344 3.31 -27.87 68.48
CA THR C 344 4.56 -27.12 68.67
C THR C 344 5.36 -27.01 67.39
N GLY C 345 5.20 -27.96 66.46
CA GLY C 345 5.89 -27.84 65.18
C GLY C 345 5.37 -26.68 64.35
N LEU C 346 4.04 -26.59 64.20
CA LEU C 346 3.45 -25.45 63.51
C LEU C 346 3.64 -24.16 64.30
N ARG C 347 3.60 -24.25 65.63
CA ARG C 347 3.76 -23.07 66.48
C ARG C 347 5.06 -22.34 66.16
N LYS C 348 6.15 -23.10 65.96
CA LYS C 348 7.42 -22.46 65.62
C LYS C 348 7.39 -21.88 64.21
N LYS C 349 6.72 -22.57 63.28
CA LYS C 349 6.65 -22.07 61.91
C LYS C 349 5.80 -20.81 61.83
N ILE C 350 4.73 -20.73 62.62
CA ILE C 350 3.90 -19.52 62.62
C ILE C 350 4.66 -18.36 63.25
N ASP C 351 5.44 -18.65 64.31
CA ASP C 351 6.25 -17.61 64.93
C ASP C 351 7.32 -17.10 63.96
N GLU C 352 8.00 -18.01 63.27
CA GLU C 352 9.04 -17.61 62.32
C GLU C 352 8.45 -16.85 61.14
N ASN C 353 7.35 -17.35 60.57
CA ASN C 353 6.71 -16.66 59.46
C ASN C 353 6.17 -15.31 59.89
N GLY C 354 5.56 -15.24 61.07
CA GLY C 354 5.03 -13.97 61.56
C GLY C 354 6.13 -12.94 61.78
N ALA C 355 7.29 -13.37 62.26
CA ALA C 355 8.40 -12.44 62.47
C ALA C 355 8.97 -11.94 61.15
N THR C 356 9.00 -12.79 60.13
CA THR C 356 9.52 -12.35 58.82
C THR C 356 8.58 -11.36 58.16
N VAL C 357 7.27 -11.58 58.29
CA VAL C 357 6.29 -10.64 57.73
C VAL C 357 6.40 -9.29 58.42
N ALA C 358 6.67 -9.28 59.73
CA ALA C 358 6.83 -8.03 60.45
C ALA C 358 8.02 -7.24 59.94
N GLU C 359 9.06 -7.93 59.47
CA GLU C 359 10.23 -7.25 58.92
C GLU C 359 9.90 -6.51 57.64
N MET C 360 9.22 -7.18 56.71
CA MET C 360 8.95 -6.60 55.40
C MET C 360 7.94 -5.45 55.48
N MET C 361 7.01 -5.51 56.44
CA MET C 361 6.03 -4.45 56.57
C MET C 361 6.65 -3.15 57.10
N ALA C 362 7.87 -3.20 57.60
CA ALA C 362 8.53 -2.01 58.15
C ALA C 362 9.63 -1.52 57.20
N ASP C 363 9.22 -1.23 55.97
CA ASP C 363 10.12 -0.74 54.94
C ASP C 363 9.57 0.57 54.38
N GLU C 364 10.43 1.59 54.31
CA GLU C 364 10.05 2.92 53.87
C GLU C 364 10.76 3.31 52.57
N SER C 365 11.10 2.33 51.74
CA SER C 365 11.81 2.60 50.50
C SER C 365 10.83 3.03 49.40
N VAL C 366 11.27 3.98 48.60
CA VAL C 366 10.47 4.52 47.49
C VAL C 366 11.08 4.02 46.18
N PRO C 367 10.28 3.48 45.25
CA PRO C 367 8.84 3.21 45.33
C PRO C 367 8.53 2.14 46.38
N MET C 368 7.34 2.18 46.98
CA MET C 368 7.03 1.31 48.10
C MET C 368 6.84 -0.13 47.64
N SER C 369 6.74 -1.03 48.60
CA SER C 369 6.61 -2.45 48.36
C SER C 369 5.16 -2.89 48.61
N TYR C 370 4.92 -4.20 48.45
CA TYR C 370 3.59 -4.74 48.69
C TYR C 370 3.26 -4.74 50.18
N TYR C 371 4.22 -5.12 51.03
CA TYR C 371 3.92 -5.34 52.44
C TYR C 371 3.60 -4.04 53.17
N ARG C 372 4.35 -2.97 52.89
CA ARG C 372 4.09 -1.71 53.57
C ARG C 372 2.74 -1.11 53.17
N VAL C 373 2.32 -1.31 51.92
CA VAL C 373 1.03 -0.77 51.49
C VAL C 373 -0.11 -1.53 52.18
N TYR C 374 -0.04 -2.85 52.18
CA TYR C 374 -1.09 -3.65 52.82
C TYR C 374 -1.07 -3.48 54.34
N ARG C 375 0.10 -3.24 54.92
CA ARG C 375 0.16 -2.91 56.34
C ARG C 375 -0.65 -1.67 56.67
N GLU C 376 -0.76 -0.75 55.71
CA GLU C 376 -1.54 0.47 55.91
C GLU C 376 -3.02 0.22 55.71
N ILE C 377 -3.39 -0.53 54.67
CA ILE C 377 -4.79 -0.70 54.32
C ILE C 377 -5.52 -1.52 55.37
N ARG C 378 -4.85 -2.53 55.93
CA ARG C 378 -5.51 -3.39 56.91
C ARG C 378 -5.77 -2.68 58.23
N ASP C 379 -5.22 -1.48 58.44
CA ASP C 379 -5.56 -0.70 59.61
C ASP C 379 -6.88 0.04 59.44
N LEU C 380 -7.20 0.47 58.22
CA LEU C 380 -8.39 1.27 57.96
C LEU C 380 -9.60 0.45 57.58
N ILE C 381 -9.44 -0.86 57.36
CA ILE C 381 -10.59 -1.69 56.99
C ILE C 381 -11.38 -2.02 58.27
N PRO C 382 -12.67 -1.69 58.31
CA PRO C 382 -13.48 -2.10 59.44
C PRO C 382 -13.65 -3.61 59.47
N ASN C 383 -13.97 -4.13 60.68
CA ASN C 383 -14.13 -5.56 60.85
C ASN C 383 -15.33 -6.11 60.08
N ASP C 384 -16.28 -5.26 59.71
CA ASP C 384 -17.48 -5.69 58.99
C ASP C 384 -17.44 -5.32 57.52
N ALA C 385 -16.33 -4.82 57.01
CA ALA C 385 -16.25 -4.36 55.64
C ALA C 385 -16.06 -5.52 54.68
N ILE C 386 -16.38 -5.27 53.41
CA ILE C 386 -16.17 -6.23 52.34
C ILE C 386 -14.85 -5.92 51.65
N ILE C 387 -14.12 -6.96 51.26
CA ILE C 387 -12.83 -6.82 50.60
C ILE C 387 -12.93 -7.45 49.22
N GLN C 388 -12.65 -6.66 48.19
CA GLN C 388 -12.60 -7.16 46.80
C GLN C 388 -11.17 -6.99 46.31
N ASN C 389 -10.47 -8.11 46.16
CA ASN C 389 -9.04 -8.11 45.81
C ASN C 389 -8.87 -8.90 44.52
N GLU C 390 -8.50 -8.22 43.45
CA GLU C 390 -8.28 -8.85 42.15
C GLU C 390 -6.90 -8.47 41.63
N GLY C 391 -6.16 -9.46 41.14
CA GLY C 391 -4.84 -9.22 40.61
C GLY C 391 -4.00 -10.48 40.72
N ALA C 392 -2.69 -10.28 40.59
CA ALA C 392 -1.76 -11.40 40.77
C ALA C 392 -1.09 -11.33 42.14
N SER C 393 0.09 -10.71 42.21
CA SER C 393 0.79 -10.60 43.48
C SER C 393 -0.02 -9.79 44.49
N THR C 394 -0.68 -8.72 44.04
CA THR C 394 -1.52 -7.91 44.91
C THR C 394 -2.60 -8.76 45.57
N MET C 395 -3.30 -9.56 44.77
CA MET C 395 -4.37 -10.40 45.32
C MET C 395 -3.81 -11.50 46.21
N ASP C 396 -2.64 -12.03 45.87
CA ASP C 396 -2.07 -13.13 46.64
C ASP C 396 -1.53 -12.67 47.99
N ILE C 397 -0.91 -11.48 48.02
CA ILE C 397 -0.39 -10.98 49.29
C ILE C 397 -1.52 -10.51 50.19
N GLY C 398 -2.58 -9.94 49.59
CA GLY C 398 -3.76 -9.56 50.37
C GLY C 398 -4.42 -10.73 51.07
N ARG C 399 -4.21 -11.95 50.56
CA ARG C 399 -4.66 -13.14 51.28
C ARG C 399 -3.99 -13.25 52.63
N THR C 400 -2.70 -12.96 52.69
CA THR C 400 -1.92 -13.17 53.91
C THR C 400 -2.08 -12.03 54.91
N LEU C 401 -2.28 -10.80 54.43
CA LEU C 401 -2.23 -9.63 55.29
C LEU C 401 -3.60 -9.05 55.63
N MET C 402 -4.57 -9.13 54.72
CA MET C 402 -5.87 -8.52 54.97
C MET C 402 -6.75 -9.47 55.78
N PRO C 403 -7.16 -9.09 56.98
CA PRO C 403 -7.97 -10.00 57.82
C PRO C 403 -9.45 -9.92 57.51
N ASN C 404 -10.12 -11.05 57.71
CA ASN C 404 -11.56 -11.16 57.58
C ASN C 404 -12.11 -11.92 58.77
N PHE C 405 -13.28 -11.48 59.27
CA PHE C 405 -13.86 -12.05 60.48
C PHE C 405 -15.28 -12.54 60.30
N LEU C 406 -15.92 -12.26 59.16
CA LEU C 406 -17.27 -12.70 58.87
C LEU C 406 -17.29 -13.44 57.54
N PRO C 407 -18.10 -14.49 57.41
CA PRO C 407 -18.12 -15.26 56.17
C PRO C 407 -18.65 -14.44 55.01
N ARG C 408 -18.16 -14.75 53.81
CA ARG C 408 -18.59 -14.10 52.57
C ARG C 408 -18.33 -12.60 52.60
N HIS C 409 -17.14 -12.22 53.07
CA HIS C 409 -16.72 -10.82 53.08
C HIS C 409 -15.47 -10.59 52.24
N ARG C 410 -15.04 -11.58 51.45
CA ARG C 410 -13.90 -11.44 50.57
C ARG C 410 -14.26 -12.00 49.19
N LEU C 411 -14.01 -11.21 48.15
CA LEU C 411 -14.28 -11.62 46.77
C LEU C 411 -13.00 -11.45 45.96
N ASP C 412 -12.44 -12.57 45.49
CA ASP C 412 -11.25 -12.51 44.65
C ASP C 412 -11.53 -13.08 43.26
N ALA C 413 -10.47 -13.48 42.56
CA ALA C 413 -10.62 -14.02 41.20
C ALA C 413 -11.38 -15.35 41.18
N GLY C 414 -11.38 -16.08 42.28
CA GLY C 414 -12.12 -17.32 42.35
C GLY C 414 -11.37 -18.52 41.81
N SER C 415 -12.12 -19.61 41.63
CA SER C 415 -11.55 -20.87 41.15
C SER C 415 -11.11 -20.82 39.70
N PHE C 416 -11.53 -19.80 38.94
CA PHE C 416 -11.16 -19.67 37.54
C PHE C 416 -9.97 -18.76 37.32
N GLY C 417 -9.48 -18.07 38.36
CA GLY C 417 -8.38 -17.14 38.23
C GLY C 417 -8.66 -16.06 37.21
N THR C 418 -9.82 -15.42 37.32
CA THR C 418 -10.32 -14.51 36.29
C THR C 418 -9.89 -13.07 36.57
N MET C 419 -9.48 -12.38 35.51
CA MET C 419 -9.26 -10.94 35.54
C MET C 419 -10.42 -10.25 34.83
N GLY C 420 -11.04 -9.29 35.50
CA GLY C 420 -12.24 -8.65 35.01
C GLY C 420 -13.44 -8.80 35.92
N VAL C 421 -13.35 -9.63 36.97
CA VAL C 421 -14.44 -9.77 37.93
C VAL C 421 -14.39 -8.73 39.03
N GLY C 422 -13.31 -7.97 39.14
CA GLY C 422 -13.09 -7.08 40.27
C GLY C 422 -14.17 -6.05 40.51
N LEU C 423 -14.26 -5.06 39.63
CA LEU C 423 -15.24 -3.99 39.82
C LEU C 423 -16.67 -4.51 39.69
N GLY C 424 -16.87 -5.59 38.92
CA GLY C 424 -18.19 -6.18 38.85
C GLY C 424 -18.65 -6.76 40.18
N GLN C 425 -17.76 -7.50 40.84
CA GLN C 425 -18.09 -8.07 42.15
C GLN C 425 -18.17 -6.99 43.21
N ALA C 426 -17.42 -5.89 43.05
CA ALA C 426 -17.49 -4.81 44.03
C ALA C 426 -18.83 -4.08 43.95
N ILE C 427 -19.38 -3.95 42.75
CA ILE C 427 -20.70 -3.33 42.61
C ILE C 427 -21.78 -4.24 43.17
N ALA C 428 -21.67 -5.55 42.92
CA ALA C 428 -22.65 -6.49 43.44
C ALA C 428 -22.61 -6.55 44.96
N ALA C 429 -21.40 -6.53 45.54
CA ALA C 429 -21.28 -6.62 46.99
C ALA C 429 -21.90 -5.40 47.67
N ALA C 430 -21.71 -4.22 47.10
CA ALA C 430 -22.29 -3.01 47.68
C ALA C 430 -23.80 -2.95 47.47
N ALA C 431 -24.30 -3.60 46.42
CA ALA C 431 -25.75 -3.65 46.22
C ALA C 431 -26.40 -4.63 47.19
N VAL C 432 -25.73 -5.75 47.47
CA VAL C 432 -26.26 -6.70 48.45
C VAL C 432 -26.06 -6.18 49.87
N HIS C 433 -24.96 -5.48 50.14
CA HIS C 433 -24.67 -4.90 51.45
C HIS C 433 -24.61 -3.39 51.31
N PRO C 434 -25.76 -2.72 51.29
CA PRO C 434 -25.74 -1.26 51.11
C PRO C 434 -25.19 -0.50 52.30
N ASP C 435 -25.32 -1.05 53.51
CA ASP C 435 -24.81 -0.36 54.70
C ASP C 435 -23.31 -0.58 54.86
N LYS C 436 -22.81 -1.76 54.50
CA LYS C 436 -21.40 -2.05 54.61
C LYS C 436 -20.60 -1.27 53.57
N HIS C 437 -19.29 -1.19 53.80
CA HIS C 437 -18.36 -0.56 52.88
C HIS C 437 -17.46 -1.62 52.27
N VAL C 438 -17.20 -1.50 50.97
CA VAL C 438 -16.35 -2.44 50.26
C VAL C 438 -15.11 -1.71 49.76
N PHE C 439 -13.99 -2.42 49.74
CA PHE C 439 -12.72 -1.90 49.27
C PHE C 439 -12.28 -2.71 48.06
N CYS C 440 -12.16 -2.05 46.92
CA CYS C 440 -11.82 -2.71 45.66
C CYS C 440 -10.32 -2.55 45.42
N ILE C 441 -9.54 -3.39 46.10
CA ILE C 441 -8.09 -3.38 45.95
C ILE C 441 -7.75 -4.10 44.65
N GLU C 442 -7.14 -3.37 43.72
CA GLU C 442 -6.90 -3.86 42.36
C GLU C 442 -5.47 -3.62 41.97
N GLY C 443 -5.01 -4.39 40.98
CA GLY C 443 -3.77 -4.08 40.30
C GLY C 443 -4.01 -3.24 39.06
N ASP C 444 -2.94 -2.61 38.58
CA ASP C 444 -3.07 -1.75 37.41
C ASP C 444 -3.52 -2.56 36.18
N SER C 445 -3.03 -3.80 36.06
CA SER C 445 -3.48 -4.65 34.97
C SER C 445 -4.92 -5.09 35.15
N ALA C 446 -5.27 -5.57 36.34
CA ALA C 446 -6.62 -6.04 36.59
C ALA C 446 -7.64 -4.91 36.49
N PHE C 447 -7.22 -3.67 36.75
CA PHE C 447 -8.13 -2.54 36.66
C PHE C 447 -8.45 -2.21 35.20
N GLY C 448 -7.54 -2.48 34.28
CA GLY C 448 -7.80 -2.23 32.86
C GLY C 448 -8.95 -3.04 32.30
N PHE C 449 -9.24 -4.20 32.87
CA PHE C 449 -10.33 -5.04 32.38
C PHE C 449 -11.67 -4.38 32.62
N SER C 450 -11.98 -4.06 33.89
CA SER C 450 -13.31 -3.62 34.29
C SER C 450 -13.28 -2.23 34.92
N GLY C 451 -12.23 -1.45 34.67
CA GLY C 451 -12.11 -0.13 35.28
C GLY C 451 -13.11 0.89 34.78
N MET C 452 -13.71 0.64 33.62
CA MET C 452 -14.73 1.55 33.10
C MET C 452 -16.01 1.51 33.92
N GLU C 453 -16.15 0.56 34.84
CA GLU C 453 -17.34 0.42 35.67
C GLU C 453 -17.35 1.36 36.87
N VAL C 454 -16.36 2.26 36.99
CA VAL C 454 -16.42 3.25 38.05
C VAL C 454 -17.57 4.21 37.84
N GLU C 455 -17.94 4.45 36.57
CA GLU C 455 -19.10 5.29 36.29
C GLU C 455 -20.39 4.62 36.74
N THR C 456 -20.46 3.29 36.67
CA THR C 456 -21.65 2.58 37.09
C THR C 456 -21.80 2.62 38.61
N ALA C 457 -20.70 2.39 39.35
CA ALA C 457 -20.75 2.44 40.80
C ALA C 457 -21.04 3.84 41.32
N ALA C 458 -20.84 4.87 40.50
CA ALA C 458 -21.16 6.24 40.88
C ALA C 458 -22.51 6.72 40.35
N ARG C 459 -22.96 6.16 39.22
CA ARG C 459 -24.28 6.52 38.70
C ARG C 459 -25.38 6.10 39.65
N TYR C 460 -25.16 5.03 40.41
CA TYR C 460 -26.13 4.53 41.36
C TYR C 460 -25.81 4.93 42.80
N GLY C 461 -24.87 5.85 42.99
CA GLY C 461 -24.57 6.37 44.31
C GLY C 461 -24.03 5.34 45.28
N MET C 462 -23.12 4.48 44.83
CA MET C 462 -22.52 3.46 45.69
C MET C 462 -21.21 4.00 46.28
N LYS C 463 -21.37 5.02 47.12
CA LYS C 463 -20.22 5.64 47.77
C LYS C 463 -19.58 4.74 48.81
N ASN C 464 -20.18 3.58 49.11
CA ASN C 464 -19.59 2.60 50.00
C ASN C 464 -18.52 1.75 49.30
N ILE C 465 -18.09 2.15 48.11
CA ILE C 465 -17.03 1.46 47.37
C ILE C 465 -15.84 2.41 47.27
N THR C 466 -14.67 1.92 47.64
CA THR C 466 -13.42 2.66 47.49
C THR C 466 -12.49 1.85 46.60
N PHE C 467 -12.07 2.46 45.48
CA PHE C 467 -11.22 1.79 44.51
C PHE C 467 -9.76 2.08 44.86
N ILE C 468 -9.03 1.05 45.25
CA ILE C 468 -7.60 1.16 45.56
C ILE C 468 -6.84 0.40 44.49
N ILE C 469 -5.96 1.11 43.78
CA ILE C 469 -5.21 0.54 42.66
C ILE C 469 -3.74 0.47 43.05
N ILE C 470 -3.21 -0.74 43.11
CA ILE C 470 -1.79 -0.96 43.38
C ILE C 470 -1.10 -1.09 42.02
N ASN C 471 -0.43 -0.03 41.61
CA ASN C 471 0.14 0.08 40.26
C ASN C 471 1.64 -0.23 40.33
N ASN C 472 2.06 -1.24 39.56
CA ASN C 472 3.48 -1.50 39.33
C ASN C 472 3.84 -1.37 37.85
N ASN C 473 3.06 -0.60 37.09
CA ASN C 473 3.36 -0.24 35.71
C ASN C 473 3.37 -1.45 34.77
N GLY C 474 2.63 -2.50 35.10
CA GLY C 474 2.53 -3.63 34.20
C GLY C 474 2.10 -4.88 34.91
N ILE C 475 1.90 -5.92 34.10
CA ILE C 475 1.54 -7.25 34.60
C ILE C 475 2.74 -7.83 35.32
N GLY C 476 2.67 -7.91 36.66
CA GLY C 476 3.81 -8.36 37.42
C GLY C 476 4.98 -7.41 37.41
N GLY C 477 4.76 -6.15 37.06
CA GLY C 477 5.84 -5.17 36.99
C GLY C 477 6.03 -4.62 35.60
N GLY C 478 6.62 -3.43 35.51
CA GLY C 478 6.88 -2.80 34.24
C GLY C 478 7.96 -1.74 34.34
N PRO C 479 8.55 -1.37 33.21
CA PRO C 479 9.61 -0.36 33.23
C PRO C 479 9.06 1.03 33.49
N ASP C 480 9.97 1.94 33.85
CA ASP C 480 9.61 3.33 34.10
C ASP C 480 9.63 4.18 32.84
N THR C 481 10.29 3.73 31.78
CA THR C 481 10.28 4.38 30.49
C THR C 481 9.77 3.40 29.44
N LEU C 482 9.26 3.93 28.33
CA LEU C 482 8.66 3.09 27.30
C LEU C 482 8.88 3.71 25.94
N ASP C 483 9.47 2.94 25.04
CA ASP C 483 9.53 3.29 23.63
C ASP C 483 8.35 2.62 22.93
N PRO C 484 7.47 3.37 22.25
CA PRO C 484 6.31 2.74 21.59
C PRO C 484 6.68 1.65 20.60
N THR C 485 7.91 1.63 20.09
CA THR C 485 8.36 0.58 19.18
C THR C 485 9.02 -0.58 19.91
N ARG C 486 9.14 -0.51 21.23
CA ARG C 486 9.79 -1.55 22.03
C ARG C 486 9.02 -1.76 23.33
N VAL C 487 7.72 -2.00 23.22
CA VAL C 487 6.84 -2.15 24.38
C VAL C 487 6.89 -3.62 24.81
N PRO C 488 7.30 -3.91 26.05
CA PRO C 488 7.17 -5.28 26.54
C PRO C 488 5.73 -5.71 26.55
N PRO C 489 5.47 -6.99 26.29
CA PRO C 489 4.07 -7.47 26.23
C PRO C 489 3.31 -7.34 27.55
N SER C 490 3.98 -7.03 28.66
CA SER C 490 3.34 -6.98 29.96
C SER C 490 3.44 -5.61 30.62
N ALA C 491 3.74 -4.57 29.84
CA ALA C 491 3.94 -3.23 30.38
C ALA C 491 2.80 -2.30 29.98
N TYR C 492 2.48 -1.37 30.87
CA TYR C 492 1.49 -0.32 30.60
C TYR C 492 2.17 1.04 30.70
N THR C 493 1.39 2.09 30.46
CA THR C 493 1.93 3.44 30.45
C THR C 493 2.60 3.73 31.80
N PRO C 494 3.84 4.20 31.81
CA PRO C 494 4.53 4.44 33.07
C PRO C 494 3.82 5.50 33.90
N ASN C 495 3.54 5.15 35.17
CA ASN C 495 2.83 6.01 36.09
C ASN C 495 1.47 6.43 35.53
N ALA C 496 0.69 5.43 35.12
CA ALA C 496 -0.64 5.68 34.60
C ALA C 496 -1.54 6.23 35.69
N HIS C 497 -2.20 7.35 35.41
CA HIS C 497 -3.03 8.03 36.40
C HIS C 497 -4.49 7.57 36.27
N TYR C 498 -4.72 6.33 36.71
CA TYR C 498 -6.10 5.81 36.73
C TYR C 498 -6.98 6.56 37.71
N GLU C 499 -6.39 7.19 38.74
CA GLU C 499 -7.19 7.94 39.70
C GLU C 499 -7.86 9.15 39.05
N LYS C 500 -7.37 9.59 37.90
CA LYS C 500 -8.01 10.68 37.17
C LYS C 500 -9.33 10.26 36.52
N MET C 501 -9.72 8.98 36.64
CA MET C 501 -11.03 8.55 36.17
C MET C 501 -12.13 8.82 37.18
N ALA C 502 -11.79 9.02 38.45
CA ALA C 502 -12.80 9.35 39.45
C ALA C 502 -13.47 10.68 39.14
N GLU C 503 -12.76 11.58 38.48
CA GLU C 503 -13.30 12.90 38.15
C GLU C 503 -14.25 12.87 36.96
N ILE C 504 -14.44 11.71 36.31
CA ILE C 504 -15.40 11.62 35.22
C ILE C 504 -16.81 11.83 35.74
N TYR C 505 -17.11 11.32 36.94
CA TYR C 505 -18.43 11.43 37.54
C TYR C 505 -18.50 12.44 38.67
N GLY C 506 -17.41 13.15 38.95
CA GLY C 506 -17.38 14.13 40.02
C GLY C 506 -16.57 13.75 41.23
N GLY C 507 -16.01 12.54 41.26
CA GLY C 507 -15.16 12.13 42.36
C GLY C 507 -13.78 12.75 42.27
N LYS C 508 -12.95 12.42 43.25
CA LYS C 508 -11.58 12.93 43.33
C LYS C 508 -10.59 11.79 43.23
N GLY C 509 -9.43 12.08 42.65
CA GLY C 509 -8.41 11.07 42.44
C GLY C 509 -7.17 11.28 43.27
N TYR C 510 -6.84 10.32 44.13
CA TYR C 510 -5.65 10.37 44.95
C TYR C 510 -4.50 9.65 44.25
N PHE C 511 -3.32 10.26 44.27
CA PHE C 511 -2.11 9.68 43.71
C PHE C 511 -1.09 9.56 44.84
N VAL C 512 -0.61 8.35 45.09
CA VAL C 512 0.27 8.05 46.22
C VAL C 512 1.60 7.54 45.69
N THR C 513 2.70 8.08 46.22
CA THR C 513 4.04 7.65 45.84
C THR C 513 4.88 7.35 47.07
N GLU C 514 4.92 8.29 48.02
CA GLU C 514 5.72 8.13 49.23
C GLU C 514 4.93 7.38 50.30
N PRO C 515 5.63 6.66 51.19
CA PRO C 515 4.92 5.86 52.19
C PRO C 515 4.08 6.66 53.17
N SER C 516 4.17 7.99 53.15
CA SER C 516 3.44 8.83 54.09
C SER C 516 2.23 9.52 53.48
N GLN C 517 2.08 9.49 52.15
CA GLN C 517 0.86 9.99 51.53
C GLN C 517 -0.31 9.02 51.67
N LEU C 518 -0.06 7.82 52.20
CA LEU C 518 -1.04 6.74 52.26
C LEU C 518 -2.31 7.12 53.01
N ARG C 519 -2.25 7.09 54.35
CA ARG C 519 -3.42 7.41 55.17
C ARG C 519 -4.05 8.76 54.84
N PRO C 520 -3.30 9.85 54.61
CA PRO C 520 -3.96 11.10 54.18
C PRO C 520 -4.89 10.91 52.99
N ALA C 521 -4.42 10.24 51.94
CA ALA C 521 -5.27 9.97 50.79
C ALA C 521 -6.32 8.93 51.11
N LEU C 522 -5.94 7.86 51.83
CA LEU C 522 -6.85 6.75 52.07
C LEU C 522 -8.00 7.16 52.99
N GLU C 523 -7.68 7.78 54.12
CA GLU C 523 -8.72 8.14 55.09
C GLU C 523 -9.72 9.12 54.49
N GLU C 524 -9.25 10.02 53.63
CA GLU C 524 -10.14 10.96 52.95
C GLU C 524 -10.92 10.33 51.81
N ALA C 525 -10.56 9.11 51.40
CA ALA C 525 -11.27 8.41 50.33
C ALA C 525 -12.47 7.64 50.85
N ILE C 526 -12.33 7.00 52.02
CA ILE C 526 -13.44 6.23 52.58
C ILE C 526 -14.57 7.15 53.02
N LYS C 527 -14.28 8.41 53.32
CA LYS C 527 -15.27 9.37 53.76
C LYS C 527 -15.84 10.18 52.61
N ALA C 528 -15.50 9.86 51.36
CA ALA C 528 -15.95 10.65 50.23
C ALA C 528 -17.42 10.35 49.93
N ASP C 529 -18.15 11.39 49.50
CA ASP C 529 -19.55 11.24 49.15
C ASP C 529 -19.76 10.58 47.80
N LYS C 530 -18.72 10.53 46.97
CA LYS C 530 -18.71 9.82 45.70
C LYS C 530 -17.54 8.86 45.68
N PRO C 531 -17.64 7.76 44.93
CA PRO C 531 -16.55 6.78 44.92
C PRO C 531 -15.23 7.39 44.48
N ALA C 532 -14.20 7.18 45.27
CA ALA C 532 -12.87 7.72 45.00
C ALA C 532 -11.93 6.61 44.57
N ILE C 533 -10.89 6.99 43.83
CA ILE C 533 -9.90 6.06 43.30
C ILE C 533 -8.54 6.47 43.84
N VAL C 534 -7.85 5.54 44.50
CA VAL C 534 -6.54 5.76 45.08
C VAL C 534 -5.53 4.96 44.27
N ASN C 535 -4.73 5.66 43.47
CA ASN C 535 -3.71 5.02 42.63
C ASN C 535 -2.40 5.03 43.40
N ILE C 536 -2.16 3.95 44.14
CA ILE C 536 -0.96 3.82 44.96
C ILE C 536 0.12 3.14 44.12
N MET C 537 1.14 3.89 43.73
CA MET C 537 2.22 3.36 42.91
C MET C 537 3.26 2.64 43.77
N ILE C 538 3.77 1.53 43.26
CA ILE C 538 4.78 0.74 43.94
C ILE C 538 5.90 0.42 42.94
N SER C 539 6.95 -0.24 43.45
CA SER C 539 8.08 -0.62 42.62
C SER C 539 7.80 -1.94 41.91
N ALA C 540 8.35 -2.06 40.70
CA ALA C 540 8.13 -3.27 39.91
C ALA C 540 8.92 -4.46 40.46
N THR C 541 10.09 -4.21 41.05
CA THR C 541 10.88 -5.30 41.61
C THR C 541 10.18 -5.95 42.80
N SER C 542 9.38 -5.19 43.53
CA SER C 542 8.64 -5.72 44.68
C SER C 542 7.69 -6.85 44.28
N ASN D 2 20.34 -20.62 19.53
CA ASN D 2 21.29 -21.30 20.42
C ASN D 2 22.13 -22.32 19.64
N ALA D 3 23.37 -22.52 20.09
CA ALA D 3 24.24 -23.51 19.47
C ALA D 3 23.71 -24.92 19.63
N MET D 4 22.86 -25.16 20.63
CA MET D 4 22.24 -26.46 20.81
C MET D 4 21.24 -26.79 19.70
N GLY D 5 20.87 -25.82 18.87
CA GLY D 5 19.92 -26.06 17.80
C GLY D 5 18.54 -26.44 18.29
N GLN D 6 18.17 -25.98 19.48
CA GLN D 6 16.91 -26.33 20.12
C GLN D 6 15.93 -25.18 20.00
N ILE D 7 14.66 -25.50 19.76
CA ILE D 7 13.61 -24.50 19.62
C ILE D 7 12.42 -24.94 20.47
N THR D 8 11.74 -23.97 21.06
CA THR D 8 10.58 -24.23 21.90
C THR D 8 9.30 -24.10 21.09
N GLY D 9 8.22 -24.64 21.67
CA GLY D 9 6.94 -24.63 20.97
C GLY D 9 6.45 -23.22 20.66
N ALA D 10 6.63 -22.29 21.61
CA ALA D 10 6.17 -20.92 21.40
C ALA D 10 6.91 -20.26 20.24
N GLN D 11 8.22 -20.53 20.12
CA GLN D 11 8.99 -19.94 19.03
C GLN D 11 8.62 -20.56 17.69
N ILE D 12 8.22 -21.83 17.68
CA ILE D 12 7.77 -22.47 16.45
C ILE D 12 6.47 -21.83 15.98
N VAL D 13 5.53 -21.61 16.90
CA VAL D 13 4.26 -20.98 16.54
C VAL D 13 4.49 -19.57 16.05
N ALA D 14 5.38 -18.82 16.70
CA ALA D 14 5.67 -17.46 16.28
C ALA D 14 6.29 -17.42 14.89
N ARG D 15 7.29 -18.27 14.66
CA ARG D 15 7.92 -18.31 13.34
C ARG D 15 6.95 -18.79 12.27
N ALA D 16 6.11 -19.77 12.60
CA ALA D 16 5.14 -20.26 11.63
C ALA D 16 4.09 -19.20 11.32
N LEU D 17 3.62 -18.48 12.33
CA LEU D 17 2.65 -17.40 12.10
C LEU D 17 3.23 -16.34 11.19
N LYS D 18 4.47 -15.90 11.47
CA LYS D 18 5.12 -14.91 10.62
C LYS D 18 5.34 -15.44 9.22
N GLN D 19 5.61 -16.74 9.09
CA GLN D 19 5.87 -17.32 7.78
C GLN D 19 4.61 -17.41 6.93
N GLN D 20 3.44 -17.47 7.56
CA GLN D 20 2.18 -17.62 6.87
C GLN D 20 1.48 -16.31 6.60
N GLY D 21 2.12 -15.18 6.88
CA GLY D 21 1.57 -13.87 6.57
C GLY D 21 0.93 -13.13 7.71
N VAL D 22 1.00 -13.65 8.93
CA VAL D 22 0.43 -12.98 10.09
C VAL D 22 1.43 -11.94 10.59
N GLU D 23 0.99 -10.69 10.67
CA GLU D 23 1.84 -9.59 11.10
C GLU D 23 1.45 -8.99 12.44
N TYR D 24 0.19 -9.04 12.82
CA TYR D 24 -0.32 -8.35 13.99
C TYR D 24 -0.92 -9.36 14.96
N MET D 25 -0.56 -9.24 16.24
CA MET D 25 -1.10 -10.09 17.29
C MET D 25 -1.54 -9.21 18.45
N PHE D 26 -2.77 -9.39 18.91
CA PHE D 26 -3.32 -8.66 20.03
C PHE D 26 -3.70 -9.63 21.14
N GLY D 27 -3.80 -9.11 22.35
CA GLY D 27 -4.25 -9.91 23.47
C GLY D 27 -3.55 -9.48 24.75
N ILE D 28 -3.65 -10.36 25.74
CA ILE D 28 -3.08 -10.12 27.07
C ILE D 28 -2.31 -11.36 27.49
N VAL D 29 -1.12 -11.16 28.04
CA VAL D 29 -0.22 -12.26 28.35
C VAL D 29 -0.49 -12.81 29.74
N GLY D 30 0.14 -13.93 30.06
CA GLY D 30 -0.07 -14.60 31.32
C GLY D 30 0.21 -16.08 31.17
N ILE D 31 -0.20 -16.84 32.18
CA ILE D 31 -0.03 -18.29 32.17
C ILE D 31 -0.97 -18.88 31.13
N PRO D 32 -0.47 -19.66 30.16
CA PRO D 32 0.93 -19.98 29.91
C PRO D 32 1.44 -19.38 28.61
N VAL D 33 0.82 -18.31 28.11
CA VAL D 33 1.13 -17.81 26.77
C VAL D 33 2.10 -16.63 26.86
N ILE D 34 2.82 -16.53 27.99
CA ILE D 34 3.86 -15.52 28.10
C ILE D 34 4.93 -15.67 27.03
N PRO D 35 5.48 -16.86 26.77
CA PRO D 35 6.52 -16.94 25.73
C PRO D 35 6.02 -16.64 24.33
N ILE D 36 4.72 -16.86 24.06
CA ILE D 36 4.22 -16.66 22.71
C ILE D 36 4.29 -15.20 22.30
N ALA D 37 3.82 -14.30 23.17
CA ALA D 37 3.97 -12.87 22.87
C ALA D 37 5.42 -12.46 22.84
N MET D 38 6.28 -13.11 23.63
N MET D 38 6.28 -13.09 23.66
CA MET D 38 7.70 -12.76 23.63
CA MET D 38 7.69 -12.79 23.65
C MET D 38 8.36 -13.18 22.32
C MET D 38 8.32 -13.16 22.31
N PHE D 39 8.13 -14.41 21.87
CA PHE D 39 8.75 -14.88 20.64
C PHE D 39 8.10 -14.25 19.40
N ALA D 40 6.83 -13.85 19.51
CA ALA D 40 6.20 -13.15 18.40
C ALA D 40 6.92 -11.83 18.09
N GLN D 41 7.35 -11.12 19.14
CA GLN D 41 8.13 -9.91 18.93
C GLN D 41 9.49 -10.21 18.33
N ARG D 42 10.08 -11.36 18.67
CA ARG D 42 11.38 -11.71 18.12
C ARG D 42 11.29 -12.03 16.63
N GLU D 43 10.22 -12.71 16.21
CA GLU D 43 10.08 -13.18 14.84
C GLU D 43 9.46 -12.13 13.91
N GLY D 44 9.28 -10.90 14.40
CA GLY D 44 8.81 -9.82 13.55
C GLY D 44 7.34 -9.52 13.64
N ILE D 45 6.59 -10.23 14.49
CA ILE D 45 5.17 -9.95 14.67
C ILE D 45 5.04 -8.81 15.68
N LYS D 46 4.24 -7.80 15.32
CA LYS D 46 3.97 -6.68 16.21
C LYS D 46 2.88 -7.09 17.20
N PHE D 47 3.25 -7.27 18.46
CA PHE D 47 2.31 -7.66 19.50
C PHE D 47 1.81 -6.43 20.25
N TYR D 48 0.50 -6.37 20.48
CA TYR D 48 -0.14 -5.25 21.16
C TYR D 48 -0.85 -5.77 22.39
N GLY D 49 -0.42 -5.32 23.56
CA GLY D 49 -1.05 -5.70 24.81
C GLY D 49 -2.27 -4.86 25.13
N PHE D 50 -3.45 -5.41 24.90
CA PHE D 50 -4.68 -4.67 25.09
C PHE D 50 -5.09 -4.65 26.57
N ARG D 51 -6.19 -3.97 26.86
CA ARG D 51 -6.73 -3.89 28.20
C ARG D 51 -7.79 -4.96 28.48
N ASN D 52 -8.26 -5.65 27.45
CA ASN D 52 -9.23 -6.72 27.62
C ASN D 52 -9.19 -7.60 26.38
N GLU D 53 -9.27 -8.92 26.59
CA GLU D 53 -9.24 -9.84 25.46
C GLU D 53 -10.43 -9.63 24.52
N GLN D 54 -11.55 -9.14 25.06
CA GLN D 54 -12.72 -8.90 24.22
C GLN D 54 -12.41 -7.85 23.15
N SER D 55 -11.89 -6.70 23.57
CA SER D 55 -11.53 -5.66 22.61
C SER D 55 -10.36 -6.09 21.74
N ALA D 56 -9.49 -6.96 22.24
CA ALA D 56 -8.34 -7.40 21.47
C ALA D 56 -8.74 -8.35 20.35
N SER D 57 -9.71 -9.22 20.60
CA SER D 57 -10.17 -10.13 19.54
C SER D 57 -10.93 -9.39 18.45
N TYR D 58 -11.67 -8.33 18.82
CA TYR D 58 -12.31 -7.50 17.81
C TYR D 58 -11.28 -6.81 16.92
N ALA D 59 -10.12 -6.45 17.47
CA ALA D 59 -9.07 -5.85 16.66
C ALA D 59 -8.48 -6.88 15.69
N ALA D 60 -8.27 -8.11 16.15
CA ALA D 60 -7.70 -9.13 15.29
C ALA D 60 -8.59 -9.41 14.08
N ALA D 61 -9.92 -9.41 14.29
CA ALA D 61 -10.83 -9.61 13.17
C ALA D 61 -10.81 -8.42 12.22
N ALA D 62 -10.66 -7.21 12.74
CA ALA D 62 -10.56 -6.04 11.88
C ALA D 62 -9.32 -6.08 10.99
N VAL D 63 -8.22 -6.63 11.51
CA VAL D 63 -7.01 -6.77 10.69
C VAL D 63 -7.26 -7.70 9.52
N GLY D 64 -8.02 -8.77 9.75
CA GLY D 64 -8.31 -9.70 8.67
C GLY D 64 -9.02 -9.03 7.50
N TYR D 65 -9.96 -8.13 7.80
CA TYR D 65 -10.66 -7.41 6.74
C TYR D 65 -9.73 -6.41 6.05
N LEU D 66 -8.87 -5.75 6.80
CA LEU D 66 -8.02 -4.71 6.23
C LEU D 66 -6.85 -5.29 5.45
N THR D 67 -6.19 -6.33 5.99
CA THR D 67 -4.95 -6.83 5.42
C THR D 67 -5.15 -8.03 4.48
N GLY D 68 -6.27 -8.74 4.59
CA GLY D 68 -6.49 -9.93 3.80
C GLY D 68 -6.00 -11.22 4.42
N ARG D 69 -5.16 -11.14 5.45
CA ARG D 69 -4.70 -12.27 6.21
C ARG D 69 -5.05 -12.09 7.69
N PRO D 70 -5.33 -13.17 8.41
CA PRO D 70 -5.97 -13.03 9.72
C PRO D 70 -5.08 -12.38 10.75
N GLY D 71 -5.72 -11.64 11.66
CA GLY D 71 -5.07 -11.24 12.88
C GLY D 71 -5.15 -12.33 13.93
N VAL D 72 -4.31 -12.21 14.95
CA VAL D 72 -4.22 -13.22 16.00
C VAL D 72 -4.55 -12.57 17.34
N CYS D 73 -5.48 -13.19 18.06
CA CYS D 73 -5.79 -12.82 19.44
C CYS D 73 -5.16 -13.85 20.36
N LEU D 74 -4.34 -13.38 21.30
CA LEU D 74 -3.64 -14.25 22.25
C LEU D 74 -4.31 -14.13 23.61
N GLY D 75 -4.88 -15.24 24.07
CA GLY D 75 -5.55 -15.28 25.36
C GLY D 75 -4.96 -16.37 26.23
N VAL D 76 -5.03 -16.15 27.55
CA VAL D 76 -4.57 -17.14 28.51
C VAL D 76 -5.60 -18.26 28.57
N SER D 77 -5.32 -19.27 29.41
CA SER D 77 -6.25 -20.37 29.55
C SER D 77 -7.55 -19.88 30.20
N GLY D 78 -8.61 -20.66 30.00
CA GLY D 78 -9.87 -20.42 30.65
C GLY D 78 -10.48 -19.06 30.33
N PRO D 79 -10.58 -18.20 31.37
CA PRO D 79 -11.33 -16.95 31.20
C PRO D 79 -10.79 -16.05 30.10
N GLY D 80 -9.46 -15.99 29.92
CA GLY D 80 -8.91 -15.15 28.87
C GLY D 80 -9.36 -15.59 27.49
N MET D 81 -9.44 -16.90 27.25
CA MET D 81 -9.89 -17.40 25.96
C MET D 81 -11.37 -17.09 25.74
N ILE D 82 -12.19 -17.30 26.76
CA ILE D 82 -13.63 -17.08 26.63
C ILE D 82 -13.91 -15.64 26.22
N HIS D 83 -13.19 -14.69 26.81
CA HIS D 83 -13.35 -13.28 26.44
C HIS D 83 -13.09 -13.06 24.95
N GLY D 84 -12.17 -13.83 24.36
CA GLY D 84 -11.84 -13.68 22.96
C GLY D 84 -12.81 -14.31 21.98
N VAL D 85 -13.77 -15.11 22.48
CA VAL D 85 -14.74 -15.72 21.59
C VAL D 85 -15.64 -14.67 20.95
N ALA D 86 -15.80 -13.51 21.60
CA ALA D 86 -16.60 -12.44 21.02
C ALA D 86 -16.02 -12.01 19.67
N GLY D 87 -14.70 -11.87 19.58
CA GLY D 87 -14.09 -11.49 18.33
C GLY D 87 -14.27 -12.54 17.23
N MET D 88 -14.27 -13.82 17.62
CA MET D 88 -14.53 -14.87 16.66
C MET D 88 -15.96 -14.78 16.12
N ALA D 89 -16.92 -14.52 17.01
CA ALA D 89 -18.30 -14.37 16.57
C ALA D 89 -18.46 -13.19 15.62
N ASN D 90 -17.70 -12.12 15.86
CA ASN D 90 -17.76 -10.96 14.97
C ASN D 90 -17.12 -11.26 13.62
N ALA D 91 -16.03 -12.03 13.62
CA ALA D 91 -15.44 -12.48 12.36
C ALA D 91 -16.30 -13.54 11.69
N TRP D 92 -16.99 -14.36 12.48
CA TRP D 92 -17.92 -15.34 11.93
C TRP D 92 -19.08 -14.64 11.22
N SER D 93 -19.59 -13.56 11.79
CA SER D 93 -20.73 -12.86 11.21
C SER D 93 -20.34 -12.00 10.02
N ASN D 94 -19.16 -11.40 10.05
CA ASN D 94 -18.73 -10.48 9.00
C ASN D 94 -17.91 -11.15 7.90
N CYS D 95 -17.65 -12.46 8.01
CA CYS D 95 -16.83 -13.19 7.05
C CYS D 95 -15.43 -12.60 6.96
N TRP D 96 -14.81 -12.39 8.12
CA TRP D 96 -13.46 -11.88 8.22
C TRP D 96 -12.50 -12.95 8.73
N PRO D 97 -11.28 -13.03 8.18
CA PRO D 97 -10.32 -14.03 8.66
C PRO D 97 -9.73 -13.61 10.01
N MET D 98 -9.69 -14.55 10.94
CA MET D 98 -9.25 -14.24 12.30
C MET D 98 -8.81 -15.53 12.98
N ILE D 99 -7.76 -15.44 13.79
CA ILE D 99 -7.23 -16.56 14.55
C ILE D 99 -7.29 -16.20 16.02
N LEU D 100 -7.83 -17.11 16.83
CA LEU D 100 -7.81 -17.00 18.29
C LEU D 100 -6.87 -18.08 18.81
N ILE D 101 -5.73 -17.66 19.36
CA ILE D 101 -4.78 -18.57 19.99
C ILE D 101 -5.02 -18.50 21.49
N GLY D 102 -5.57 -19.56 22.06
CA GLY D 102 -5.86 -19.64 23.48
C GLY D 102 -4.99 -20.68 24.15
N GLY D 103 -4.35 -20.27 25.24
CA GLY D 103 -3.58 -21.19 26.05
C GLY D 103 -4.48 -22.18 26.78
N ALA D 104 -3.86 -23.20 27.34
CA ALA D 104 -4.58 -24.20 28.11
C ALA D 104 -3.65 -24.74 29.19
N ASN D 105 -4.24 -25.40 30.18
CA ASN D 105 -3.47 -25.98 31.25
C ASN D 105 -2.58 -27.10 30.71
N ASP D 106 -1.62 -27.51 31.53
CA ASP D 106 -0.75 -28.62 31.16
C ASP D 106 -1.57 -29.87 30.91
N SER D 107 -1.27 -30.56 29.81
CA SER D 107 -2.10 -31.70 29.39
C SER D 107 -2.04 -32.84 30.41
N TYR D 108 -0.93 -32.97 31.13
CA TYR D 108 -0.82 -33.99 32.17
C TYR D 108 -1.58 -33.63 33.44
N GLN D 109 -2.33 -32.52 33.42
CA GLN D 109 -3.20 -32.15 34.53
C GLN D 109 -4.66 -32.15 34.15
N ASN D 110 -5.01 -32.58 32.94
CA ASN D 110 -6.41 -32.62 32.53
C ASN D 110 -7.21 -33.57 33.42
N GLY D 111 -8.42 -33.17 33.75
CA GLY D 111 -9.27 -33.95 34.64
C GLY D 111 -9.00 -33.76 36.11
N GLN D 112 -7.94 -33.04 36.48
CA GLN D 112 -7.59 -32.81 37.87
C GLN D 112 -8.21 -31.54 38.44
N GLY D 113 -8.91 -30.76 37.63
CA GLY D 113 -9.32 -29.44 38.06
C GLY D 113 -8.14 -28.50 38.02
N ALA D 114 -7.40 -28.53 36.91
CA ALA D 114 -6.20 -27.73 36.77
C ALA D 114 -6.54 -26.25 36.68
N PHE D 115 -5.50 -25.42 36.77
CA PHE D 115 -5.68 -23.97 36.73
C PHE D 115 -6.26 -23.55 35.37
N GLN D 116 -7.46 -22.96 35.41
CA GLN D 116 -8.14 -22.47 34.22
C GLN D 116 -8.40 -23.58 33.21
N GLU D 117 -8.65 -24.80 33.70
CA GLU D 117 -9.08 -25.88 32.83
C GLU D 117 -10.53 -25.65 32.42
N ALA D 118 -10.77 -25.53 31.12
CA ALA D 118 -12.09 -25.17 30.61
C ALA D 118 -12.28 -25.82 29.25
N PRO D 119 -13.53 -26.13 28.87
CA PRO D 119 -13.79 -26.71 27.53
C PRO D 119 -13.72 -25.67 26.43
N GLN D 120 -12.49 -25.23 26.14
CA GLN D 120 -12.29 -24.10 25.25
C GLN D 120 -12.59 -24.46 23.79
N ILE D 121 -12.47 -25.73 23.42
CA ILE D 121 -12.81 -26.14 22.06
C ILE D 121 -14.31 -26.01 21.81
N GLU D 122 -15.12 -26.53 22.73
CA GLU D 122 -16.57 -26.45 22.58
C GLU D 122 -17.05 -25.00 22.57
N ALA D 123 -16.45 -24.14 23.41
CA ALA D 123 -16.87 -22.76 23.48
C ALA D 123 -16.51 -21.98 22.22
N ALA D 124 -15.55 -22.46 21.43
CA ALA D 124 -15.11 -21.79 20.22
C ALA D 124 -15.83 -22.28 18.97
N ARG D 125 -16.19 -23.56 18.94
CA ARG D 125 -16.69 -24.16 17.71
C ARG D 125 -17.90 -23.47 17.08
N PRO D 126 -18.91 -23.00 17.82
CA PRO D 126 -20.10 -22.42 17.14
C PRO D 126 -19.77 -21.27 16.22
N PHE D 127 -18.63 -20.60 16.38
CA PHE D 127 -18.28 -19.45 15.56
C PHE D 127 -17.01 -19.68 14.75
N ALA D 128 -16.49 -20.90 14.71
CA ALA D 128 -15.20 -21.18 14.09
C ALA D 128 -15.38 -22.13 12.91
N LYS D 129 -14.62 -21.87 11.85
CA LYS D 129 -14.48 -22.81 10.74
C LYS D 129 -13.55 -23.97 11.07
N TYR D 130 -12.79 -23.87 12.16
CA TYR D 130 -11.70 -24.80 12.44
C TYR D 130 -11.23 -24.65 13.88
N CYS D 131 -11.23 -25.76 14.63
CA CYS D 131 -10.67 -25.81 15.96
C CYS D 131 -9.72 -27.00 16.04
N ALA D 132 -8.59 -26.82 16.72
CA ALA D 132 -7.62 -27.89 16.82
C ALA D 132 -6.70 -27.64 18.02
N ARG D 133 -6.36 -28.73 18.70
CA ARG D 133 -5.27 -28.72 19.66
C ARG D 133 -4.10 -29.47 19.03
N PRO D 134 -2.99 -28.80 18.71
CA PRO D 134 -1.83 -29.50 18.14
C PRO D 134 -1.38 -30.63 19.06
N ASP D 135 -1.20 -31.81 18.45
CA ASP D 135 -0.89 -33.00 19.23
C ASP D 135 0.58 -33.09 19.61
N SER D 136 1.46 -32.47 18.83
CA SER D 136 2.89 -32.62 19.05
C SER D 136 3.61 -31.34 18.70
N LEU D 137 4.80 -31.17 19.28
CA LEU D 137 5.64 -30.02 18.96
C LEU D 137 5.98 -29.97 17.48
N ALA D 138 6.32 -31.12 16.90
CA ALA D 138 6.85 -31.15 15.54
C ALA D 138 5.80 -30.77 14.51
N ARG D 139 4.52 -30.98 14.81
CA ARG D 139 3.45 -30.67 13.87
C ARG D 139 2.84 -29.29 14.10
N LEU D 140 3.45 -28.47 14.95
CA LEU D 140 2.95 -27.10 15.15
C LEU D 140 2.91 -26.29 13.86
N PRO D 141 3.93 -26.30 12.99
CA PRO D 141 3.78 -25.57 11.71
C PRO D 141 2.67 -26.10 10.83
N PHE D 142 2.26 -27.36 11.00
CA PHE D 142 1.15 -27.89 10.22
C PHE D 142 -0.16 -27.23 10.63
N TYR D 143 -0.44 -27.18 11.93
CA TYR D 143 -1.69 -26.59 12.40
C TYR D 143 -1.76 -25.10 12.12
N VAL D 144 -0.63 -24.40 12.15
CA VAL D 144 -0.63 -22.97 11.88
C VAL D 144 -0.94 -22.70 10.42
N GLU D 145 -0.31 -23.44 9.51
CA GLU D 145 -0.56 -23.24 8.08
C GLU D 145 -2.00 -23.59 7.73
N GLN D 146 -2.56 -24.62 8.37
CA GLN D 146 -3.93 -25.01 8.08
C GLN D 146 -4.92 -23.99 8.65
N ALA D 147 -4.63 -23.45 9.82
CA ALA D 147 -5.53 -22.45 10.42
C ALA D 147 -5.56 -21.18 9.57
N VAL D 148 -4.39 -20.70 9.15
CA VAL D 148 -4.32 -19.49 8.33
C VAL D 148 -5.02 -19.73 6.99
N ARG D 149 -4.74 -20.88 6.36
CA ARG D 149 -5.33 -21.16 5.05
C ARG D 149 -6.84 -21.32 5.14
N THR D 150 -7.33 -21.98 6.19
CA THR D 150 -8.77 -22.16 6.36
C THR D 150 -9.46 -20.82 6.58
N SER D 151 -8.81 -19.91 7.32
CA SER D 151 -9.45 -18.65 7.67
C SER D 151 -9.63 -17.74 6.46
N ILE D 152 -8.80 -17.90 5.42
CA ILE D 152 -8.84 -17.01 4.27
C ILE D 152 -9.44 -17.66 3.03
N TYR D 153 -9.38 -18.99 2.91
CA TYR D 153 -9.91 -19.65 1.72
C TYR D 153 -11.43 -19.76 1.80
N GLY D 154 -12.07 -19.66 0.64
CA GLY D 154 -13.52 -19.69 0.59
C GLY D 154 -14.12 -18.47 1.27
N ARG D 155 -15.24 -18.67 1.97
CA ARG D 155 -15.81 -17.60 2.78
C ARG D 155 -14.97 -17.46 4.05
N PRO D 156 -14.29 -16.32 4.24
CA PRO D 156 -13.40 -16.18 5.39
C PRO D 156 -14.16 -16.27 6.71
N GLY D 157 -13.43 -16.66 7.75
CA GLY D 157 -14.03 -16.82 9.06
C GLY D 157 -12.98 -16.94 10.13
N ALA D 158 -13.42 -17.34 11.32
CA ALA D 158 -12.56 -17.44 12.49
C ALA D 158 -12.10 -18.88 12.69
N VAL D 159 -10.89 -19.03 13.25
CA VAL D 159 -10.33 -20.33 13.58
C VAL D 159 -9.73 -20.24 14.98
N TYR D 160 -9.67 -21.38 15.66
CA TYR D 160 -9.18 -21.45 17.04
C TYR D 160 -8.07 -22.48 17.13
N LEU D 161 -7.00 -22.12 17.83
CA LEU D 161 -5.87 -23.02 18.10
C LEU D 161 -5.73 -23.16 19.61
N ASP D 162 -5.81 -24.41 20.10
CA ASP D 162 -5.76 -24.71 21.52
C ASP D 162 -4.35 -25.17 21.87
N LEU D 163 -3.61 -24.35 22.60
CA LEU D 163 -2.21 -24.63 22.91
C LEU D 163 -2.03 -24.93 24.39
N PRO D 164 -1.82 -26.19 24.77
CA PRO D 164 -1.50 -26.49 26.17
C PRO D 164 -0.16 -25.90 26.57
N GLY D 165 0.03 -25.77 27.89
CA GLY D 165 1.25 -25.17 28.41
C GLY D 165 2.50 -25.97 28.07
N ASP D 166 2.40 -27.30 28.13
CA ASP D 166 3.56 -28.13 27.82
C ASP D 166 3.93 -28.06 26.34
N ILE D 167 2.97 -27.76 25.47
CA ILE D 167 3.29 -27.54 24.07
C ILE D 167 4.03 -26.21 23.91
N ILE D 168 3.62 -25.18 24.65
CA ILE D 168 4.25 -23.87 24.54
C ILE D 168 5.68 -23.91 25.08
N THR D 169 5.87 -24.53 26.24
CA THR D 169 7.17 -24.53 26.89
C THR D 169 8.05 -25.72 26.52
N GLY D 170 7.50 -26.72 25.82
CA GLY D 170 8.30 -27.85 25.41
C GLY D 170 9.28 -27.46 24.31
N ALA D 171 10.42 -28.15 24.30
CA ALA D 171 11.50 -27.86 23.36
C ALA D 171 11.89 -29.12 22.59
N MET D 172 12.43 -28.92 21.41
CA MET D 172 12.92 -30.00 20.57
C MET D 172 13.97 -29.45 19.61
N GLU D 173 14.57 -30.34 18.82
CA GLU D 173 15.61 -29.96 17.89
C GLU D 173 15.00 -29.21 16.70
N GLU D 174 15.64 -28.10 16.32
CA GLU D 174 15.04 -27.22 15.31
C GLU D 174 15.02 -27.85 13.94
N GLU D 175 16.11 -28.51 13.53
CA GLU D 175 16.16 -29.10 12.21
C GLU D 175 15.18 -30.26 12.04
N ASP D 176 14.61 -30.77 13.13
CA ASP D 176 13.57 -31.79 13.07
C ASP D 176 12.18 -31.20 12.88
N VAL D 177 12.08 -29.92 12.55
CA VAL D 177 10.82 -29.23 12.37
C VAL D 177 10.71 -28.79 10.91
N HIS D 178 9.61 -29.16 10.26
CA HIS D 178 9.33 -28.77 8.89
C HIS D 178 8.37 -27.58 8.89
N PHE D 179 8.85 -26.43 8.39
CA PHE D 179 8.01 -25.26 8.23
C PHE D 179 7.49 -25.22 6.80
N PRO D 180 6.20 -25.42 6.57
CA PRO D 180 5.66 -25.39 5.20
C PRO D 180 5.78 -23.99 4.61
N PRO D 181 5.75 -23.88 3.29
CA PRO D 181 5.86 -22.56 2.67
C PRO D 181 4.65 -21.69 2.98
N ARG D 182 4.81 -20.40 2.73
CA ARG D 182 3.70 -19.46 2.85
C ARG D 182 2.58 -19.85 1.90
N CYS D 183 1.42 -20.16 2.45
CA CYS D 183 0.31 -20.61 1.60
C CYS D 183 -0.08 -19.49 0.65
N PRO D 184 -0.44 -19.81 -0.59
CA PRO D 184 -0.80 -18.77 -1.57
C PRO D 184 -2.06 -18.03 -1.14
N ASP D 185 -2.29 -16.90 -1.81
CA ASP D 185 -3.50 -16.13 -1.58
C ASP D 185 -4.73 -16.96 -1.95
N ALA D 186 -5.88 -16.52 -1.46
CA ALA D 186 -7.12 -17.25 -1.67
C ALA D 186 -7.39 -17.45 -3.15
N PRO D 187 -7.54 -18.68 -3.62
CA PRO D 187 -7.83 -18.91 -5.05
C PRO D 187 -9.15 -18.28 -5.45
N ARG D 188 -9.07 -17.34 -6.40
CA ARG D 188 -10.25 -16.59 -6.84
C ARG D 188 -11.03 -17.41 -7.85
N MET D 189 -12.28 -17.72 -7.53
CA MET D 189 -13.16 -18.47 -8.42
C MET D 189 -13.86 -17.54 -9.39
N MET D 190 -14.21 -18.06 -10.56
CA MET D 190 -14.91 -17.31 -11.58
C MET D 190 -16.25 -17.95 -11.89
N ALA D 191 -17.04 -17.26 -12.71
CA ALA D 191 -18.36 -17.69 -13.12
C ALA D 191 -18.33 -18.22 -14.55
N PRO D 192 -19.24 -19.13 -14.89
CA PRO D 192 -19.31 -19.62 -16.27
C PRO D 192 -19.65 -18.50 -17.23
N GLN D 193 -19.21 -18.66 -18.48
CA GLN D 193 -19.51 -17.66 -19.50
C GLN D 193 -21.01 -17.55 -19.77
N GLU D 194 -21.74 -18.66 -19.63
CA GLU D 194 -23.19 -18.60 -19.79
C GLU D 194 -23.84 -17.80 -18.66
N SER D 195 -23.30 -17.92 -17.45
CA SER D 195 -23.84 -17.15 -16.32
C SER D 195 -23.50 -15.67 -16.45
N ILE D 196 -22.32 -15.36 -16.97
CA ILE D 196 -21.93 -13.97 -17.15
C ILE D 196 -22.82 -13.30 -18.20
N ASP D 197 -23.12 -14.02 -19.28
CA ASP D 197 -23.99 -13.45 -20.31
C ASP D 197 -25.43 -13.30 -19.82
N ALA D 198 -25.90 -14.26 -19.03
CA ALA D 198 -27.27 -14.19 -18.51
C ALA D 198 -27.44 -13.00 -17.56
N ALA D 199 -26.40 -12.70 -16.77
CA ALA D 199 -26.47 -11.54 -15.90
C ALA D 199 -26.53 -10.24 -16.69
N MET D 200 -25.73 -10.15 -17.76
CA MET D 200 -25.76 -8.95 -18.59
C MET D 200 -27.11 -8.78 -19.27
N ALA D 201 -27.69 -9.88 -19.77
CA ALA D 201 -29.00 -9.80 -20.39
C ALA D 201 -30.07 -9.37 -19.40
N ALA D 202 -29.95 -9.79 -18.13
CA ALA D 202 -30.88 -9.33 -17.11
C ALA D 202 -30.73 -7.85 -16.85
N LEU D 203 -29.49 -7.35 -16.83
CA LEU D 203 -29.27 -5.91 -16.67
C LEU D 203 -29.75 -5.12 -17.88
N LYS D 204 -29.63 -5.69 -19.08
CA LYS D 204 -30.10 -5.00 -20.28
C LYS D 204 -31.63 -5.02 -20.36
N SER D 205 -32.25 -6.13 -19.95
CA SER D 205 -33.71 -6.19 -19.87
C SER D 205 -34.25 -5.40 -18.69
N ALA D 206 -33.40 -4.94 -17.79
CA ALA D 206 -33.84 -4.24 -16.59
C ALA D 206 -34.42 -2.88 -16.97
N GLU D 207 -35.63 -2.61 -16.48
CA GLU D 207 -36.24 -1.30 -16.70
C GLU D 207 -35.82 -0.31 -15.62
N ARG D 208 -35.48 -0.80 -14.43
CA ARG D 208 -35.03 0.04 -13.32
C ARG D 208 -33.94 -0.71 -12.57
N PRO D 209 -32.72 -0.76 -13.11
CA PRO D 209 -31.65 -1.52 -12.48
C PRO D 209 -31.02 -0.78 -11.30
N LEU D 210 -30.40 -1.56 -10.41
CA LEU D 210 -29.74 -1.02 -9.24
C LEU D 210 -28.66 -2.00 -8.79
N VAL D 211 -27.43 -1.52 -8.66
CA VAL D 211 -26.30 -2.32 -8.23
C VAL D 211 -26.02 -2.02 -6.76
N ILE D 212 -25.81 -3.07 -5.98
CA ILE D 212 -25.48 -2.95 -4.56
C ILE D 212 -24.04 -3.37 -4.36
N VAL D 213 -23.23 -2.47 -3.80
CA VAL D 213 -21.82 -2.72 -3.53
C VAL D 213 -21.67 -2.92 -2.03
N GLY D 214 -21.28 -4.13 -1.63
CA GLY D 214 -21.12 -4.48 -0.25
C GLY D 214 -19.66 -4.62 0.17
N LYS D 215 -19.47 -4.91 1.46
CA LYS D 215 -18.13 -5.07 2.00
C LYS D 215 -17.41 -6.29 1.43
N GLY D 216 -18.15 -7.27 0.90
CA GLY D 216 -17.51 -8.41 0.27
C GLY D 216 -16.69 -8.02 -0.94
N ALA D 217 -17.20 -7.09 -1.74
CA ALA D 217 -16.42 -6.56 -2.85
C ALA D 217 -15.24 -5.74 -2.34
N ALA D 218 -15.38 -5.09 -1.19
CA ALA D 218 -14.28 -4.34 -0.62
C ALA D 218 -13.19 -5.28 -0.11
N TYR D 219 -13.58 -6.34 0.60
CA TYR D 219 -12.61 -7.33 1.04
C TYR D 219 -11.95 -8.02 -0.14
N SER D 220 -12.72 -8.29 -1.20
CA SER D 220 -12.16 -8.84 -2.42
C SER D 220 -11.22 -7.86 -3.13
N ARG D 221 -11.22 -6.59 -2.72
CA ARG D 221 -10.35 -5.57 -3.30
C ARG D 221 -10.60 -5.42 -4.79
N ALA D 222 -11.88 -5.33 -5.15
CA ALA D 222 -12.33 -5.19 -6.53
C ALA D 222 -12.67 -3.75 -6.88
N GLU D 223 -11.97 -2.78 -6.29
CA GLU D 223 -12.30 -1.38 -6.51
C GLU D 223 -12.12 -0.99 -7.98
N ASN D 224 -10.96 -1.28 -8.54
CA ASN D 224 -10.70 -0.90 -9.93
C ASN D 224 -11.63 -1.63 -10.90
N GLU D 225 -12.12 -2.81 -10.51
CA GLU D 225 -13.05 -3.55 -11.35
C GLU D 225 -14.48 -3.07 -11.18
N VAL D 226 -14.86 -2.74 -9.94
CA VAL D 226 -16.20 -2.19 -9.70
C VAL D 226 -16.31 -0.79 -10.29
N ARG D 227 -15.27 0.03 -10.11
CA ARG D 227 -15.31 1.39 -10.65
C ARG D 227 -15.34 1.40 -12.18
N GLU D 228 -14.70 0.42 -12.82
CA GLU D 228 -14.75 0.36 -14.27
C GLU D 228 -16.11 -0.14 -14.76
N PHE D 229 -16.66 -1.15 -14.10
CA PHE D 229 -17.96 -1.69 -14.50
C PHE D 229 -19.07 -0.66 -14.33
N LEU D 230 -18.99 0.19 -13.29
CA LEU D 230 -20.02 1.18 -13.07
C LEU D 230 -19.86 2.38 -14.00
N GLU D 231 -18.62 2.81 -14.25
CA GLU D 231 -18.40 3.92 -15.17
C GLU D 231 -18.73 3.53 -16.61
N THR D 232 -18.56 2.26 -16.95
CA THR D 232 -18.84 1.83 -18.32
C THR D 232 -20.34 1.75 -18.59
N THR D 233 -21.11 1.23 -17.64
CA THR D 233 -22.55 1.07 -17.83
C THR D 233 -23.37 2.23 -17.28
N GLN D 234 -22.78 3.05 -16.41
CA GLN D 234 -23.46 4.20 -15.80
C GLN D 234 -24.74 3.77 -15.09
N LEU D 235 -24.64 2.72 -14.28
CA LEU D 235 -25.76 2.22 -13.50
C LEU D 235 -25.82 2.92 -12.15
N PRO D 236 -27.03 3.14 -11.62
CA PRO D 236 -27.15 3.70 -10.27
C PRO D 236 -26.77 2.65 -9.23
N TYR D 237 -25.87 3.01 -8.32
CA TYR D 237 -25.36 2.08 -7.33
C TYR D 237 -25.72 2.54 -5.92
N LEU D 238 -25.88 1.58 -5.03
CA LEU D 238 -26.12 1.82 -3.61
C LEU D 238 -24.91 1.35 -2.82
N ALA D 239 -24.44 2.20 -1.91
CA ALA D 239 -23.27 1.90 -1.09
C ALA D 239 -23.72 1.41 0.28
N SER D 240 -23.38 0.17 0.61
CA SER D 240 -23.65 -0.36 1.93
C SER D 240 -22.79 0.38 2.97
N PRO D 241 -23.14 0.28 4.26
CA PRO D 241 -22.37 1.00 5.29
C PRO D 241 -20.86 0.79 5.20
N MET D 242 -20.41 -0.42 4.89
CA MET D 242 -18.98 -0.68 4.71
C MET D 242 -18.59 -0.87 3.27
N GLY D 243 -19.54 -0.80 2.33
CA GLY D 243 -19.19 -0.70 0.93
C GLY D 243 -18.76 0.70 0.49
N LYS D 244 -18.88 1.67 1.39
CA LYS D 244 -18.44 3.03 1.09
C LYS D 244 -16.94 3.06 0.87
N GLY D 245 -16.51 3.70 -0.21
CA GLY D 245 -15.11 3.75 -0.53
C GLY D 245 -14.76 2.97 -1.79
N VAL D 246 -15.44 1.82 -1.99
CA VAL D 246 -15.28 1.08 -3.24
C VAL D 246 -15.60 1.99 -4.42
N MET D 247 -16.65 2.79 -4.29
CA MET D 247 -16.96 3.88 -5.20
C MET D 247 -16.94 5.17 -4.40
N PRO D 248 -16.25 6.21 -4.87
CA PRO D 248 -16.29 7.51 -4.16
C PRO D 248 -17.73 7.98 -4.01
N ASP D 249 -18.14 8.21 -2.76
CA ASP D 249 -19.54 8.49 -2.46
C ASP D 249 -20.05 9.75 -3.17
N ASP D 250 -19.16 10.64 -3.58
CA ASP D 250 -19.57 11.84 -4.33
C ASP D 250 -19.62 11.57 -5.83
N HIS D 251 -20.08 10.39 -6.23
CA HIS D 251 -20.20 9.96 -7.62
C HIS D 251 -21.63 10.21 -8.13
N PRO D 252 -21.74 10.73 -9.35
CA PRO D 252 -23.09 10.96 -9.92
C PRO D 252 -24.00 9.75 -9.88
N LEU D 253 -23.45 8.55 -9.96
CA LEU D 253 -24.26 7.33 -9.97
C LEU D 253 -24.76 6.92 -8.60
N SER D 254 -24.30 7.58 -7.53
CA SER D 254 -24.71 7.21 -6.18
C SER D 254 -26.14 7.66 -5.92
N ILE D 255 -26.97 6.73 -5.42
CA ILE D 255 -28.37 7.03 -5.13
C ILE D 255 -28.63 6.86 -3.64
N ALA D 256 -27.59 7.03 -2.82
CA ALA D 256 -27.73 6.79 -1.39
C ALA D 256 -28.79 7.66 -0.72
N PRO D 257 -28.93 8.95 -1.01
CA PRO D 257 -30.04 9.71 -0.40
C PRO D 257 -31.41 9.21 -0.80
N ALA D 258 -31.52 8.40 -1.84
CA ALA D 258 -32.80 7.81 -2.23
C ALA D 258 -32.72 6.28 -2.16
N ARG D 259 -32.16 5.76 -1.05
CA ARG D 259 -31.97 4.33 -0.92
C ARG D 259 -33.31 3.59 -0.83
N SER D 260 -34.22 4.07 0.01
CA SER D 260 -35.50 3.40 0.18
C SER D 260 -36.30 3.36 -1.12
N ALA D 261 -36.19 4.40 -1.94
CA ALA D 261 -36.89 4.42 -3.22
C ALA D 261 -36.25 3.48 -4.23
N ALA D 262 -34.92 3.37 -4.20
CA ALA D 262 -34.23 2.50 -5.15
C ALA D 262 -34.46 1.04 -4.83
N LEU D 263 -34.49 0.69 -3.54
CA LEU D 263 -34.73 -0.70 -3.16
C LEU D 263 -36.17 -1.12 -3.47
N LEU D 264 -37.10 -0.18 -3.50
CA LEU D 264 -38.51 -0.48 -3.69
C LEU D 264 -38.90 -0.58 -5.16
N GLY D 265 -38.39 0.33 -5.99
CA GLY D 265 -38.76 0.37 -7.39
C GLY D 265 -37.91 -0.44 -8.33
N ALA D 266 -36.78 -0.98 -7.86
CA ALA D 266 -35.91 -1.73 -8.73
C ALA D 266 -36.52 -3.08 -9.08
N ASP D 267 -36.41 -3.46 -10.35
CA ASP D 267 -36.84 -4.78 -10.81
C ASP D 267 -35.68 -5.73 -11.03
N VAL D 268 -34.45 -5.23 -11.11
CA VAL D 268 -33.25 -6.04 -11.26
C VAL D 268 -32.18 -5.46 -10.35
N ILE D 269 -31.62 -6.29 -9.47
CA ILE D 269 -30.62 -5.85 -8.50
C ILE D 269 -29.40 -6.74 -8.63
N LEU D 270 -28.22 -6.12 -8.70
CA LEU D 270 -26.94 -6.82 -8.76
C LEU D 270 -26.26 -6.71 -7.39
N LEU D 271 -26.10 -7.85 -6.72
CA LEU D 271 -25.47 -7.90 -5.40
C LEU D 271 -23.97 -8.16 -5.60
N MET D 272 -23.15 -7.15 -5.30
CA MET D 272 -21.70 -7.27 -5.40
C MET D 272 -21.13 -7.42 -3.99
N GLY D 273 -21.02 -8.67 -3.53
CA GLY D 273 -20.49 -8.92 -2.22
C GLY D 273 -21.36 -8.42 -1.08
N ALA D 274 -22.68 -8.45 -1.25
CA ALA D 274 -23.61 -8.03 -0.21
C ALA D 274 -24.69 -9.09 -0.04
N ARG D 275 -25.11 -9.29 1.20
CA ARG D 275 -26.12 -10.29 1.53
C ARG D 275 -27.48 -9.64 1.73
N LEU D 276 -28.53 -10.35 1.29
CA LEU D 276 -29.90 -9.92 1.52
C LEU D 276 -30.31 -10.29 2.94
N ASN D 277 -29.63 -9.67 3.90
CA ASN D 277 -29.83 -9.95 5.31
C ASN D 277 -30.75 -8.91 5.94
N TRP D 278 -30.60 -8.68 7.25
CA TRP D 278 -31.42 -7.69 7.93
C TRP D 278 -31.16 -6.28 7.40
N MET D 279 -29.90 -5.98 7.07
CA MET D 279 -29.58 -4.65 6.56
C MET D 279 -30.33 -4.36 5.26
N MET D 280 -30.46 -5.36 4.40
CA MET D 280 -31.22 -5.22 3.16
C MET D 280 -32.66 -5.67 3.34
N HIS D 281 -33.15 -5.75 4.57
CA HIS D 281 -34.56 -6.05 4.88
C HIS D 281 -35.00 -7.36 4.25
N PHE D 282 -34.08 -8.32 4.14
CA PHE D 282 -34.32 -9.65 3.58
C PHE D 282 -34.81 -9.61 2.14
N GLY D 283 -34.68 -8.48 1.46
CA GLY D 283 -35.17 -8.35 0.10
C GLY D 283 -36.66 -8.56 -0.04
N HIS D 284 -37.42 -8.45 1.06
CA HIS D 284 -38.85 -8.69 1.10
C HIS D 284 -39.64 -7.39 1.15
N PRO D 285 -40.88 -7.39 0.68
CA PRO D 285 -41.74 -6.22 0.83
C PRO D 285 -41.98 -5.91 2.30
N PRO D 286 -42.40 -4.67 2.63
CA PRO D 286 -42.74 -3.56 1.74
C PRO D 286 -41.53 -2.75 1.27
N ARG D 287 -40.31 -3.21 1.56
CA ARG D 287 -39.11 -2.49 1.17
C ARG D 287 -38.59 -2.88 -0.21
N PHE D 288 -39.11 -3.94 -0.81
CA PHE D 288 -38.64 -4.40 -2.11
C PHE D 288 -39.83 -4.75 -2.99
N ASP D 289 -39.58 -4.76 -4.29
CA ASP D 289 -40.55 -5.24 -5.26
C ASP D 289 -40.77 -6.73 -5.04
N PRO D 290 -42.00 -7.20 -4.81
CA PRO D 290 -42.23 -8.64 -4.61
C PRO D 290 -41.86 -9.50 -5.80
N LYS D 291 -41.50 -8.91 -6.94
CA LYS D 291 -41.08 -9.66 -8.12
C LYS D 291 -39.69 -9.23 -8.59
N VAL D 292 -38.86 -8.76 -7.66
CA VAL D 292 -37.54 -8.26 -8.02
C VAL D 292 -36.65 -9.42 -8.46
N ARG D 293 -35.85 -9.17 -9.50
CA ARG D 293 -34.92 -10.16 -10.02
C ARG D 293 -33.52 -9.85 -9.50
N VAL D 294 -32.84 -10.89 -8.99
CA VAL D 294 -31.58 -10.72 -8.27
C VAL D 294 -30.47 -11.45 -9.01
N ILE D 295 -29.36 -10.76 -9.21
CA ILE D 295 -28.12 -11.35 -9.70
C ILE D 295 -27.12 -11.28 -8.54
N GLN D 296 -26.85 -12.42 -7.92
CA GLN D 296 -26.07 -12.46 -6.68
C GLN D 296 -24.63 -12.86 -6.99
N MET D 297 -23.69 -12.02 -6.58
CA MET D 297 -22.26 -12.29 -6.70
C MET D 297 -21.70 -12.46 -5.29
N ASP D 298 -21.43 -13.71 -4.92
CA ASP D 298 -20.92 -14.03 -3.59
C ASP D 298 -19.98 -15.21 -3.69
N ILE D 299 -19.07 -15.31 -2.72
CA ILE D 299 -18.07 -16.38 -2.77
C ILE D 299 -18.61 -17.66 -2.17
N SER D 300 -19.60 -17.58 -1.27
CA SER D 300 -20.17 -18.75 -0.63
C SER D 300 -21.39 -19.21 -1.43
N ALA D 301 -21.32 -20.44 -1.93
CA ALA D 301 -22.42 -20.97 -2.73
C ALA D 301 -23.68 -21.17 -1.90
N GLU D 302 -23.53 -21.52 -0.62
CA GLU D 302 -24.69 -21.72 0.24
C GLU D 302 -25.47 -20.44 0.47
N GLU D 303 -24.85 -19.28 0.25
CA GLU D 303 -25.52 -18.00 0.42
C GLU D 303 -26.45 -17.66 -0.75
N ILE D 304 -26.29 -18.35 -1.88
CA ILE D 304 -27.09 -18.04 -3.07
C ILE D 304 -28.54 -18.47 -2.82
N GLY D 305 -29.47 -17.58 -3.13
CA GLY D 305 -30.88 -17.88 -3.04
C GLY D 305 -31.51 -17.69 -1.68
N THR D 306 -30.84 -17.01 -0.76
CA THR D 306 -31.38 -16.80 0.57
C THR D 306 -32.48 -15.74 0.53
N ASN D 307 -33.60 -16.03 1.20
CA ASN D 307 -34.73 -15.12 1.35
C ASN D 307 -35.43 -14.84 0.02
N VAL D 308 -34.67 -14.39 -0.98
CA VAL D 308 -35.21 -14.05 -2.30
C VAL D 308 -34.61 -15.01 -3.31
N PRO D 309 -35.41 -15.59 -4.21
CA PRO D 309 -34.84 -16.46 -5.23
C PRO D 309 -33.83 -15.72 -6.10
N THR D 310 -32.78 -16.43 -6.50
CA THR D 310 -31.71 -15.88 -7.32
C THR D 310 -31.94 -16.25 -8.78
N GLU D 311 -31.88 -15.25 -9.66
CA GLU D 311 -32.04 -15.51 -11.09
C GLU D 311 -30.72 -15.94 -11.72
N VAL D 312 -29.65 -15.18 -11.50
CA VAL D 312 -28.32 -15.50 -12.01
C VAL D 312 -27.37 -15.59 -10.83
N ALA D 313 -26.74 -16.75 -10.68
CA ALA D 313 -25.82 -17.01 -9.57
C ALA D 313 -24.39 -16.84 -10.07
N LEU D 314 -23.70 -15.84 -9.53
CA LEU D 314 -22.30 -15.58 -9.85
C LEU D 314 -21.48 -15.94 -8.61
N VAL D 315 -21.27 -17.23 -8.42
CA VAL D 315 -20.54 -17.73 -7.26
C VAL D 315 -19.04 -17.69 -7.57
N GLY D 316 -18.29 -16.96 -6.76
CA GLY D 316 -16.86 -16.82 -6.98
C GLY D 316 -16.37 -15.52 -6.35
N ASP D 317 -15.20 -15.09 -6.81
CA ASP D 317 -14.55 -13.90 -6.27
C ASP D 317 -15.13 -12.64 -6.89
N ALA D 318 -15.36 -11.62 -6.06
CA ALA D 318 -15.95 -10.37 -6.54
C ALA D 318 -15.03 -9.62 -7.48
N LYS D 319 -13.73 -9.89 -7.45
CA LYS D 319 -12.79 -9.25 -8.36
C LYS D 319 -12.60 -10.03 -9.65
N ALA D 320 -12.64 -11.36 -9.58
CA ALA D 320 -12.51 -12.17 -10.79
C ALA D 320 -13.79 -12.17 -11.61
N ILE D 321 -14.95 -12.16 -10.95
CA ILE D 321 -16.22 -12.19 -11.68
C ILE D 321 -16.49 -10.84 -12.34
N THR D 322 -16.16 -9.74 -11.65
CA THR D 322 -16.35 -8.42 -12.24
C THR D 322 -15.44 -8.23 -13.44
N THR D 323 -14.26 -8.86 -13.44
CA THR D 323 -13.40 -8.84 -14.62
C THR D 323 -14.07 -9.54 -15.81
N GLN D 324 -14.81 -10.62 -15.54
CA GLN D 324 -15.56 -11.27 -16.59
C GLN D 324 -16.64 -10.36 -17.16
N LEU D 325 -17.24 -9.52 -16.31
CA LEU D 325 -18.26 -8.59 -16.78
C LEU D 325 -17.64 -7.50 -17.66
N ASN D 326 -16.47 -6.99 -17.27
CA ASN D 326 -15.82 -5.95 -18.06
C ASN D 326 -15.34 -6.50 -19.41
N ALA D 327 -14.83 -7.73 -19.42
CA ALA D 327 -14.47 -8.36 -20.68
C ALA D 327 -15.70 -8.53 -21.57
N SER D 328 -16.86 -8.82 -20.96
CA SER D 328 -18.10 -8.88 -21.72
C SER D 328 -18.54 -7.49 -22.19
N LEU D 329 -18.18 -6.45 -21.44
CA LEU D 329 -18.51 -5.09 -21.83
C LEU D 329 -17.67 -4.58 -23.00
N LYS D 330 -16.60 -5.27 -23.35
CA LYS D 330 -15.78 -4.87 -24.49
C LYS D 330 -16.32 -5.42 -25.81
N GLN D 331 -16.67 -6.71 -25.82
CA GLN D 331 -17.18 -7.32 -27.04
C GLN D 331 -18.58 -6.81 -27.38
N GLN D 332 -19.36 -6.45 -26.37
CA GLN D 332 -20.68 -5.86 -26.57
C GLN D 332 -20.83 -4.69 -25.60
N PRO D 333 -20.41 -3.49 -26.00
CA PRO D 333 -20.55 -2.33 -25.12
C PRO D 333 -22.00 -2.06 -24.78
N TRP D 334 -22.21 -1.48 -23.60
CA TRP D 334 -23.56 -1.20 -23.12
C TRP D 334 -23.49 -0.05 -22.11
N GLN D 335 -24.62 0.61 -21.94
CA GLN D 335 -24.71 1.76 -21.04
C GLN D 335 -26.17 2.02 -20.73
N TYR D 336 -26.45 2.40 -19.49
CA TYR D 336 -27.81 2.72 -19.09
C TYR D 336 -28.13 4.16 -19.49
N PRO D 337 -29.27 4.42 -20.13
CA PRO D 337 -29.59 5.80 -20.54
C PRO D 337 -29.65 6.74 -19.34
N SER D 338 -29.10 7.93 -19.54
CA SER D 338 -28.99 8.92 -18.47
C SER D 338 -30.24 9.77 -18.30
N GLU D 339 -31.26 9.58 -19.14
CA GLU D 339 -32.46 10.42 -19.09
C GLU D 339 -33.73 9.59 -18.94
N THR D 340 -33.62 8.42 -18.31
CA THR D 340 -34.81 7.62 -18.05
C THR D 340 -35.62 8.25 -16.90
N THR D 341 -36.91 7.90 -16.86
CA THR D 341 -37.74 8.32 -15.74
C THR D 341 -37.29 7.71 -14.43
N TRP D 342 -36.61 6.56 -14.49
CA TRP D 342 -36.01 5.97 -13.30
C TRP D 342 -34.95 6.90 -12.71
N TRP D 343 -34.19 7.59 -13.55
CA TRP D 343 -33.22 8.57 -13.06
C TRP D 343 -33.92 9.80 -12.50
N THR D 344 -34.95 10.29 -13.21
CA THR D 344 -35.60 11.54 -12.81
C THR D 344 -36.25 11.42 -11.43
N GLY D 345 -36.92 10.30 -11.17
CA GLY D 345 -37.52 10.10 -9.86
C GLY D 345 -36.48 9.97 -8.75
N LEU D 346 -35.39 9.24 -9.04
CA LEU D 346 -34.34 9.07 -8.03
C LEU D 346 -33.57 10.37 -7.81
N ARG D 347 -33.23 11.08 -8.89
CA ARG D 347 -32.46 12.31 -8.74
C ARG D 347 -33.27 13.41 -8.06
N LYS D 348 -34.58 13.45 -8.29
CA LYS D 348 -35.42 14.40 -7.57
C LYS D 348 -35.45 14.09 -6.08
N LYS D 349 -35.56 12.80 -5.72
CA LYS D 349 -35.58 12.43 -4.31
C LYS D 349 -34.25 12.69 -3.64
N ILE D 350 -33.14 12.60 -4.39
CA ILE D 350 -31.85 12.98 -3.83
C ILE D 350 -31.80 14.47 -3.56
N ASP D 351 -32.46 15.27 -4.39
CA ASP D 351 -32.50 16.72 -4.19
C ASP D 351 -33.31 17.08 -2.94
N GLU D 352 -34.54 16.57 -2.84
CA GLU D 352 -35.39 16.92 -1.71
C GLU D 352 -34.82 16.41 -0.39
N ASN D 353 -34.16 15.25 -0.41
CA ASN D 353 -33.55 14.73 0.80
C ASN D 353 -32.26 15.46 1.15
N GLY D 354 -31.41 15.69 0.15
CA GLY D 354 -30.15 16.39 0.41
C GLY D 354 -30.36 17.80 0.90
N ALA D 355 -31.39 18.48 0.40
CA ALA D 355 -31.71 19.82 0.88
C ALA D 355 -32.24 19.79 2.31
N THR D 356 -32.98 18.73 2.67
CA THR D 356 -33.48 18.61 4.03
C THR D 356 -32.33 18.45 5.02
N VAL D 357 -31.27 17.76 4.62
CA VAL D 357 -30.10 17.62 5.48
C VAL D 357 -29.41 18.97 5.65
N ALA D 358 -29.38 19.79 4.61
CA ALA D 358 -28.78 21.11 4.71
C ALA D 358 -29.51 21.98 5.72
N GLU D 359 -30.84 21.86 5.78
CA GLU D 359 -31.61 22.61 6.76
C GLU D 359 -31.26 22.18 8.19
N MET D 360 -31.01 20.89 8.40
CA MET D 360 -30.72 20.40 9.73
C MET D 360 -29.27 20.67 10.15
N MET D 361 -28.36 20.79 9.18
CA MET D 361 -26.98 21.12 9.50
C MET D 361 -26.78 22.60 9.80
N ALA D 362 -27.70 23.45 9.36
CA ALA D 362 -27.64 24.87 9.71
C ALA D 362 -28.11 25.16 11.12
N ASP D 363 -28.60 24.15 11.83
CA ASP D 363 -29.05 24.35 13.21
C ASP D 363 -27.86 24.62 14.12
N GLU D 364 -27.94 25.72 14.86
CA GLU D 364 -26.90 26.11 15.81
C GLU D 364 -27.39 26.10 17.26
N SER D 365 -28.66 25.76 17.48
CA SER D 365 -29.23 25.82 18.82
C SER D 365 -28.51 24.85 19.76
N VAL D 366 -28.55 25.17 21.05
CA VAL D 366 -27.94 24.35 22.10
C VAL D 366 -29.04 23.72 22.94
N PRO D 367 -28.89 22.46 23.38
CA PRO D 367 -27.80 21.51 23.06
C PRO D 367 -27.79 21.13 21.59
N MET D 368 -26.62 20.83 21.03
CA MET D 368 -26.49 20.61 19.60
C MET D 368 -27.19 19.33 19.18
N SER D 369 -27.41 19.21 17.87
CA SER D 369 -27.98 18.03 17.26
C SER D 369 -26.89 17.20 16.61
N TYR D 370 -27.28 16.03 16.08
CA TYR D 370 -26.32 15.20 15.37
C TYR D 370 -25.78 15.91 14.13
N TYR D 371 -26.66 16.55 13.36
CA TYR D 371 -26.26 17.09 12.08
C TYR D 371 -25.36 18.31 12.22
N ARG D 372 -25.56 19.13 13.25
CA ARG D 372 -24.68 20.27 13.48
C ARG D 372 -23.27 19.79 13.81
N VAL D 373 -23.16 18.81 14.71
CA VAL D 373 -21.84 18.31 15.08
C VAL D 373 -21.20 17.57 13.91
N TYR D 374 -21.97 16.74 13.21
CA TYR D 374 -21.42 15.99 12.08
C TYR D 374 -21.02 16.91 10.93
N ARG D 375 -21.72 18.04 10.77
CA ARG D 375 -21.39 18.97 9.68
C ARG D 375 -19.96 19.47 9.79
N GLU D 376 -19.49 19.75 11.01
CA GLU D 376 -18.14 20.27 11.17
C GLU D 376 -17.09 19.16 11.16
N ILE D 377 -17.43 17.97 11.69
CA ILE D 377 -16.50 16.84 11.58
C ILE D 377 -16.38 16.39 10.14
N ARG D 378 -17.45 16.54 9.35
CA ARG D 378 -17.45 16.12 7.96
C ARG D 378 -16.39 16.87 7.15
N ASP D 379 -16.04 18.08 7.55
CA ASP D 379 -15.08 18.89 6.81
C ASP D 379 -13.65 18.73 7.30
N LEU D 380 -13.46 18.23 8.52
CA LEU D 380 -12.11 18.08 9.08
C LEU D 380 -11.53 16.69 8.87
N ILE D 381 -12.21 15.82 8.14
CA ILE D 381 -11.71 14.49 7.83
C ILE D 381 -11.03 14.54 6.46
N PRO D 382 -9.76 14.14 6.35
CA PRO D 382 -9.12 14.08 5.04
C PRO D 382 -9.76 13.03 4.15
N ASN D 383 -9.44 13.09 2.87
CA ASN D 383 -10.03 12.20 1.88
C ASN D 383 -9.41 10.80 1.90
N ASP D 384 -8.33 10.59 2.66
CA ASP D 384 -7.70 9.28 2.75
C ASP D 384 -7.67 8.77 4.19
N ALA D 385 -8.53 9.30 5.06
CA ALA D 385 -8.53 8.94 6.46
C ALA D 385 -9.41 7.72 6.71
N ILE D 386 -9.10 7.02 7.80
CA ILE D 386 -9.88 5.87 8.24
C ILE D 386 -10.91 6.34 9.26
N ILE D 387 -12.16 5.92 9.09
CA ILE D 387 -13.26 6.34 9.94
C ILE D 387 -13.78 5.12 10.68
N GLN D 388 -13.80 5.21 12.01
CA GLN D 388 -14.39 4.18 12.87
C GLN D 388 -15.57 4.83 13.58
N ASN D 389 -16.78 4.36 13.27
CA ASN D 389 -18.01 4.97 13.78
C ASN D 389 -18.85 3.90 14.47
N GLU D 390 -18.87 3.93 15.80
CA GLU D 390 -19.65 3.01 16.60
C GLU D 390 -20.71 3.76 17.38
N GLY D 391 -21.73 3.03 17.81
CA GLY D 391 -22.87 3.58 18.50
C GLY D 391 -24.16 3.29 17.75
N ALA D 392 -25.24 3.91 18.21
CA ALA D 392 -26.54 3.69 17.58
C ALA D 392 -26.83 4.75 16.54
N SER D 393 -27.59 5.78 16.92
CA SER D 393 -27.91 6.87 16.00
C SER D 393 -26.65 7.57 15.52
N THR D 394 -25.64 7.68 16.38
CA THR D 394 -24.37 8.28 16.01
C THR D 394 -23.79 7.61 14.76
N MET D 395 -23.75 6.27 14.76
CA MET D 395 -23.20 5.54 13.63
C MET D 395 -24.12 5.64 12.42
N ASP D 396 -25.42 5.45 12.61
CA ASP D 396 -26.35 5.40 11.49
C ASP D 396 -26.41 6.75 10.76
N ILE D 397 -26.31 7.85 11.50
CA ILE D 397 -26.29 9.16 10.84
C ILE D 397 -24.95 9.41 10.17
N GLY D 398 -23.85 9.02 10.82
CA GLY D 398 -22.54 9.21 10.23
C GLY D 398 -22.36 8.47 8.92
N ARG D 399 -23.13 7.41 8.71
CA ARG D 399 -23.08 6.69 7.44
C ARG D 399 -23.57 7.56 6.29
N THR D 400 -24.59 8.38 6.54
CA THR D 400 -25.18 9.20 5.50
C THR D 400 -24.52 10.57 5.35
N LEU D 401 -23.62 10.94 6.27
CA LEU D 401 -22.99 12.26 6.24
C LEU D 401 -21.49 12.22 5.99
N MET D 402 -20.80 11.19 6.46
CA MET D 402 -19.36 11.09 6.25
C MET D 402 -19.07 10.31 4.98
N PRO D 403 -18.44 10.93 3.98
CA PRO D 403 -18.14 10.22 2.74
C PRO D 403 -16.82 9.47 2.80
N ASN D 404 -16.76 8.39 2.04
CA ASN D 404 -15.55 7.58 1.88
C ASN D 404 -15.16 7.55 0.41
N PHE D 405 -13.87 7.68 0.15
CA PHE D 405 -13.35 7.71 -1.21
C PHE D 405 -12.40 6.57 -1.53
N LEU D 406 -11.79 5.95 -0.52
CA LEU D 406 -10.98 4.76 -0.70
C LEU D 406 -11.67 3.57 -0.05
N PRO D 407 -11.62 2.39 -0.68
CA PRO D 407 -12.31 1.22 -0.12
C PRO D 407 -11.66 0.78 1.18
N ARG D 408 -12.48 0.13 2.02
CA ARG D 408 -12.05 -0.38 3.32
C ARG D 408 -11.52 0.73 4.21
N HIS D 409 -12.21 1.88 4.20
CA HIS D 409 -11.82 3.02 5.02
C HIS D 409 -12.87 3.40 6.06
N ARG D 410 -13.93 2.59 6.22
CA ARG D 410 -14.92 2.78 7.26
C ARG D 410 -15.07 1.50 8.05
N LEU D 411 -15.02 1.61 9.38
CA LEU D 411 -15.21 0.49 10.29
C LEU D 411 -16.35 0.82 11.24
N ASP D 412 -17.32 -0.08 11.33
CA ASP D 412 -18.50 0.15 12.16
C ASP D 412 -18.77 -1.12 12.98
N ALA D 413 -20.04 -1.30 13.39
CA ALA D 413 -20.40 -2.47 14.16
C ALA D 413 -20.46 -3.72 13.30
N GLY D 414 -20.71 -3.57 12.00
CA GLY D 414 -20.70 -4.69 11.10
C GLY D 414 -22.02 -5.43 11.05
N SER D 415 -21.96 -6.63 10.45
CA SER D 415 -23.15 -7.45 10.29
C SER D 415 -23.69 -7.96 11.61
N PHE D 416 -22.85 -8.06 12.64
CA PHE D 416 -23.30 -8.53 13.95
C PHE D 416 -23.87 -7.41 14.81
N GLY D 417 -23.75 -6.16 14.39
CA GLY D 417 -24.25 -5.05 15.18
C GLY D 417 -23.62 -4.97 16.56
N THR D 418 -22.30 -5.15 16.63
CA THR D 418 -21.61 -5.33 17.90
C THR D 418 -21.23 -4.00 18.51
N MET D 419 -21.48 -3.87 19.82
CA MET D 419 -20.98 -2.75 20.60
C MET D 419 -19.77 -3.22 21.40
N GLY D 420 -18.66 -2.51 21.25
CA GLY D 420 -17.39 -2.90 21.84
C GLY D 420 -16.26 -3.09 20.86
N VAL D 421 -16.53 -3.00 19.55
CA VAL D 421 -15.49 -3.13 18.54
C VAL D 421 -14.79 -1.81 18.24
N GLY D 422 -15.33 -0.69 18.74
CA GLY D 422 -14.85 0.63 18.38
C GLY D 422 -13.36 0.86 18.55
N LEU D 423 -12.89 0.91 19.79
CA LEU D 423 -11.49 1.22 20.03
C LEU D 423 -10.58 0.08 19.59
N GLY D 424 -11.08 -1.16 19.59
CA GLY D 424 -10.28 -2.26 19.08
C GLY D 424 -10.02 -2.13 17.59
N GLN D 425 -11.08 -1.87 16.81
CA GLN D 425 -10.92 -1.72 15.37
C GLN D 425 -10.12 -0.48 15.00
N ALA D 426 -10.20 0.57 15.83
CA ALA D 426 -9.44 1.78 15.54
C ALA D 426 -7.94 1.55 15.75
N ILE D 427 -7.58 0.83 16.81
CA ILE D 427 -6.16 0.53 17.05
C ILE D 427 -5.61 -0.35 15.94
N ALA D 428 -6.41 -1.33 15.49
CA ALA D 428 -5.98 -2.15 14.36
C ALA D 428 -5.86 -1.34 13.09
N ALA D 429 -6.74 -0.35 12.91
CA ALA D 429 -6.72 0.46 11.70
C ALA D 429 -5.43 1.27 11.60
N ALA D 430 -5.07 1.96 12.67
CA ALA D 430 -3.86 2.77 12.65
C ALA D 430 -2.60 1.92 12.75
N ALA D 431 -2.72 0.66 13.19
CA ALA D 431 -1.58 -0.25 13.15
C ALA D 431 -1.28 -0.67 11.72
N VAL D 432 -2.31 -0.80 10.88
CA VAL D 432 -2.10 -1.15 9.48
C VAL D 432 -1.70 0.08 8.68
N HIS D 433 -2.33 1.23 8.95
CA HIS D 433 -2.07 2.48 8.24
C HIS D 433 -1.50 3.48 9.24
N PRO D 434 -0.19 3.43 9.51
CA PRO D 434 0.40 4.43 10.41
C PRO D 434 0.52 5.82 9.78
N ASP D 435 0.42 5.92 8.46
CA ASP D 435 0.50 7.20 7.79
C ASP D 435 -0.86 7.89 7.65
N LYS D 436 -1.95 7.15 7.75
CA LYS D 436 -3.28 7.73 7.67
C LYS D 436 -3.79 8.08 9.07
N HIS D 437 -4.66 9.09 9.13
CA HIS D 437 -5.28 9.49 10.37
C HIS D 437 -6.58 8.71 10.56
N VAL D 438 -6.77 8.17 11.76
CA VAL D 438 -7.94 7.34 12.08
C VAL D 438 -8.83 8.13 13.02
N PHE D 439 -10.09 8.32 12.61
CA PHE D 439 -11.08 9.01 13.43
C PHE D 439 -11.98 7.98 14.10
N CYS D 440 -11.98 7.98 15.43
CA CYS D 440 -12.81 7.09 16.23
C CYS D 440 -14.01 7.89 16.73
N ILE D 441 -15.18 7.64 16.16
CA ILE D 441 -16.40 8.35 16.50
C ILE D 441 -17.30 7.40 17.27
N GLU D 442 -17.41 7.61 18.57
CA GLU D 442 -18.16 6.73 19.46
C GLU D 442 -19.32 7.48 20.10
N GLY D 443 -20.39 6.74 20.41
CA GLY D 443 -21.39 7.24 21.31
C GLY D 443 -20.98 7.00 22.76
N ASP D 444 -21.65 7.70 23.68
CA ASP D 444 -21.29 7.57 25.09
C ASP D 444 -21.45 6.15 25.60
N SER D 445 -22.46 5.42 25.10
CA SER D 445 -22.64 4.04 25.51
C SER D 445 -21.61 3.12 24.86
N ALA D 446 -21.51 3.17 23.53
CA ALA D 446 -20.54 2.33 22.81
C ALA D 446 -19.12 2.57 23.29
N PHE D 447 -18.81 3.81 23.72
CA PHE D 447 -17.48 4.11 24.20
C PHE D 447 -17.20 3.43 25.54
N GLY D 448 -18.22 3.27 26.38
CA GLY D 448 -18.03 2.62 27.67
C GLY D 448 -17.73 1.14 27.59
N PHE D 449 -17.98 0.52 26.43
CA PHE D 449 -17.69 -0.91 26.28
C PHE D 449 -16.20 -1.18 26.37
N SER D 450 -15.39 -0.42 25.64
CA SER D 450 -13.95 -0.63 25.60
C SER D 450 -13.18 0.68 25.74
N GLY D 451 -13.74 1.64 26.48
CA GLY D 451 -13.10 2.93 26.63
C GLY D 451 -11.76 2.90 27.33
N MET D 452 -11.48 1.84 28.08
CA MET D 452 -10.20 1.71 28.75
C MET D 452 -9.03 1.53 27.79
N GLU D 453 -9.31 1.22 26.52
CA GLU D 453 -8.26 0.99 25.53
C GLU D 453 -7.61 2.27 25.04
N VAL D 454 -7.95 3.43 25.60
CA VAL D 454 -7.28 4.66 25.20
C VAL D 454 -5.82 4.64 25.63
N GLU D 455 -5.53 3.99 26.76
CA GLU D 455 -4.14 3.88 27.21
C GLU D 455 -3.33 2.97 26.29
N THR D 456 -3.97 1.91 25.76
CA THR D 456 -3.29 1.03 24.82
C THR D 456 -2.89 1.79 23.55
N ALA D 457 -3.78 2.64 23.05
CA ALA D 457 -3.47 3.45 21.88
C ALA D 457 -2.35 4.43 22.16
N ALA D 458 -2.30 4.98 23.38
CA ALA D 458 -1.26 5.93 23.73
C ALA D 458 0.06 5.25 24.07
N ARG D 459 0.00 4.00 24.56
CA ARG D 459 1.22 3.29 24.91
C ARG D 459 2.06 2.97 23.69
N TYR D 460 1.42 2.68 22.55
CA TYR D 460 2.13 2.38 21.31
C TYR D 460 2.27 3.61 20.42
N GLY D 461 2.13 4.81 20.98
CA GLY D 461 2.39 6.03 20.25
C GLY D 461 1.52 6.26 19.04
N MET D 462 0.25 5.83 19.10
CA MET D 462 -0.66 5.95 17.97
C MET D 462 -1.35 7.30 18.00
N LYS D 463 -0.56 8.36 17.78
CA LYS D 463 -1.10 9.71 17.82
C LYS D 463 -2.00 10.01 16.64
N ASN D 464 -1.99 9.18 15.59
CA ASN D 464 -2.92 9.35 14.49
C ASN D 464 -4.34 8.90 14.84
N ILE D 465 -4.58 8.51 16.09
CA ILE D 465 -5.91 8.17 16.58
C ILE D 465 -6.49 9.39 17.28
N THR D 466 -7.73 9.75 16.91
CA THR D 466 -8.45 10.83 17.56
C THR D 466 -9.79 10.28 18.05
N PHE D 467 -9.97 10.24 19.37
CA PHE D 467 -11.20 9.74 19.95
C PHE D 467 -12.22 10.85 20.02
N ILE D 468 -13.33 10.68 19.30
CA ILE D 468 -14.42 11.65 19.28
C ILE D 468 -15.66 10.96 19.85
N ILE D 469 -16.20 11.52 20.93
CA ILE D 469 -17.35 10.95 21.63
C ILE D 469 -18.55 11.88 21.45
N ILE D 470 -19.67 11.31 21.02
CA ILE D 470 -20.92 12.05 20.90
C ILE D 470 -21.80 11.58 22.06
N ASN D 471 -21.88 12.40 23.09
CA ASN D 471 -22.56 12.05 24.34
C ASN D 471 -23.97 12.63 24.32
N ASN D 472 -24.98 11.75 24.45
CA ASN D 472 -26.34 12.16 24.75
C ASN D 472 -26.78 11.68 26.13
N ASN D 473 -25.80 11.37 27.00
CA ASN D 473 -26.04 11.00 28.40
C ASN D 473 -26.89 9.74 28.54
N GLY D 474 -26.79 8.82 27.59
CA GLY D 474 -27.52 7.59 27.70
C GLY D 474 -27.51 6.80 26.40
N ILE D 475 -28.24 5.69 26.43
CA ILE D 475 -28.38 4.82 25.26
C ILE D 475 -29.58 5.37 24.47
N GLY D 476 -29.27 6.23 23.50
CA GLY D 476 -30.33 6.87 22.73
C GLY D 476 -31.13 7.88 23.50
N GLY D 477 -30.57 8.44 24.57
CA GLY D 477 -31.28 9.42 25.38
C GLY D 477 -31.02 9.26 26.86
N GLY D 478 -30.85 10.39 27.55
CA GLY D 478 -30.64 10.39 28.98
C GLY D 478 -31.07 11.69 29.61
N PRO D 479 -31.72 11.59 30.77
CA PRO D 479 -32.19 12.80 31.46
C PRO D 479 -31.02 13.64 31.97
N ASP D 480 -31.29 14.93 32.13
CA ASP D 480 -30.28 15.88 32.57
C ASP D 480 -29.90 15.71 34.03
N THR D 481 -30.65 14.91 34.79
CA THR D 481 -30.35 14.64 36.18
C THR D 481 -30.81 13.23 36.52
N LEU D 482 -30.08 12.58 37.43
CA LEU D 482 -30.33 11.19 37.78
C LEU D 482 -30.56 11.07 39.28
N ASP D 483 -31.59 10.32 39.65
CA ASP D 483 -31.80 9.91 41.04
C ASP D 483 -31.15 8.54 41.23
N PRO D 484 -30.18 8.41 42.14
CA PRO D 484 -29.50 7.11 42.28
C PRO D 484 -30.43 5.95 42.60
N THR D 485 -31.57 6.22 43.23
CA THR D 485 -32.54 5.16 43.49
C THR D 485 -33.51 4.93 42.34
N ARG D 486 -33.61 5.89 41.40
CA ARG D 486 -34.50 5.78 40.24
C ARG D 486 -33.69 6.09 38.99
N VAL D 487 -32.83 5.15 38.59
CA VAL D 487 -31.97 5.30 37.42
C VAL D 487 -32.64 4.62 36.24
N PRO D 488 -32.89 5.32 35.14
CA PRO D 488 -33.39 4.65 33.93
C PRO D 488 -32.37 3.65 33.41
N PRO D 489 -32.83 2.52 32.88
CA PRO D 489 -31.89 1.47 32.46
C PRO D 489 -31.00 1.87 31.28
N SER D 490 -31.33 2.94 30.56
CA SER D 490 -30.57 3.35 29.39
C SER D 490 -29.82 4.66 29.60
N ALA D 491 -29.80 5.18 30.83
CA ALA D 491 -29.21 6.48 31.11
C ALA D 491 -27.84 6.33 31.76
N TYR D 492 -26.96 7.28 31.47
CA TYR D 492 -25.64 7.38 32.07
C TYR D 492 -25.53 8.68 32.84
N THR D 493 -24.38 8.87 33.49
CA THR D 493 -24.13 10.07 34.28
C THR D 493 -24.30 11.32 33.41
N PRO D 494 -25.16 12.25 33.80
CA PRO D 494 -25.30 13.49 33.01
C PRO D 494 -24.01 14.28 33.01
N ASN D 495 -23.65 14.79 31.83
CA ASN D 495 -22.42 15.56 31.63
C ASN D 495 -21.20 14.76 32.06
N ALA D 496 -21.15 13.50 31.64
CA ALA D 496 -20.02 12.64 31.95
C ALA D 496 -18.78 13.12 31.22
N HIS D 497 -17.68 13.27 31.95
CA HIS D 497 -16.44 13.82 31.41
C HIS D 497 -15.49 12.67 31.08
N TYR D 498 -15.74 12.02 29.94
CA TYR D 498 -14.86 10.96 29.47
C TYR D 498 -13.50 11.51 29.05
N GLU D 499 -13.46 12.77 28.59
CA GLU D 499 -12.22 13.34 28.07
C GLU D 499 -11.15 13.45 29.14
N LYS D 500 -11.52 13.38 30.42
CA LYS D 500 -10.54 13.41 31.49
C LYS D 500 -9.65 12.17 31.53
N MET D 501 -9.97 11.14 30.72
CA MET D 501 -9.14 9.95 30.64
C MET D 501 -7.90 10.15 29.78
N ALA D 502 -7.84 11.23 29.00
CA ALA D 502 -6.59 11.55 28.31
C ALA D 502 -5.49 11.88 29.31
N GLU D 503 -5.86 12.37 30.49
CA GLU D 503 -4.89 12.70 31.52
C GLU D 503 -4.21 11.48 32.11
N ILE D 504 -4.81 10.29 31.97
CA ILE D 504 -4.23 9.09 32.57
C ILE D 504 -2.93 8.69 31.88
N TYR D 505 -2.72 9.14 30.64
CA TYR D 505 -1.47 8.90 29.93
C TYR D 505 -0.78 10.21 29.54
N GLY D 506 -1.05 11.27 30.30
CA GLY D 506 -0.45 12.56 30.02
C GLY D 506 -0.94 13.23 28.76
N GLY D 507 -2.00 12.72 28.14
CA GLY D 507 -2.52 13.28 26.92
C GLY D 507 -3.33 14.54 27.16
N LYS D 508 -4.07 14.94 26.11
CA LYS D 508 -4.83 16.17 26.11
C LYS D 508 -6.25 15.88 25.63
N GLY D 509 -7.22 16.17 26.48
CA GLY D 509 -8.61 15.93 26.14
C GLY D 509 -9.44 17.19 26.30
N TYR D 510 -10.35 17.41 25.35
CA TYR D 510 -11.16 18.62 25.31
C TYR D 510 -12.63 18.29 25.59
N PHE D 511 -13.37 19.31 26.02
CA PHE D 511 -14.78 19.20 26.32
C PHE D 511 -15.54 20.26 25.54
N VAL D 512 -16.61 19.86 24.85
CA VAL D 512 -17.34 20.72 23.92
C VAL D 512 -18.83 20.67 24.27
N THR D 513 -19.47 21.85 24.32
CA THR D 513 -20.92 21.92 24.53
C THR D 513 -21.54 22.92 23.57
N GLU D 514 -20.78 23.99 23.21
CA GLU D 514 -21.29 25.05 22.33
C GLU D 514 -20.79 24.84 20.90
N PRO D 515 -21.58 25.23 19.90
CA PRO D 515 -21.15 25.00 18.51
C PRO D 515 -19.88 25.74 18.12
N SER D 516 -19.60 26.89 18.74
CA SER D 516 -18.37 27.61 18.46
C SER D 516 -17.14 26.89 18.98
N GLN D 517 -17.31 25.90 19.85
CA GLN D 517 -16.19 25.15 20.41
C GLN D 517 -15.78 23.96 19.55
N LEU D 518 -16.60 23.58 18.56
CA LEU D 518 -16.34 22.36 17.80
C LEU D 518 -15.02 22.44 17.05
N ARG D 519 -14.90 23.38 16.13
CA ARG D 519 -13.72 23.45 15.27
C ARG D 519 -12.43 23.70 16.04
N PRO D 520 -12.34 24.68 16.94
CA PRO D 520 -11.04 24.90 17.63
C PRO D 520 -10.62 23.75 18.52
N ALA D 521 -11.58 22.99 19.07
CA ALA D 521 -11.21 21.85 19.91
C ALA D 521 -10.81 20.64 19.08
N LEU D 522 -11.47 20.43 17.93
CA LEU D 522 -11.13 19.31 17.08
C LEU D 522 -9.77 19.51 16.41
N GLU D 523 -9.52 20.71 15.89
CA GLU D 523 -8.24 20.97 15.26
C GLU D 523 -7.07 20.82 16.24
N GLU D 524 -7.32 21.11 17.53
CA GLU D 524 -6.31 20.81 18.53
C GLU D 524 -6.21 19.32 18.84
N ALA D 525 -7.19 18.53 18.42
CA ALA D 525 -7.18 17.09 18.64
C ALA D 525 -6.60 16.33 17.45
N ILE D 526 -6.87 16.80 16.23
CA ILE D 526 -6.33 16.14 15.04
C ILE D 526 -4.80 16.23 15.05
N LYS D 527 -4.26 17.35 15.50
CA LYS D 527 -2.83 17.53 15.69
C LYS D 527 -2.56 17.47 17.19
N ALA D 528 -1.88 16.41 17.63
CA ALA D 528 -1.56 16.22 19.04
C ALA D 528 -0.48 15.16 19.15
N ASP D 529 0.45 15.37 20.08
CA ASP D 529 1.52 14.40 20.29
C ASP D 529 1.01 13.09 20.87
N LYS D 530 -0.18 13.08 21.46
CA LYS D 530 -0.78 11.91 22.07
C LYS D 530 -2.22 11.78 21.60
N PRO D 531 -2.80 10.58 21.71
CA PRO D 531 -4.22 10.43 21.34
C PRO D 531 -5.11 11.32 22.19
N ALA D 532 -5.95 12.10 21.52
CA ALA D 532 -6.81 13.09 22.16
C ALA D 532 -8.25 12.59 22.21
N ILE D 533 -8.97 13.00 23.25
CA ILE D 533 -10.36 12.64 23.45
C ILE D 533 -11.18 13.92 23.50
N VAL D 534 -12.19 14.02 22.65
CA VAL D 534 -13.12 15.14 22.66
C VAL D 534 -14.51 14.61 23.02
N ASN D 535 -15.17 15.30 23.95
CA ASN D 535 -16.49 14.91 24.43
C ASN D 535 -17.47 15.96 23.97
N ILE D 536 -18.21 15.66 22.90
CA ILE D 536 -19.15 16.59 22.30
C ILE D 536 -20.55 16.27 22.83
N MET D 537 -21.15 17.24 23.51
CA MET D 537 -22.49 17.07 24.08
C MET D 537 -23.53 17.46 23.04
N ILE D 538 -24.51 16.59 22.84
CA ILE D 538 -25.62 16.84 21.94
C ILE D 538 -26.92 16.75 22.72
N SER D 539 -28.01 17.15 22.07
CA SER D 539 -29.33 17.09 22.68
C SER D 539 -29.83 15.65 22.73
N ALA D 540 -30.41 15.27 23.86
CA ALA D 540 -30.91 13.92 24.02
C ALA D 540 -32.11 13.66 23.12
N THR D 541 -32.86 14.70 22.77
CA THR D 541 -34.02 14.55 21.90
C THR D 541 -33.65 14.62 20.42
N SER D 542 -32.38 14.83 20.09
CA SER D 542 -31.96 14.86 18.70
C SER D 542 -32.16 13.49 18.07
N GLN D 543 -32.72 13.47 16.86
CA GLN D 543 -33.07 12.24 16.18
C GLN D 543 -32.63 12.33 14.72
N ARG D 544 -32.86 11.24 13.99
CA ARG D 544 -32.49 11.17 12.59
C ARG D 544 -33.47 11.99 11.75
N LYS D 545 -33.14 12.11 10.47
CA LYS D 545 -34.05 12.75 9.53
C LYS D 545 -35.28 11.85 9.31
N PRO D 546 -36.45 12.44 9.12
CA PRO D 546 -37.66 11.63 8.94
C PRO D 546 -37.58 10.82 7.65
N GLN D 547 -37.85 9.52 7.78
CA GLN D 547 -37.75 8.60 6.64
C GLN D 547 -39.05 7.85 6.41
N GLY E 5 41.25 13.13 -55.80
CA GLY E 5 40.17 12.66 -54.96
C GLY E 5 40.19 13.26 -53.57
N GLN E 6 40.21 14.58 -53.50
CA GLN E 6 40.24 15.32 -52.24
C GLN E 6 38.96 16.13 -52.12
N ILE E 7 38.20 15.91 -51.06
CA ILE E 7 36.91 16.54 -50.85
C ILE E 7 36.98 17.42 -49.61
N THR E 8 36.37 18.60 -49.67
CA THR E 8 36.41 19.57 -48.60
C THR E 8 35.16 19.47 -47.73
N GLY E 9 35.23 20.11 -46.56
CA GLY E 9 34.10 20.08 -45.64
C GLY E 9 32.85 20.73 -46.21
N ALA E 10 33.03 21.84 -46.95
CA ALA E 10 31.90 22.48 -47.60
C ALA E 10 31.31 21.57 -48.67
N GLN E 11 32.16 20.83 -49.38
CA GLN E 11 31.67 19.84 -50.34
C GLN E 11 30.90 18.73 -49.63
N ILE E 12 31.43 18.23 -48.52
CA ILE E 12 30.77 17.15 -47.79
C ILE E 12 29.41 17.60 -47.27
N VAL E 13 29.33 18.80 -46.70
CA VAL E 13 28.07 19.29 -46.17
C VAL E 13 27.07 19.53 -47.30
N ALA E 14 27.52 20.10 -48.40
CA ALA E 14 26.61 20.40 -49.51
C ALA E 14 26.00 19.12 -50.07
N ARG E 15 26.83 18.11 -50.34
CA ARG E 15 26.31 16.85 -50.87
C ARG E 15 25.41 16.15 -49.86
N ALA E 16 25.77 16.22 -48.58
CA ALA E 16 24.95 15.57 -47.55
C ALA E 16 23.57 16.19 -47.46
N LEU E 17 23.48 17.52 -47.54
CA LEU E 17 22.18 18.19 -47.48
C LEU E 17 21.31 17.79 -48.67
N LYS E 18 21.88 17.82 -49.88
CA LYS E 18 21.13 17.41 -51.06
C LYS E 18 20.67 15.96 -50.96
N GLN E 19 21.48 15.10 -50.35
CA GLN E 19 21.09 13.70 -50.21
C GLN E 19 19.94 13.53 -49.22
N GLN E 20 19.94 14.30 -48.14
CA GLN E 20 18.94 14.16 -47.09
C GLN E 20 17.63 14.88 -47.41
N GLY E 21 17.49 15.45 -48.59
CA GLY E 21 16.25 16.06 -49.00
C GLY E 21 16.18 17.57 -48.91
N VAL E 22 17.32 18.25 -48.79
CA VAL E 22 17.36 19.70 -48.80
C VAL E 22 17.46 20.18 -50.24
N GLU E 23 16.65 21.17 -50.60
CA GLU E 23 16.63 21.66 -51.98
C GLU E 23 16.79 23.17 -52.06
N TYR E 24 16.43 23.89 -51.00
CA TYR E 24 16.47 25.34 -50.98
C TYR E 24 17.34 25.82 -49.83
N MET E 25 18.19 26.80 -50.11
CA MET E 25 19.05 27.39 -49.10
C MET E 25 19.03 28.91 -49.23
N PHE E 26 18.86 29.59 -48.11
CA PHE E 26 18.83 31.04 -48.06
C PHE E 26 19.88 31.54 -47.07
N GLY E 27 20.31 32.78 -47.27
CA GLY E 27 21.25 33.39 -46.36
C GLY E 27 22.13 34.40 -47.10
N ILE E 28 23.20 34.80 -46.41
CA ILE E 28 24.17 35.76 -46.93
C ILE E 28 25.56 35.19 -46.74
N VAL E 29 26.38 35.25 -47.78
CA VAL E 29 27.70 34.65 -47.77
C VAL E 29 28.69 35.56 -47.06
N GLY E 30 29.91 35.10 -46.90
CA GLY E 30 30.94 35.81 -46.18
C GLY E 30 31.85 34.84 -45.47
N ILE E 31 32.82 35.40 -44.77
CA ILE E 31 33.76 34.55 -44.02
C ILE E 31 33.02 33.87 -42.88
N PRO E 32 33.08 32.54 -42.75
CA PRO E 32 33.76 31.58 -43.64
C PRO E 32 32.79 30.67 -44.39
N VAL E 33 31.59 31.13 -44.71
CA VAL E 33 30.57 30.27 -45.31
C VAL E 33 30.48 30.44 -46.83
N ILE E 34 31.47 31.09 -47.44
CA ILE E 34 31.44 31.30 -48.89
C ILE E 34 31.44 29.98 -49.66
N PRO E 35 32.32 29.01 -49.37
CA PRO E 35 32.29 27.77 -50.15
C PRO E 35 30.99 27.00 -50.02
N ILE E 36 30.34 27.05 -48.85
CA ILE E 36 29.11 26.28 -48.64
C ILE E 36 28.03 26.73 -49.61
N ALA E 37 28.00 28.02 -49.94
CA ALA E 37 27.00 28.51 -50.88
C ALA E 37 27.36 28.11 -52.32
N MET E 38 28.65 28.11 -52.66
CA MET E 38 29.05 27.74 -54.01
C MET E 38 28.80 26.26 -54.28
N PHE E 39 29.13 25.40 -53.30
CA PHE E 39 28.93 23.97 -53.51
C PHE E 39 27.46 23.59 -53.42
N ALA E 40 26.67 24.35 -52.66
CA ALA E 40 25.23 24.10 -52.63
C ALA E 40 24.63 24.18 -54.03
N GLN E 41 25.04 25.17 -54.81
CA GLN E 41 24.56 25.27 -56.19
C GLN E 41 25.19 24.21 -57.07
N ARG E 42 26.46 23.86 -56.83
CA ARG E 42 27.13 22.82 -57.60
C ARG E 42 26.65 21.42 -57.24
N GLU E 43 25.82 21.28 -56.21
CA GLU E 43 25.27 19.98 -55.82
C GLU E 43 23.77 19.88 -56.00
N GLY E 44 23.11 20.94 -56.49
CA GLY E 44 21.70 20.89 -56.77
C GLY E 44 20.80 21.58 -55.78
N ILE E 45 21.33 22.49 -54.96
CA ILE E 45 20.53 23.23 -53.98
C ILE E 45 20.49 24.68 -54.41
N LYS E 46 19.29 25.22 -54.57
CA LYS E 46 19.12 26.61 -54.94
C LYS E 46 19.51 27.51 -53.78
N PHE E 47 20.48 28.39 -54.01
CA PHE E 47 20.92 29.35 -53.01
C PHE E 47 20.40 30.73 -53.36
N TYR E 48 19.75 31.38 -52.40
CA TYR E 48 19.17 32.71 -52.59
C TYR E 48 19.86 33.67 -51.63
N GLY E 49 20.60 34.63 -52.18
CA GLY E 49 21.29 35.61 -51.38
C GLY E 49 20.41 36.76 -50.94
N PHE E 50 19.98 36.73 -49.69
CA PHE E 50 19.08 37.75 -49.15
C PHE E 50 19.85 39.01 -48.80
N ARG E 51 19.13 40.03 -48.32
CA ARG E 51 19.73 41.27 -47.89
C ARG E 51 19.92 41.36 -46.38
N ASN E 52 19.29 40.46 -45.62
CA ASN E 52 19.50 40.39 -44.17
C ASN E 52 19.17 38.97 -43.72
N GLU E 53 20.02 38.40 -42.87
CA GLU E 53 19.84 37.01 -42.46
C GLU E 53 18.52 36.81 -41.71
N GLN E 54 18.01 37.87 -41.06
CA GLN E 54 16.73 37.76 -40.36
C GLN E 54 15.62 37.35 -41.32
N SER E 55 15.57 38.00 -42.48
CA SER E 55 14.57 37.64 -43.49
C SER E 55 14.88 36.29 -44.11
N ALA E 56 16.16 35.91 -44.21
CA ALA E 56 16.53 34.63 -44.80
C ALA E 56 16.14 33.47 -43.89
N SER E 57 16.29 33.66 -42.57
CA SER E 57 15.93 32.59 -41.64
C SER E 57 14.43 32.32 -41.63
N TYR E 58 13.61 33.36 -41.89
CA TYR E 58 12.18 33.15 -41.99
C TYR E 58 11.81 32.40 -43.26
N ALA E 59 12.54 32.63 -44.36
CA ALA E 59 12.30 31.89 -45.59
C ALA E 59 12.65 30.42 -45.43
N ALA E 60 13.72 30.13 -44.68
CA ALA E 60 14.11 28.73 -44.46
C ALA E 60 13.04 27.98 -43.67
N ALA E 61 12.41 28.65 -42.71
CA ALA E 61 11.37 28.01 -41.92
C ALA E 61 10.12 27.74 -42.75
N ALA E 62 9.81 28.64 -43.69
CA ALA E 62 8.64 28.45 -44.53
C ALA E 62 8.79 27.26 -45.47
N VAL E 63 10.03 26.97 -45.89
CA VAL E 63 10.26 25.83 -46.77
C VAL E 63 9.95 24.53 -46.03
N GLY E 64 10.33 24.43 -44.75
CA GLY E 64 10.02 23.25 -43.98
C GLY E 64 8.53 22.99 -43.88
N TYR E 65 7.72 24.05 -43.86
CA TYR E 65 6.27 23.89 -43.81
C TYR E 65 5.68 23.52 -45.16
N LEU E 66 6.23 24.08 -46.24
CA LEU E 66 5.67 23.84 -47.56
C LEU E 66 6.10 22.50 -48.14
N THR E 67 7.31 22.03 -47.82
CA THR E 67 7.87 20.85 -48.48
C THR E 67 7.99 19.63 -47.58
N GLY E 68 8.01 19.80 -46.26
CA GLY E 68 8.17 18.70 -45.35
C GLY E 68 9.61 18.40 -44.97
N ARG E 69 10.56 18.86 -45.75
CA ARG E 69 11.98 18.81 -45.44
C ARG E 69 12.48 20.19 -45.03
N PRO E 70 13.44 20.27 -44.11
CA PRO E 70 13.84 21.58 -43.59
C PRO E 70 14.56 22.42 -44.63
N GLY E 71 14.29 23.72 -44.60
CA GLY E 71 15.07 24.67 -45.37
C GLY E 71 16.26 25.16 -44.56
N VAL E 72 17.35 25.45 -45.26
CA VAL E 72 18.62 25.79 -44.63
C VAL E 72 18.83 27.29 -44.71
N CYS E 73 19.19 27.90 -43.58
CA CYS E 73 19.60 29.29 -43.52
C CYS E 73 21.09 29.34 -43.23
N LEU E 74 21.86 29.89 -44.17
CA LEU E 74 23.31 29.98 -44.05
C LEU E 74 23.69 31.36 -43.55
N GLY E 75 24.41 31.40 -42.43
CA GLY E 75 24.87 32.67 -41.88
C GLY E 75 26.33 32.60 -41.53
N VAL E 76 26.99 33.76 -41.61
CA VAL E 76 28.41 33.86 -41.27
C VAL E 76 28.56 33.77 -39.76
N SER E 77 29.80 33.69 -39.29
CA SER E 77 30.07 33.62 -37.87
C SER E 77 29.62 34.90 -37.17
N GLY E 78 29.40 34.79 -35.87
CA GLY E 78 29.03 35.93 -35.05
C GLY E 78 27.65 36.47 -35.36
N PRO E 79 27.59 37.74 -35.78
CA PRO E 79 26.29 38.38 -35.99
C PRO E 79 25.45 37.74 -37.08
N GLY E 80 26.08 37.19 -38.12
CA GLY E 80 25.31 36.56 -39.18
C GLY E 80 24.46 35.41 -38.68
N MET E 81 25.03 34.58 -37.80
CA MET E 81 24.26 33.49 -37.21
C MET E 81 23.21 34.01 -36.24
N ILE E 82 23.54 35.07 -35.49
CA ILE E 82 22.62 35.58 -34.48
C ILE E 82 21.35 36.12 -35.12
N HIS E 83 21.49 36.77 -36.28
CA HIS E 83 20.31 37.23 -37.01
C HIS E 83 19.40 36.06 -37.37
N GLY E 84 19.99 34.92 -37.73
CA GLY E 84 19.21 33.75 -38.10
C GLY E 84 18.47 33.09 -36.96
N VAL E 85 18.80 33.42 -35.72
CA VAL E 85 18.09 32.83 -34.58
C VAL E 85 16.63 33.25 -34.58
N ALA E 86 16.33 34.46 -35.08
CA ALA E 86 14.94 34.90 -35.18
C ALA E 86 14.09 33.89 -35.94
N GLY E 87 14.61 33.38 -37.07
CA GLY E 87 13.89 32.35 -37.79
C GLY E 87 13.78 31.06 -37.01
N MET E 88 14.83 30.71 -36.26
CA MET E 88 14.78 29.50 -35.43
C MET E 88 13.62 29.56 -34.45
N ALA E 89 13.42 30.72 -33.82
CA ALA E 89 12.30 30.87 -32.89
C ALA E 89 10.96 30.75 -33.61
N ASN E 90 10.88 31.25 -34.84
CA ASN E 90 9.64 31.14 -35.60
C ASN E 90 9.33 29.69 -35.94
N ALA E 91 10.33 28.94 -36.41
CA ALA E 91 10.15 27.52 -36.63
C ALA E 91 9.91 26.79 -35.31
N TRP E 92 10.53 27.25 -34.23
CA TRP E 92 10.27 26.67 -32.91
C TRP E 92 8.83 26.87 -32.51
N SER E 93 8.26 28.04 -32.80
CA SER E 93 6.90 28.34 -32.38
C SER E 93 5.86 27.67 -33.28
N ASN E 94 6.09 27.65 -34.58
CA ASN E 94 5.13 27.08 -35.53
C ASN E 94 5.30 25.58 -35.72
N CYS E 95 6.27 24.96 -35.04
CA CYS E 95 6.54 23.53 -35.18
C CYS E 95 6.89 23.15 -36.62
N TRP E 96 7.83 23.90 -37.20
CA TRP E 96 8.28 23.69 -38.56
C TRP E 96 9.73 23.22 -38.58
N PRO E 97 10.09 22.34 -39.53
CA PRO E 97 11.49 21.89 -39.61
C PRO E 97 12.35 22.93 -40.32
N MET E 98 13.51 23.21 -39.73
CA MET E 98 14.42 24.17 -40.34
C MET E 98 15.81 23.98 -39.75
N ILE E 99 16.83 24.22 -40.58
CA ILE E 99 18.23 24.09 -40.19
C ILE E 99 18.90 25.45 -40.34
N LEU E 100 19.57 25.90 -39.28
CA LEU E 100 20.42 27.08 -39.32
C LEU E 100 21.87 26.61 -39.32
N ILE E 101 22.58 26.87 -40.41
CA ILE E 101 23.99 26.55 -40.53
C ILE E 101 24.76 27.84 -40.31
N GLY E 102 25.44 27.94 -39.17
CA GLY E 102 26.19 29.12 -38.80
C GLY E 102 27.69 28.84 -38.83
N GLY E 103 28.41 29.68 -39.55
CA GLY E 103 29.86 29.61 -39.54
C GLY E 103 30.43 29.97 -38.19
N ALA E 104 31.71 29.66 -38.02
CA ALA E 104 32.39 29.95 -36.77
C ALA E 104 33.85 30.26 -37.07
N ASN E 105 34.51 30.91 -36.10
CA ASN E 105 35.92 31.20 -36.24
C ASN E 105 36.72 29.90 -36.32
N ASP E 106 37.98 30.01 -36.73
CA ASP E 106 38.87 28.86 -36.75
C ASP E 106 39.00 28.29 -35.34
N SER E 107 38.82 26.97 -35.24
CA SER E 107 38.78 26.33 -33.92
C SER E 107 40.08 26.55 -33.16
N TYR E 108 41.22 26.55 -33.86
CA TYR E 108 42.50 26.79 -33.22
C TYR E 108 42.70 28.25 -32.83
N GLN E 109 41.70 29.11 -32.99
CA GLN E 109 41.76 30.49 -32.54
C GLN E 109 40.85 30.77 -31.34
N ASN E 110 40.15 29.76 -30.84
CA ASN E 110 39.23 29.96 -29.73
C ASN E 110 39.97 30.47 -28.50
N GLY E 111 39.31 31.34 -27.75
CA GLY E 111 39.90 31.97 -26.59
C GLY E 111 40.78 33.16 -26.88
N GLN E 112 41.23 33.32 -28.13
CA GLN E 112 42.09 34.43 -28.51
C GLN E 112 41.32 35.70 -28.85
N GLY E 113 39.99 35.65 -28.82
CA GLY E 113 39.20 36.77 -29.33
C GLY E 113 39.25 36.80 -30.84
N ALA E 114 38.89 35.67 -31.46
CA ALA E 114 38.97 35.54 -32.90
C ALA E 114 37.88 36.39 -33.57
N PHE E 115 37.90 36.41 -34.89
CA PHE E 115 36.93 37.19 -35.66
C PHE E 115 35.55 36.56 -35.54
N GLN E 116 34.61 37.31 -34.96
CA GLN E 116 33.22 36.88 -34.80
C GLN E 116 33.11 35.62 -33.95
N GLU E 117 33.96 35.53 -32.92
CA GLU E 117 33.83 34.48 -31.93
C GLU E 117 32.66 34.80 -31.01
N ALA E 118 31.76 33.84 -30.84
CA ALA E 118 30.54 34.08 -30.07
C ALA E 118 29.98 32.75 -29.58
N PRO E 119 29.27 32.74 -28.44
CA PRO E 119 28.61 31.51 -28.01
C PRO E 119 27.37 31.23 -28.83
N GLN E 120 27.57 30.76 -30.07
CA GLN E 120 26.45 30.60 -30.99
C GLN E 120 25.58 29.43 -30.61
N ILE E 121 26.17 28.34 -30.12
CA ILE E 121 25.38 27.19 -29.69
C ILE E 121 24.46 27.57 -28.54
N GLU E 122 24.97 28.35 -27.59
CA GLU E 122 24.15 28.74 -26.45
C GLU E 122 23.08 29.75 -26.85
N ALA E 123 23.33 30.55 -27.89
CA ALA E 123 22.32 31.50 -28.37
C ALA E 123 21.22 30.83 -29.17
N ALA E 124 21.48 29.64 -29.74
CA ALA E 124 20.46 28.91 -30.47
C ALA E 124 19.74 27.87 -29.63
N ARG E 125 20.33 27.47 -28.50
CA ARG E 125 19.73 26.44 -27.64
C ARG E 125 18.28 26.69 -27.26
N PRO E 126 17.85 27.89 -26.85
CA PRO E 126 16.46 28.05 -26.39
C PRO E 126 15.41 27.73 -27.43
N PHE E 127 15.78 27.67 -28.72
CA PHE E 127 14.80 27.49 -29.79
C PHE E 127 15.14 26.30 -30.68
N ALA E 128 16.04 25.42 -30.24
CA ALA E 128 16.56 24.35 -31.08
C ALA E 128 16.24 22.99 -30.47
N LYS E 129 15.85 22.04 -31.33
CA LYS E 129 15.76 20.65 -30.94
C LYS E 129 17.12 19.96 -30.92
N TYR E 130 18.14 20.58 -31.51
CA TYR E 130 19.42 19.94 -31.72
C TYR E 130 20.50 20.97 -32.07
N CYS E 131 21.56 21.02 -31.27
CA CYS E 131 22.73 21.83 -31.57
C CYS E 131 23.95 20.92 -31.64
N ALA E 132 24.82 21.18 -32.61
CA ALA E 132 26.02 20.36 -32.76
C ALA E 132 27.11 21.14 -33.47
N ARG E 133 28.33 20.99 -32.96
CA ARG E 133 29.53 21.41 -33.69
C ARG E 133 30.28 20.16 -34.08
N PRO E 134 30.30 19.80 -35.37
CA PRO E 134 30.98 18.56 -35.78
C PRO E 134 32.44 18.56 -35.36
N ASP E 135 32.94 17.37 -35.00
CA ASP E 135 34.31 17.25 -34.52
C ASP E 135 35.31 16.99 -35.62
N SER E 136 34.90 16.34 -36.71
CA SER E 136 35.83 15.95 -37.76
C SER E 136 35.14 16.04 -39.12
N LEU E 137 35.95 16.10 -40.16
CA LEU E 137 35.43 16.12 -41.52
C LEU E 137 34.74 14.80 -41.86
N ALA E 138 35.32 13.68 -41.43
CA ALA E 138 34.79 12.37 -41.80
C ALA E 138 33.40 12.12 -41.22
N ARG E 139 33.05 12.78 -40.12
CA ARG E 139 31.75 12.56 -39.49
C ARG E 139 30.73 13.65 -39.83
N LEU E 140 31.09 14.58 -40.73
CA LEU E 140 30.12 15.59 -41.16
C LEU E 140 28.81 15.02 -41.69
N PRO E 141 28.80 13.98 -42.54
CA PRO E 141 27.50 13.45 -42.99
C PRO E 141 26.65 12.89 -41.86
N PHE E 142 27.26 12.43 -40.77
CA PHE E 142 26.48 11.98 -39.62
C PHE E 142 25.70 13.12 -39.00
N TYR E 143 26.34 14.29 -38.85
CA TYR E 143 25.67 15.44 -38.24
C TYR E 143 24.57 15.98 -39.13
N VAL E 144 24.80 16.02 -40.45
CA VAL E 144 23.78 16.54 -41.36
C VAL E 144 22.57 15.62 -41.39
N GLU E 145 22.79 14.31 -41.47
CA GLU E 145 21.68 13.37 -41.46
C GLU E 145 20.92 13.42 -40.15
N GLN E 146 21.65 13.53 -39.03
CA GLN E 146 20.99 13.64 -37.73
C GLN E 146 20.25 14.96 -37.59
N ALA E 147 20.80 16.03 -38.17
CA ALA E 147 20.15 17.33 -38.09
C ALA E 147 18.84 17.35 -38.88
N VAL E 148 18.84 16.73 -40.07
CA VAL E 148 17.62 16.70 -40.87
C VAL E 148 16.56 15.82 -40.21
N ARG E 149 16.97 14.66 -39.69
CA ARG E 149 16.01 13.73 -39.11
C ARG E 149 15.40 14.29 -37.83
N THR E 150 16.22 14.93 -36.99
CA THR E 150 15.68 15.52 -35.76
C THR E 150 14.67 16.62 -36.06
N SER E 151 14.86 17.34 -37.16
CA SER E 151 13.98 18.47 -37.46
C SER E 151 12.60 18.02 -37.93
N ILE E 152 12.47 16.82 -38.49
CA ILE E 152 11.20 16.38 -39.07
C ILE E 152 10.55 15.23 -38.30
N TYR E 153 11.30 14.48 -37.50
CA TYR E 153 10.72 13.39 -36.73
C TYR E 153 10.04 13.93 -35.48
N GLY E 154 8.92 13.31 -35.11
CA GLY E 154 8.17 13.78 -33.96
C GLY E 154 7.61 15.16 -34.22
N ARG E 155 7.60 15.98 -33.19
CA ARG E 155 7.19 17.37 -33.34
C ARG E 155 8.26 18.13 -34.10
N PRO E 156 8.00 18.62 -35.31
CA PRO E 156 9.05 19.29 -36.09
C PRO E 156 9.57 20.53 -35.39
N GLY E 157 10.85 20.80 -35.58
CA GLY E 157 11.47 21.94 -34.96
C GLY E 157 12.73 22.36 -35.70
N ALA E 158 13.45 23.31 -35.11
CA ALA E 158 14.64 23.87 -35.71
C ALA E 158 15.89 23.26 -35.08
N VAL E 159 16.93 23.11 -35.92
CA VAL E 159 18.22 22.58 -35.48
C VAL E 159 19.32 23.54 -35.94
N TYR E 160 20.47 23.44 -35.29
CA TYR E 160 21.59 24.32 -35.56
C TYR E 160 22.87 23.52 -35.68
N LEU E 161 23.63 23.78 -36.75
CA LEU E 161 24.95 23.18 -36.95
C LEU E 161 26.00 24.27 -36.88
N ASP E 162 27.01 24.07 -36.02
CA ASP E 162 28.09 25.03 -35.81
C ASP E 162 29.30 24.55 -36.59
N LEU E 163 29.62 25.24 -37.69
CA LEU E 163 30.69 24.81 -38.58
C LEU E 163 31.90 25.72 -38.46
N PRO E 164 32.95 25.32 -37.74
CA PRO E 164 34.17 26.14 -37.68
C PRO E 164 34.82 26.27 -39.05
N GLY E 165 35.62 27.32 -39.20
CA GLY E 165 36.22 27.61 -40.49
C GLY E 165 37.16 26.52 -40.98
N ASP E 166 37.96 25.95 -40.06
CA ASP E 166 38.93 24.94 -40.47
C ASP E 166 38.26 23.64 -40.93
N ILE E 167 37.03 23.36 -40.49
CA ILE E 167 36.32 22.20 -40.99
C ILE E 167 35.69 22.49 -42.34
N ILE E 168 35.21 23.72 -42.54
CA ILE E 168 34.64 24.11 -43.82
C ILE E 168 35.69 24.06 -44.92
N THR E 169 36.89 24.57 -44.62
CA THR E 169 37.95 24.67 -45.62
C THR E 169 38.91 23.49 -45.61
N GLY E 170 38.87 22.64 -44.59
CA GLY E 170 39.72 21.48 -44.58
C GLY E 170 39.32 20.47 -45.64
N ALA E 171 40.29 19.62 -46.00
CA ALA E 171 40.09 18.63 -47.05
C ALA E 171 40.56 17.26 -46.57
N MET E 172 40.04 16.22 -47.22
CA MET E 172 40.44 14.85 -46.93
C MET E 172 40.08 13.98 -48.14
N GLU E 173 40.37 12.69 -48.03
CA GLU E 173 40.08 11.76 -49.10
C GLU E 173 38.57 11.49 -49.19
N GLU E 174 38.09 11.32 -50.42
CA GLU E 174 36.65 11.14 -50.62
C GLU E 174 36.21 9.69 -50.42
N GLU E 175 37.08 8.72 -50.69
CA GLU E 175 36.70 7.33 -50.49
C GLU E 175 36.48 7.00 -49.03
N ASP E 176 37.02 7.79 -48.10
CA ASP E 176 36.93 7.49 -46.68
C ASP E 176 35.67 8.03 -46.03
N VAL E 177 35.08 9.11 -46.56
CA VAL E 177 33.85 9.64 -45.99
C VAL E 177 32.70 8.68 -46.29
N HIS E 178 31.78 8.56 -45.34
CA HIS E 178 30.60 7.73 -45.48
C HIS E 178 29.37 8.62 -45.53
N PHE E 179 28.55 8.45 -46.56
CA PHE E 179 27.31 9.20 -46.68
C PHE E 179 26.15 8.29 -46.31
N PRO E 180 25.43 8.55 -45.22
CA PRO E 180 24.30 7.71 -44.85
C PRO E 180 23.17 7.88 -45.85
N PRO E 181 22.26 6.90 -45.94
CA PRO E 181 21.12 7.05 -46.84
C PRO E 181 20.22 8.19 -46.40
N ARG E 182 19.45 8.70 -47.36
CA ARG E 182 18.45 9.71 -47.05
C ARG E 182 17.48 9.17 -46.01
N CYS E 183 17.42 9.83 -44.85
CA CYS E 183 16.61 9.33 -43.77
C CYS E 183 15.15 9.22 -44.22
N PRO E 184 14.47 8.12 -43.90
CA PRO E 184 13.10 7.94 -44.37
C PRO E 184 12.19 9.08 -43.92
N ASP E 185 11.06 9.21 -44.60
CA ASP E 185 10.09 10.22 -44.25
C ASP E 185 9.63 10.04 -42.81
N ALA E 186 9.16 11.13 -42.21
CA ALA E 186 8.81 11.13 -40.80
C ALA E 186 7.80 10.03 -40.49
N PRO E 187 8.07 9.16 -39.52
CA PRO E 187 7.14 8.07 -39.23
C PRO E 187 5.81 8.61 -38.71
N ARG E 188 4.73 7.95 -39.12
CA ARG E 188 3.37 8.39 -38.82
C ARG E 188 2.78 7.46 -37.77
N MET E 189 2.93 7.83 -36.51
CA MET E 189 2.35 7.05 -35.42
C MET E 189 0.82 7.09 -35.50
N MET E 190 0.19 6.00 -35.06
CA MET E 190 -1.24 5.86 -35.10
C MET E 190 -1.83 5.84 -33.70
N ALA E 191 -3.11 6.20 -33.61
CA ALA E 191 -3.81 6.17 -32.35
C ALA E 191 -4.17 4.74 -31.97
N PRO E 192 -4.27 4.45 -30.67
CA PRO E 192 -4.71 3.10 -30.26
C PRO E 192 -6.14 2.84 -30.68
N GLN E 193 -6.46 1.55 -30.82
CA GLN E 193 -7.75 1.17 -31.37
C GLN E 193 -8.89 1.63 -30.46
N GLU E 194 -8.73 1.46 -29.14
CA GLU E 194 -9.82 1.79 -28.22
C GLU E 194 -10.09 3.29 -28.19
N SER E 195 -9.09 4.11 -28.52
CA SER E 195 -9.28 5.56 -28.48
C SER E 195 -10.08 6.06 -29.68
N ILE E 196 -9.90 5.45 -30.85
CA ILE E 196 -10.67 5.84 -32.02
C ILE E 196 -12.16 5.59 -31.79
N ASP E 197 -12.48 4.45 -31.17
CA ASP E 197 -13.88 4.17 -30.85
C ASP E 197 -14.43 5.14 -29.81
N ALA E 198 -13.58 5.57 -28.87
CA ALA E 198 -14.02 6.55 -27.88
C ALA E 198 -14.21 7.94 -28.51
N ALA E 199 -13.39 8.27 -29.50
CA ALA E 199 -13.54 9.56 -30.17
C ALA E 199 -14.83 9.62 -30.97
N MET E 200 -15.24 8.50 -31.57
CA MET E 200 -16.48 8.47 -32.33
C MET E 200 -17.69 8.57 -31.41
N ALA E 201 -17.66 7.88 -30.28
CA ALA E 201 -18.80 7.93 -29.34
C ALA E 201 -19.02 9.34 -28.82
N ALA E 202 -17.93 10.06 -28.55
CA ALA E 202 -18.06 11.45 -28.09
C ALA E 202 -18.66 12.33 -29.18
N LEU E 203 -18.26 12.12 -30.43
CA LEU E 203 -18.83 12.90 -31.53
C LEU E 203 -20.29 12.53 -31.78
N LYS E 204 -20.63 11.25 -31.63
CA LYS E 204 -22.00 10.82 -31.82
C LYS E 204 -22.90 11.22 -30.67
N SER E 205 -22.32 11.55 -29.51
CA SER E 205 -23.08 11.95 -28.33
C SER E 205 -23.06 13.46 -28.10
N ALA E 206 -22.78 14.24 -29.14
CA ALA E 206 -22.62 15.68 -29.02
C ALA E 206 -23.85 16.39 -29.54
N GLU E 207 -24.39 17.32 -28.73
CA GLU E 207 -25.46 18.17 -29.21
C GLU E 207 -24.94 19.21 -30.19
N ARG E 208 -23.79 19.81 -29.90
CA ARG E 208 -23.22 20.90 -30.68
C ARG E 208 -21.75 20.60 -30.96
N PRO E 209 -21.48 19.65 -31.84
CA PRO E 209 -20.08 19.28 -32.12
C PRO E 209 -19.40 20.31 -33.02
N LEU E 210 -18.07 20.34 -32.92
CA LEU E 210 -17.27 21.27 -33.69
C LEU E 210 -15.92 20.62 -33.99
N VAL E 211 -15.42 20.83 -35.21
CA VAL E 211 -14.13 20.31 -35.64
C VAL E 211 -13.24 21.51 -35.98
N ILE E 212 -12.02 21.50 -35.43
CA ILE E 212 -11.05 22.55 -35.69
C ILE E 212 -9.90 21.93 -36.49
N VAL E 213 -9.71 22.41 -37.71
CA VAL E 213 -8.66 21.93 -38.60
C VAL E 213 -7.59 23.00 -38.65
N GLY E 214 -6.40 22.68 -38.13
CA GLY E 214 -5.36 23.68 -37.99
C GLY E 214 -4.11 23.44 -38.81
N LYS E 215 -3.03 24.12 -38.42
CA LYS E 215 -1.78 24.06 -39.17
C LYS E 215 -1.19 22.66 -39.19
N GLY E 216 -1.34 21.91 -38.09
CA GLY E 216 -0.80 20.57 -38.04
C GLY E 216 -1.42 19.64 -39.06
N ALA E 217 -2.70 19.82 -39.37
CA ALA E 217 -3.34 18.99 -40.38
C ALA E 217 -2.86 19.34 -41.78
N ALA E 218 -2.54 20.61 -42.02
CA ALA E 218 -1.99 21.00 -43.32
C ALA E 218 -0.58 20.46 -43.51
N TYR E 219 0.27 20.63 -42.50
CA TYR E 219 1.65 20.14 -42.60
C TYR E 219 1.69 18.62 -42.73
N SER E 220 0.75 17.92 -42.10
CA SER E 220 0.71 16.46 -42.15
C SER E 220 0.29 15.92 -43.51
N ARG E 221 -0.01 16.80 -44.47
CA ARG E 221 -0.46 16.39 -45.80
C ARG E 221 -1.73 15.54 -45.71
N ALA E 222 -2.65 15.92 -44.82
CA ALA E 222 -3.86 15.17 -44.55
C ALA E 222 -5.10 15.86 -45.13
N GLU E 223 -4.96 16.52 -46.27
CA GLU E 223 -6.09 17.24 -46.84
C GLU E 223 -7.13 16.29 -47.43
N ASN E 224 -6.70 15.16 -48.00
CA ASN E 224 -7.65 14.24 -48.62
C ASN E 224 -8.54 13.57 -47.59
N GLU E 225 -7.96 13.13 -46.47
CA GLU E 225 -8.72 12.40 -45.47
C GLU E 225 -9.63 13.30 -44.64
N VAL E 226 -9.21 14.56 -44.43
CA VAL E 226 -10.07 15.49 -43.70
C VAL E 226 -11.31 15.83 -44.51
N ARG E 227 -11.15 16.07 -45.81
CA ARG E 227 -12.30 16.31 -46.66
C ARG E 227 -13.20 15.08 -46.74
N GLU E 228 -12.62 13.88 -46.67
CA GLU E 228 -13.42 12.66 -46.64
C GLU E 228 -14.11 12.49 -45.29
N PHE E 229 -13.41 12.84 -44.20
CA PHE E 229 -14.00 12.70 -42.87
C PHE E 229 -15.18 13.65 -42.69
N LEU E 230 -15.00 14.93 -43.05
CA LEU E 230 -16.04 15.92 -42.80
C LEU E 230 -17.24 15.70 -43.71
N GLU E 231 -17.00 15.35 -44.98
CA GLU E 231 -18.13 15.15 -45.89
C GLU E 231 -18.90 13.89 -45.56
N THR E 232 -18.25 12.91 -44.93
CA THR E 232 -18.95 11.69 -44.55
C THR E 232 -19.75 11.88 -43.27
N THR E 233 -19.24 12.69 -42.34
CA THR E 233 -19.93 12.94 -41.08
C THR E 233 -20.81 14.18 -41.12
N GLN E 234 -20.57 15.10 -42.06
CA GLN E 234 -21.32 16.35 -42.16
C GLN E 234 -21.23 17.13 -40.85
N LEU E 235 -20.02 17.30 -40.35
CA LEU E 235 -19.78 18.01 -39.10
C LEU E 235 -19.44 19.47 -39.37
N PRO E 236 -19.92 20.39 -38.54
CA PRO E 236 -19.48 21.79 -38.65
C PRO E 236 -18.02 21.91 -38.26
N TYR E 237 -17.24 22.61 -39.08
CA TYR E 237 -15.81 22.73 -38.84
C TYR E 237 -15.38 24.19 -38.89
N LEU E 238 -14.28 24.47 -38.19
CA LEU E 238 -13.67 25.80 -38.14
C LEU E 238 -12.21 25.69 -38.54
N ALA E 239 -11.79 26.52 -39.48
CA ALA E 239 -10.42 26.50 -39.96
C ALA E 239 -9.57 27.54 -39.24
N SER E 240 -8.34 27.17 -38.92
CA SER E 240 -7.39 28.09 -38.34
C SER E 240 -6.91 29.07 -39.42
N PRO E 241 -6.24 30.16 -39.04
CA PRO E 241 -5.74 31.10 -40.05
C PRO E 241 -4.89 30.45 -41.13
N MET E 242 -4.14 29.40 -40.82
CA MET E 242 -3.38 28.67 -41.82
C MET E 242 -3.92 27.28 -42.09
N GLY E 243 -5.02 26.90 -41.43
CA GLY E 243 -5.77 25.72 -41.85
C GLY E 243 -6.66 25.95 -43.04
N LYS E 244 -6.81 27.20 -43.47
CA LYS E 244 -7.62 27.51 -44.64
C LYS E 244 -7.03 26.88 -45.88
N GLY E 245 -7.84 26.13 -46.61
CA GLY E 245 -7.42 25.41 -47.79
C GLY E 245 -7.41 23.90 -47.62
N VAL E 246 -7.08 23.42 -46.41
CA VAL E 246 -7.24 22.00 -46.11
C VAL E 246 -8.66 21.56 -46.43
N MET E 247 -9.63 22.36 -46.01
CA MET E 247 -11.00 22.27 -46.46
C MET E 247 -11.34 23.56 -47.20
N PRO E 248 -11.97 23.49 -48.37
CA PRO E 248 -12.25 24.72 -49.13
C PRO E 248 -13.06 25.72 -48.30
N ASP E 249 -12.63 26.98 -48.32
CA ASP E 249 -13.25 28.02 -47.50
C ASP E 249 -14.66 28.36 -47.94
N ASP E 250 -15.11 27.87 -49.10
CA ASP E 250 -16.49 28.05 -49.53
C ASP E 250 -17.33 26.80 -49.30
N HIS E 251 -16.87 25.89 -48.42
CA HIS E 251 -17.60 24.66 -48.16
C HIS E 251 -18.79 24.95 -47.24
N PRO E 252 -19.92 24.25 -47.45
CA PRO E 252 -21.10 24.50 -46.60
C PRO E 252 -20.87 24.18 -45.13
N LEU E 253 -20.04 23.18 -44.82
CA LEU E 253 -19.78 22.80 -43.43
C LEU E 253 -18.94 23.83 -42.68
N SER E 254 -18.41 24.83 -43.37
CA SER E 254 -17.60 25.86 -42.72
C SER E 254 -18.51 26.84 -41.99
N ILE E 255 -18.12 27.17 -40.75
CA ILE E 255 -18.88 28.13 -39.95
C ILE E 255 -17.94 29.26 -39.53
N ALA E 256 -16.97 29.57 -40.38
CA ALA E 256 -15.98 30.60 -40.06
C ALA E 256 -16.60 31.96 -39.76
N PRO E 257 -17.62 32.45 -40.48
CA PRO E 257 -18.26 33.71 -40.06
C PRO E 257 -18.88 33.65 -38.68
N ALA E 258 -19.23 32.47 -38.19
CA ALA E 258 -19.77 32.32 -36.85
C ALA E 258 -18.75 31.66 -35.93
N ARG E 259 -17.50 32.12 -36.00
CA ARG E 259 -16.42 31.50 -35.23
C ARG E 259 -16.63 31.65 -33.74
N SER E 260 -16.93 32.88 -33.29
CA SER E 260 -17.06 33.13 -31.85
C SER E 260 -18.24 32.37 -31.27
N ALA E 261 -19.35 32.28 -32.00
CA ALA E 261 -20.51 31.57 -31.49
C ALA E 261 -20.31 30.07 -31.50
N ALA E 262 -19.54 29.55 -32.45
CA ALA E 262 -19.29 28.11 -32.51
C ALA E 262 -18.42 27.67 -31.34
N LEU E 263 -17.34 28.41 -31.07
CA LEU E 263 -16.47 28.08 -29.95
C LEU E 263 -17.19 28.23 -28.61
N LEU E 264 -18.12 29.18 -28.51
CA LEU E 264 -18.83 29.41 -27.26
C LEU E 264 -19.91 28.36 -27.01
N GLY E 265 -20.50 27.82 -28.07
CA GLY E 265 -21.59 26.88 -27.91
C GLY E 265 -21.20 25.42 -28.01
N ALA E 266 -20.02 25.15 -28.56
CA ALA E 266 -19.59 23.77 -28.76
C ALA E 266 -19.41 23.05 -27.43
N ASP E 267 -19.83 21.79 -27.39
CA ASP E 267 -19.63 20.94 -26.23
C ASP E 267 -18.65 19.81 -26.47
N VAL E 268 -18.43 19.42 -27.72
CA VAL E 268 -17.42 18.42 -28.09
C VAL E 268 -16.65 19.00 -29.28
N ILE E 269 -15.38 19.33 -29.05
CA ILE E 269 -14.51 19.92 -30.06
C ILE E 269 -13.47 18.89 -30.47
N LEU E 270 -13.32 18.68 -31.77
CA LEU E 270 -12.30 17.80 -32.32
C LEU E 270 -11.15 18.65 -32.84
N LEU E 271 -9.99 18.54 -32.20
CA LEU E 271 -8.81 19.29 -32.60
C LEU E 271 -7.99 18.47 -33.60
N MET E 272 -7.89 18.95 -34.83
CA MET E 272 -7.12 18.30 -35.88
C MET E 272 -5.87 19.13 -36.16
N GLY E 273 -4.79 18.79 -35.48
CA GLY E 273 -3.54 19.49 -35.67
C GLY E 273 -3.57 20.94 -35.23
N ALA E 274 -4.34 21.26 -34.19
CA ALA E 274 -4.41 22.61 -33.67
C ALA E 274 -4.19 22.58 -32.16
N ARG E 275 -3.75 23.71 -31.62
CA ARG E 275 -3.45 23.84 -30.20
C ARG E 275 -4.38 24.85 -29.56
N LEU E 276 -4.69 24.62 -28.29
CA LEU E 276 -5.47 25.57 -27.49
C LEU E 276 -4.56 26.62 -26.87
N ASN E 277 -3.88 27.36 -27.75
CA ASN E 277 -2.94 28.40 -27.34
C ASN E 277 -3.65 29.76 -27.34
N TRP E 278 -2.88 30.84 -27.47
CA TRP E 278 -3.45 32.17 -27.51
C TRP E 278 -4.41 32.35 -28.68
N MET E 279 -4.15 31.66 -29.80
CA MET E 279 -4.99 31.79 -30.97
C MET E 279 -6.40 31.28 -30.70
N MET E 280 -6.52 30.20 -29.93
CA MET E 280 -7.80 29.64 -29.54
C MET E 280 -8.26 30.11 -28.16
N HIS E 281 -7.69 31.21 -27.67
CA HIS E 281 -8.08 31.81 -26.40
C HIS E 281 -7.94 30.82 -25.23
N PHE E 282 -6.96 29.93 -25.32
CA PHE E 282 -6.65 28.92 -24.30
C PHE E 282 -7.81 27.96 -24.03
N GLY E 283 -8.84 27.96 -24.88
CA GLY E 283 -9.97 27.08 -24.67
C GLY E 283 -10.74 27.33 -23.40
N HIS E 284 -10.58 28.50 -22.78
CA HIS E 284 -11.19 28.83 -21.51
C HIS E 284 -12.33 29.84 -21.69
N PRO E 285 -13.26 29.89 -20.74
CA PRO E 285 -14.29 30.94 -20.78
C PRO E 285 -13.68 32.32 -20.71
N PRO E 286 -14.41 33.36 -21.12
CA PRO E 286 -15.80 33.37 -21.60
C PRO E 286 -15.94 32.96 -23.06
N ARG E 287 -14.84 32.61 -23.73
CA ARG E 287 -14.90 32.25 -25.14
C ARG E 287 -15.33 30.81 -25.38
N PHE E 288 -15.35 29.97 -24.35
CA PHE E 288 -15.62 28.55 -24.51
C PHE E 288 -16.59 28.08 -23.42
N ASP E 289 -17.21 26.94 -23.68
CA ASP E 289 -18.01 26.27 -22.67
C ASP E 289 -17.10 25.77 -21.56
N PRO E 290 -17.35 26.13 -20.30
CA PRO E 290 -16.44 25.71 -19.21
C PRO E 290 -16.38 24.20 -19.00
N LYS E 291 -17.26 23.42 -19.61
CA LYS E 291 -17.28 21.97 -19.47
C LYS E 291 -17.24 21.29 -20.83
N VAL E 292 -16.47 21.84 -21.75
CA VAL E 292 -16.42 21.32 -23.12
C VAL E 292 -15.59 20.05 -23.16
N ARG E 293 -16.13 19.02 -23.79
CA ARG E 293 -15.38 17.78 -24.02
C ARG E 293 -14.44 17.97 -25.20
N VAL E 294 -13.19 17.54 -25.04
CA VAL E 294 -12.13 17.83 -25.99
C VAL E 294 -11.56 16.52 -26.52
N ILE E 295 -11.51 16.40 -27.85
CA ILE E 295 -10.81 15.32 -28.52
C ILE E 295 -9.63 15.95 -29.27
N GLN E 296 -8.42 15.61 -28.86
CA GLN E 296 -7.21 16.26 -29.36
C GLN E 296 -6.40 15.29 -30.23
N MET E 297 -6.12 15.71 -31.46
CA MET E 297 -5.28 14.96 -32.39
C MET E 297 -4.02 15.78 -32.64
N ASP E 298 -2.88 15.27 -32.16
CA ASP E 298 -1.63 16.00 -32.23
C ASP E 298 -0.47 15.02 -32.21
N ILE E 299 0.65 15.43 -32.81
CA ILE E 299 1.81 14.54 -32.91
C ILE E 299 2.66 14.58 -31.65
N SER E 300 2.51 15.60 -30.81
CA SER E 300 3.28 15.72 -29.59
C SER E 300 2.44 15.25 -28.40
N ALA E 301 2.99 14.32 -27.62
CA ALA E 301 2.28 13.83 -26.45
C ALA E 301 2.25 14.87 -25.33
N GLU E 302 3.28 15.72 -25.24
CA GLU E 302 3.30 16.72 -24.19
C GLU E 302 2.24 17.79 -24.40
N GLU E 303 1.90 18.10 -25.65
CA GLU E 303 0.88 19.09 -25.93
C GLU E 303 -0.51 18.64 -25.46
N ILE E 304 -0.74 17.33 -25.34
CA ILE E 304 -2.05 16.83 -24.99
C ILE E 304 -2.40 17.23 -23.55
N GLY E 305 -3.57 17.84 -23.39
CA GLY E 305 -4.04 18.25 -22.09
C GLY E 305 -3.67 19.64 -21.66
N THR E 306 -3.17 20.48 -22.57
CA THR E 306 -2.77 21.83 -22.21
C THR E 306 -4.00 22.71 -22.00
N ASN E 307 -3.99 23.48 -20.92
CA ASN E 307 -5.04 24.44 -20.58
C ASN E 307 -6.36 23.75 -20.27
N VAL E 308 -6.88 22.96 -21.20
CA VAL E 308 -8.18 22.30 -21.04
C VAL E 308 -7.96 20.79 -20.98
N PRO E 309 -8.65 20.07 -20.09
CA PRO E 309 -8.50 18.61 -20.06
C PRO E 309 -8.94 17.97 -21.37
N THR E 310 -8.23 16.90 -21.74
CA THR E 310 -8.50 16.17 -22.97
C THR E 310 -9.18 14.85 -22.63
N GLU E 311 -10.41 14.67 -23.12
CA GLU E 311 -11.14 13.44 -22.83
C GLU E 311 -10.65 12.27 -23.66
N VAL E 312 -10.39 12.50 -24.95
CA VAL E 312 -9.90 11.48 -25.86
C VAL E 312 -8.63 12.02 -26.52
N ALA E 313 -7.52 11.34 -26.31
CA ALA E 313 -6.23 11.76 -26.85
C ALA E 313 -5.88 10.90 -28.06
N LEU E 314 -5.64 11.56 -29.19
CA LEU E 314 -5.24 10.89 -30.43
C LEU E 314 -3.81 11.33 -30.74
N VAL E 315 -2.87 10.74 -30.02
CA VAL E 315 -1.45 11.06 -30.22
C VAL E 315 -0.96 10.31 -31.44
N GLY E 316 -0.41 11.04 -32.40
CA GLY E 316 0.10 10.46 -33.61
C GLY E 316 -0.03 11.43 -34.77
N ASP E 317 0.17 10.91 -35.97
CA ASP E 317 0.12 11.72 -37.18
C ASP E 317 -1.32 11.97 -37.58
N ALA E 318 -1.60 13.22 -38.00
CA ALA E 318 -2.96 13.59 -38.36
C ALA E 318 -3.46 12.82 -39.57
N LYS E 319 -2.58 12.50 -40.51
CA LYS E 319 -3.01 11.74 -41.69
C LYS E 319 -3.25 10.27 -41.34
N ALA E 320 -2.43 9.71 -40.45
CA ALA E 320 -2.58 8.29 -40.11
C ALA E 320 -3.78 8.06 -39.20
N ILE E 321 -4.11 9.01 -38.33
CA ILE E 321 -5.23 8.82 -37.41
C ILE E 321 -6.55 9.10 -38.12
N THR E 322 -6.58 10.06 -39.03
CA THR E 322 -7.82 10.38 -39.74
C THR E 322 -8.25 9.24 -40.63
N THR E 323 -7.31 8.47 -41.19
CA THR E 323 -7.68 7.26 -41.92
C THR E 323 -8.37 6.26 -41.02
N GLN E 324 -7.98 6.20 -39.75
CA GLN E 324 -8.67 5.33 -38.80
C GLN E 324 -10.10 5.82 -38.56
N LEU E 325 -10.29 7.14 -38.45
CA LEU E 325 -11.63 7.68 -38.33
C LEU E 325 -12.46 7.38 -39.57
N ASN E 326 -11.84 7.48 -40.75
CA ASN E 326 -12.53 7.09 -41.97
C ASN E 326 -12.77 5.59 -42.02
N ALA E 327 -11.86 4.79 -41.45
CA ALA E 327 -12.10 3.35 -41.36
C ALA E 327 -13.20 3.03 -40.36
N SER E 328 -13.42 3.90 -39.37
CA SER E 328 -14.51 3.69 -38.43
C SER E 328 -15.86 3.94 -39.07
N LEU E 329 -15.91 4.79 -40.10
CA LEU E 329 -17.15 5.11 -40.79
C LEU E 329 -17.54 4.08 -41.84
N LYS E 330 -16.78 3.00 -41.98
CA LYS E 330 -17.10 1.93 -42.91
C LYS E 330 -17.74 0.73 -42.23
N GLN E 331 -17.14 0.24 -41.13
CA GLN E 331 -17.79 -0.78 -40.33
C GLN E 331 -18.82 -0.21 -39.37
N GLN E 332 -18.94 1.11 -39.29
CA GLN E 332 -19.97 1.76 -38.50
C GLN E 332 -20.27 3.12 -39.11
N PRO E 333 -21.06 3.16 -40.18
CA PRO E 333 -21.38 4.44 -40.82
C PRO E 333 -22.22 5.32 -39.91
N TRP E 334 -21.98 6.63 -40.00
CA TRP E 334 -22.67 7.59 -39.16
C TRP E 334 -22.51 8.98 -39.77
N GLN E 335 -23.61 9.72 -39.85
CA GLN E 335 -23.59 11.10 -40.30
C GLN E 335 -24.29 11.98 -39.28
N TYR E 336 -23.79 13.20 -39.13
CA TYR E 336 -24.41 14.16 -38.23
C TYR E 336 -25.66 14.74 -38.90
N PRO E 337 -26.79 14.84 -38.20
CA PRO E 337 -28.01 15.33 -38.84
C PRO E 337 -27.85 16.74 -39.37
N SER E 338 -28.37 16.95 -40.58
CA SER E 338 -28.16 18.19 -41.31
C SER E 338 -29.08 19.33 -40.86
N GLU E 339 -30.00 19.09 -39.93
CA GLU E 339 -30.92 20.13 -39.46
C GLU E 339 -31.11 19.95 -37.96
N THR E 340 -30.33 20.69 -37.17
CA THR E 340 -30.47 20.73 -35.73
C THR E 340 -30.54 22.18 -35.28
N THR E 341 -30.82 22.39 -33.99
CA THR E 341 -30.78 23.74 -33.45
C THR E 341 -29.37 24.32 -33.53
N TRP E 342 -28.35 23.47 -33.50
CA TRP E 342 -26.98 23.93 -33.64
C TRP E 342 -26.68 24.42 -35.05
N TRP E 343 -27.15 23.67 -36.06
CA TRP E 343 -26.93 24.08 -37.44
C TRP E 343 -27.72 25.36 -37.76
N THR E 344 -29.01 25.37 -37.47
CA THR E 344 -29.83 26.53 -37.80
C THR E 344 -29.42 27.75 -36.98
N GLY E 345 -28.98 27.56 -35.74
CA GLY E 345 -28.49 28.68 -34.97
C GLY E 345 -27.24 29.29 -35.54
N LEU E 346 -26.32 28.45 -36.04
CA LEU E 346 -25.09 28.96 -36.63
C LEU E 346 -25.36 29.60 -37.99
N ARG E 347 -26.15 28.93 -38.84
CA ARG E 347 -26.36 29.42 -40.20
C ARG E 347 -27.02 30.80 -40.21
N LYS E 348 -27.76 31.15 -39.16
CA LYS E 348 -28.27 32.51 -39.06
C LYS E 348 -27.15 33.51 -38.81
N LYS E 349 -26.17 33.13 -37.98
CA LYS E 349 -25.05 34.02 -37.69
C LYS E 349 -24.19 34.27 -38.92
N ILE E 350 -24.02 33.25 -39.78
CA ILE E 350 -23.23 33.42 -40.99
C ILE E 350 -23.92 34.41 -41.93
N ASP E 351 -25.22 34.23 -42.16
CA ASP E 351 -25.95 35.13 -43.05
C ASP E 351 -25.97 36.56 -42.51
N GLU E 352 -26.00 36.73 -41.19
CA GLU E 352 -25.95 38.06 -40.61
C GLU E 352 -24.57 38.69 -40.81
N ASN E 353 -23.52 37.93 -40.57
CA ASN E 353 -22.16 38.45 -40.75
C ASN E 353 -21.89 38.76 -42.22
N GLY E 354 -22.18 37.81 -43.11
CA GLY E 354 -21.96 38.03 -44.53
C GLY E 354 -22.69 39.24 -45.07
N ALA E 355 -23.88 39.52 -44.53
CA ALA E 355 -24.58 40.74 -44.92
C ALA E 355 -23.87 41.98 -44.39
N THR E 356 -23.27 41.89 -43.20
CA THR E 356 -22.55 43.03 -42.64
C THR E 356 -21.22 43.25 -43.37
N VAL E 357 -20.54 42.15 -43.74
CA VAL E 357 -19.27 42.28 -44.45
C VAL E 357 -19.49 42.92 -45.82
N ALA E 358 -20.46 42.41 -46.59
CA ALA E 358 -20.73 42.97 -47.91
C ALA E 358 -21.17 44.42 -47.82
N GLU E 359 -21.94 44.76 -46.78
CA GLU E 359 -22.34 46.15 -46.59
C GLU E 359 -21.14 47.04 -46.28
N MET E 360 -20.11 46.48 -45.64
CA MET E 360 -18.88 47.23 -45.41
C MET E 360 -17.96 47.21 -46.63
N MET E 361 -17.96 46.11 -47.39
CA MET E 361 -17.11 46.02 -48.57
C MET E 361 -17.56 46.96 -49.68
N ALA E 362 -18.88 47.14 -49.83
CA ALA E 362 -19.41 47.97 -50.91
C ALA E 362 -19.29 49.47 -50.64
N ASP E 363 -18.84 49.87 -49.46
CA ASP E 363 -18.64 51.28 -49.19
C ASP E 363 -17.44 51.80 -49.97
N GLU E 364 -17.61 52.95 -50.60
CA GLU E 364 -16.61 53.49 -51.53
C GLU E 364 -16.09 54.86 -51.08
N SER E 365 -16.09 55.10 -49.77
CA SER E 365 -15.62 56.39 -49.26
C SER E 365 -14.11 56.51 -49.39
N VAL E 366 -13.63 57.75 -49.47
CA VAL E 366 -12.21 58.04 -49.60
C VAL E 366 -11.81 59.01 -48.50
N PRO E 367 -10.72 58.75 -47.73
CA PRO E 367 -9.78 57.62 -47.81
C PRO E 367 -10.43 56.25 -47.65
N MET E 368 -9.93 55.27 -48.38
CA MET E 368 -10.59 53.98 -48.51
C MET E 368 -10.44 53.16 -47.23
N SER E 369 -11.18 52.05 -47.19
CA SER E 369 -11.18 51.14 -46.05
C SER E 369 -10.54 49.82 -46.43
N TYR E 370 -10.32 48.97 -45.42
CA TYR E 370 -9.78 47.65 -45.67
C TYR E 370 -10.72 46.83 -46.55
N TYR E 371 -12.02 46.84 -46.22
CA TYR E 371 -12.97 46.01 -46.95
C TYR E 371 -13.14 46.47 -48.39
N ARG E 372 -13.04 47.77 -48.64
CA ARG E 372 -13.12 48.25 -50.02
C ARG E 372 -11.91 47.79 -50.83
N VAL E 373 -10.72 47.88 -50.26
CA VAL E 373 -9.51 47.45 -50.96
C VAL E 373 -9.52 45.94 -51.14
N TYR E 374 -9.92 45.20 -50.11
CA TYR E 374 -9.95 43.74 -50.19
C TYR E 374 -11.04 43.21 -51.12
N ARG E 375 -11.90 44.07 -51.68
CA ARG E 375 -12.86 43.59 -52.66
C ARG E 375 -12.20 43.43 -54.03
N GLU E 376 -11.45 44.45 -54.47
CA GLU E 376 -10.71 44.33 -55.72
C GLU E 376 -9.58 43.32 -55.61
N ILE E 377 -8.99 43.19 -54.43
CA ILE E 377 -7.94 42.18 -54.23
C ILE E 377 -8.52 40.78 -54.31
N ARG E 378 -9.61 40.53 -53.57
CA ARG E 378 -10.20 39.20 -53.53
C ARG E 378 -10.63 38.72 -54.92
N ASP E 379 -11.16 39.63 -55.73
CA ASP E 379 -11.66 39.27 -57.06
C ASP E 379 -10.57 39.24 -58.12
N LEU E 380 -9.29 39.28 -57.72
CA LEU E 380 -8.19 39.16 -58.67
C LEU E 380 -7.19 38.08 -58.29
N ILE E 381 -7.35 37.42 -57.14
CA ILE E 381 -6.49 36.33 -56.73
C ILE E 381 -7.04 35.04 -57.35
N PRO E 382 -6.23 34.30 -58.11
CA PRO E 382 -6.69 33.01 -58.62
C PRO E 382 -6.77 31.97 -57.51
N ASN E 383 -7.66 30.98 -57.70
CA ASN E 383 -7.94 29.98 -56.68
C ASN E 383 -6.79 29.03 -56.43
N ASP E 384 -5.65 29.18 -57.11
CA ASP E 384 -4.48 28.35 -56.90
C ASP E 384 -3.26 29.15 -56.47
N ALA E 385 -3.43 30.44 -56.21
CA ALA E 385 -2.31 31.30 -55.85
C ALA E 385 -1.89 31.05 -54.40
N ILE E 386 -0.85 31.75 -53.97
CA ILE E 386 -0.32 31.63 -52.61
C ILE E 386 -0.42 33.00 -51.96
N ILE E 387 -1.16 33.07 -50.85
CA ILE E 387 -1.40 34.33 -50.15
C ILE E 387 -0.36 34.47 -49.04
N GLN E 388 0.36 35.60 -49.05
CA GLN E 388 1.24 35.98 -47.96
C GLN E 388 0.72 37.28 -47.39
N ASN E 389 0.16 37.21 -46.18
CA ASN E 389 -0.55 38.34 -45.57
C ASN E 389 0.10 38.66 -44.24
N GLU E 390 0.87 39.75 -44.19
CA GLU E 390 1.52 40.19 -42.96
C GLU E 390 1.01 41.56 -42.57
N GLY E 391 0.88 41.78 -41.27
CA GLY E 391 0.38 43.01 -40.71
C GLY E 391 -0.51 42.75 -39.52
N ALA E 392 -1.14 43.80 -39.02
CA ALA E 392 -2.08 43.66 -37.90
C ALA E 392 -3.50 43.61 -38.44
N SER E 393 -4.10 44.80 -38.63
CA SER E 393 -5.46 44.87 -39.16
C SER E 393 -5.54 44.25 -40.55
N THR E 394 -4.53 44.51 -41.39
CA THR E 394 -4.51 43.95 -42.74
C THR E 394 -4.62 42.43 -42.72
N MET E 395 -3.80 41.79 -41.89
CA MET E 395 -3.76 40.33 -41.87
C MET E 395 -5.05 39.75 -41.31
N ASP E 396 -5.58 40.34 -40.24
CA ASP E 396 -6.79 39.80 -39.62
C ASP E 396 -8.00 39.95 -40.52
N ILE E 397 -8.15 41.12 -41.16
CA ILE E 397 -9.26 41.31 -42.08
C ILE E 397 -9.14 40.37 -43.27
N GLY E 398 -7.94 40.26 -43.84
CA GLY E 398 -7.74 39.38 -44.97
C GLY E 398 -7.97 37.92 -44.65
N ARG E 399 -7.72 37.52 -43.40
CA ARG E 399 -8.01 36.16 -42.97
C ARG E 399 -9.45 35.78 -43.30
N THR E 400 -10.40 36.63 -42.92
CA THR E 400 -11.81 36.36 -43.18
C THR E 400 -12.24 36.80 -44.57
N LEU E 401 -11.52 37.72 -45.20
CA LEU E 401 -11.90 38.26 -46.51
C LEU E 401 -11.39 37.39 -47.66
N MET E 402 -10.09 37.10 -47.69
CA MET E 402 -9.51 36.36 -48.80
C MET E 402 -9.61 34.87 -48.53
N PRO E 403 -10.36 34.11 -49.33
CA PRO E 403 -10.47 32.67 -49.09
C PRO E 403 -9.31 31.90 -49.71
N ASN E 404 -9.12 30.70 -49.20
CA ASN E 404 -8.15 29.75 -49.73
C ASN E 404 -8.86 28.46 -50.10
N PHE E 405 -8.34 27.78 -51.11
CA PHE E 405 -8.97 26.56 -51.61
C PHE E 405 -8.06 25.34 -51.60
N LEU E 406 -6.74 25.52 -51.57
CA LEU E 406 -5.80 24.41 -51.47
C LEU E 406 -5.03 24.49 -50.17
N PRO E 407 -4.63 23.36 -49.60
CA PRO E 407 -3.92 23.39 -48.32
C PRO E 407 -2.54 24.00 -48.46
N ARG E 408 -2.08 24.62 -47.36
CA ARG E 408 -0.75 25.24 -47.29
C ARG E 408 -0.57 26.31 -48.36
N HIS E 409 -1.60 27.12 -48.56
CA HIS E 409 -1.54 28.21 -49.54
C HIS E 409 -1.67 29.58 -48.92
N ARG E 410 -1.71 29.69 -47.60
CA ARG E 410 -1.70 30.98 -46.91
C ARG E 410 -0.54 31.00 -45.92
N LEU E 411 0.24 32.09 -45.95
CA LEU E 411 1.34 32.29 -45.03
C LEU E 411 1.17 33.64 -44.36
N ASP E 412 1.28 33.67 -43.04
CA ASP E 412 1.13 34.91 -42.27
C ASP E 412 2.16 34.89 -41.14
N ALA E 413 1.89 35.67 -40.08
CA ALA E 413 2.83 35.75 -38.97
C ALA E 413 2.86 34.49 -38.13
N GLY E 414 1.87 33.62 -38.27
CA GLY E 414 1.91 32.34 -37.59
C GLY E 414 1.71 32.45 -36.08
N SER E 415 2.07 31.36 -35.40
CA SER E 415 1.83 31.25 -33.96
C SER E 415 2.70 32.21 -33.15
N PHE E 416 3.79 32.71 -33.72
CA PHE E 416 4.66 33.64 -33.00
C PHE E 416 4.29 35.09 -33.23
N GLY E 417 3.37 35.37 -34.16
CA GLY E 417 2.99 36.74 -34.44
C GLY E 417 4.14 37.60 -34.92
N THR E 418 5.04 37.02 -35.70
CA THR E 418 6.28 37.67 -36.06
C THR E 418 6.09 38.64 -37.21
N MET E 419 6.56 39.88 -37.02
CA MET E 419 6.66 40.83 -38.11
C MET E 419 8.05 40.73 -38.72
N GLY E 420 8.11 40.68 -40.05
CA GLY E 420 9.36 40.50 -40.77
C GLY E 420 9.47 39.20 -41.52
N VAL E 421 8.51 38.29 -41.36
CA VAL E 421 8.51 37.03 -42.11
C VAL E 421 7.90 37.18 -43.50
N GLY E 422 7.19 38.28 -43.75
CA GLY E 422 6.39 38.44 -44.95
C GLY E 422 7.13 38.25 -46.26
N LEU E 423 8.00 39.19 -46.62
CA LEU E 423 8.72 39.09 -47.88
C LEU E 423 9.63 37.87 -47.90
N GLY E 424 10.11 37.44 -46.74
CA GLY E 424 10.92 36.23 -46.69
C GLY E 424 10.12 34.99 -47.04
N GLN E 425 8.93 34.84 -46.45
CA GLN E 425 8.10 33.68 -46.75
C GLN E 425 7.54 33.74 -48.17
N ALA E 426 7.34 34.94 -48.71
CA ALA E 426 6.87 35.06 -50.09
C ALA E 426 7.91 34.55 -51.07
N ILE E 427 9.19 34.85 -50.82
CA ILE E 427 10.25 34.36 -51.69
C ILE E 427 10.33 32.83 -51.62
N ALA E 428 10.12 32.27 -50.42
CA ALA E 428 10.14 30.82 -50.28
C ALA E 428 8.96 30.18 -51.01
N ALA E 429 7.81 30.85 -51.05
CA ALA E 429 6.66 30.32 -51.78
C ALA E 429 6.93 30.30 -53.28
N ALA E 430 7.62 31.31 -53.80
CA ALA E 430 7.95 31.34 -55.22
C ALA E 430 9.06 30.34 -55.56
N ALA E 431 9.92 30.02 -54.59
CA ALA E 431 10.95 29.01 -54.84
C ALA E 431 10.37 27.61 -54.89
N VAL E 432 9.31 27.36 -54.10
CA VAL E 432 8.64 26.07 -54.11
C VAL E 432 7.61 26.00 -55.23
N HIS E 433 6.88 27.10 -55.46
CA HIS E 433 5.87 27.19 -56.52
C HIS E 433 6.30 28.26 -57.51
N PRO E 434 7.15 27.92 -58.49
CA PRO E 434 7.57 28.93 -59.47
C PRO E 434 6.56 29.17 -60.57
N ASP E 435 5.60 28.27 -60.77
CA ASP E 435 4.57 28.46 -61.78
C ASP E 435 3.29 29.10 -61.24
N LYS E 436 3.06 29.01 -59.94
CA LYS E 436 1.91 29.67 -59.32
C LYS E 436 2.28 31.09 -58.91
N HIS E 437 1.25 31.90 -58.67
CA HIS E 437 1.43 33.30 -58.31
C HIS E 437 1.37 33.47 -56.80
N VAL E 438 2.23 34.34 -56.28
CA VAL E 438 2.31 34.61 -54.85
C VAL E 438 1.93 36.06 -54.61
N PHE E 439 0.97 36.28 -53.71
CA PHE E 439 0.51 37.62 -53.37
C PHE E 439 1.02 37.97 -51.98
N CYS E 440 2.01 38.87 -51.93
CA CYS E 440 2.62 39.32 -50.67
C CYS E 440 1.93 40.61 -50.27
N ILE E 441 0.80 40.48 -49.58
CA ILE E 441 0.00 41.62 -49.15
C ILE E 441 0.47 42.03 -47.76
N GLU E 442 0.95 43.27 -47.63
CA GLU E 442 1.62 43.74 -46.43
C GLU E 442 1.01 45.05 -45.96
N GLY E 443 1.16 45.31 -44.66
CA GLY E 443 0.90 46.63 -44.14
C GLY E 443 2.11 47.53 -44.28
N ASP E 444 1.90 48.81 -44.01
CA ASP E 444 3.00 49.77 -44.18
C ASP E 444 4.13 49.49 -43.20
N SER E 445 3.81 49.08 -41.98
CA SER E 445 4.85 48.79 -40.99
C SER E 445 5.52 47.46 -41.27
N ALA E 446 4.73 46.42 -41.54
CA ALA E 446 5.29 45.09 -41.75
C ALA E 446 6.22 45.06 -42.95
N PHE E 447 5.89 45.80 -44.01
CA PHE E 447 6.75 45.88 -45.18
C PHE E 447 8.10 46.50 -44.83
N GLY E 448 8.13 47.41 -43.87
CA GLY E 448 9.36 48.09 -43.49
C GLY E 448 10.39 47.19 -42.84
N PHE E 449 9.96 46.05 -42.29
CA PHE E 449 10.90 45.13 -41.64
C PHE E 449 11.88 44.55 -42.67
N SER E 450 11.36 43.85 -43.67
CA SER E 450 12.20 43.23 -44.69
C SER E 450 11.90 43.81 -46.06
N GLY E 451 11.83 45.14 -46.14
CA GLY E 451 11.48 45.78 -47.40
C GLY E 451 12.54 45.66 -48.47
N MET E 452 13.82 45.63 -48.06
CA MET E 452 14.91 45.54 -49.02
C MET E 452 14.90 44.24 -49.81
N GLU E 453 14.10 43.26 -49.40
CA GLU E 453 14.06 41.98 -50.08
C GLU E 453 13.30 42.01 -51.40
N VAL E 454 12.81 43.18 -51.82
CA VAL E 454 12.19 43.28 -53.14
C VAL E 454 13.24 43.10 -54.23
N GLU E 455 14.46 43.57 -53.99
CA GLU E 455 15.52 43.37 -54.98
C GLU E 455 15.91 41.91 -55.08
N THR E 456 15.85 41.17 -53.97
CA THR E 456 16.14 39.73 -54.02
C THR E 456 15.12 39.00 -54.87
N ALA E 457 13.83 39.37 -54.74
CA ALA E 457 12.79 38.71 -55.53
C ALA E 457 12.99 38.96 -57.01
N ALA E 458 13.45 40.17 -57.38
CA ALA E 458 13.66 40.48 -58.78
C ALA E 458 14.97 39.93 -59.32
N ARG E 459 15.99 39.81 -58.47
CA ARG E 459 17.27 39.27 -58.92
C ARG E 459 17.16 37.82 -59.36
N TYR E 460 16.24 37.06 -58.75
CA TYR E 460 16.00 35.67 -59.13
C TYR E 460 14.80 35.51 -60.04
N GLY E 461 14.31 36.60 -60.62
CA GLY E 461 13.24 36.52 -61.61
C GLY E 461 11.92 36.01 -61.07
N MET E 462 11.59 36.35 -59.83
CA MET E 462 10.35 35.89 -59.21
C MET E 462 9.21 36.88 -59.50
N LYS E 463 8.93 37.04 -60.79
CA LYS E 463 7.83 37.91 -61.21
C LYS E 463 6.46 37.33 -60.87
N ASN E 464 6.41 36.08 -60.41
CA ASN E 464 5.17 35.51 -59.90
C ASN E 464 4.79 36.06 -58.53
N ILE E 465 5.58 36.97 -57.98
CA ILE E 465 5.28 37.64 -56.71
C ILE E 465 4.81 39.04 -57.02
N THR E 466 3.69 39.45 -56.42
CA THR E 466 3.15 40.79 -56.53
C THR E 466 3.05 41.37 -55.12
N PHE E 467 3.82 42.42 -54.85
CA PHE E 467 3.84 43.03 -53.53
C PHE E 467 2.73 44.06 -53.44
N ILE E 468 1.79 43.84 -52.51
CA ILE E 468 0.66 44.74 -52.29
C ILE E 468 0.81 45.31 -50.88
N ILE E 469 0.84 46.63 -50.78
CA ILE E 469 1.04 47.31 -49.51
C ILE E 469 -0.23 48.06 -49.15
N ILE E 470 -0.82 47.71 -48.01
CA ILE E 470 -1.97 48.41 -47.46
C ILE E 470 -1.42 49.42 -46.45
N ASN E 471 -1.36 50.69 -46.86
CA ASN E 471 -0.68 51.73 -46.10
C ASN E 471 -1.72 52.63 -45.42
N ASN E 472 -1.61 52.74 -44.10
CA ASN E 472 -2.37 53.74 -43.34
C ASN E 472 -1.45 54.61 -42.49
N ASN E 473 -0.18 54.73 -42.90
CA ASN E 473 0.78 55.67 -42.32
C ASN E 473 1.17 55.33 -40.89
N GLY E 474 1.18 54.07 -40.53
CA GLY E 474 1.67 53.69 -39.22
C GLY E 474 1.11 52.37 -38.74
N ILE E 475 1.55 52.00 -37.54
CA ILE E 475 1.07 50.81 -36.85
C ILE E 475 -0.34 51.09 -36.35
N GLY E 476 -1.34 50.58 -37.08
CA GLY E 476 -2.72 50.88 -36.77
C GLY E 476 -3.19 52.24 -37.25
N GLY E 477 -2.32 53.03 -37.86
CA GLY E 477 -2.71 54.34 -38.37
C GLY E 477 -1.77 55.44 -37.93
N GLY E 478 -1.62 56.45 -38.79
CA GLY E 478 -0.82 57.61 -38.49
C GLY E 478 -1.44 58.88 -39.05
N PRO E 479 -1.02 60.04 -38.55
CA PRO E 479 -1.62 61.31 -38.99
C PRO E 479 -1.25 61.65 -40.42
N ASP E 480 -1.82 62.75 -40.93
CA ASP E 480 -1.49 63.24 -42.26
C ASP E 480 -0.27 64.13 -42.28
N THR E 481 0.09 64.72 -41.15
CA THR E 481 1.32 65.49 -41.01
C THR E 481 2.06 65.02 -39.76
N LEU E 482 3.34 65.35 -39.70
CA LEU E 482 4.18 64.94 -38.58
C LEU E 482 5.06 66.10 -38.14
N ASP E 483 5.01 66.41 -36.85
CA ASP E 483 5.98 67.31 -36.25
C ASP E 483 7.26 66.54 -35.96
N PRO E 484 8.38 66.87 -36.62
CA PRO E 484 9.59 66.06 -36.45
C PRO E 484 10.08 65.99 -35.01
N THR E 485 9.71 66.94 -34.16
CA THR E 485 10.05 66.90 -32.75
C THR E 485 8.97 66.26 -31.90
N ARG E 486 7.89 65.77 -32.52
CA ARG E 486 6.76 65.20 -31.79
C ARG E 486 6.10 64.13 -32.66
N VAL E 487 6.85 63.10 -33.02
CA VAL E 487 6.35 62.01 -33.84
C VAL E 487 5.77 60.93 -32.94
N PRO E 488 4.52 60.50 -33.16
CA PRO E 488 3.99 59.39 -32.39
C PRO E 488 4.81 58.15 -32.60
N PRO E 489 4.94 57.30 -31.58
CA PRO E 489 5.81 56.11 -31.71
C PRO E 489 5.40 55.17 -32.84
N SER E 490 4.11 55.12 -33.18
CA SER E 490 3.63 54.23 -34.23
C SER E 490 3.50 54.93 -35.59
N ALA E 491 3.75 56.23 -35.65
CA ALA E 491 3.54 56.99 -36.88
C ALA E 491 4.70 56.80 -37.84
N TYR E 492 4.39 56.87 -39.14
CA TYR E 492 5.36 56.84 -40.21
C TYR E 492 5.17 58.05 -41.10
N THR E 493 6.10 58.23 -42.03
CA THR E 493 6.02 59.34 -42.98
C THR E 493 4.70 59.27 -43.74
N PRO E 494 3.87 60.32 -43.70
CA PRO E 494 2.57 60.26 -44.38
C PRO E 494 2.73 60.13 -45.88
N ASN E 495 1.98 59.19 -46.46
CA ASN E 495 1.99 58.92 -47.90
C ASN E 495 3.40 58.55 -48.37
N ALA E 496 3.95 57.52 -47.73
CA ALA E 496 5.28 57.02 -48.07
C ALA E 496 5.21 56.23 -49.37
N HIS E 497 5.95 56.68 -50.38
CA HIS E 497 5.94 56.06 -51.70
C HIS E 497 6.82 54.81 -51.69
N TYR E 498 6.31 53.76 -51.04
CA TYR E 498 7.02 52.50 -51.00
C TYR E 498 7.14 51.87 -52.38
N GLU E 499 6.20 52.15 -53.27
CA GLU E 499 6.21 51.54 -54.59
C GLU E 499 7.38 52.02 -55.45
N LYS E 500 7.99 53.16 -55.11
CA LYS E 500 9.17 53.60 -55.83
C LYS E 500 10.38 52.72 -55.56
N MET E 501 10.30 51.82 -54.58
CA MET E 501 11.34 50.82 -54.40
C MET E 501 11.40 49.84 -55.56
N ALA E 502 10.35 49.75 -56.37
CA ALA E 502 10.37 48.90 -57.55
C ALA E 502 11.33 49.42 -58.61
N GLU E 503 11.66 50.70 -58.58
CA GLU E 503 12.60 51.26 -59.56
C GLU E 503 14.04 50.86 -59.28
N ILE E 504 14.31 50.20 -58.15
CA ILE E 504 15.67 49.73 -57.88
C ILE E 504 16.08 48.68 -58.91
N TYR E 505 15.18 47.75 -59.22
CA TYR E 505 15.43 46.70 -60.20
C TYR E 505 14.75 46.96 -61.52
N GLY E 506 14.22 48.16 -61.73
CA GLY E 506 13.55 48.48 -62.97
C GLY E 506 12.13 47.98 -63.08
N GLY E 507 11.44 47.80 -61.95
CA GLY E 507 10.08 47.30 -61.94
C GLY E 507 9.04 48.42 -61.95
N LYS E 508 7.79 48.00 -61.89
CA LYS E 508 6.65 48.92 -61.91
C LYS E 508 6.15 49.18 -60.49
N GLY E 509 5.88 50.44 -60.19
CA GLY E 509 5.33 50.83 -58.91
C GLY E 509 4.03 51.60 -59.11
N TYR E 510 3.05 51.31 -58.27
CA TYR E 510 1.73 51.93 -58.37
C TYR E 510 1.35 52.54 -57.02
N PHE E 511 0.86 53.77 -57.06
CA PHE E 511 0.43 54.51 -55.88
C PHE E 511 -1.08 54.74 -56.00
N VAL E 512 -1.86 53.97 -55.27
CA VAL E 512 -3.31 53.96 -55.37
C VAL E 512 -3.90 54.68 -54.16
N THR E 513 -4.83 55.60 -54.42
CA THR E 513 -5.56 56.28 -53.36
C THR E 513 -7.08 56.27 -53.54
N GLU E 514 -7.58 55.99 -54.74
CA GLU E 514 -9.00 56.01 -55.03
C GLU E 514 -9.44 54.67 -55.60
N PRO E 515 -10.69 54.27 -55.39
CA PRO E 515 -11.15 52.97 -55.90
C PRO E 515 -11.05 52.82 -57.40
N SER E 516 -11.01 53.92 -58.15
CA SER E 516 -10.88 53.82 -59.61
C SER E 516 -9.51 53.31 -59.99
N GLN E 517 -8.46 53.72 -59.28
CA GLN E 517 -7.10 53.31 -59.58
C GLN E 517 -6.80 51.88 -59.14
N LEU E 518 -7.65 51.28 -58.30
CA LEU E 518 -7.36 49.99 -57.70
C LEU E 518 -7.18 48.89 -58.74
N ARG E 519 -8.28 48.47 -59.38
CA ARG E 519 -8.21 47.33 -60.30
C ARG E 519 -7.19 47.52 -61.42
N PRO E 520 -7.13 48.65 -62.13
CA PRO E 520 -6.12 48.77 -63.20
C PRO E 520 -4.69 48.61 -62.71
N ALA E 521 -4.35 49.21 -61.58
CA ALA E 521 -3.00 49.07 -61.05
C ALA E 521 -2.70 47.64 -60.64
N LEU E 522 -3.70 46.95 -60.09
CA LEU E 522 -3.51 45.55 -59.70
C LEU E 522 -3.40 44.65 -60.92
N GLU E 523 -4.20 44.90 -61.96
CA GLU E 523 -4.17 44.08 -63.15
C GLU E 523 -2.80 44.13 -63.82
N GLU E 524 -2.26 45.34 -64.02
CA GLU E 524 -0.98 45.49 -64.68
C GLU E 524 0.19 45.02 -63.82
N ALA E 525 0.01 44.97 -62.50
CA ALA E 525 1.09 44.48 -61.65
C ALA E 525 1.30 42.99 -61.81
N ILE E 526 0.20 42.23 -61.96
CA ILE E 526 0.30 40.78 -62.11
C ILE E 526 0.89 40.43 -63.47
N LYS E 527 0.61 41.24 -64.50
CA LYS E 527 1.12 40.98 -65.84
C LYS E 527 2.58 41.39 -66.01
N ALA E 528 3.17 42.04 -65.02
CA ALA E 528 4.52 42.58 -65.18
C ALA E 528 5.56 41.46 -65.27
N ASP E 529 6.63 41.75 -66.02
CA ASP E 529 7.74 40.83 -66.15
C ASP E 529 8.74 40.95 -64.99
N LYS E 530 8.53 41.89 -64.09
CA LYS E 530 9.31 42.05 -62.87
C LYS E 530 8.37 42.24 -61.70
N PRO E 531 8.76 41.82 -60.49
CA PRO E 531 7.88 41.96 -59.34
C PRO E 531 7.46 43.40 -59.10
N ALA E 532 6.16 43.68 -59.26
CA ALA E 532 5.65 45.03 -59.10
C ALA E 532 5.15 45.25 -57.67
N ILE E 533 5.14 46.52 -57.28
CA ILE E 533 4.68 46.93 -55.96
C ILE E 533 3.46 47.84 -56.13
N VAL E 534 2.38 47.51 -55.41
CA VAL E 534 1.15 48.30 -55.42
C VAL E 534 0.98 48.86 -54.02
N ASN E 535 1.17 50.18 -53.88
CA ASN E 535 1.05 50.86 -52.60
C ASN E 535 -0.33 51.52 -52.53
N ILE E 536 -1.19 50.99 -51.68
CA ILE E 536 -2.58 51.43 -51.57
C ILE E 536 -2.74 52.18 -50.26
N MET E 537 -3.32 53.38 -50.34
CA MET E 537 -3.56 54.22 -49.18
C MET E 537 -4.98 54.02 -48.67
N ILE E 538 -5.13 53.89 -47.35
CA ILE E 538 -6.43 53.71 -46.72
C ILE E 538 -6.53 54.69 -45.55
N SER E 539 -7.70 54.71 -44.93
CA SER E 539 -7.94 55.59 -43.80
C SER E 539 -7.24 55.07 -42.55
N ALA E 540 -6.67 56.00 -41.78
CA ALA E 540 -6.02 55.61 -40.53
C ALA E 540 -7.04 55.16 -39.49
N THR E 541 -8.26 55.68 -39.56
CA THR E 541 -9.34 55.29 -38.66
C THR E 541 -10.12 54.07 -39.14
N SER E 542 -9.78 53.53 -40.31
CA SER E 542 -10.43 52.33 -40.79
C SER E 542 -10.10 51.15 -39.90
N GLN E 543 -11.12 50.39 -39.53
CA GLN E 543 -10.94 49.29 -38.57
C GLN E 543 -11.73 48.09 -39.06
N ARG E 544 -11.96 47.14 -38.16
CA ARG E 544 -12.63 45.88 -38.44
C ARG E 544 -14.12 46.00 -38.09
N LYS E 545 -14.78 44.87 -37.88
CA LYS E 545 -16.17 44.84 -37.47
C LYS E 545 -16.33 44.10 -36.14
N SER F 1 -1.29 63.12 -12.75
CA SER F 1 -1.32 61.66 -12.64
C SER F 1 -2.69 61.12 -13.00
N ASN F 2 -2.94 59.86 -12.63
CA ASN F 2 -4.26 59.29 -12.75
C ASN F 2 -5.20 59.96 -11.74
N ALA F 3 -6.50 59.92 -12.05
CA ALA F 3 -7.50 60.53 -11.18
C ALA F 3 -7.37 60.03 -9.75
N MET F 4 -7.06 58.75 -9.57
CA MET F 4 -6.82 58.18 -8.26
C MET F 4 -5.39 58.34 -7.79
N GLY F 5 -4.60 59.17 -8.47
CA GLY F 5 -3.21 59.38 -8.08
C GLY F 5 -2.34 58.15 -8.23
N GLN F 6 -2.66 57.29 -9.19
CA GLN F 6 -1.92 56.06 -9.40
C GLN F 6 -1.09 56.15 -10.67
N ILE F 7 0.12 55.63 -10.61
CA ILE F 7 1.04 55.63 -11.75
C ILE F 7 1.19 54.19 -12.23
N THR F 8 1.25 54.01 -13.55
CA THR F 8 1.38 52.69 -14.13
C THR F 8 2.85 52.30 -14.24
N GLY F 9 3.08 50.98 -14.29
CA GLY F 9 4.44 50.48 -14.36
C GLY F 9 5.20 50.96 -15.58
N ALA F 10 4.49 51.19 -16.69
CA ALA F 10 5.15 51.74 -17.87
C ALA F 10 5.68 53.13 -17.61
N GLN F 11 4.97 53.92 -16.80
CA GLN F 11 5.46 55.25 -16.44
C GLN F 11 6.47 55.19 -15.31
N ILE F 12 6.31 54.25 -14.38
CA ILE F 12 7.33 54.03 -13.36
C ILE F 12 8.66 53.69 -14.00
N VAL F 13 8.63 52.87 -15.06
CA VAL F 13 9.84 52.53 -15.78
C VAL F 13 10.38 53.73 -16.54
N ALA F 14 9.49 54.48 -17.19
CA ALA F 14 9.92 55.63 -17.97
C ALA F 14 10.58 56.69 -17.10
N ARG F 15 10.03 56.94 -15.92
CA ARG F 15 10.59 57.96 -15.04
C ARG F 15 11.96 57.54 -14.50
N ALA F 16 12.10 56.26 -14.13
CA ALA F 16 13.38 55.79 -13.61
C ALA F 16 14.45 55.82 -14.69
N LEU F 17 14.07 55.55 -15.94
CA LEU F 17 15.04 55.61 -17.04
C LEU F 17 15.61 57.01 -17.18
N LYS F 18 14.74 58.02 -17.30
CA LYS F 18 15.20 59.40 -17.41
C LYS F 18 15.99 59.83 -16.19
N GLN F 19 15.60 59.36 -14.99
CA GLN F 19 16.31 59.73 -13.78
C GLN F 19 17.72 59.16 -13.74
N GLN F 20 17.94 57.99 -14.35
CA GLN F 20 19.24 57.34 -14.33
C GLN F 20 20.12 57.74 -15.52
N GLY F 21 19.72 58.76 -16.28
CA GLY F 21 20.55 59.29 -17.34
C GLY F 21 20.17 58.84 -18.74
N VAL F 22 19.13 58.02 -18.91
CA VAL F 22 18.73 57.59 -20.23
C VAL F 22 18.13 58.78 -20.99
N GLU F 23 18.60 58.99 -22.22
CA GLU F 23 18.10 60.06 -23.06
C GLU F 23 17.56 59.62 -24.41
N TYR F 24 17.95 58.44 -24.91
CA TYR F 24 17.55 57.98 -26.23
C TYR F 24 17.01 56.57 -26.13
N MET F 25 15.85 56.35 -26.77
CA MET F 25 15.24 55.02 -26.84
C MET F 25 14.86 54.73 -28.29
N PHE F 26 15.10 53.49 -28.71
CA PHE F 26 14.83 53.07 -30.08
C PHE F 26 14.07 51.76 -30.04
N GLY F 27 13.33 51.51 -31.11
CA GLY F 27 12.63 50.24 -31.25
C GLY F 27 11.30 50.43 -31.97
N ILE F 28 10.46 49.41 -31.82
CA ILE F 28 9.16 49.35 -32.48
C ILE F 28 8.11 48.99 -31.44
N VAL F 29 6.94 49.62 -31.54
CA VAL F 29 5.90 49.47 -30.52
C VAL F 29 4.99 48.30 -30.85
N GLY F 30 4.11 47.98 -29.92
CA GLY F 30 3.25 46.81 -30.05
C GLY F 30 2.96 46.24 -28.67
N ILE F 31 2.19 45.17 -28.67
CA ILE F 31 1.81 44.52 -27.41
C ILE F 31 3.05 43.91 -26.77
N PRO F 32 3.34 44.16 -25.49
CA PRO F 32 2.63 45.06 -24.57
C PRO F 32 3.43 46.31 -24.22
N VAL F 33 4.36 46.73 -25.07
CA VAL F 33 5.25 47.84 -24.77
C VAL F 33 4.73 49.17 -25.33
N ILE F 34 3.47 49.20 -25.79
CA ILE F 34 2.90 50.45 -26.28
C ILE F 34 2.96 51.57 -25.24
N PRO F 35 2.51 51.37 -23.99
CA PRO F 35 2.56 52.48 -23.02
C PRO F 35 3.97 52.92 -22.66
N ILE F 36 4.98 52.05 -22.78
CA ILE F 36 6.34 52.43 -22.40
C ILE F 36 6.87 53.51 -23.35
N ALA F 37 6.63 53.36 -24.66
CA ALA F 37 7.11 54.35 -25.61
C ALA F 37 6.39 55.69 -25.44
N MET F 38 5.12 55.66 -25.04
CA MET F 38 4.39 56.91 -24.81
C MET F 38 4.90 57.63 -23.58
N PHE F 39 4.94 56.94 -22.43
CA PHE F 39 5.40 57.56 -21.20
C PHE F 39 6.86 57.98 -21.30
N ALA F 40 7.65 57.30 -22.13
CA ALA F 40 9.04 57.70 -22.33
C ALA F 40 9.12 59.11 -22.90
N GLN F 41 8.24 59.44 -23.85
CA GLN F 41 8.22 60.79 -24.40
C GLN F 41 7.66 61.81 -23.41
N ARG F 42 6.69 61.40 -22.59
CA ARG F 42 6.15 62.30 -21.57
C ARG F 42 7.16 62.60 -20.46
N GLU F 43 8.19 61.77 -20.30
CA GLU F 43 9.17 61.91 -19.23
C GLU F 43 10.48 62.50 -19.72
N GLY F 44 10.57 62.89 -21.00
CA GLY F 44 11.75 63.56 -21.52
C GLY F 44 12.63 62.70 -22.40
N ILE F 45 12.43 61.38 -22.41
CA ILE F 45 13.24 60.52 -23.27
C ILE F 45 12.80 60.69 -24.71
N LYS F 46 13.76 60.64 -25.64
CA LYS F 46 13.48 60.74 -27.06
C LYS F 46 13.31 59.34 -27.62
N PHE F 47 12.10 59.01 -28.06
CA PHE F 47 11.83 57.71 -28.66
C PHE F 47 11.84 57.82 -30.19
N TYR F 48 12.38 56.80 -30.84
CA TYR F 48 12.46 56.75 -32.30
C TYR F 48 11.89 55.41 -32.75
N GLY F 49 10.87 55.48 -33.59
CA GLY F 49 10.27 54.27 -34.13
C GLY F 49 10.98 53.77 -35.38
N PHE F 50 11.81 52.74 -35.21
CA PHE F 50 12.56 52.19 -36.31
C PHE F 50 11.70 51.26 -37.17
N ARG F 51 12.26 50.86 -38.31
CA ARG F 51 11.57 49.93 -39.21
C ARG F 51 11.89 48.48 -38.89
N ASN F 52 12.91 48.22 -38.09
CA ASN F 52 13.26 46.87 -37.67
C ASN F 52 13.99 46.96 -36.34
N GLU F 53 13.67 46.05 -35.41
CA GLU F 53 14.30 46.09 -34.10
C GLU F 53 15.79 45.80 -34.19
N GLN F 54 16.22 45.05 -35.21
CA GLN F 54 17.63 44.70 -35.34
C GLN F 54 18.49 45.95 -35.49
N SER F 55 18.08 46.87 -36.37
CA SER F 55 18.82 48.12 -36.50
C SER F 55 18.64 49.02 -35.29
N ALA F 56 17.50 48.91 -34.60
CA ALA F 56 17.27 49.73 -33.43
C ALA F 56 18.20 49.34 -32.28
N SER F 57 18.46 48.03 -32.14
CA SER F 57 19.38 47.59 -31.08
C SER F 57 20.82 47.98 -31.40
N TYR F 58 21.15 48.16 -32.67
CA TYR F 58 22.46 48.67 -33.03
C TYR F 58 22.56 50.16 -32.74
N ALA F 59 21.46 50.89 -32.91
CA ALA F 59 21.44 52.31 -32.55
C ALA F 59 21.58 52.50 -31.04
N ALA F 60 20.90 51.67 -30.26
CA ALA F 60 20.97 51.79 -28.81
C ALA F 60 22.37 51.52 -28.28
N ALA F 61 23.12 50.64 -28.94
CA ALA F 61 24.49 50.37 -28.52
C ALA F 61 25.41 51.54 -28.86
N ALA F 62 25.18 52.18 -30.01
CA ALA F 62 26.02 53.31 -30.41
C ALA F 62 25.82 54.50 -29.47
N VAL F 63 24.61 54.69 -28.95
CA VAL F 63 24.36 55.78 -28.01
C VAL F 63 25.21 55.60 -26.76
N GLY F 64 25.29 54.37 -26.24
CA GLY F 64 26.11 54.13 -25.06
C GLY F 64 27.58 54.45 -25.28
N TYR F 65 28.08 54.24 -26.50
CA TYR F 65 29.46 54.59 -26.79
C TYR F 65 29.63 56.11 -26.89
N LEU F 66 28.69 56.79 -27.58
CA LEU F 66 28.81 58.22 -27.76
C LEU F 66 28.55 58.98 -26.46
N THR F 67 27.44 58.65 -25.79
CA THR F 67 27.04 59.40 -24.61
C THR F 67 27.84 59.00 -23.37
N GLY F 68 28.01 57.69 -23.16
CA GLY F 68 28.59 57.15 -21.95
C GLY F 68 27.59 56.43 -21.07
N ARG F 69 26.31 56.72 -21.23
CA ARG F 69 25.25 56.00 -20.53
C ARG F 69 24.41 55.21 -21.54
N PRO F 70 23.81 54.10 -21.12
CA PRO F 70 23.27 53.15 -22.09
C PRO F 70 22.05 53.69 -22.84
N GLY F 71 22.04 53.45 -24.14
CA GLY F 71 20.83 53.66 -24.92
C GLY F 71 19.92 52.46 -24.80
N VAL F 72 18.61 52.73 -24.86
CA VAL F 72 17.59 51.71 -24.66
C VAL F 72 17.05 51.27 -26.00
N CYS F 73 16.92 49.96 -26.20
CA CYS F 73 16.22 49.39 -27.34
C CYS F 73 14.93 48.76 -26.82
N LEU F 74 13.79 49.20 -27.37
CA LEU F 74 12.48 48.74 -26.93
C LEU F 74 11.92 47.75 -27.94
N GLY F 75 11.64 46.54 -27.49
CA GLY F 75 11.08 45.52 -28.35
C GLY F 75 9.88 44.86 -27.72
N VAL F 76 8.92 44.48 -28.56
CA VAL F 76 7.72 43.79 -28.12
C VAL F 76 8.10 42.40 -27.63
N SER F 77 7.13 41.70 -27.04
CA SER F 77 7.39 40.36 -26.55
C SER F 77 7.72 39.40 -27.70
N GLY F 78 8.37 38.30 -27.37
CA GLY F 78 8.68 37.27 -28.33
C GLY F 78 9.68 37.70 -29.38
N PRO F 79 9.24 37.69 -30.65
CA PRO F 79 10.19 37.96 -31.75
C PRO F 79 10.73 39.37 -31.76
N GLY F 80 10.04 40.33 -31.15
CA GLY F 80 10.56 41.70 -31.12
C GLY F 80 11.81 41.82 -30.26
N MET F 81 11.82 41.16 -29.10
CA MET F 81 13.00 41.17 -28.24
C MET F 81 14.15 40.41 -28.88
N ILE F 82 13.85 39.27 -29.52
CA ILE F 82 14.88 38.45 -30.13
C ILE F 82 15.61 39.24 -31.22
N HIS F 83 14.87 40.05 -31.98
CA HIS F 83 15.49 40.90 -33.00
C HIS F 83 16.48 41.89 -32.39
N GLY F 84 16.34 42.21 -31.10
CA GLY F 84 17.24 43.11 -30.42
C GLY F 84 18.45 42.46 -29.79
N VAL F 85 18.53 41.13 -29.78
CA VAL F 85 19.69 40.46 -29.23
C VAL F 85 20.92 40.71 -30.10
N ALA F 86 20.72 40.98 -31.39
CA ALA F 86 21.84 41.26 -32.28
C ALA F 86 22.62 42.48 -31.81
N GLY F 87 21.91 43.57 -31.48
CA GLY F 87 22.57 44.73 -30.92
C GLY F 87 23.07 44.49 -29.50
N MET F 88 22.35 43.65 -28.75
CA MET F 88 22.83 43.25 -27.43
C MET F 88 24.15 42.51 -27.53
N ALA F 89 24.36 41.77 -28.63
CA ALA F 89 25.64 41.12 -28.86
C ALA F 89 26.70 42.09 -29.37
N ASN F 90 26.30 43.10 -30.16
CA ASN F 90 27.24 44.10 -30.63
C ASN F 90 27.80 44.91 -29.47
N ALA F 91 26.98 45.18 -28.44
CA ALA F 91 27.48 45.88 -27.26
C ALA F 91 28.36 44.97 -26.40
N TRP F 92 28.07 43.66 -26.41
CA TRP F 92 28.92 42.71 -25.69
C TRP F 92 30.29 42.62 -26.33
N SER F 93 30.35 42.68 -27.66
CA SER F 93 31.64 42.59 -28.35
C SER F 93 32.45 43.86 -28.18
N ASN F 94 31.84 45.02 -28.44
CA ASN F 94 32.54 46.29 -28.39
C ASN F 94 32.66 46.87 -26.99
N CYS F 95 32.13 46.19 -25.97
CA CYS F 95 32.14 46.68 -24.59
C CYS F 95 31.46 48.04 -24.50
N TRP F 96 30.26 48.12 -25.07
CA TRP F 96 29.44 49.33 -25.05
C TRP F 96 28.24 49.15 -24.14
N PRO F 97 27.86 50.19 -23.39
CA PRO F 97 26.66 50.08 -22.53
C PRO F 97 25.39 50.16 -23.37
N MET F 98 24.48 49.21 -23.14
CA MET F 98 23.26 49.13 -23.92
C MET F 98 22.22 48.36 -23.11
N ILE F 99 20.97 48.82 -23.16
CA ILE F 99 19.88 48.18 -22.44
C ILE F 99 18.85 47.73 -23.46
N LEU F 100 18.44 46.47 -23.37
CA LEU F 100 17.35 45.92 -24.16
C LEU F 100 16.16 45.69 -23.24
N ILE F 101 15.12 46.50 -23.40
CA ILE F 101 13.88 46.31 -22.67
C ILE F 101 12.94 45.47 -23.53
N GLY F 102 12.62 44.27 -23.05
CA GLY F 102 11.75 43.39 -23.80
C GLY F 102 10.44 43.14 -23.09
N GLY F 103 9.33 43.26 -23.82
CA GLY F 103 8.05 42.92 -23.26
C GLY F 103 7.88 41.42 -23.12
N ALA F 104 6.85 41.04 -22.37
CA ALA F 104 6.54 39.63 -22.16
C ALA F 104 5.04 39.50 -21.96
N ASN F 105 4.53 38.30 -22.23
CA ASN F 105 3.12 38.04 -22.01
C ASN F 105 2.80 38.17 -20.52
N ASP F 106 1.51 38.33 -20.23
CA ASP F 106 1.07 38.45 -18.85
C ASP F 106 1.50 37.21 -18.05
N SER F 107 2.02 37.46 -16.84
CA SER F 107 2.57 36.36 -16.04
C SER F 107 1.51 35.31 -15.73
N TYR F 108 0.24 35.70 -15.60
CA TYR F 108 -0.81 34.74 -15.32
C TYR F 108 -1.19 33.90 -16.53
N GLN F 109 -0.52 34.09 -17.67
CA GLN F 109 -0.73 33.25 -18.85
C GLN F 109 0.47 32.39 -19.17
N ASN F 110 1.52 32.41 -18.34
CA ASN F 110 2.69 31.58 -18.58
C ASN F 110 2.33 30.10 -18.53
N GLY F 111 2.95 29.33 -19.42
CA GLY F 111 2.66 27.91 -19.53
C GLY F 111 1.44 27.57 -20.35
N GLN F 112 0.62 28.54 -20.72
CA GLN F 112 -0.57 28.32 -21.53
C GLN F 112 -0.31 28.45 -23.02
N GLY F 113 0.92 28.74 -23.42
CA GLY F 113 1.18 29.07 -24.80
C GLY F 113 0.63 30.44 -25.13
N ALA F 114 0.92 31.41 -24.28
CA ALA F 114 0.41 32.76 -24.45
C ALA F 114 1.01 33.41 -25.69
N PHE F 115 0.49 34.58 -26.02
CA PHE F 115 0.95 35.31 -27.20
C PHE F 115 2.41 35.72 -27.01
N GLN F 116 3.27 35.24 -27.91
CA GLN F 116 4.69 35.60 -27.94
C GLN F 116 5.41 35.21 -26.66
N GLU F 117 4.98 34.12 -26.04
CA GLU F 117 5.73 33.56 -24.91
C GLU F 117 7.00 32.91 -25.42
N ALA F 118 8.13 33.28 -24.83
CA ALA F 118 9.43 32.82 -25.31
C ALA F 118 10.44 32.86 -24.17
N PRO F 119 11.46 31.99 -24.20
CA PRO F 119 12.54 32.04 -23.18
C PRO F 119 13.49 33.20 -23.46
N GLN F 120 13.02 34.41 -23.19
CA GLN F 120 13.79 35.59 -23.55
C GLN F 120 15.01 35.78 -22.66
N ILE F 121 14.94 35.35 -21.39
CA ILE F 121 16.10 35.43 -20.52
C ILE F 121 17.24 34.57 -21.06
N GLU F 122 16.92 33.31 -21.40
CA GLU F 122 17.93 32.41 -21.94
C GLU F 122 18.47 32.91 -23.27
N ALA F 123 17.62 33.53 -24.09
CA ALA F 123 18.08 34.07 -25.37
C ALA F 123 18.94 35.32 -25.18
N ALA F 124 18.86 35.97 -24.02
CA ALA F 124 19.63 37.18 -23.76
C ALA F 124 20.94 36.89 -23.03
N ARG F 125 20.99 35.83 -22.22
CA ARG F 125 22.11 35.64 -21.31
C ARG F 125 23.47 35.49 -21.99
N PRO F 126 23.63 34.85 -23.15
CA PRO F 126 24.97 34.71 -23.73
C PRO F 126 25.70 36.03 -23.96
N PHE F 127 24.99 37.16 -24.05
CA PHE F 127 25.62 38.44 -24.34
C PHE F 127 25.30 39.51 -23.30
N ALA F 128 24.83 39.13 -22.12
CA ALA F 128 24.29 40.08 -21.16
C ALA F 128 25.08 40.04 -19.86
N LYS F 129 25.42 41.23 -19.35
CA LYS F 129 25.96 41.34 -18.00
C LYS F 129 24.89 41.15 -16.93
N TYR F 130 23.62 41.28 -17.30
CA TYR F 130 22.54 41.33 -16.32
C TYR F 130 21.22 41.05 -17.02
N CYS F 131 20.50 40.03 -16.55
CA CYS F 131 19.15 39.74 -16.99
C CYS F 131 18.24 39.69 -15.78
N ALA F 132 17.04 40.25 -15.91
CA ALA F 132 16.14 40.30 -14.77
C ALA F 132 14.72 40.50 -15.26
N ARG F 133 13.81 39.65 -14.76
CA ARG F 133 12.39 39.91 -14.85
C ARG F 133 11.94 40.51 -13.53
N PRO F 134 11.63 41.81 -13.47
CA PRO F 134 11.23 42.41 -12.19
C PRO F 134 10.03 41.68 -11.58
N ASP F 135 10.01 41.65 -10.25
CA ASP F 135 9.03 40.85 -9.53
C ASP F 135 7.73 41.60 -9.24
N SER F 136 7.78 42.93 -9.16
CA SER F 136 6.61 43.68 -8.74
C SER F 136 6.73 45.12 -9.25
N LEU F 137 5.62 45.85 -9.15
CA LEU F 137 5.59 47.24 -9.57
C LEU F 137 6.46 48.10 -8.66
N ALA F 138 6.38 47.89 -7.34
CA ALA F 138 7.07 48.76 -6.40
C ALA F 138 8.59 48.69 -6.55
N ARG F 139 9.12 47.52 -6.89
CA ARG F 139 10.56 47.35 -7.05
C ARG F 139 11.04 47.62 -8.47
N LEU F 140 10.15 48.06 -9.36
CA LEU F 140 10.57 48.40 -10.72
C LEU F 140 11.69 49.44 -10.77
N PRO F 141 11.67 50.53 -9.99
CA PRO F 141 12.81 51.47 -10.04
C PRO F 141 14.12 50.86 -9.55
N PHE F 142 14.07 49.78 -8.76
CA PHE F 142 15.29 49.14 -8.30
C PHE F 142 16.01 48.44 -9.46
N TYR F 143 15.26 47.72 -10.30
CA TYR F 143 15.88 47.00 -11.41
C TYR F 143 16.40 47.96 -12.48
N VAL F 144 15.77 49.11 -12.64
CA VAL F 144 16.24 50.08 -13.63
C VAL F 144 17.61 50.62 -13.25
N GLU F 145 17.77 51.06 -12.00
CA GLU F 145 19.06 51.56 -11.54
C GLU F 145 20.12 50.46 -11.60
N GLN F 146 19.77 49.24 -11.21
CA GLN F 146 20.75 48.16 -11.21
C GLN F 146 21.19 47.83 -12.63
N ALA F 147 20.26 47.85 -13.59
CA ALA F 147 20.62 47.56 -14.97
C ALA F 147 21.47 48.67 -15.56
N VAL F 148 21.06 49.93 -15.34
CA VAL F 148 21.86 51.07 -15.82
C VAL F 148 23.24 51.04 -15.21
N ARG F 149 23.31 50.81 -13.90
CA ARG F 149 24.60 50.82 -13.20
C ARG F 149 25.50 49.70 -13.70
N THR F 150 24.94 48.51 -13.93
CA THR F 150 25.74 47.38 -14.37
C THR F 150 26.29 47.59 -15.77
N SER F 151 25.54 48.27 -16.64
CA SER F 151 25.97 48.44 -18.02
C SER F 151 27.15 49.39 -18.16
N ILE F 152 27.39 50.26 -17.18
CA ILE F 152 28.44 51.26 -17.28
C ILE F 152 29.58 51.02 -16.30
N TYR F 153 29.32 50.40 -15.15
CA TYR F 153 30.39 50.16 -14.18
C TYR F 153 31.23 48.96 -14.62
N GLY F 154 32.54 49.04 -14.36
CA GLY F 154 33.43 48.01 -14.82
C GLY F 154 33.59 48.05 -16.33
N ARG F 155 33.77 46.88 -16.91
CA ARG F 155 33.79 46.79 -18.37
C ARG F 155 32.35 46.96 -18.89
N PRO F 156 32.08 47.96 -19.71
CA PRO F 156 30.70 48.20 -20.15
C PRO F 156 30.16 47.03 -20.97
N GLY F 157 28.85 46.84 -20.90
CA GLY F 157 28.22 45.76 -21.62
C GLY F 157 26.73 45.98 -21.73
N ALA F 158 26.05 44.95 -22.22
CA ALA F 158 24.62 44.99 -22.47
C ALA F 158 23.86 44.27 -21.36
N VAL F 159 22.65 44.77 -21.06
CA VAL F 159 21.77 44.18 -20.06
C VAL F 159 20.38 44.02 -20.67
N TYR F 160 19.60 43.15 -20.05
CA TYR F 160 18.25 42.85 -20.52
C TYR F 160 17.27 42.89 -19.37
N LEU F 161 16.11 43.51 -19.62
CA LEU F 161 15.02 43.58 -18.67
C LEU F 161 13.77 42.94 -19.28
N ASP F 162 13.19 41.99 -18.56
CA ASP F 162 12.04 41.21 -19.04
C ASP F 162 10.79 41.74 -18.34
N LEU F 163 10.01 42.55 -19.05
CA LEU F 163 8.85 43.20 -18.45
C LEU F 163 7.57 42.50 -18.91
N PRO F 164 6.89 41.77 -18.05
CA PRO F 164 5.60 41.18 -18.43
C PRO F 164 4.55 42.26 -18.62
N GLY F 165 3.49 41.90 -19.36
CA GLY F 165 2.44 42.87 -19.65
C GLY F 165 1.75 43.37 -18.39
N ASP F 166 1.41 42.46 -17.48
CA ASP F 166 0.71 42.85 -16.26
C ASP F 166 1.55 43.78 -15.40
N ILE F 167 2.88 43.68 -15.49
CA ILE F 167 3.74 44.64 -14.80
C ILE F 167 3.72 45.98 -15.54
N ILE F 168 3.60 45.96 -16.87
CA ILE F 168 3.57 47.19 -17.64
C ILE F 168 2.29 47.98 -17.39
N THR F 169 1.15 47.28 -17.34
CA THR F 169 -0.15 47.93 -17.19
C THR F 169 -0.63 48.01 -15.75
N GLY F 170 0.06 47.38 -14.80
CA GLY F 170 -0.33 47.50 -13.41
C GLY F 170 -0.09 48.90 -12.88
N ALA F 171 -0.87 49.27 -11.86
CA ALA F 171 -0.80 50.59 -11.28
C ALA F 171 -0.74 50.51 -9.76
N MET F 172 -0.22 51.57 -9.15
CA MET F 172 -0.15 51.68 -7.70
C MET F 172 0.02 53.14 -7.32
N GLU F 173 -0.08 53.41 -6.02
CA GLU F 173 0.02 54.77 -5.52
C GLU F 173 1.39 55.37 -5.83
N GLU F 174 1.39 56.51 -6.52
CA GLU F 174 2.65 57.13 -6.94
C GLU F 174 3.50 57.53 -5.74
N GLU F 175 2.86 58.02 -4.67
CA GLU F 175 3.59 58.41 -3.48
C GLU F 175 4.22 57.22 -2.74
N ASP F 176 3.82 56.00 -3.07
CA ASP F 176 4.38 54.80 -2.47
C ASP F 176 5.52 54.20 -3.28
N VAL F 177 5.86 54.81 -4.41
CA VAL F 177 6.95 54.31 -5.26
C VAL F 177 8.24 54.99 -4.85
N HIS F 178 9.28 54.20 -4.59
CA HIS F 178 10.60 54.70 -4.23
C HIS F 178 11.46 54.76 -5.48
N PHE F 179 11.98 55.95 -5.79
CA PHE F 179 12.88 56.12 -6.91
C PHE F 179 14.30 56.30 -6.39
N PRO F 180 15.23 55.41 -6.72
CA PRO F 180 16.60 55.58 -6.27
C PRO F 180 17.24 56.78 -6.94
N PRO F 181 18.25 57.37 -6.32
CA PRO F 181 18.92 58.52 -6.94
C PRO F 181 19.68 58.10 -8.18
N ARG F 182 20.05 59.11 -8.98
CA ARG F 182 20.86 58.89 -10.17
C ARG F 182 22.19 58.27 -9.78
N CYS F 183 22.41 57.01 -10.16
CA CYS F 183 23.66 56.35 -9.79
C CYS F 183 24.85 57.11 -10.34
N PRO F 184 25.92 57.27 -9.57
CA PRO F 184 27.04 58.11 -10.02
C PRO F 184 27.69 57.55 -11.27
N ASP F 185 28.58 58.36 -11.84
CA ASP F 185 29.32 57.94 -13.01
C ASP F 185 30.22 56.76 -12.68
N ALA F 186 30.70 56.09 -13.73
CA ALA F 186 31.55 54.92 -13.56
C ALA F 186 32.80 55.30 -12.77
N PRO F 187 33.09 54.62 -11.65
CA PRO F 187 34.29 54.95 -10.89
C PRO F 187 35.55 54.70 -11.72
N ARG F 188 36.52 55.60 -11.57
CA ARG F 188 37.75 55.56 -12.36
C ARG F 188 38.87 55.04 -11.47
N MET F 189 39.15 53.75 -11.58
CA MET F 189 40.26 53.16 -10.83
C MET F 189 41.59 53.58 -11.43
N MET F 190 42.64 53.47 -10.62
CA MET F 190 43.98 53.84 -11.04
C MET F 190 44.94 52.69 -10.79
N ALA F 191 46.16 52.84 -11.29
CA ALA F 191 47.22 51.86 -11.16
C ALA F 191 48.18 52.26 -10.05
N PRO F 192 48.77 51.28 -9.36
CA PRO F 192 49.73 51.62 -8.30
C PRO F 192 50.95 52.32 -8.87
N GLN F 193 51.64 53.05 -7.98
CA GLN F 193 52.76 53.87 -8.42
C GLN F 193 53.89 53.04 -9.00
N GLU F 194 54.11 51.84 -8.44
CA GLU F 194 55.16 50.97 -8.97
C GLU F 194 54.87 50.54 -10.39
N SER F 195 53.59 50.34 -10.73
CA SER F 195 53.23 49.92 -12.08
C SER F 195 53.48 51.05 -13.08
N ILE F 196 53.19 52.29 -12.70
CA ILE F 196 53.45 53.42 -13.59
C ILE F 196 54.94 53.56 -13.84
N ASP F 197 55.76 53.40 -12.80
CA ASP F 197 57.21 53.47 -12.96
C ASP F 197 57.70 52.38 -13.91
N ALA F 198 57.21 51.15 -13.74
CA ALA F 198 57.58 50.09 -14.66
C ALA F 198 57.11 50.39 -16.07
N ALA F 199 55.93 50.99 -16.22
CA ALA F 199 55.42 51.34 -17.54
C ALA F 199 56.28 52.42 -18.19
N MET F 200 56.70 53.42 -17.40
CA MET F 200 57.51 54.49 -17.95
C MET F 200 58.93 54.03 -18.22
N ALA F 201 59.52 53.28 -17.29
CA ALA F 201 60.89 52.81 -17.47
C ALA F 201 61.00 51.87 -18.67
N ALA F 202 59.95 51.11 -18.96
CA ALA F 202 59.96 50.28 -20.16
C ALA F 202 59.92 51.14 -21.42
N LEU F 203 59.19 52.26 -21.38
CA LEU F 203 59.15 53.15 -22.53
C LEU F 203 60.49 53.85 -22.74
N LYS F 204 61.13 54.27 -21.65
CA LYS F 204 62.45 54.89 -21.78
C LYS F 204 63.47 53.88 -22.28
N SER F 205 63.42 52.64 -21.78
CA SER F 205 64.31 51.58 -22.23
C SER F 205 63.96 51.06 -23.62
N ALA F 206 62.79 51.42 -24.15
CA ALA F 206 62.36 50.89 -25.44
C ALA F 206 63.28 51.37 -26.56
N GLU F 207 63.62 50.45 -27.45
CA GLU F 207 64.40 50.79 -28.64
C GLU F 207 63.51 51.29 -29.77
N ARG F 208 62.37 50.63 -29.99
CA ARG F 208 61.42 50.97 -31.04
C ARG F 208 60.01 50.95 -30.46
N PRO F 209 59.66 51.96 -29.66
CA PRO F 209 58.35 51.96 -29.01
C PRO F 209 57.23 52.27 -29.99
N LEU F 210 56.03 51.82 -29.62
CA LEU F 210 54.84 52.06 -30.44
C LEU F 210 53.63 52.12 -29.51
N VAL F 211 53.02 53.29 -29.41
CA VAL F 211 51.78 53.44 -28.66
C VAL F 211 50.62 53.04 -29.55
N ILE F 212 49.58 52.47 -28.95
CA ILE F 212 48.37 52.06 -29.67
C ILE F 212 47.16 52.61 -28.93
N VAL F 213 46.38 53.44 -29.62
CA VAL F 213 45.22 54.10 -29.04
C VAL F 213 43.97 53.45 -29.64
N GLY F 214 43.13 52.89 -28.77
CA GLY F 214 41.90 52.25 -29.18
C GLY F 214 40.66 52.98 -28.72
N LYS F 215 39.51 52.37 -29.02
CA LYS F 215 38.23 52.97 -28.64
C LYS F 215 38.02 52.98 -27.14
N GLY F 216 38.79 52.19 -26.39
CA GLY F 216 38.71 52.25 -24.93
C GLY F 216 39.15 53.60 -24.40
N ALA F 217 40.20 54.18 -25.00
CA ALA F 217 40.58 55.54 -24.65
C ALA F 217 39.54 56.55 -25.12
N ALA F 218 38.87 56.27 -26.25
CA ALA F 218 37.83 57.17 -26.73
C ALA F 218 36.61 57.11 -25.82
N TYR F 219 36.17 55.90 -25.46
CA TYR F 219 35.00 55.77 -24.59
C TYR F 219 35.27 56.40 -23.22
N SER F 220 36.48 56.23 -22.70
CA SER F 220 36.84 56.84 -21.42
C SER F 220 36.96 58.35 -21.50
N ARG F 221 36.80 58.94 -22.70
CA ARG F 221 36.93 60.38 -22.89
C ARG F 221 38.30 60.88 -22.45
N ALA F 222 39.32 60.04 -22.58
CA ALA F 222 40.71 60.43 -22.27
C ALA F 222 41.27 61.23 -23.44
N GLU F 223 40.69 62.42 -23.63
CA GLU F 223 41.02 63.27 -24.77
C GLU F 223 42.22 64.15 -24.47
N ASN F 224 42.11 65.03 -23.49
CA ASN F 224 43.21 65.93 -23.15
C ASN F 224 44.34 65.19 -22.44
N GLU F 225 44.02 64.09 -21.75
CA GLU F 225 45.04 63.33 -21.04
C GLU F 225 45.97 62.62 -22.01
N VAL F 226 45.41 61.91 -22.99
CA VAL F 226 46.23 61.29 -24.02
C VAL F 226 46.91 62.36 -24.86
N ARG F 227 46.26 63.51 -25.06
CA ARG F 227 46.87 64.60 -25.80
C ARG F 227 48.16 65.07 -25.15
N GLU F 228 48.14 65.25 -23.83
CA GLU F 228 49.32 65.73 -23.12
C GLU F 228 50.41 64.66 -23.05
N PHE F 229 50.02 63.39 -23.00
CA PHE F 229 51.02 62.32 -22.86
C PHE F 229 51.80 62.13 -24.15
N LEU F 230 51.11 61.92 -25.27
CA LEU F 230 51.80 61.62 -26.52
C LEU F 230 52.64 62.81 -26.99
N GLU F 231 52.12 64.03 -26.83
CA GLU F 231 52.89 65.21 -27.24
C GLU F 231 54.16 65.36 -26.42
N THR F 232 54.08 65.10 -25.11
CA THR F 232 55.24 65.25 -24.26
C THR F 232 56.31 64.21 -24.59
N THR F 233 55.92 62.98 -24.89
CA THR F 233 56.86 61.89 -25.08
C THR F 233 57.38 61.78 -26.50
N GLN F 234 56.70 62.37 -27.48
CA GLN F 234 57.10 62.29 -28.89
C GLN F 234 57.22 60.85 -29.35
N LEU F 235 56.25 60.02 -28.96
CA LEU F 235 56.27 58.60 -29.29
C LEU F 235 55.42 58.33 -30.53
N PRO F 236 55.86 57.42 -31.39
CA PRO F 236 55.01 56.99 -32.51
C PRO F 236 53.79 56.25 -31.99
N TYR F 237 52.63 56.55 -32.58
CA TYR F 237 51.38 55.94 -32.14
C TYR F 237 50.57 55.50 -33.34
N LEU F 238 49.76 54.46 -33.13
CA LEU F 238 48.88 53.90 -34.16
C LEU F 238 47.48 53.81 -33.60
N ALA F 239 46.55 54.58 -34.17
CA ALA F 239 45.17 54.57 -33.70
C ALA F 239 44.39 53.45 -34.36
N SER F 240 43.56 52.77 -33.57
CA SER F 240 42.69 51.72 -34.08
C SER F 240 41.63 52.35 -34.99
N PRO F 241 40.89 51.54 -35.75
CA PRO F 241 39.85 52.10 -36.63
C PRO F 241 38.92 53.10 -35.95
N MET F 242 38.33 52.75 -34.81
CA MET F 242 37.48 53.68 -34.09
C MET F 242 38.26 54.52 -33.08
N GLY F 243 39.47 54.11 -32.73
CA GLY F 243 40.37 55.00 -32.00
C GLY F 243 40.85 56.18 -32.80
N LYS F 244 40.63 56.18 -34.12
CA LYS F 244 40.88 57.34 -34.94
C LYS F 244 40.09 58.53 -34.44
N GLY F 245 40.78 59.64 -34.16
CA GLY F 245 40.16 60.86 -33.68
C GLY F 245 40.54 61.22 -32.26
N VAL F 246 40.89 60.23 -31.44
CA VAL F 246 41.37 60.51 -30.08
C VAL F 246 42.57 61.44 -30.14
N MET F 247 43.59 61.04 -30.87
CA MET F 247 44.67 61.92 -31.25
C MET F 247 44.44 62.39 -32.68
N PRO F 248 44.58 63.69 -32.96
CA PRO F 248 44.36 64.17 -34.33
C PRO F 248 45.20 63.40 -35.33
N ASP F 249 44.57 63.02 -36.45
CA ASP F 249 45.24 62.16 -37.43
C ASP F 249 46.38 62.90 -38.12
N ASP F 250 46.26 64.21 -38.28
CA ASP F 250 47.33 64.99 -38.91
C ASP F 250 48.54 65.19 -38.01
N HIS F 251 48.51 64.70 -36.79
CA HIS F 251 49.66 64.80 -35.91
C HIS F 251 50.82 64.00 -36.49
N PRO F 252 52.03 64.56 -36.55
CA PRO F 252 53.14 63.84 -37.20
C PRO F 252 53.56 62.56 -36.49
N LEU F 253 53.08 62.31 -35.28
CA LEU F 253 53.41 61.08 -34.57
C LEU F 253 52.70 59.86 -35.13
N SER F 254 51.76 60.04 -36.05
CA SER F 254 50.97 58.93 -36.58
C SER F 254 51.79 58.13 -37.58
N ILE F 255 51.74 56.81 -37.45
CA ILE F 255 52.44 55.89 -38.35
C ILE F 255 51.45 55.04 -39.15
N ALA F 256 50.18 55.46 -39.19
CA ALA F 256 49.11 54.63 -39.73
C ALA F 256 49.41 54.04 -41.11
N PRO F 257 49.96 54.78 -42.08
CA PRO F 257 50.29 54.12 -43.37
C PRO F 257 51.31 53.00 -43.22
N ALA F 258 52.28 53.15 -42.32
CA ALA F 258 53.27 52.11 -42.06
C ALA F 258 52.83 51.23 -40.89
N ARG F 259 51.59 50.73 -40.95
CA ARG F 259 51.04 49.96 -39.84
C ARG F 259 51.77 48.64 -39.67
N SER F 260 51.90 47.86 -40.76
CA SER F 260 52.55 46.57 -40.67
C SER F 260 54.03 46.71 -40.29
N ALA F 261 54.65 47.82 -40.64
CA ALA F 261 56.06 48.01 -40.32
C ALA F 261 56.27 48.17 -38.82
N ALA F 262 55.39 48.92 -38.15
CA ALA F 262 55.55 49.17 -36.72
C ALA F 262 55.16 47.96 -35.88
N LEU F 263 54.13 47.23 -36.30
CA LEU F 263 53.69 46.07 -35.53
C LEU F 263 54.77 44.99 -35.51
N LEU F 264 55.50 44.82 -36.62
CA LEU F 264 56.57 43.84 -36.67
C LEU F 264 57.87 44.33 -36.06
N GLY F 265 58.07 45.64 -35.98
CA GLY F 265 59.32 46.19 -35.50
C GLY F 265 59.30 46.67 -34.06
N ALA F 266 58.11 46.84 -33.48
CA ALA F 266 58.01 47.35 -32.13
C ALA F 266 58.46 46.31 -31.12
N ASP F 267 59.26 46.75 -30.15
CA ASP F 267 59.68 45.89 -29.03
C ASP F 267 58.94 46.21 -27.73
N VAL F 268 58.38 47.41 -27.62
CA VAL F 268 57.56 47.80 -26.47
C VAL F 268 56.32 48.50 -27.00
N ILE F 269 55.15 47.98 -26.62
CA ILE F 269 53.87 48.50 -27.09
C ILE F 269 53.03 48.90 -25.89
N LEU F 270 52.49 50.12 -25.91
CA LEU F 270 51.60 50.62 -24.88
C LEU F 270 50.18 50.59 -25.45
N LEU F 271 49.39 49.61 -25.00
CA LEU F 271 48.01 49.45 -25.45
C LEU F 271 47.11 50.36 -24.62
N MET F 272 46.67 51.47 -25.21
CA MET F 272 45.75 52.40 -24.55
C MET F 272 44.33 52.05 -25.02
N GLY F 273 43.66 51.21 -24.25
CA GLY F 273 42.29 50.84 -24.57
C GLY F 273 42.13 50.01 -25.83
N ALA F 274 43.13 49.20 -26.17
CA ALA F 274 43.08 48.33 -27.33
C ALA F 274 43.33 46.88 -26.91
N ARG F 275 42.74 45.95 -27.66
CA ARG F 275 42.87 44.54 -27.38
C ARG F 275 43.69 43.86 -28.47
N LEU F 276 44.41 42.80 -28.08
CA LEU F 276 45.13 41.97 -29.02
C LEU F 276 44.18 40.97 -29.68
N ASN F 277 43.13 41.52 -30.27
CA ASN F 277 42.09 40.72 -30.92
C ASN F 277 42.51 40.37 -32.34
N TRP F 278 41.54 39.93 -33.16
CA TRP F 278 41.81 39.64 -34.55
C TRP F 278 42.31 40.88 -35.30
N MET F 279 41.87 42.07 -34.87
CA MET F 279 42.33 43.29 -35.53
C MET F 279 43.83 43.49 -35.35
N MET F 280 44.35 43.18 -34.16
CA MET F 280 45.76 43.30 -33.86
C MET F 280 46.52 41.99 -34.11
N HIS F 281 45.95 41.09 -34.90
CA HIS F 281 46.60 39.83 -35.26
C HIS F 281 47.05 39.05 -34.02
N PHE F 282 46.30 39.20 -32.93
CA PHE F 282 46.57 38.51 -31.67
C PHE F 282 47.95 38.80 -31.11
N GLY F 283 48.60 39.88 -31.57
CA GLY F 283 49.93 40.21 -31.14
C GLY F 283 50.98 39.15 -31.40
N HIS F 284 50.70 38.21 -32.30
CA HIS F 284 51.54 37.07 -32.56
C HIS F 284 52.28 37.21 -33.88
N PRO F 285 53.40 36.51 -34.05
CA PRO F 285 54.07 36.48 -35.36
C PRO F 285 53.15 35.91 -36.42
N PRO F 286 53.41 36.19 -37.70
CA PRO F 286 54.55 36.93 -38.26
C PRO F 286 54.32 38.44 -38.31
N ARG F 287 53.18 38.92 -37.80
CA ARG F 287 52.90 40.34 -37.82
C ARG F 287 53.56 41.09 -36.67
N PHE F 288 54.08 40.39 -35.66
CA PHE F 288 54.65 41.01 -34.48
C PHE F 288 55.98 40.37 -34.13
N ASP F 289 56.75 41.08 -33.31
CA ASP F 289 58.00 40.54 -32.80
C ASP F 289 57.71 39.39 -31.84
N PRO F 290 58.32 38.22 -32.02
CA PRO F 290 58.10 37.12 -31.06
C PRO F 290 58.45 37.49 -29.62
N LYS F 291 59.38 38.40 -29.41
CA LYS F 291 59.78 38.83 -28.07
C LYS F 291 59.24 40.23 -27.74
N VAL F 292 58.06 40.57 -28.24
CA VAL F 292 57.51 41.90 -28.00
C VAL F 292 57.07 42.02 -26.54
N ARG F 293 57.34 43.18 -25.95
CA ARG F 293 56.94 43.47 -24.59
C ARG F 293 55.73 44.40 -24.60
N VAL F 294 54.67 44.01 -23.90
CA VAL F 294 53.37 44.68 -23.99
C VAL F 294 53.07 45.38 -22.68
N ILE F 295 52.66 46.64 -22.77
CA ILE F 295 52.21 47.43 -21.63
C ILE F 295 50.72 47.70 -21.86
N GLN F 296 49.87 46.90 -21.22
CA GLN F 296 48.44 46.91 -21.50
C GLN F 296 47.70 47.79 -20.51
N MET F 297 46.87 48.69 -21.03
CA MET F 297 46.04 49.59 -20.23
C MET F 297 44.58 49.29 -20.58
N ASP F 298 43.88 48.60 -19.66
CA ASP F 298 42.53 48.15 -19.93
C ASP F 298 41.73 48.19 -18.63
N ILE F 299 40.42 48.38 -18.76
CA ILE F 299 39.56 48.44 -17.58
C ILE F 299 39.31 47.03 -17.02
N SER F 300 39.32 46.02 -17.88
CA SER F 300 39.00 44.65 -17.48
C SER F 300 40.29 43.90 -17.15
N ALA F 301 40.34 43.33 -15.94
CA ALA F 301 41.52 42.56 -15.54
C ALA F 301 41.61 41.24 -16.29
N GLU F 302 40.46 40.61 -16.57
CA GLU F 302 40.46 39.35 -17.31
C GLU F 302 41.02 39.52 -18.72
N GLU F 303 41.04 40.75 -19.25
CA GLU F 303 41.61 40.98 -20.57
C GLU F 303 43.13 40.98 -20.52
N ILE F 304 43.72 41.37 -19.39
CA ILE F 304 45.16 41.53 -19.30
C ILE F 304 45.85 40.18 -19.49
N GLY F 305 46.88 40.16 -20.33
CA GLY F 305 47.65 38.96 -20.58
C GLY F 305 47.09 38.05 -21.66
N THR F 306 46.00 38.42 -22.30
CA THR F 306 45.41 37.58 -23.33
C THR F 306 46.32 37.53 -24.56
N ASN F 307 46.52 36.32 -25.09
CA ASN F 307 47.30 36.06 -26.29
C ASN F 307 48.80 36.28 -26.09
N VAL F 308 49.18 37.47 -25.62
CA VAL F 308 50.59 37.81 -25.46
C VAL F 308 50.82 38.22 -24.00
N PRO F 309 51.91 37.79 -23.37
CA PRO F 309 52.16 38.20 -21.98
C PRO F 309 52.27 39.71 -21.85
N THR F 310 51.74 40.22 -20.74
CA THR F 310 51.78 41.64 -20.44
C THR F 310 52.84 41.89 -19.37
N GLU F 311 53.89 42.64 -19.75
CA GLU F 311 54.98 42.90 -18.80
C GLU F 311 54.55 43.88 -17.73
N VAL F 312 53.87 44.96 -18.11
CA VAL F 312 53.39 45.97 -17.18
C VAL F 312 51.89 46.12 -17.40
N ALA F 313 51.11 45.85 -16.37
CA ALA F 313 49.65 45.84 -16.45
C ALA F 313 49.09 47.07 -15.73
N LEU F 314 48.41 47.93 -16.48
CA LEU F 314 47.70 49.09 -15.93
C LEU F 314 46.21 48.81 -16.04
N VAL F 315 45.60 48.42 -14.92
CA VAL F 315 44.17 48.12 -14.86
C VAL F 315 43.47 49.31 -14.22
N GLY F 316 42.48 49.84 -14.93
CA GLY F 316 41.74 50.99 -14.45
C GLY F 316 41.20 51.80 -15.62
N ASP F 317 40.81 53.03 -15.30
CA ASP F 317 40.26 53.93 -16.31
C ASP F 317 41.40 54.61 -17.07
N ALA F 318 41.28 54.65 -18.40
CA ALA F 318 42.35 55.22 -19.22
C ALA F 318 42.61 56.67 -18.88
N LYS F 319 41.54 57.46 -18.70
CA LYS F 319 41.71 58.87 -18.33
C LYS F 319 42.45 59.00 -17.01
N ALA F 320 42.20 58.09 -16.07
CA ALA F 320 42.88 58.13 -14.79
C ALA F 320 44.32 57.64 -14.90
N ILE F 321 44.55 56.57 -15.66
CA ILE F 321 45.90 56.02 -15.79
C ILE F 321 46.78 56.96 -16.60
N THR F 322 46.26 57.52 -17.69
CA THR F 322 47.05 58.45 -18.50
C THR F 322 47.39 59.71 -17.72
N THR F 323 46.53 60.11 -16.78
CA THR F 323 46.87 61.22 -15.90
C THR F 323 48.06 60.88 -15.03
N GLN F 324 48.11 59.65 -14.52
CA GLN F 324 49.27 59.21 -13.75
C GLN F 324 50.54 59.25 -14.60
N LEU F 325 50.42 58.96 -15.89
CA LEU F 325 51.55 59.09 -16.79
C LEU F 325 51.97 60.56 -16.92
N ASN F 326 50.98 61.45 -17.10
CA ASN F 326 51.29 62.87 -17.20
C ASN F 326 51.97 63.37 -15.93
N ALA F 327 51.55 62.87 -14.77
CA ALA F 327 52.22 63.25 -13.52
C ALA F 327 53.65 62.74 -13.48
N SER F 328 53.86 61.50 -13.94
CA SER F 328 55.21 60.96 -13.98
C SER F 328 56.06 61.65 -15.05
N LEU F 329 55.44 62.01 -16.18
CA LEU F 329 56.17 62.76 -17.20
C LEU F 329 56.52 64.16 -16.73
N LYS F 330 55.76 64.71 -15.78
CA LYS F 330 56.03 66.06 -15.30
C LYS F 330 57.28 66.10 -14.43
N GLN F 331 57.33 65.26 -13.40
CA GLN F 331 58.46 65.28 -12.48
C GLN F 331 59.69 64.60 -13.07
N GLN F 332 59.50 63.60 -13.94
CA GLN F 332 60.59 62.88 -14.60
C GLN F 332 60.43 63.07 -16.10
N PRO F 333 60.83 64.23 -16.64
CA PRO F 333 60.61 64.49 -18.06
C PRO F 333 61.45 63.57 -18.94
N TRP F 334 60.82 63.06 -20.00
CA TRP F 334 61.51 62.21 -20.97
C TRP F 334 60.82 62.34 -22.31
N GLN F 335 61.60 62.67 -23.35
CA GLN F 335 61.10 62.74 -24.71
C GLN F 335 61.86 61.74 -25.57
N TYR F 336 61.13 60.96 -26.35
CA TYR F 336 61.77 60.04 -27.28
C TYR F 336 62.57 60.83 -28.31
N PRO F 337 63.76 60.37 -28.70
CA PRO F 337 64.57 61.11 -29.66
C PRO F 337 63.80 61.37 -30.96
N SER F 338 63.81 62.63 -31.40
CA SER F 338 63.02 63.04 -32.55
C SER F 338 63.57 62.46 -33.85
N GLU F 339 64.87 62.20 -33.91
CA GLU F 339 65.52 61.70 -35.12
C GLU F 339 66.19 60.37 -34.80
N THR F 340 65.38 59.35 -34.56
CA THR F 340 65.85 58.00 -34.26
C THR F 340 65.82 57.14 -35.52
N THR F 341 66.57 56.04 -35.48
CA THR F 341 66.49 55.05 -36.55
C THR F 341 65.06 54.53 -36.70
N TRP F 342 64.36 54.36 -35.59
CA TRP F 342 62.99 53.88 -35.64
C TRP F 342 62.07 54.91 -36.29
N TRP F 343 62.32 56.20 -36.05
CA TRP F 343 61.53 57.25 -36.69
C TRP F 343 61.80 57.30 -38.19
N THR F 344 63.07 57.46 -38.57
CA THR F 344 63.40 57.64 -39.97
C THR F 344 62.99 56.44 -40.82
N GLY F 345 63.10 55.23 -40.26
CA GLY F 345 62.69 54.05 -41.00
C GLY F 345 61.20 54.05 -41.30
N LEU F 346 60.39 54.39 -40.29
CA LEU F 346 58.94 54.40 -40.49
C LEU F 346 58.51 55.50 -41.45
N ARG F 347 59.08 56.70 -41.30
CA ARG F 347 58.72 57.82 -42.17
C ARG F 347 58.97 57.50 -43.63
N LYS F 348 60.02 56.72 -43.92
CA LYS F 348 60.28 56.30 -45.30
C LYS F 348 59.18 55.38 -45.81
N LYS F 349 58.68 54.48 -44.95
CA LYS F 349 57.58 53.61 -45.36
C LYS F 349 56.29 54.40 -45.55
N ILE F 350 56.08 55.44 -44.73
CA ILE F 350 54.89 56.27 -44.87
C ILE F 350 54.91 57.02 -46.20
N ASP F 351 56.10 57.46 -46.64
CA ASP F 351 56.19 58.18 -47.90
C ASP F 351 55.91 57.28 -49.09
N GLU F 352 56.36 56.03 -49.03
CA GLU F 352 56.07 55.08 -50.11
C GLU F 352 54.58 54.78 -50.18
N ASN F 353 53.94 54.59 -49.03
CA ASN F 353 52.50 54.32 -49.01
C ASN F 353 51.70 55.53 -49.44
N GLY F 354 52.05 56.72 -48.92
CA GLY F 354 51.37 57.95 -49.31
C GLY F 354 51.53 58.31 -50.77
N ALA F 355 52.61 57.87 -51.41
CA ALA F 355 52.80 58.17 -52.84
C ALA F 355 51.91 57.30 -53.71
N THR F 356 51.75 56.03 -53.37
CA THR F 356 50.94 55.13 -54.19
C THR F 356 49.45 55.46 -54.07
N VAL F 357 48.99 55.80 -52.87
CA VAL F 357 47.57 56.11 -52.68
C VAL F 357 47.20 57.39 -53.42
N ALA F 358 48.14 58.32 -53.57
CA ALA F 358 47.87 59.52 -54.37
C ALA F 358 47.85 59.19 -55.86
N GLU F 359 48.64 58.20 -56.29
CA GLU F 359 48.60 57.76 -57.67
C GLU F 359 47.27 57.11 -58.01
N MET F 360 46.74 56.29 -57.10
CA MET F 360 45.47 55.61 -57.35
C MET F 360 44.27 56.54 -57.15
N MET F 361 44.39 57.53 -56.26
CA MET F 361 43.33 58.53 -56.14
C MET F 361 43.27 59.41 -57.38
N ALA F 362 44.38 59.56 -58.10
CA ALA F 362 44.39 60.38 -59.31
C ALA F 362 43.74 59.67 -60.49
N ASP F 363 43.55 58.36 -60.41
CA ASP F 363 42.96 57.59 -61.51
C ASP F 363 41.55 58.06 -61.81
N GLU F 364 41.37 58.70 -62.97
CA GLU F 364 40.06 59.16 -63.41
C GLU F 364 39.35 58.15 -64.30
N SER F 365 39.82 56.91 -64.34
CA SER F 365 39.25 55.91 -65.23
C SER F 365 37.85 55.52 -64.76
N VAL F 366 36.97 55.28 -65.74
CA VAL F 366 35.59 54.86 -65.48
C VAL F 366 35.42 53.47 -66.08
N PRO F 367 34.91 52.48 -65.32
CA PRO F 367 34.39 52.53 -63.94
C PRO F 367 35.42 52.96 -62.90
N MET F 368 34.95 53.57 -61.82
CA MET F 368 35.81 54.22 -60.85
C MET F 368 36.31 53.26 -59.78
N SER F 369 37.43 53.61 -59.17
CA SER F 369 38.04 52.82 -58.11
C SER F 369 37.65 53.39 -56.75
N TYR F 370 37.92 52.60 -55.70
CA TYR F 370 37.65 53.06 -54.34
C TYR F 370 38.38 54.36 -54.03
N TYR F 371 39.64 54.47 -54.44
CA TYR F 371 40.45 55.62 -54.09
C TYR F 371 39.95 56.89 -54.78
N ARG F 372 39.50 56.77 -56.03
CA ARG F 372 39.00 57.94 -56.74
C ARG F 372 37.71 58.48 -56.11
N VAL F 373 36.81 57.58 -55.70
CA VAL F 373 35.57 58.01 -55.08
C VAL F 373 35.84 58.68 -53.74
N TYR F 374 36.68 58.06 -52.91
CA TYR F 374 37.00 58.64 -51.61
C TYR F 374 37.77 59.93 -51.72
N ARG F 375 38.44 60.19 -52.85
CA ARG F 375 39.16 61.45 -53.01
C ARG F 375 38.20 62.63 -52.98
N GLU F 376 37.02 62.49 -53.60
CA GLU F 376 36.05 63.57 -53.59
C GLU F 376 35.28 63.64 -52.28
N ILE F 377 35.02 62.50 -51.64
CA ILE F 377 34.28 62.50 -50.39
C ILE F 377 35.11 63.15 -49.28
N ARG F 378 36.40 62.82 -49.20
CA ARG F 378 37.26 63.43 -48.20
C ARG F 378 37.33 64.95 -48.36
N ASP F 379 37.19 65.44 -49.59
CA ASP F 379 37.26 66.88 -49.84
C ASP F 379 36.06 67.61 -49.25
N LEU F 380 34.89 66.96 -49.22
CA LEU F 380 33.64 67.63 -48.91
C LEU F 380 33.07 67.22 -47.54
N ILE F 381 33.95 66.89 -46.59
CA ILE F 381 33.54 66.46 -45.26
C ILE F 381 34.10 67.45 -44.24
N PRO F 382 33.26 68.10 -43.43
CA PRO F 382 33.78 68.97 -42.38
C PRO F 382 34.56 68.16 -41.33
N ASN F 383 35.47 68.86 -40.65
CA ASN F 383 36.32 68.18 -39.67
C ASN F 383 35.51 67.67 -38.49
N ASP F 384 34.49 68.41 -38.07
CA ASP F 384 33.67 68.03 -36.93
C ASP F 384 32.53 67.08 -37.31
N ALA F 385 32.46 66.65 -38.57
CA ALA F 385 31.39 65.75 -38.99
C ALA F 385 31.57 64.37 -38.38
N ILE F 386 30.48 63.62 -38.34
CA ILE F 386 30.47 62.25 -37.85
C ILE F 386 30.54 61.31 -39.04
N ILE F 387 31.43 60.34 -38.98
CA ILE F 387 31.67 59.40 -40.07
C ILE F 387 31.09 58.05 -39.70
N GLN F 388 30.27 57.48 -40.57
CA GLN F 388 29.73 56.14 -40.42
C GLN F 388 30.09 55.36 -41.68
N ASN F 389 31.00 54.40 -41.54
CA ASN F 389 31.57 53.68 -42.68
C ASN F 389 31.36 52.18 -42.46
N GLU F 390 30.53 51.55 -43.28
CA GLU F 390 30.19 50.14 -43.13
C GLU F 390 30.28 49.45 -44.49
N GLY F 391 31.35 48.70 -44.70
CA GLY F 391 31.53 47.91 -45.91
C GLY F 391 32.71 46.99 -45.76
N ALA F 392 32.86 46.07 -46.71
CA ALA F 392 34.01 45.18 -46.68
C ALA F 392 35.27 45.98 -46.96
N SER F 393 35.42 46.44 -48.22
CA SER F 393 36.52 47.32 -48.58
C SER F 393 36.18 48.78 -48.34
N THR F 394 34.91 49.14 -48.47
CA THR F 394 34.48 50.52 -48.26
C THR F 394 34.89 51.03 -46.88
N MET F 395 34.74 50.18 -45.86
CA MET F 395 35.09 50.59 -44.50
C MET F 395 36.60 50.61 -44.30
N ASP F 396 37.31 49.61 -44.83
CA ASP F 396 38.74 49.50 -44.60
C ASP F 396 39.51 50.57 -45.36
N ILE F 397 39.30 50.65 -46.68
CA ILE F 397 39.93 51.70 -47.47
C ILE F 397 39.54 53.07 -46.95
N GLY F 398 38.32 53.20 -46.41
CA GLY F 398 37.93 54.46 -45.81
C GLY F 398 38.76 54.82 -44.60
N ARG F 399 39.11 53.81 -43.77
CA ARG F 399 39.91 54.07 -42.57
C ARG F 399 41.20 54.81 -42.89
N THR F 400 41.76 54.59 -44.09
CA THR F 400 42.99 55.25 -44.48
C THR F 400 42.75 56.65 -45.03
N LEU F 401 41.71 56.81 -45.86
CA LEU F 401 41.49 58.04 -46.61
C LEU F 401 40.45 58.95 -45.98
N MET F 402 40.00 58.65 -44.76
CA MET F 402 38.99 59.45 -44.07
C MET F 402 39.58 59.96 -42.76
N PRO F 403 40.23 61.12 -42.77
CA PRO F 403 40.88 61.62 -41.55
C PRO F 403 39.84 62.15 -40.55
N ASN F 404 39.96 61.69 -39.31
CA ASN F 404 39.17 62.22 -38.21
C ASN F 404 40.01 63.22 -37.41
N PHE F 405 39.31 64.09 -36.68
CA PHE F 405 40.01 65.09 -35.88
C PHE F 405 39.42 65.27 -34.49
N LEU F 406 38.29 64.64 -34.18
CA LEU F 406 37.72 64.66 -32.84
C LEU F 406 37.48 63.23 -32.39
N PRO F 407 37.68 62.93 -31.11
CA PRO F 407 37.44 61.57 -30.62
C PRO F 407 35.97 61.21 -30.69
N ARG F 408 35.72 59.91 -30.91
CA ARG F 408 34.36 59.36 -31.01
C ARG F 408 33.58 60.03 -32.15
N HIS F 409 34.24 60.18 -33.30
CA HIS F 409 33.61 60.74 -34.49
C HIS F 409 33.65 59.76 -35.67
N ARG F 410 33.86 58.48 -35.40
CA ARG F 410 33.81 57.45 -36.44
C ARG F 410 33.07 56.24 -35.88
N LEU F 411 32.21 55.65 -36.72
CA LEU F 411 31.38 54.52 -36.31
C LEU F 411 31.37 53.50 -37.45
N ASP F 412 32.04 52.36 -37.26
CA ASP F 412 32.06 51.33 -38.29
C ASP F 412 31.46 50.04 -37.76
N ALA F 413 31.87 48.89 -38.33
CA ALA F 413 31.30 47.61 -37.93
C ALA F 413 31.69 47.22 -36.52
N GLY F 414 32.72 47.85 -35.94
CA GLY F 414 33.15 47.51 -34.61
C GLY F 414 33.94 46.22 -34.55
N SER F 415 34.24 45.82 -33.31
CA SER F 415 35.03 44.62 -33.07
C SER F 415 34.31 43.34 -33.42
N PHE F 416 33.00 43.39 -33.61
CA PHE F 416 32.24 42.20 -33.99
C PHE F 416 32.14 42.01 -35.49
N GLY F 417 32.63 42.96 -36.29
CA GLY F 417 32.53 42.89 -37.73
C GLY F 417 31.10 42.72 -38.19
N THR F 418 30.20 43.53 -37.63
CA THR F 418 28.77 43.36 -37.83
C THR F 418 28.31 44.13 -39.06
N MET F 419 27.47 43.48 -39.87
CA MET F 419 26.84 44.10 -41.03
C MET F 419 25.37 44.36 -40.70
N GLY F 420 24.98 45.63 -40.73
CA GLY F 420 23.62 46.00 -40.40
C GLY F 420 23.54 47.06 -39.32
N VAL F 421 24.69 47.58 -38.90
CA VAL F 421 24.74 48.62 -37.87
C VAL F 421 24.80 50.02 -38.46
N GLY F 422 25.06 50.16 -39.76
CA GLY F 422 25.35 51.44 -40.36
C GLY F 422 24.28 52.50 -40.20
N LEU F 423 23.12 52.29 -40.84
CA LEU F 423 22.05 53.27 -40.75
C LEU F 423 21.54 53.41 -39.33
N GLY F 424 21.63 52.36 -38.53
CA GLY F 424 21.24 52.46 -37.13
C GLY F 424 22.18 53.37 -36.34
N GLN F 425 23.48 53.18 -36.52
CA GLN F 425 24.44 54.02 -35.82
C GLN F 425 24.44 55.46 -36.34
N ALA F 426 24.13 55.65 -37.63
CA ALA F 426 24.05 57.00 -38.17
C ALA F 426 22.89 57.76 -37.55
N ILE F 427 21.73 57.11 -37.41
CA ILE F 427 20.58 57.75 -36.77
C ILE F 427 20.88 58.03 -35.30
N ALA F 428 21.62 57.13 -34.64
CA ALA F 428 22.00 57.35 -33.25
C ALA F 428 22.95 58.53 -33.13
N ALA F 429 23.86 58.69 -34.08
CA ALA F 429 24.81 59.80 -34.03
C ALA F 429 24.12 61.13 -34.26
N ALA F 430 23.13 61.16 -35.17
CA ALA F 430 22.43 62.40 -35.45
C ALA F 430 21.54 62.82 -34.28
N ALA F 431 21.01 61.85 -33.53
CA ALA F 431 20.19 62.18 -32.37
C ALA F 431 21.06 62.77 -31.24
N VAL F 432 22.28 62.27 -31.09
CA VAL F 432 23.17 62.80 -30.07
C VAL F 432 23.74 64.16 -30.50
N HIS F 433 24.13 64.28 -31.77
CA HIS F 433 24.70 65.50 -32.32
C HIS F 433 23.77 66.02 -33.43
N PRO F 434 22.72 66.76 -33.06
CA PRO F 434 21.81 67.28 -34.08
C PRO F 434 22.34 68.48 -34.84
N ASP F 435 23.43 69.10 -34.38
CA ASP F 435 24.05 70.22 -35.07
C ASP F 435 25.19 69.81 -35.99
N LYS F 436 25.73 68.59 -35.82
CA LYS F 436 26.78 68.08 -36.68
C LYS F 436 26.19 67.27 -37.83
N HIS F 437 27.01 67.05 -38.85
CA HIS F 437 26.60 66.30 -40.02
C HIS F 437 27.13 64.87 -39.92
N VAL F 438 26.25 63.91 -40.18
CA VAL F 438 26.61 62.49 -40.15
C VAL F 438 26.75 62.00 -41.58
N PHE F 439 27.94 61.51 -41.93
CA PHE F 439 28.20 60.93 -43.24
C PHE F 439 28.08 59.41 -43.12
N CYS F 440 27.10 58.84 -43.81
CA CYS F 440 26.83 57.40 -43.75
C CYS F 440 27.31 56.78 -45.06
N ILE F 441 28.60 56.48 -45.11
CA ILE F 441 29.22 55.87 -46.27
C ILE F 441 29.09 54.35 -46.15
N GLU F 442 28.35 53.76 -47.09
CA GLU F 442 28.03 52.33 -47.04
C GLU F 442 28.34 51.68 -48.37
N GLY F 443 28.48 50.35 -48.34
CA GLY F 443 28.50 49.56 -49.55
C GLY F 443 27.09 49.14 -49.94
N ASP F 444 26.98 48.62 -51.17
CA ASP F 444 25.67 48.21 -51.66
C ASP F 444 25.13 47.01 -50.88
N SER F 445 26.00 46.13 -50.40
CA SER F 445 25.54 45.00 -49.60
C SER F 445 25.14 45.44 -48.20
N ALA F 446 25.94 46.30 -47.58
CA ALA F 446 25.62 46.77 -46.23
C ALA F 446 24.33 47.57 -46.21
N PHE F 447 23.98 48.21 -47.32
CA PHE F 447 22.76 49.01 -47.36
C PHE F 447 21.51 48.13 -47.29
N GLY F 448 21.57 46.95 -47.91
CA GLY F 448 20.42 46.04 -47.87
C GLY F 448 20.09 45.49 -46.50
N PHE F 449 21.02 45.62 -45.55
CA PHE F 449 20.76 45.10 -44.21
C PHE F 449 19.76 45.95 -43.45
N SER F 450 19.87 47.27 -43.56
CA SER F 450 18.96 48.18 -42.85
C SER F 450 18.65 49.40 -43.70
N GLY F 451 18.38 49.17 -44.99
CA GLY F 451 18.15 50.29 -45.90
C GLY F 451 16.83 50.98 -45.69
N MET F 452 15.84 50.26 -45.15
CA MET F 452 14.53 50.86 -44.91
C MET F 452 14.60 51.99 -43.89
N GLU F 453 15.67 52.07 -43.10
CA GLU F 453 15.79 53.10 -42.09
C GLU F 453 16.08 54.48 -42.66
N VAL F 454 16.20 54.62 -43.99
CA VAL F 454 16.31 55.95 -44.57
C VAL F 454 15.03 56.74 -44.32
N GLU F 455 13.89 56.06 -44.24
CA GLU F 455 12.64 56.75 -43.90
C GLU F 455 12.63 57.18 -42.45
N THR F 456 13.24 56.38 -41.57
CA THR F 456 13.31 56.74 -40.16
C THR F 456 14.06 58.05 -39.96
N ALA F 457 15.20 58.20 -40.63
CA ALA F 457 15.98 59.43 -40.50
C ALA F 457 15.20 60.63 -41.01
N ALA F 458 14.58 60.50 -42.18
CA ALA F 458 13.81 61.62 -42.72
C ALA F 458 12.56 61.91 -41.89
N ARG F 459 11.98 60.88 -41.29
CA ARG F 459 10.76 61.08 -40.50
C ARG F 459 11.03 61.94 -39.27
N TYR F 460 12.20 61.76 -38.65
CA TYR F 460 12.58 62.57 -37.49
C TYR F 460 13.41 63.78 -37.88
N GLY F 461 13.28 64.26 -39.11
CA GLY F 461 13.91 65.49 -39.53
C GLY F 461 15.43 65.47 -39.47
N MET F 462 16.04 64.33 -39.78
CA MET F 462 17.50 64.19 -39.67
C MET F 462 18.18 64.58 -40.97
N LYS F 463 18.03 65.87 -41.30
CA LYS F 463 18.77 66.46 -42.41
C LYS F 463 20.28 66.36 -42.20
N ASN F 464 20.72 66.14 -40.97
CA ASN F 464 22.14 66.04 -40.63
C ASN F 464 22.79 64.75 -41.13
N ILE F 465 22.09 63.92 -41.90
CA ILE F 465 22.64 62.68 -42.44
C ILE F 465 22.57 62.71 -43.95
N THR F 466 23.66 62.31 -44.60
CA THR F 466 23.70 62.13 -46.05
C THR F 466 24.20 60.71 -46.32
N PHE F 467 23.32 59.86 -46.85
CA PHE F 467 23.66 58.47 -47.11
C PHE F 467 24.45 58.37 -48.41
N ILE F 468 25.66 57.81 -48.33
CA ILE F 468 26.53 57.63 -49.49
C ILE F 468 26.73 56.13 -49.69
N ILE F 469 26.33 55.63 -50.85
CA ILE F 469 26.39 54.20 -51.16
C ILE F 469 27.47 54.00 -52.22
N ILE F 470 28.57 53.36 -51.83
CA ILE F 470 29.61 52.96 -52.77
C ILE F 470 29.23 51.59 -53.30
N ASN F 471 28.79 51.55 -54.56
CA ASN F 471 28.15 50.38 -55.15
C ASN F 471 29.10 49.72 -56.14
N ASN F 472 29.35 48.42 -55.93
CA ASN F 472 30.11 47.62 -56.89
C ASN F 472 29.32 46.41 -57.36
N ASN F 473 27.99 46.43 -57.22
CA ASN F 473 27.09 45.42 -57.77
C ASN F 473 27.34 44.04 -57.15
N GLY F 474 27.61 44.00 -55.86
CA GLY F 474 27.75 42.73 -55.19
C GLY F 474 28.58 42.83 -53.93
N ILE F 475 28.71 41.69 -53.26
CA ILE F 475 29.52 41.56 -52.06
C ILE F 475 30.97 41.41 -52.48
N GLY F 476 31.78 42.44 -52.21
CA GLY F 476 33.16 42.42 -52.66
C GLY F 476 33.31 42.36 -54.15
N GLY F 477 32.38 42.94 -54.89
CA GLY F 477 32.35 42.86 -56.33
C GLY F 477 31.26 41.92 -56.82
N GLY F 478 30.85 42.15 -58.07
CA GLY F 478 29.81 41.35 -58.69
C GLY F 478 29.69 41.61 -60.17
N PRO F 479 29.16 40.65 -60.91
CA PRO F 479 29.05 40.81 -62.37
C PRO F 479 28.06 41.89 -62.75
N ASP F 480 28.34 42.54 -63.87
CA ASP F 480 27.50 43.62 -64.39
C ASP F 480 26.36 43.11 -65.25
N THR F 481 26.07 41.80 -65.21
CA THR F 481 24.95 41.22 -65.93
C THR F 481 24.59 39.91 -65.26
N LEU F 482 23.32 39.75 -64.89
CA LEU F 482 22.87 38.61 -64.13
C LEU F 482 21.87 37.77 -64.92
N ASP F 483 21.80 36.50 -64.56
CA ASP F 483 20.81 35.56 -65.09
C ASP F 483 20.05 34.98 -63.91
N PRO F 484 18.71 35.07 -63.88
CA PRO F 484 17.98 34.63 -62.68
C PRO F 484 18.11 33.15 -62.37
N THR F 485 18.58 32.33 -63.32
CA THR F 485 18.71 30.90 -63.07
C THR F 485 20.09 30.52 -62.53
N ARG F 486 21.12 31.31 -62.83
CA ARG F 486 22.49 31.06 -62.36
C ARG F 486 22.99 32.35 -61.70
N VAL F 487 22.52 32.60 -60.48
CA VAL F 487 22.85 33.81 -59.74
C VAL F 487 24.03 33.51 -58.82
N PRO F 488 25.14 34.25 -58.94
CA PRO F 488 26.23 34.07 -57.99
C PRO F 488 25.77 34.40 -56.58
N PRO F 489 26.30 33.69 -55.57
CA PRO F 489 25.81 33.90 -54.20
C PRO F 489 26.09 35.28 -53.64
N SER F 490 27.03 36.02 -54.22
CA SER F 490 27.44 37.32 -53.69
C SER F 490 27.07 38.48 -54.61
N ALA F 491 26.27 38.25 -55.63
CA ALA F 491 25.95 39.27 -56.61
C ALA F 491 24.59 39.90 -56.31
N TYR F 492 24.45 41.16 -56.70
CA TYR F 492 23.20 41.90 -56.62
C TYR F 492 22.83 42.40 -58.01
N THR F 493 21.67 43.04 -58.11
CA THR F 493 21.22 43.57 -59.39
C THR F 493 22.24 44.57 -59.91
N PRO F 494 22.74 44.41 -61.14
CA PRO F 494 23.67 45.40 -61.69
C PRO F 494 23.02 46.76 -61.81
N ASN F 495 23.75 47.79 -61.38
CA ASN F 495 23.28 49.17 -61.40
C ASN F 495 21.95 49.30 -60.65
N ALA F 496 21.89 48.69 -59.47
CA ALA F 496 20.71 48.81 -58.63
C ALA F 496 20.55 50.24 -58.16
N HIS F 497 19.36 50.81 -58.37
CA HIS F 497 19.10 52.22 -58.09
C HIS F 497 18.56 52.38 -56.68
N TYR F 498 19.46 52.28 -55.71
CA TYR F 498 19.09 52.49 -54.32
C TYR F 498 18.73 53.94 -54.03
N GLU F 499 19.24 54.88 -54.83
CA GLU F 499 18.97 56.29 -54.59
C GLU F 499 17.50 56.64 -54.79
N LYS F 500 16.73 55.80 -55.48
CA LYS F 500 15.30 56.05 -55.64
C LYS F 500 14.55 55.93 -54.32
N MET F 501 15.15 55.27 -53.32
CA MET F 501 14.51 55.19 -52.01
C MET F 501 14.42 56.55 -51.32
N ALA F 502 15.22 57.53 -51.75
CA ALA F 502 15.12 58.87 -51.18
C ALA F 502 13.78 59.50 -51.50
N GLU F 503 13.15 59.10 -52.61
CA GLU F 503 11.88 59.67 -53.03
C GLU F 503 10.69 59.09 -52.27
N ILE F 504 10.91 58.17 -51.34
CA ILE F 504 9.82 57.67 -50.51
C ILE F 504 9.34 58.75 -49.55
N TYR F 505 10.24 59.59 -49.07
CA TYR F 505 9.92 60.68 -48.16
C TYR F 505 10.04 62.05 -48.79
N GLY F 506 10.22 62.12 -50.11
CA GLY F 506 10.32 63.38 -50.82
C GLY F 506 11.73 63.86 -51.09
N GLY F 507 12.75 63.10 -50.72
CA GLY F 507 14.12 63.50 -50.97
C GLY F 507 14.59 63.13 -52.36
N LYS F 508 15.74 63.68 -52.72
CA LYS F 508 16.33 63.45 -54.04
C LYS F 508 17.43 62.40 -53.95
N GLY F 509 17.42 61.47 -54.90
CA GLY F 509 18.45 60.45 -55.02
C GLY F 509 19.38 60.77 -56.18
N TYR F 510 20.68 60.60 -55.95
CA TYR F 510 21.70 60.91 -56.94
C TYR F 510 22.36 59.64 -57.42
N PHE F 511 22.42 59.46 -58.74
CA PHE F 511 23.07 58.33 -59.37
C PHE F 511 24.32 58.83 -60.08
N VAL F 512 25.48 58.35 -59.64
CA VAL F 512 26.77 58.84 -60.13
C VAL F 512 27.59 57.67 -60.64
N THR F 513 28.12 57.81 -61.85
CA THR F 513 29.02 56.82 -62.44
C THR F 513 30.35 57.39 -62.89
N GLU F 514 30.48 58.70 -63.05
CA GLU F 514 31.68 59.32 -63.55
C GLU F 514 32.17 60.39 -62.59
N PRO F 515 33.48 60.66 -62.56
CA PRO F 515 34.00 61.65 -61.59
C PRO F 515 33.43 63.05 -61.76
N SER F 516 32.96 63.40 -62.96
CA SER F 516 32.40 64.73 -63.16
C SER F 516 31.11 64.94 -62.38
N GLN F 517 30.38 63.86 -62.11
CA GLN F 517 29.14 63.93 -61.34
C GLN F 517 29.35 63.73 -59.85
N LEU F 518 30.58 63.45 -59.41
CA LEU F 518 30.86 63.14 -58.01
C LEU F 518 30.62 64.32 -57.10
N ARG F 519 31.48 65.34 -57.20
CA ARG F 519 31.37 66.50 -56.34
C ARG F 519 30.04 67.25 -56.46
N PRO F 520 29.47 67.47 -57.66
CA PRO F 520 28.16 68.15 -57.71
C PRO F 520 27.07 67.41 -56.94
N ALA F 521 26.97 66.09 -57.12
CA ALA F 521 25.96 65.33 -56.40
C ALA F 521 26.22 65.34 -54.90
N LEU F 522 27.49 65.22 -54.50
CA LEU F 522 27.83 65.29 -53.08
C LEU F 522 27.53 66.66 -52.50
N GLU F 523 27.89 67.73 -53.23
CA GLU F 523 27.71 69.08 -52.72
C GLU F 523 26.23 69.44 -52.58
N GLU F 524 25.39 68.96 -53.50
CA GLU F 524 23.97 69.26 -53.43
C GLU F 524 23.24 68.38 -52.42
N ALA F 525 23.70 67.15 -52.22
CA ALA F 525 23.03 66.24 -51.30
C ALA F 525 23.25 66.66 -49.86
N ILE F 526 24.44 67.13 -49.51
CA ILE F 526 24.72 67.57 -48.15
C ILE F 526 24.00 68.84 -47.78
N LYS F 527 23.45 69.56 -48.76
CA LYS F 527 22.68 70.77 -48.51
C LYS F 527 21.18 70.58 -48.67
N ALA F 528 20.74 69.39 -49.06
CA ALA F 528 19.31 69.14 -49.21
C ALA F 528 18.59 69.23 -47.88
N ASP F 529 17.31 69.59 -47.92
CA ASP F 529 16.50 69.69 -46.72
C ASP F 529 16.08 68.35 -46.15
N LYS F 530 16.24 67.27 -46.91
CA LYS F 530 15.93 65.92 -46.51
C LYS F 530 17.16 65.05 -46.62
N PRO F 531 17.23 63.95 -45.86
CA PRO F 531 18.35 63.01 -46.02
C PRO F 531 18.41 62.49 -47.44
N ALA F 532 19.52 62.77 -48.12
CA ALA F 532 19.71 62.38 -49.51
C ALA F 532 20.54 61.11 -49.60
N ILE F 533 20.35 60.38 -50.70
CA ILE F 533 21.06 59.13 -50.95
C ILE F 533 21.88 59.32 -52.23
N VAL F 534 23.19 59.15 -52.12
CA VAL F 534 24.10 59.30 -53.26
C VAL F 534 24.60 57.90 -53.61
N ASN F 535 24.05 57.35 -54.69
CA ASN F 535 24.49 56.06 -55.19
C ASN F 535 25.67 56.28 -56.14
N ILE F 536 26.83 55.74 -55.78
CA ILE F 536 28.06 55.92 -56.55
C ILE F 536 28.50 54.55 -57.04
N MET F 537 28.46 54.36 -58.36
CA MET F 537 28.93 53.12 -58.95
C MET F 537 30.44 53.14 -59.10
N ILE F 538 31.07 52.01 -58.78
CA ILE F 538 32.52 51.87 -58.85
C ILE F 538 32.85 50.64 -59.68
N SER F 539 34.15 50.37 -59.82
CA SER F 539 34.61 49.20 -60.55
C SER F 539 34.25 47.93 -59.79
N ALA F 540 33.65 46.97 -60.48
CA ALA F 540 33.29 45.70 -59.85
C ALA F 540 34.54 44.91 -59.49
N THR F 541 35.43 44.71 -60.45
CA THR F 541 36.69 44.00 -60.21
C THR F 541 37.77 44.99 -59.77
N SER F 542 37.57 45.51 -58.55
CA SER F 542 38.47 46.51 -58.00
C SER F 542 39.12 46.01 -56.72
N ASN G 2 -59.13 -31.25 4.80
CA ASN G 2 -58.69 -30.46 3.66
C ASN G 2 -59.87 -29.90 2.89
N ALA G 3 -61.06 -30.48 3.09
CA ALA G 3 -62.27 -29.89 2.56
C ALA G 3 -62.52 -28.50 3.13
N MET G 4 -61.95 -28.20 4.29
CA MET G 4 -61.92 -26.86 4.85
C MET G 4 -60.67 -26.09 4.44
N GLY G 5 -59.94 -26.57 3.43
CA GLY G 5 -58.73 -25.89 2.99
C GLY G 5 -57.59 -25.90 3.99
N GLN G 6 -57.64 -26.79 4.98
CA GLN G 6 -56.64 -26.84 6.04
C GLN G 6 -55.58 -27.88 5.70
N ILE G 7 -54.33 -27.44 5.59
CA ILE G 7 -53.20 -28.32 5.36
C ILE G 7 -52.43 -28.46 6.67
N THR G 8 -51.89 -29.64 6.93
CA THR G 8 -51.13 -29.90 8.13
C THR G 8 -49.64 -29.75 7.87
N GLY G 9 -48.87 -29.61 8.95
CA GLY G 9 -47.44 -29.45 8.81
C GLY G 9 -46.78 -30.65 8.15
N ALA G 10 -47.31 -31.85 8.40
CA ALA G 10 -46.75 -33.04 7.77
C ALA G 10 -46.95 -33.02 6.27
N GLN G 11 -48.11 -32.54 5.81
CA GLN G 11 -48.34 -32.46 4.37
C GLN G 11 -47.61 -31.27 3.74
N ILE G 12 -47.41 -30.19 4.52
CA ILE G 12 -46.60 -29.07 4.02
C ILE G 12 -45.18 -29.53 3.74
N VAL G 13 -44.61 -30.32 4.64
CA VAL G 13 -43.24 -30.81 4.45
C VAL G 13 -43.18 -31.80 3.29
N ALA G 14 -44.16 -32.70 3.20
CA ALA G 14 -44.17 -33.67 2.11
C ALA G 14 -44.23 -32.98 0.76
N ARG G 15 -45.06 -31.94 0.63
CA ARG G 15 -45.14 -31.21 -0.62
C ARG G 15 -43.89 -30.36 -0.85
N ALA G 16 -43.35 -29.77 0.22
CA ALA G 16 -42.15 -28.95 0.07
C ALA G 16 -40.96 -29.80 -0.35
N LEU G 17 -40.78 -30.98 0.26
CA LEU G 17 -39.70 -31.87 -0.15
C LEU G 17 -39.85 -32.28 -1.61
N LYS G 18 -41.06 -32.64 -2.03
CA LYS G 18 -41.29 -33.07 -3.40
C LYS G 18 -40.96 -31.96 -4.39
N GLN G 19 -41.41 -30.73 -4.11
CA GLN G 19 -41.16 -29.62 -5.01
C GLN G 19 -39.66 -29.31 -5.12
N GLN G 20 -38.92 -29.48 -4.03
CA GLN G 20 -37.49 -29.15 -4.05
C GLN G 20 -36.63 -30.24 -4.69
N GLY G 21 -37.21 -31.39 -5.02
CA GLY G 21 -36.50 -32.43 -5.73
C GLY G 21 -36.30 -33.72 -4.96
N VAL G 22 -36.83 -33.84 -3.75
CA VAL G 22 -36.69 -35.08 -3.00
C VAL G 22 -37.57 -36.15 -3.61
N GLU G 23 -37.00 -37.33 -3.84
CA GLU G 23 -37.71 -38.44 -4.46
C GLU G 23 -37.81 -39.67 -3.59
N TYR G 24 -36.84 -39.92 -2.71
CA TYR G 24 -36.79 -41.15 -1.93
C TYR G 24 -36.60 -40.82 -0.45
N MET G 25 -37.44 -41.40 0.40
CA MET G 25 -37.37 -41.21 1.84
C MET G 25 -37.29 -42.56 2.52
N PHE G 26 -36.34 -42.71 3.44
CA PHE G 26 -36.15 -43.94 4.19
C PHE G 26 -36.26 -43.66 5.68
N GLY G 27 -36.73 -44.65 6.43
CA GLY G 27 -36.83 -44.51 7.86
C GLY G 27 -37.90 -45.42 8.42
N ILE G 28 -38.14 -45.25 9.72
CA ILE G 28 -39.11 -46.03 10.46
C ILE G 28 -40.13 -45.09 11.10
N VAL G 29 -41.40 -45.47 11.03
CA VAL G 29 -42.49 -44.60 11.47
C VAL G 29 -42.70 -44.72 12.97
N GLY G 30 -43.57 -43.88 13.51
CA GLY G 30 -43.81 -43.81 14.93
C GLY G 30 -44.10 -42.38 15.35
N ILE G 31 -44.49 -42.23 16.61
CA ILE G 31 -44.82 -40.90 17.13
C ILE G 31 -43.56 -40.05 17.16
N PRO G 32 -43.61 -38.80 16.66
CA PRO G 32 -44.75 -38.13 16.04
C PRO G 32 -44.61 -37.94 14.54
N VAL G 33 -43.93 -38.84 13.83
CA VAL G 33 -43.63 -38.64 12.41
C VAL G 33 -44.45 -39.57 11.52
N ILE G 34 -45.54 -40.15 12.05
CA ILE G 34 -46.38 -41.02 11.22
C ILE G 34 -46.99 -40.28 10.05
N PRO G 35 -47.62 -39.11 10.21
CA PRO G 35 -48.22 -38.45 9.05
C PRO G 35 -47.19 -38.01 8.01
N ILE G 36 -45.95 -37.76 8.41
CA ILE G 36 -44.91 -37.35 7.46
C ILE G 36 -44.65 -38.47 6.46
N ALA G 37 -44.65 -39.72 6.93
CA ALA G 37 -44.39 -40.84 6.03
C ALA G 37 -45.58 -41.11 5.11
N MET G 38 -46.80 -40.91 5.60
CA MET G 38 -47.98 -41.18 4.78
C MET G 38 -48.24 -40.06 3.79
N PHE G 39 -48.04 -38.81 4.21
CA PHE G 39 -48.21 -37.68 3.28
C PHE G 39 -47.12 -37.68 2.21
N ALA G 40 -45.94 -38.21 2.52
CA ALA G 40 -44.89 -38.32 1.52
C ALA G 40 -45.32 -39.21 0.36
N GLN G 41 -45.99 -40.33 0.67
CA GLN G 41 -46.53 -41.17 -0.38
C GLN G 41 -47.61 -40.44 -1.17
N ARG G 42 -48.43 -39.65 -0.48
CA ARG G 42 -49.49 -38.90 -1.15
C ARG G 42 -48.91 -37.86 -2.11
N GLU G 43 -47.85 -37.17 -1.68
CA GLU G 43 -47.23 -36.15 -2.52
C GLU G 43 -46.29 -36.70 -3.57
N GLY G 44 -46.14 -38.03 -3.65
CA GLY G 44 -45.33 -38.63 -4.69
C GLY G 44 -43.92 -38.97 -4.29
N ILE G 45 -43.61 -39.04 -3.00
CA ILE G 45 -42.29 -39.43 -2.51
C ILE G 45 -42.33 -40.90 -2.15
N LYS G 46 -41.36 -41.65 -2.66
CA LYS G 46 -41.27 -43.08 -2.38
C LYS G 46 -40.74 -43.28 -0.97
N PHE G 47 -41.60 -43.73 -0.07
CA PHE G 47 -41.19 -44.03 1.31
C PHE G 47 -40.84 -45.50 1.44
N TYR G 48 -39.80 -45.78 2.22
CA TYR G 48 -39.35 -47.15 2.46
C TYR G 48 -39.25 -47.38 3.95
N GLY G 49 -40.06 -48.29 4.48
CA GLY G 49 -39.98 -48.67 5.87
C GLY G 49 -38.84 -49.62 6.15
N PHE G 50 -37.80 -49.13 6.83
CA PHE G 50 -36.60 -49.90 7.07
C PHE G 50 -36.72 -50.70 8.37
N ARG G 51 -35.68 -51.46 8.69
CA ARG G 51 -35.58 -52.21 9.93
C ARG G 51 -34.75 -51.49 10.99
N ASN G 52 -34.01 -50.45 10.61
CA ASN G 52 -33.18 -49.71 11.55
C ASN G 52 -32.86 -48.36 10.93
N GLU G 53 -33.09 -47.27 11.68
CA GLU G 53 -32.81 -45.94 11.19
C GLU G 53 -31.34 -45.79 10.78
N GLN G 54 -30.45 -46.57 11.39
CA GLN G 54 -29.04 -46.54 11.03
C GLN G 54 -28.84 -46.90 9.56
N SER G 55 -29.45 -48.01 9.13
CA SER G 55 -29.33 -48.40 7.72
C SER G 55 -30.10 -47.46 6.81
N ALA G 56 -31.24 -46.96 7.28
CA ALA G 56 -32.03 -46.04 6.45
C ALA G 56 -31.33 -44.70 6.28
N SER G 57 -30.50 -44.30 7.24
CA SER G 57 -29.73 -43.07 7.09
C SER G 57 -28.58 -43.24 6.11
N TYR G 58 -28.00 -44.43 6.05
CA TYR G 58 -26.99 -44.70 5.02
C TYR G 58 -27.64 -44.76 3.64
N ALA G 59 -28.86 -45.31 3.55
CA ALA G 59 -29.57 -45.31 2.29
C ALA G 59 -29.92 -43.91 1.83
N ALA G 60 -30.21 -43.00 2.77
CA ALA G 60 -30.53 -41.63 2.40
C ALA G 60 -29.31 -40.89 1.88
N ALA G 61 -28.11 -41.26 2.34
CA ALA G 61 -26.90 -40.60 1.87
C ALA G 61 -26.48 -41.09 0.49
N ALA G 62 -26.70 -42.37 0.19
CA ALA G 62 -26.36 -42.88 -1.13
C ALA G 62 -27.23 -42.29 -2.22
N VAL G 63 -28.46 -41.89 -1.88
CA VAL G 63 -29.34 -41.27 -2.86
C VAL G 63 -28.81 -39.91 -3.28
N GLY G 64 -28.23 -39.17 -2.33
CA GLY G 64 -27.63 -37.89 -2.69
C GLY G 64 -26.47 -38.03 -3.65
N TYR G 65 -25.71 -39.12 -3.53
CA TYR G 65 -24.58 -39.34 -4.43
C TYR G 65 -25.04 -39.78 -5.82
N LEU G 66 -26.16 -40.50 -5.90
CA LEU G 66 -26.59 -41.03 -7.19
C LEU G 66 -27.37 -39.99 -7.99
N THR G 67 -28.19 -39.17 -7.32
CA THR G 67 -29.11 -38.29 -8.01
C THR G 67 -28.70 -36.82 -7.99
N GLY G 68 -27.81 -36.41 -7.09
CA GLY G 68 -27.44 -35.01 -6.99
C GLY G 68 -28.35 -34.17 -6.13
N ARG G 69 -29.42 -34.75 -5.59
CA ARG G 69 -30.30 -34.09 -4.64
C ARG G 69 -30.47 -34.97 -3.41
N PRO G 70 -30.70 -34.37 -2.24
CA PRO G 70 -30.63 -35.14 -1.00
C PRO G 70 -31.76 -36.14 -0.87
N GLY G 71 -31.44 -37.31 -0.30
CA GLY G 71 -32.45 -38.25 0.14
C GLY G 71 -32.76 -38.03 1.60
N VAL G 72 -34.04 -38.10 1.93
CA VAL G 72 -34.53 -37.79 3.27
C VAL G 72 -34.52 -39.06 4.11
N CYS G 73 -34.04 -38.93 5.35
CA CYS G 73 -34.12 -40.00 6.35
C CYS G 73 -35.08 -39.55 7.44
N LEU G 74 -36.13 -40.35 7.67
CA LEU G 74 -37.15 -40.04 8.65
C LEU G 74 -36.90 -40.86 9.91
N GLY G 75 -36.96 -40.20 11.07
CA GLY G 75 -36.76 -40.88 12.33
C GLY G 75 -37.63 -40.26 13.40
N VAL G 76 -38.06 -41.10 14.35
CA VAL G 76 -38.91 -40.63 15.44
C VAL G 76 -38.08 -39.81 16.41
N SER G 77 -38.74 -39.18 17.38
CA SER G 77 -38.04 -38.37 18.36
C SER G 77 -37.12 -39.24 19.23
N GLY G 78 -36.08 -38.61 19.77
CA GLY G 78 -35.17 -39.28 20.66
C GLY G 78 -34.28 -40.29 19.95
N PRO G 79 -34.40 -41.56 20.35
CA PRO G 79 -33.49 -42.58 19.81
C PRO G 79 -33.65 -42.80 18.31
N GLY G 80 -34.84 -42.58 17.75
CA GLY G 80 -35.01 -42.75 16.32
C GLY G 80 -34.13 -41.81 15.52
N MET G 81 -34.12 -40.53 15.89
CA MET G 81 -33.25 -39.56 15.23
C MET G 81 -31.78 -39.85 15.50
N ILE G 82 -31.45 -40.24 16.74
CA ILE G 82 -30.07 -40.47 17.11
C ILE G 82 -29.47 -41.61 16.28
N HIS G 83 -30.26 -42.64 16.02
CA HIS G 83 -29.81 -43.71 15.13
C HIS G 83 -29.48 -43.18 13.74
N GLY G 84 -30.23 -42.18 13.27
CA GLY G 84 -30.03 -41.63 11.94
C GLY G 84 -28.80 -40.76 11.81
N VAL G 85 -28.16 -40.37 12.92
CA VAL G 85 -26.97 -39.54 12.84
C VAL G 85 -25.83 -40.27 12.15
N ALA G 86 -25.84 -41.60 12.17
CA ALA G 86 -24.78 -42.37 11.52
C ALA G 86 -24.68 -42.06 10.04
N GLY G 87 -25.82 -42.10 9.33
CA GLY G 87 -25.83 -41.73 7.93
C GLY G 87 -25.44 -40.28 7.70
N MET G 88 -25.81 -39.41 8.63
CA MET G 88 -25.37 -38.02 8.55
C MET G 88 -23.84 -37.92 8.58
N ALA G 89 -23.20 -38.69 9.45
CA ALA G 89 -21.74 -38.67 9.54
C ALA G 89 -21.10 -39.22 8.27
N ASN G 90 -21.67 -40.27 7.71
CA ASN G 90 -21.13 -40.81 6.46
C ASN G 90 -21.37 -39.86 5.30
N ALA G 91 -22.48 -39.11 5.32
CA ALA G 91 -22.70 -38.08 4.31
C ALA G 91 -21.78 -36.89 4.51
N TRP G 92 -21.41 -36.61 5.77
CA TRP G 92 -20.45 -35.54 6.04
C TRP G 92 -19.06 -35.91 5.54
N SER G 93 -18.69 -37.19 5.65
CA SER G 93 -17.35 -37.62 5.27
C SER G 93 -17.21 -37.70 3.75
N ASN G 94 -18.17 -38.31 3.08
CA ASN G 94 -18.09 -38.53 1.64
C ASN G 94 -18.57 -37.33 0.83
N CYS G 95 -18.95 -36.23 1.47
CA CYS G 95 -19.44 -35.04 0.80
C CYS G 95 -20.68 -35.36 -0.06
N TRP G 96 -21.71 -35.86 0.62
CA TRP G 96 -22.93 -36.29 -0.05
C TRP G 96 -24.14 -35.55 0.50
N PRO G 97 -25.08 -35.15 -0.36
CA PRO G 97 -26.30 -34.49 0.13
C PRO G 97 -27.21 -35.48 0.85
N MET G 98 -27.74 -35.07 2.00
CA MET G 98 -28.61 -35.93 2.78
C MET G 98 -29.35 -35.09 3.80
N ILE G 99 -30.63 -35.42 4.02
CA ILE G 99 -31.47 -34.71 4.97
C ILE G 99 -31.95 -35.70 6.02
N LEU G 100 -31.73 -35.36 7.29
CA LEU G 100 -32.28 -36.13 8.40
C LEU G 100 -33.43 -35.33 9.02
N ILE G 101 -34.63 -35.88 8.94
CA ILE G 101 -35.83 -35.26 9.50
C ILE G 101 -36.15 -36.01 10.79
N GLY G 102 -35.83 -35.39 11.92
CA GLY G 102 -36.06 -36.00 13.21
C GLY G 102 -37.27 -35.36 13.89
N GLY G 103 -38.21 -36.20 14.29
CA GLY G 103 -39.32 -35.73 15.10
C GLY G 103 -38.85 -35.28 16.46
N ALA G 104 -39.72 -34.54 17.14
CA ALA G 104 -39.42 -34.04 18.47
C ALA G 104 -40.69 -34.04 19.30
N ASN G 105 -40.50 -34.08 20.62
CA ASN G 105 -41.63 -33.97 21.53
C ASN G 105 -42.34 -32.63 21.32
N ASP G 106 -43.62 -32.61 21.70
CA ASP G 106 -44.40 -31.39 21.54
C ASP G 106 -43.75 -30.24 22.28
N SER G 107 -43.71 -29.07 21.63
CA SER G 107 -42.94 -27.95 22.15
C SER G 107 -43.48 -27.47 23.49
N TYR G 108 -44.79 -27.60 23.71
CA TYR G 108 -45.38 -27.19 24.98
C TYR G 108 -45.12 -28.17 26.10
N GLN G 109 -44.27 -29.17 25.88
CA GLN G 109 -43.88 -30.13 26.92
C GLN G 109 -42.38 -30.11 27.17
N ASN G 110 -41.64 -29.20 26.55
CA ASN G 110 -40.20 -29.11 26.80
C ASN G 110 -39.94 -28.71 28.24
N GLY G 111 -38.92 -29.33 28.84
CA GLY G 111 -38.61 -29.10 30.23
C GLY G 111 -39.39 -29.96 31.20
N GLN G 112 -40.35 -30.74 30.73
CA GLN G 112 -41.17 -31.59 31.58
C GLN G 112 -40.73 -33.04 31.58
N GLY G 113 -39.63 -33.37 30.91
CA GLY G 113 -39.25 -34.75 30.73
C GLY G 113 -40.20 -35.44 29.76
N ALA G 114 -40.41 -34.79 28.61
CA ALA G 114 -41.37 -35.29 27.64
C ALA G 114 -40.87 -36.58 27.00
N PHE G 115 -41.78 -37.25 26.29
CA PHE G 115 -41.46 -38.52 25.67
C PHE G 115 -40.39 -38.35 24.60
N GLN G 116 -39.24 -38.97 24.81
CA GLN G 116 -38.12 -38.95 23.86
C GLN G 116 -37.61 -37.53 23.63
N GLU G 117 -37.58 -36.73 24.70
CA GLU G 117 -36.98 -35.41 24.64
C GLU G 117 -35.47 -35.54 24.74
N ALA G 118 -34.77 -35.05 23.72
CA ALA G 118 -33.33 -35.23 23.63
C ALA G 118 -32.71 -34.01 22.96
N PRO G 119 -31.45 -33.70 23.26
CA PRO G 119 -30.78 -32.59 22.56
C PRO G 119 -30.42 -32.96 21.13
N GLN G 120 -31.44 -33.08 20.28
CA GLN G 120 -31.25 -33.63 18.95
C GLN G 120 -30.41 -32.70 18.07
N ILE G 121 -30.58 -31.39 18.24
CA ILE G 121 -29.77 -30.44 17.48
C ILE G 121 -28.29 -30.63 17.79
N GLU G 122 -27.96 -30.81 19.07
CA GLU G 122 -26.56 -30.96 19.46
C GLU G 122 -25.96 -32.26 18.92
N ALA G 123 -26.74 -33.35 18.93
CA ALA G 123 -26.22 -34.61 18.42
C ALA G 123 -25.96 -34.56 16.92
N ALA G 124 -26.73 -33.75 16.19
CA ALA G 124 -26.54 -33.65 14.75
C ALA G 124 -25.48 -32.63 14.38
N ARG G 125 -25.27 -31.61 15.21
CA ARG G 125 -24.38 -30.50 14.88
C ARG G 125 -23.00 -30.89 14.39
N PRO G 126 -22.28 -31.84 14.99
CA PRO G 126 -20.91 -32.11 14.55
C PRO G 126 -20.79 -32.58 13.11
N PHE G 127 -21.86 -33.16 12.53
CA PHE G 127 -21.80 -33.69 11.17
C PHE G 127 -22.75 -32.97 10.22
N ALA G 128 -23.33 -31.85 10.64
CA ALA G 128 -24.37 -31.17 9.86
C ALA G 128 -23.86 -29.84 9.34
N LYS G 129 -24.11 -29.58 8.06
CA LYS G 129 -23.89 -28.26 7.49
C LYS G 129 -24.99 -27.27 7.89
N TYR G 130 -26.10 -27.76 8.41
CA TYR G 130 -27.27 -26.93 8.67
C TYR G 130 -28.23 -27.64 9.61
N CYS G 131 -28.48 -27.04 10.77
CA CYS G 131 -29.49 -27.51 11.72
C CYS G 131 -30.53 -26.42 11.90
N ALA G 132 -31.80 -26.83 11.94
CA ALA G 132 -32.87 -25.85 12.04
C ALA G 132 -34.10 -26.49 12.66
N ARG G 133 -34.71 -25.77 13.59
CA ARG G 133 -36.02 -26.14 14.13
C ARG G 133 -37.04 -25.13 13.62
N PRO G 134 -37.92 -25.50 12.69
CA PRO G 134 -38.89 -24.54 12.15
C PRO G 134 -39.74 -23.93 13.25
N ASP G 135 -39.91 -22.61 13.20
CA ASP G 135 -40.61 -21.90 14.26
C ASP G 135 -42.12 -21.95 14.10
N SER G 136 -42.62 -22.05 12.87
CA SER G 136 -44.05 -21.98 12.63
C SER G 136 -44.40 -22.84 11.42
N LEU G 137 -45.70 -23.15 11.31
CA LEU G 137 -46.18 -23.94 10.19
C LEU G 137 -45.98 -23.21 8.87
N ALA G 138 -46.38 -21.93 8.82
CA ALA G 138 -46.35 -21.17 7.58
C ALA G 138 -44.95 -21.05 6.99
N ARG G 139 -43.91 -21.14 7.81
CA ARG G 139 -42.54 -21.02 7.33
C ARG G 139 -41.87 -22.38 7.12
N LEU G 140 -42.64 -23.47 7.25
CA LEU G 140 -42.07 -24.79 6.98
C LEU G 140 -41.48 -24.93 5.58
N PRO G 141 -42.10 -24.45 4.50
CA PRO G 141 -41.44 -24.53 3.19
C PRO G 141 -40.16 -23.72 3.11
N PHE G 142 -40.05 -22.65 3.90
CA PHE G 142 -38.82 -21.87 3.91
C PHE G 142 -37.65 -22.71 4.41
N TYR G 143 -37.85 -23.44 5.51
CA TYR G 143 -36.77 -24.25 6.06
C TYR G 143 -36.45 -25.44 5.16
N VAL G 144 -37.45 -25.98 4.47
CA VAL G 144 -37.22 -27.13 3.60
C VAL G 144 -36.36 -26.73 2.40
N GLU G 145 -36.69 -25.60 1.77
CA GLU G 145 -35.89 -25.13 0.65
C GLU G 145 -34.46 -24.81 1.09
N GLN G 146 -34.32 -24.16 2.24
CA GLN G 146 -32.99 -23.83 2.75
C GLN G 146 -32.21 -25.07 3.14
N ALA G 147 -32.91 -26.13 3.57
CA ALA G 147 -32.22 -27.38 3.93
C ALA G 147 -31.72 -28.10 2.69
N VAL G 148 -32.59 -28.24 1.68
CA VAL G 148 -32.20 -28.92 0.45
C VAL G 148 -31.05 -28.19 -0.23
N ARG G 149 -31.18 -26.86 -0.34
CA ARG G 149 -30.18 -26.08 -1.06
C ARG G 149 -28.83 -26.11 -0.36
N THR G 150 -28.83 -26.05 0.98
CA THR G 150 -27.56 -26.09 1.70
C THR G 150 -26.87 -27.45 1.55
N SER G 151 -27.65 -28.52 1.38
CA SER G 151 -27.05 -29.85 1.26
C SER G 151 -26.38 -30.06 -0.09
N ILE G 152 -26.78 -29.33 -1.13
CA ILE G 152 -26.24 -29.54 -2.47
C ILE G 152 -25.37 -28.39 -2.95
N TYR G 153 -25.53 -27.18 -2.42
CA TYR G 153 -24.71 -26.07 -2.87
C TYR G 153 -23.33 -26.12 -2.20
N GLY G 154 -22.32 -25.68 -2.95
CA GLY G 154 -20.96 -25.76 -2.45
C GLY G 154 -20.52 -27.21 -2.28
N ARG G 155 -19.73 -27.45 -1.25
CA ARG G 155 -19.36 -28.81 -0.90
C ARG G 155 -20.56 -29.52 -0.31
N PRO G 156 -21.08 -30.57 -0.96
CA PRO G 156 -22.31 -31.21 -0.46
C PRO G 156 -22.12 -31.80 0.93
N GLY G 157 -23.21 -31.83 1.69
CA GLY G 157 -23.18 -32.35 3.03
C GLY G 157 -24.56 -32.70 3.52
N ALA G 158 -24.65 -32.98 4.82
CA ALA G 158 -25.89 -33.39 5.45
C ALA G 158 -26.48 -32.26 6.28
N VAL G 159 -27.81 -32.19 6.30
CA VAL G 159 -28.54 -31.20 7.09
C VAL G 159 -29.56 -31.92 7.96
N TYR G 160 -30.06 -31.20 8.96
CA TYR G 160 -30.99 -31.76 9.91
C TYR G 160 -32.16 -30.81 10.15
N LEU G 161 -33.36 -31.38 10.25
CA LEU G 161 -34.58 -30.63 10.56
C LEU G 161 -35.22 -31.21 11.80
N ASP G 162 -35.46 -30.37 12.80
CA ASP G 162 -36.02 -30.78 14.08
C ASP G 162 -37.49 -30.39 14.10
N LEU G 163 -38.37 -31.37 13.89
CA LEU G 163 -39.80 -31.12 13.79
C LEU G 163 -40.52 -31.54 15.06
N PRO G 164 -40.99 -30.60 15.87
CA PRO G 164 -41.82 -30.98 17.03
C PRO G 164 -43.16 -31.56 16.59
N GLY G 165 -43.76 -32.33 17.50
CA GLY G 165 -45.01 -33.00 17.18
C GLY G 165 -46.15 -32.02 16.91
N ASP G 166 -46.17 -30.90 17.65
CA ASP G 166 -47.25 -29.93 17.48
C ASP G 166 -47.18 -29.22 16.13
N ILE G 167 -45.97 -29.10 15.56
CA ILE G 167 -45.84 -28.49 14.24
C ILE G 167 -46.07 -29.51 13.13
N ILE G 168 -46.01 -30.81 13.43
CA ILE G 168 -46.34 -31.82 12.44
C ILE G 168 -47.85 -32.00 12.32
N THR G 169 -48.55 -32.00 13.46
CA THR G 169 -49.98 -32.24 13.48
C THR G 169 -50.81 -30.95 13.42
N GLY G 170 -50.20 -29.79 13.65
CA GLY G 170 -50.92 -28.55 13.51
C GLY G 170 -51.39 -28.31 12.10
N ALA G 171 -52.38 -27.43 11.96
CA ALA G 171 -52.99 -27.17 10.67
C ALA G 171 -53.32 -25.69 10.53
N MET G 172 -53.32 -25.22 9.28
CA MET G 172 -53.75 -23.88 8.94
C MET G 172 -54.15 -23.88 7.46
N GLU G 173 -54.63 -22.73 6.99
CA GLU G 173 -55.16 -22.64 5.63
C GLU G 173 -54.07 -22.89 4.60
N GLU G 174 -54.42 -23.68 3.58
CA GLU G 174 -53.43 -24.08 2.58
C GLU G 174 -53.01 -22.90 1.70
N GLU G 175 -53.97 -22.03 1.36
CA GLU G 175 -53.64 -20.89 0.52
C GLU G 175 -52.78 -19.86 1.24
N ASP G 176 -52.82 -19.83 2.57
CA ASP G 176 -51.98 -18.93 3.35
C ASP G 176 -50.55 -19.45 3.50
N VAL G 177 -50.20 -20.55 2.85
CA VAL G 177 -48.86 -21.11 2.87
C VAL G 177 -48.15 -20.72 1.58
N HIS G 178 -46.91 -20.25 1.70
CA HIS G 178 -46.09 -19.90 0.55
C HIS G 178 -45.08 -21.01 0.31
N PHE G 179 -45.15 -21.63 -0.88
CA PHE G 179 -44.17 -22.64 -1.28
C PHE G 179 -43.16 -22.00 -2.20
N PRO G 180 -41.90 -21.89 -1.82
CA PRO G 180 -40.89 -21.31 -2.70
C PRO G 180 -40.65 -22.21 -3.89
N PRO G 181 -40.12 -21.66 -4.99
CA PRO G 181 -39.83 -22.50 -6.15
C PRO G 181 -38.72 -23.49 -5.86
N ARG G 182 -38.66 -24.52 -6.69
CA ARG G 182 -37.58 -25.50 -6.62
C ARG G 182 -36.23 -24.81 -6.73
N CYS G 183 -35.38 -25.00 -5.74
CA CYS G 183 -34.07 -24.37 -5.78
C CYS G 183 -33.27 -24.92 -6.96
N PRO G 184 -32.59 -24.05 -7.72
CA PRO G 184 -31.86 -24.52 -8.90
C PRO G 184 -30.79 -25.54 -8.53
N ASP G 185 -30.31 -26.24 -9.56
CA ASP G 185 -29.24 -27.21 -9.36
C ASP G 185 -27.97 -26.51 -8.89
N ALA G 186 -26.99 -27.32 -8.48
CA ALA G 186 -25.78 -26.78 -7.89
C ALA G 186 -25.05 -25.89 -8.90
N PRO G 187 -24.72 -24.65 -8.52
CA PRO G 187 -24.01 -23.77 -9.45
C PRO G 187 -22.57 -24.24 -9.65
N ARG G 188 -22.15 -24.28 -10.91
CA ARG G 188 -20.81 -24.74 -11.27
C ARG G 188 -19.88 -23.53 -11.36
N MET G 189 -18.80 -23.55 -10.59
CA MET G 189 -17.81 -22.48 -10.65
C MET G 189 -16.69 -22.87 -11.60
N MET G 190 -16.01 -21.85 -12.12
CA MET G 190 -14.90 -22.05 -13.04
C MET G 190 -13.62 -21.45 -12.46
N ALA G 191 -12.49 -21.88 -13.00
CA ALA G 191 -11.18 -21.43 -12.60
C ALA G 191 -10.71 -20.29 -13.50
N PRO G 192 -9.81 -19.44 -13.01
CA PRO G 192 -9.25 -18.40 -13.87
C PRO G 192 -8.53 -18.99 -15.07
N GLN G 193 -8.52 -18.24 -16.17
CA GLN G 193 -7.85 -18.71 -17.37
C GLN G 193 -6.36 -18.88 -17.15
N GLU G 194 -5.78 -18.06 -16.26
CA GLU G 194 -4.37 -18.22 -15.91
C GLU G 194 -4.11 -19.55 -15.21
N SER G 195 -4.98 -19.91 -14.26
CA SER G 195 -4.82 -21.18 -13.55
C SER G 195 -5.01 -22.37 -14.48
N ILE G 196 -5.93 -22.25 -15.44
CA ILE G 196 -6.12 -23.32 -16.42
C ILE G 196 -4.88 -23.46 -17.29
N ASP G 197 -4.35 -22.34 -17.78
CA ASP G 197 -3.16 -22.39 -18.63
C ASP G 197 -1.93 -22.82 -17.83
N ALA G 198 -1.86 -22.48 -16.54
CA ALA G 198 -0.77 -22.96 -15.71
C ALA G 198 -0.92 -24.43 -15.37
N ALA G 199 -2.14 -24.94 -15.33
CA ALA G 199 -2.35 -26.36 -15.12
C ALA G 199 -1.90 -27.17 -16.33
N MET G 200 -2.21 -26.70 -17.54
CA MET G 200 -1.72 -27.36 -18.74
C MET G 200 -0.21 -27.22 -18.86
N ALA G 201 0.34 -26.06 -18.50
CA ALA G 201 1.78 -25.86 -18.59
C ALA G 201 2.54 -26.81 -17.67
N ALA G 202 1.99 -27.09 -16.48
CA ALA G 202 2.64 -28.03 -15.58
C ALA G 202 2.52 -29.46 -16.08
N LEU G 203 1.40 -29.81 -16.72
CA LEU G 203 1.24 -31.16 -17.24
C LEU G 203 2.20 -31.44 -18.39
N LYS G 204 2.42 -30.45 -19.27
CA LYS G 204 3.30 -30.65 -20.41
C LYS G 204 4.75 -30.84 -19.97
N SER G 205 5.21 -30.07 -18.99
CA SER G 205 6.59 -30.16 -18.53
C SER G 205 6.86 -31.41 -17.71
N ALA G 206 5.82 -32.14 -17.32
CA ALA G 206 6.00 -33.30 -16.45
C ALA G 206 6.75 -34.42 -17.19
N GLU G 207 7.80 -34.93 -16.55
CA GLU G 207 8.50 -36.09 -17.10
C GLU G 207 7.70 -37.37 -16.86
N ARG G 208 7.04 -37.48 -15.71
CA ARG G 208 6.30 -38.67 -15.31
C ARG G 208 4.94 -38.26 -14.76
N PRO G 209 4.03 -37.82 -15.61
CA PRO G 209 2.74 -37.32 -15.14
C PRO G 209 1.80 -38.45 -14.76
N LEU G 210 0.86 -38.11 -13.87
CA LEU G 210 -0.15 -39.04 -13.41
C LEU G 210 -1.44 -38.29 -13.16
N VAL G 211 -2.56 -38.93 -13.46
CA VAL G 211 -3.90 -38.35 -13.29
C VAL G 211 -4.66 -39.20 -12.28
N ILE G 212 -5.38 -38.53 -11.38
CA ILE G 212 -6.18 -39.21 -10.36
C ILE G 212 -7.63 -38.75 -10.52
N VAL G 213 -8.51 -39.70 -10.84
CA VAL G 213 -9.94 -39.45 -10.97
C VAL G 213 -10.63 -40.08 -9.77
N GLY G 214 -11.30 -39.26 -8.97
CA GLY G 214 -11.91 -39.70 -7.73
C GLY G 214 -13.42 -39.66 -7.74
N LYS G 215 -13.98 -39.99 -6.57
CA LYS G 215 -15.43 -39.99 -6.40
C LYS G 215 -16.03 -38.61 -6.63
N GLY G 216 -15.30 -37.54 -6.28
CA GLY G 216 -15.81 -36.21 -6.47
C GLY G 216 -16.04 -35.85 -7.92
N ALA G 217 -15.29 -36.47 -8.83
CA ALA G 217 -15.53 -36.25 -10.26
C ALA G 217 -16.81 -36.92 -10.70
N ALA G 218 -17.10 -38.11 -10.15
CA ALA G 218 -18.32 -38.83 -10.53
C ALA G 218 -19.57 -38.10 -10.04
N TYR G 219 -19.49 -37.44 -8.88
CA TYR G 219 -20.64 -36.69 -8.39
C TYR G 219 -20.94 -35.50 -9.28
N SER G 220 -19.90 -34.78 -9.71
CA SER G 220 -20.08 -33.66 -10.62
C SER G 220 -20.63 -34.08 -11.98
N ARG G 221 -20.62 -35.39 -12.27
CA ARG G 221 -21.14 -35.93 -13.51
C ARG G 221 -20.42 -35.34 -14.72
N ALA G 222 -19.09 -35.49 -14.70
CA ALA G 222 -18.20 -35.03 -15.76
C ALA G 222 -17.53 -36.19 -16.46
N GLU G 223 -18.26 -37.30 -16.62
CA GLU G 223 -17.67 -38.50 -17.22
C GLU G 223 -17.24 -38.25 -18.66
N ASN G 224 -18.09 -37.58 -19.44
CA ASN G 224 -17.75 -37.31 -20.84
C ASN G 224 -16.56 -36.36 -20.95
N GLU G 225 -16.41 -35.43 -20.00
CA GLU G 225 -15.33 -34.46 -20.06
C GLU G 225 -13.99 -35.08 -19.68
N VAL G 226 -14.00 -36.02 -18.72
CA VAL G 226 -12.77 -36.74 -18.41
C VAL G 226 -12.40 -37.68 -19.55
N ARG G 227 -13.41 -38.29 -20.19
CA ARG G 227 -13.15 -39.11 -21.36
C ARG G 227 -12.49 -38.30 -22.47
N GLU G 228 -12.95 -37.06 -22.66
CA GLU G 228 -12.39 -36.23 -23.72
C GLU G 228 -11.02 -35.69 -23.34
N PHE G 229 -10.81 -35.38 -22.06
CA PHE G 229 -9.53 -34.79 -21.64
C PHE G 229 -8.42 -35.82 -21.68
N LEU G 230 -8.66 -37.02 -21.14
CA LEU G 230 -7.60 -38.02 -21.06
C LEU G 230 -7.30 -38.63 -22.43
N GLU G 231 -8.33 -38.86 -23.23
CA GLU G 231 -8.11 -39.45 -24.55
C GLU G 231 -7.44 -38.46 -25.50
N THR G 232 -7.64 -37.16 -25.28
CA THR G 232 -6.95 -36.17 -26.10
C THR G 232 -5.49 -36.01 -25.70
N THR G 233 -5.17 -36.27 -24.44
CA THR G 233 -3.80 -36.12 -23.94
C THR G 233 -3.07 -37.45 -23.78
N GLN G 234 -3.79 -38.57 -23.75
CA GLN G 234 -3.20 -39.90 -23.57
C GLN G 234 -2.39 -39.98 -22.27
N LEU G 235 -2.87 -39.27 -21.25
CA LEU G 235 -2.21 -39.28 -19.95
C LEU G 235 -2.57 -40.55 -19.19
N PRO G 236 -1.62 -41.15 -18.47
CA PRO G 236 -1.96 -42.28 -17.59
C PRO G 236 -2.74 -41.80 -16.38
N TYR G 237 -3.81 -42.51 -16.06
CA TYR G 237 -4.70 -42.11 -14.98
C TYR G 237 -4.89 -43.26 -13.99
N LEU G 238 -5.27 -42.90 -12.78
CA LEU G 238 -5.60 -43.84 -11.71
C LEU G 238 -6.96 -43.48 -11.14
N ALA G 239 -7.79 -44.49 -10.88
CA ALA G 239 -9.13 -44.30 -10.36
C ALA G 239 -9.19 -44.70 -8.90
N SER G 240 -9.96 -43.94 -8.12
CA SER G 240 -10.19 -44.25 -6.72
C SER G 240 -11.21 -45.37 -6.60
N PRO G 241 -11.39 -45.95 -5.41
CA PRO G 241 -12.39 -47.02 -5.24
C PRO G 241 -13.75 -46.71 -5.84
N MET G 242 -14.25 -45.48 -5.72
CA MET G 242 -15.53 -45.10 -6.29
C MET G 242 -15.41 -44.17 -7.48
N GLY G 243 -14.20 -43.79 -7.87
CA GLY G 243 -14.00 -43.07 -9.12
C GLY G 243 -14.04 -43.94 -10.35
N LYS G 244 -14.09 -45.27 -10.17
CA LYS G 244 -14.17 -46.18 -11.29
C LYS G 244 -15.48 -45.98 -12.04
N GLY G 245 -15.40 -46.03 -13.38
CA GLY G 245 -16.54 -45.83 -14.24
C GLY G 245 -16.51 -44.52 -15.00
N VAL G 246 -15.98 -43.47 -14.39
CA VAL G 246 -15.79 -42.20 -15.10
C VAL G 246 -15.00 -42.44 -16.37
N MET G 247 -13.79 -42.95 -16.23
CA MET G 247 -13.10 -43.61 -17.33
C MET G 247 -13.31 -45.11 -17.21
N PRO G 248 -13.75 -45.78 -18.27
CA PRO G 248 -13.99 -47.22 -18.17
C PRO G 248 -12.75 -47.97 -17.69
N ASP G 249 -12.97 -48.90 -16.76
CA ASP G 249 -11.86 -49.58 -16.11
C ASP G 249 -11.02 -50.41 -17.07
N ASP G 250 -11.47 -50.64 -18.30
CA ASP G 250 -10.69 -51.35 -19.29
C ASP G 250 -9.94 -50.41 -20.23
N HIS G 251 -9.96 -49.11 -19.95
CA HIS G 251 -9.28 -48.15 -20.83
C HIS G 251 -7.76 -48.37 -20.75
N PRO G 252 -7.06 -48.27 -21.88
CA PRO G 252 -5.62 -48.53 -21.87
C PRO G 252 -4.82 -47.56 -21.01
N LEU G 253 -5.31 -46.33 -20.83
CA LEU G 253 -4.58 -45.34 -20.05
C LEU G 253 -4.57 -45.66 -18.56
N SER G 254 -5.40 -46.58 -18.09
CA SER G 254 -5.42 -46.93 -16.67
C SER G 254 -4.14 -47.67 -16.28
N ILE G 255 -3.67 -47.39 -15.07
CA ILE G 255 -2.47 -48.02 -14.54
C ILE G 255 -2.77 -48.59 -13.15
N ALA G 256 -4.00 -49.06 -12.96
CA ALA G 256 -4.41 -49.52 -11.64
C ALA G 256 -3.57 -50.66 -11.08
N PRO G 257 -3.20 -51.71 -11.83
CA PRO G 257 -2.34 -52.74 -11.24
C PRO G 257 -0.97 -52.24 -10.84
N ALA G 258 -0.48 -51.16 -11.47
CA ALA G 258 0.78 -50.52 -11.09
C ALA G 258 0.54 -49.27 -10.26
N ARG G 259 -0.43 -49.32 -9.35
CA ARG G 259 -0.80 -48.13 -8.58
C ARG G 259 0.33 -47.67 -7.66
N SER G 260 0.99 -48.61 -6.99
CA SER G 260 2.05 -48.24 -6.05
C SER G 260 3.23 -47.60 -6.77
N ALA G 261 3.58 -48.12 -7.95
CA ALA G 261 4.70 -47.55 -8.70
C ALA G 261 4.36 -46.19 -9.28
N ALA G 262 3.08 -45.94 -9.59
CA ALA G 262 2.69 -44.65 -10.15
C ALA G 262 2.66 -43.56 -9.10
N LEU G 263 2.06 -43.85 -7.94
CA LEU G 263 2.01 -42.86 -6.86
C LEU G 263 3.39 -42.50 -6.35
N LEU G 264 4.37 -43.38 -6.51
CA LEU G 264 5.72 -43.12 -6.04
C LEU G 264 6.58 -42.39 -7.07
N GLY G 265 6.37 -42.66 -8.35
CA GLY G 265 7.22 -42.10 -9.38
C GLY G 265 6.67 -40.86 -10.07
N ALA G 266 5.41 -40.52 -9.78
CA ALA G 266 4.79 -39.37 -10.42
C ALA G 266 5.43 -38.07 -9.92
N ASP G 267 5.70 -37.15 -10.85
CA ASP G 267 6.22 -35.85 -10.50
C ASP G 267 5.18 -34.74 -10.61
N VAL G 268 4.12 -34.95 -11.40
CA VAL G 268 3.01 -34.01 -11.51
C VAL G 268 1.71 -34.81 -11.46
N ILE G 269 0.84 -34.46 -10.53
CA ILE G 269 -0.42 -35.17 -10.31
C ILE G 269 -1.57 -34.21 -10.51
N LEU G 270 -2.62 -34.68 -11.17
CA LEU G 270 -3.86 -33.93 -11.36
C LEU G 270 -4.96 -34.60 -10.55
N LEU G 271 -5.43 -33.91 -9.52
CA LEU G 271 -6.52 -34.41 -8.67
C LEU G 271 -7.84 -33.93 -9.23
N MET G 272 -8.69 -34.87 -9.64
CA MET G 272 -10.02 -34.57 -10.19
C MET G 272 -11.06 -35.12 -9.21
N GLY G 273 -11.45 -34.30 -8.26
CA GLY G 273 -12.42 -34.71 -7.25
C GLY G 273 -11.90 -35.80 -6.34
N ALA G 274 -10.66 -35.70 -5.89
CA ALA G 274 -10.06 -36.69 -5.01
C ALA G 274 -9.22 -35.98 -3.96
N ARG G 275 -9.47 -36.30 -2.69
CA ARG G 275 -8.73 -35.70 -1.60
C ARG G 275 -7.42 -36.44 -1.36
N LEU G 276 -6.40 -35.70 -0.93
CA LEU G 276 -5.13 -36.28 -0.51
C LEU G 276 -5.22 -36.72 0.96
N ASN G 277 -6.10 -37.67 1.20
CA ASN G 277 -6.37 -38.15 2.55
C ASN G 277 -5.70 -39.50 2.80
N TRP G 278 -6.30 -40.31 3.69
CA TRP G 278 -5.71 -41.60 4.02
C TRP G 278 -5.71 -42.55 2.82
N MET G 279 -6.72 -42.46 1.96
CA MET G 279 -6.76 -43.31 0.77
C MET G 279 -5.55 -43.07 -0.12
N MET G 280 -5.13 -41.82 -0.24
CA MET G 280 -3.96 -41.46 -1.03
C MET G 280 -2.69 -41.35 -0.18
N HIS G 281 -2.73 -41.88 1.04
CA HIS G 281 -1.57 -41.88 1.95
C HIS G 281 -1.08 -40.46 2.23
N PHE G 282 -2.00 -39.50 2.22
CA PHE G 282 -1.74 -38.08 2.47
C PHE G 282 -0.79 -37.46 1.45
N GLY G 283 -0.52 -38.15 0.35
CA GLY G 283 0.43 -37.65 -0.63
C GLY G 283 1.85 -37.55 -0.12
N HIS G 284 2.18 -38.25 0.96
CA HIS G 284 3.46 -38.15 1.63
C HIS G 284 4.36 -39.31 1.27
N PRO G 285 5.67 -39.14 1.42
CA PRO G 285 6.58 -40.29 1.34
C PRO G 285 6.27 -41.28 2.46
N PRO G 286 6.73 -42.54 2.33
CA PRO G 286 7.55 -43.11 1.27
C PRO G 286 6.75 -43.54 0.05
N ARG G 287 5.48 -43.15 -0.04
CA ARG G 287 4.62 -43.55 -1.15
C ARG G 287 4.50 -42.48 -2.21
N PHE G 288 5.15 -41.33 -2.04
CA PHE G 288 5.07 -40.24 -2.99
C PHE G 288 6.45 -39.58 -3.12
N ASP G 289 6.66 -38.93 -4.26
CA ASP G 289 7.87 -38.16 -4.47
C ASP G 289 7.88 -36.98 -3.51
N PRO G 290 8.96 -36.78 -2.72
CA PRO G 290 8.98 -35.65 -1.79
C PRO G 290 8.75 -34.30 -2.43
N LYS G 291 9.25 -34.09 -3.65
CA LYS G 291 9.04 -32.82 -4.35
C LYS G 291 8.04 -32.98 -5.48
N VAL G 292 6.91 -33.63 -5.20
CA VAL G 292 5.87 -33.83 -6.22
C VAL G 292 5.05 -32.56 -6.36
N ARG G 293 4.60 -32.29 -7.59
CA ARG G 293 3.79 -31.13 -7.90
C ARG G 293 2.34 -31.55 -8.08
N VAL G 294 1.42 -30.80 -7.48
CA VAL G 294 0.02 -31.20 -7.38
C VAL G 294 -0.84 -30.14 -8.05
N ILE G 295 -1.64 -30.56 -9.03
CA ILE G 295 -2.69 -29.75 -9.60
C ILE G 295 -4.00 -30.27 -9.02
N GLN G 296 -4.69 -29.43 -8.24
CA GLN G 296 -5.86 -29.84 -7.49
C GLN G 296 -7.12 -29.23 -8.09
N MET G 297 -8.16 -30.04 -8.20
CA MET G 297 -9.46 -29.61 -8.71
C MET G 297 -10.52 -30.08 -7.71
N ASP G 298 -11.13 -29.14 -7.00
CA ASP G 298 -12.06 -29.49 -5.94
C ASP G 298 -13.07 -28.36 -5.77
N ILE G 299 -14.29 -28.74 -5.37
CA ILE G 299 -15.35 -27.77 -5.17
C ILE G 299 -15.12 -26.95 -3.91
N SER G 300 -14.32 -27.45 -2.97
CA SER G 300 -14.08 -26.79 -1.70
C SER G 300 -12.72 -26.07 -1.75
N ALA G 301 -12.74 -24.76 -1.47
CA ALA G 301 -11.51 -24.00 -1.45
C ALA G 301 -10.65 -24.36 -0.24
N GLU G 302 -11.27 -24.71 0.89
CA GLU G 302 -10.52 -25.04 2.09
C GLU G 302 -9.73 -26.34 1.93
N GLU G 303 -10.11 -27.21 0.99
CA GLU G 303 -9.38 -28.45 0.78
C GLU G 303 -8.07 -28.24 0.02
N ILE G 304 -7.92 -27.10 -0.66
CA ILE G 304 -6.73 -26.87 -1.47
C ILE G 304 -5.50 -26.75 -0.58
N GLY G 305 -4.46 -27.50 -0.93
CA GLY G 305 -3.21 -27.43 -0.19
C GLY G 305 -3.19 -28.20 1.10
N THR G 306 -3.95 -29.30 1.19
CA THR G 306 -3.96 -30.13 2.38
C THR G 306 -2.85 -31.18 2.29
N ASN G 307 -2.09 -31.31 3.38
CA ASN G 307 -1.01 -32.29 3.51
C ASN G 307 0.16 -32.00 2.58
N VAL G 308 -0.12 -31.74 1.31
CA VAL G 308 0.92 -31.44 0.33
C VAL G 308 0.61 -30.10 -0.32
N PRO G 309 1.59 -29.22 -0.49
CA PRO G 309 1.32 -27.95 -1.18
C PRO G 309 0.78 -28.15 -2.58
N THR G 310 -0.09 -27.24 -3.01
CA THR G 310 -0.72 -27.28 -4.32
C THR G 310 -0.10 -26.19 -5.19
N GLU G 311 0.51 -26.59 -6.30
CA GLU G 311 1.12 -25.62 -7.20
C GLU G 311 0.07 -24.87 -8.03
N VAL G 312 -0.90 -25.59 -8.57
CA VAL G 312 -1.96 -25.01 -9.39
C VAL G 312 -3.29 -25.37 -8.76
N ALA G 313 -4.00 -24.37 -8.27
CA ALA G 313 -5.30 -24.55 -7.62
C ALA G 313 -6.41 -24.31 -8.63
N LEU G 314 -7.32 -25.27 -8.75
CA LEU G 314 -8.47 -25.18 -9.67
C LEU G 314 -9.74 -25.42 -8.85
N VAL G 315 -10.14 -24.40 -8.10
CA VAL G 315 -11.35 -24.49 -7.27
C VAL G 315 -12.58 -24.35 -8.16
N GLY G 316 -13.61 -25.12 -7.85
CA GLY G 316 -14.86 -25.06 -8.59
C GLY G 316 -15.33 -26.45 -8.96
N ASP G 317 -16.28 -26.49 -9.87
CA ASP G 317 -16.91 -27.74 -10.28
C ASP G 317 -16.02 -28.52 -11.25
N ALA G 318 -16.10 -29.85 -11.15
CA ALA G 318 -15.24 -30.70 -11.98
C ALA G 318 -15.65 -30.64 -13.45
N LYS G 319 -16.95 -30.55 -13.72
CA LYS G 319 -17.40 -30.50 -15.11
C LYS G 319 -17.07 -29.16 -15.76
N ALA G 320 -17.20 -28.06 -15.00
CA ALA G 320 -16.91 -26.75 -15.56
C ALA G 320 -15.42 -26.55 -15.79
N ILE G 321 -14.58 -27.10 -14.92
CA ILE G 321 -13.14 -26.90 -15.05
C ILE G 321 -12.56 -27.85 -16.09
N THR G 322 -13.07 -29.08 -16.16
CA THR G 322 -12.60 -30.00 -17.18
C THR G 322 -12.96 -29.51 -18.59
N THR G 323 -14.12 -28.86 -18.73
CA THR G 323 -14.45 -28.22 -19.99
C THR G 323 -13.49 -27.09 -20.32
N GLN G 324 -13.02 -26.37 -19.29
CA GLN G 324 -11.97 -25.37 -19.51
C GLN G 324 -10.67 -26.02 -19.98
N LEU G 325 -10.37 -27.21 -19.46
CA LEU G 325 -9.19 -27.93 -19.91
C LEU G 325 -9.35 -28.37 -21.37
N ASN G 326 -10.53 -28.86 -21.74
CA ASN G 326 -10.79 -29.22 -23.13
C ASN G 326 -10.79 -28.00 -24.04
N ALA G 327 -11.07 -26.81 -23.50
CA ALA G 327 -10.98 -25.59 -24.31
C ALA G 327 -9.53 -25.26 -24.62
N SER G 328 -8.65 -25.33 -23.61
CA SER G 328 -7.23 -25.12 -23.86
C SER G 328 -6.64 -26.21 -24.76
N LEU G 329 -7.22 -27.41 -24.72
CA LEU G 329 -6.74 -28.49 -25.57
C LEU G 329 -7.09 -28.23 -27.03
N LYS G 330 -8.28 -27.69 -27.30
CA LYS G 330 -8.67 -27.44 -28.68
C LYS G 330 -7.94 -26.24 -29.25
N GLN G 331 -7.69 -25.22 -28.43
CA GLN G 331 -6.96 -24.05 -28.90
C GLN G 331 -5.47 -24.36 -29.04
N GLN G 332 -4.93 -25.17 -28.14
CA GLN G 332 -3.53 -25.57 -28.18
C GLN G 332 -3.47 -27.09 -28.06
N PRO G 333 -3.49 -27.80 -29.19
CA PRO G 333 -3.48 -29.28 -29.13
C PRO G 333 -2.17 -29.82 -28.58
N TRP G 334 -2.29 -30.64 -27.55
CA TRP G 334 -1.12 -31.26 -26.92
C TRP G 334 -1.50 -32.67 -26.47
N GLN G 335 -0.51 -33.56 -26.49
CA GLN G 335 -0.71 -34.94 -26.08
C GLN G 335 0.58 -35.47 -25.46
N TYR G 336 0.47 -36.09 -24.29
CA TYR G 336 1.61 -36.76 -23.71
C TYR G 336 2.07 -37.88 -24.64
N PRO G 337 3.36 -37.98 -24.94
CA PRO G 337 3.83 -38.93 -25.96
C PRO G 337 3.34 -40.35 -25.69
N SER G 338 3.01 -41.06 -26.78
CA SER G 338 2.43 -42.39 -26.67
C SER G 338 3.42 -43.39 -26.07
N GLU G 339 4.71 -43.23 -26.34
CA GLU G 339 5.74 -44.15 -25.86
C GLU G 339 6.83 -43.36 -25.17
N THR G 340 6.91 -43.46 -23.85
CA THR G 340 7.96 -42.83 -23.05
C THR G 340 8.50 -43.84 -22.05
N THR G 341 9.54 -43.42 -21.32
CA THR G 341 10.09 -44.27 -20.27
C THR G 341 9.12 -44.43 -19.12
N TRP G 342 8.34 -43.39 -18.82
CA TRP G 342 7.31 -43.50 -17.78
C TRP G 342 6.19 -44.43 -18.22
N TRP G 343 5.92 -44.52 -19.52
CA TRP G 343 4.92 -45.45 -20.01
C TRP G 343 5.43 -46.89 -19.95
N THR G 344 6.65 -47.12 -20.45
CA THR G 344 7.17 -48.48 -20.52
C THR G 344 7.45 -49.04 -19.12
N GLY G 345 7.89 -48.20 -18.19
CA GLY G 345 8.12 -48.66 -16.83
C GLY G 345 6.83 -49.12 -16.16
N LEU G 346 5.77 -48.32 -16.29
CA LEU G 346 4.49 -48.72 -15.74
C LEU G 346 3.90 -49.91 -16.49
N ARG G 347 4.06 -49.94 -17.82
CA ARG G 347 3.51 -51.03 -18.61
C ARG G 347 4.16 -52.36 -18.27
N LYS G 348 5.42 -52.35 -17.82
CA LYS G 348 6.08 -53.58 -17.41
C LYS G 348 5.49 -54.11 -16.11
N LYS G 349 5.24 -53.23 -15.14
CA LYS G 349 4.65 -53.66 -13.89
C LYS G 349 3.19 -54.05 -14.05
N ILE G 350 2.50 -53.50 -15.05
CA ILE G 350 1.11 -53.85 -15.28
C ILE G 350 0.99 -55.29 -15.75
N ASP G 351 1.83 -55.70 -16.71
CA ASP G 351 1.79 -57.07 -17.21
C ASP G 351 2.25 -58.06 -16.14
N GLU G 352 3.16 -57.66 -15.26
CA GLU G 352 3.61 -58.53 -14.19
C GLU G 352 2.51 -58.75 -13.16
N ASN G 353 1.92 -57.65 -12.68
CA ASN G 353 0.82 -57.77 -11.72
C ASN G 353 -0.39 -58.43 -12.37
N GLY G 354 -0.67 -58.10 -13.63
CA GLY G 354 -1.79 -58.73 -14.33
C GLY G 354 -1.58 -60.23 -14.53
N ALA G 355 -0.33 -60.67 -14.62
CA ALA G 355 -0.05 -62.10 -14.71
C ALA G 355 -0.11 -62.77 -13.35
N THR G 356 0.25 -62.04 -12.28
CA THR G 356 0.20 -62.62 -10.94
C THR G 356 -1.22 -62.83 -10.48
N VAL G 357 -2.13 -61.91 -10.80
CA VAL G 357 -3.53 -62.07 -10.42
C VAL G 357 -4.19 -63.20 -11.18
N ALA G 358 -3.63 -63.61 -12.33
CA ALA G 358 -4.17 -64.75 -13.05
C ALA G 358 -3.84 -66.06 -12.34
N GLU G 359 -2.75 -66.09 -11.57
CA GLU G 359 -2.38 -67.29 -10.83
C GLU G 359 -3.40 -67.58 -9.73
N MET G 360 -3.69 -66.58 -8.90
CA MET G 360 -4.62 -66.77 -7.80
C MET G 360 -6.05 -66.95 -8.29
N MET G 361 -6.41 -66.29 -9.40
CA MET G 361 -7.76 -66.46 -9.95
C MET G 361 -7.98 -67.86 -10.48
N ALA G 362 -6.93 -68.52 -10.95
CA ALA G 362 -7.02 -69.89 -11.44
C ALA G 362 -6.95 -70.93 -10.34
N ASP G 363 -6.84 -70.51 -9.07
CA ASP G 363 -6.79 -71.45 -7.96
C ASP G 363 -8.11 -72.20 -7.85
N GLU G 364 -8.03 -73.48 -7.49
CA GLU G 364 -9.21 -74.32 -7.37
C GLU G 364 -9.28 -75.05 -6.03
N SER G 365 -8.47 -74.66 -5.05
CA SER G 365 -8.45 -75.35 -3.77
C SER G 365 -9.71 -75.04 -2.97
N VAL G 366 -10.03 -75.96 -2.05
CA VAL G 366 -11.18 -75.84 -1.17
C VAL G 366 -10.70 -75.94 0.26
N PRO G 367 -11.06 -74.99 1.16
CA PRO G 367 -11.93 -73.82 0.95
C PRO G 367 -11.34 -72.81 -0.04
N MET G 368 -12.22 -72.13 -0.78
CA MET G 368 -11.78 -71.28 -1.88
C MET G 368 -11.15 -70.00 -1.35
N SER G 369 -10.64 -69.19 -2.28
CA SER G 369 -9.98 -67.93 -1.98
C SER G 369 -10.80 -66.78 -2.58
N TYR G 370 -10.42 -65.55 -2.21
CA TYR G 370 -11.10 -64.38 -2.73
C TYR G 370 -11.02 -64.30 -4.24
N TYR G 371 -9.85 -64.61 -4.81
CA TYR G 371 -9.64 -64.43 -6.24
C TYR G 371 -10.41 -65.45 -7.08
N ARG G 372 -10.78 -66.59 -6.51
CA ARG G 372 -11.56 -67.57 -7.26
C ARG G 372 -13.05 -67.24 -7.22
N VAL G 373 -13.54 -66.74 -6.08
CA VAL G 373 -14.95 -66.38 -5.98
C VAL G 373 -15.27 -65.20 -6.89
N TYR G 374 -14.41 -64.18 -6.87
CA TYR G 374 -14.61 -63.02 -7.73
C TYR G 374 -14.42 -63.35 -9.21
N ARG G 375 -13.66 -64.40 -9.53
CA ARG G 375 -13.46 -64.76 -10.93
C ARG G 375 -14.77 -65.19 -11.58
N GLU G 376 -15.68 -65.79 -10.81
CA GLU G 376 -16.97 -66.21 -11.33
C GLU G 376 -18.03 -65.13 -11.20
N ILE G 377 -17.91 -64.26 -10.19
CA ILE G 377 -18.86 -63.16 -10.03
C ILE G 377 -18.65 -62.12 -11.12
N ARG G 378 -17.39 -61.74 -11.36
CA ARG G 378 -17.10 -60.66 -12.29
C ARG G 378 -17.44 -61.02 -13.74
N ASP G 379 -17.66 -62.30 -14.03
CA ASP G 379 -18.12 -62.70 -15.34
C ASP G 379 -19.63 -62.88 -15.40
N LEU G 380 -20.32 -62.75 -14.27
CA LEU G 380 -21.78 -62.78 -14.23
C LEU G 380 -22.37 -61.41 -13.89
N ILE G 381 -21.54 -60.37 -13.83
CA ILE G 381 -22.02 -59.01 -13.60
C ILE G 381 -22.23 -58.34 -14.95
N PRO G 382 -23.43 -57.80 -15.23
CA PRO G 382 -23.61 -57.03 -16.46
C PRO G 382 -22.74 -55.79 -16.48
N ASN G 383 -22.57 -55.23 -17.68
CA ASN G 383 -21.72 -54.05 -17.84
C ASN G 383 -22.36 -52.82 -17.22
N ASP G 384 -23.68 -52.77 -17.12
CA ASP G 384 -24.39 -51.65 -16.53
C ASP G 384 -24.89 -51.94 -15.12
N ALA G 385 -24.46 -53.05 -14.52
CA ALA G 385 -24.91 -53.40 -13.18
C ALA G 385 -24.28 -52.48 -12.13
N ILE G 386 -24.92 -52.44 -10.97
CA ILE G 386 -24.45 -51.64 -9.83
C ILE G 386 -23.85 -52.58 -8.80
N ILE G 387 -22.62 -52.31 -8.40
CA ILE G 387 -21.87 -53.19 -7.51
C ILE G 387 -21.74 -52.49 -6.16
N GLN G 388 -22.35 -53.09 -5.13
CA GLN G 388 -22.20 -52.64 -3.75
C GLN G 388 -21.32 -53.66 -3.04
N ASN G 389 -20.13 -53.22 -2.63
CA ASN G 389 -19.12 -54.10 -2.06
C ASN G 389 -18.65 -53.53 -0.73
N GLU G 390 -18.95 -54.22 0.36
CA GLU G 390 -18.55 -53.84 1.70
C GLU G 390 -17.51 -54.84 2.24
N GLY G 391 -17.15 -54.68 3.50
CA GLY G 391 -16.17 -55.54 4.12
C GLY G 391 -14.77 -54.96 4.18
N ALA G 392 -13.79 -55.84 4.35
CA ALA G 392 -12.40 -55.43 4.47
C ALA G 392 -11.62 -56.05 3.33
N SER G 393 -11.10 -57.27 3.47
CA SER G 393 -10.37 -57.88 2.35
C SER G 393 -11.29 -58.17 1.18
N THR G 394 -12.57 -58.47 1.43
CA THR G 394 -13.50 -58.72 0.35
C THR G 394 -13.77 -57.45 -0.47
N MET G 395 -13.71 -56.27 0.16
CA MET G 395 -13.92 -55.04 -0.57
C MET G 395 -12.66 -54.61 -1.32
N ASP G 396 -11.49 -54.75 -0.69
CA ASP G 396 -10.25 -54.31 -1.32
C ASP G 396 -9.93 -55.17 -2.55
N ILE G 397 -10.14 -56.48 -2.45
CA ILE G 397 -9.91 -57.34 -3.61
C ILE G 397 -11.00 -57.15 -4.65
N GLY G 398 -12.23 -56.88 -4.21
CA GLY G 398 -13.31 -56.64 -5.16
C GLY G 398 -13.11 -55.39 -5.99
N ARG G 399 -12.41 -54.39 -5.43
CA ARG G 399 -12.09 -53.20 -6.21
C ARG G 399 -11.16 -53.53 -7.37
N THR G 400 -10.18 -54.40 -7.14
CA THR G 400 -9.21 -54.73 -8.17
C THR G 400 -9.74 -55.73 -9.19
N LEU G 401 -10.82 -56.46 -8.86
CA LEU G 401 -11.30 -57.53 -9.72
C LEU G 401 -12.64 -57.23 -10.39
N MET G 402 -13.44 -56.32 -9.85
CA MET G 402 -14.72 -55.97 -10.46
C MET G 402 -14.56 -54.69 -11.28
N PRO G 403 -14.52 -54.77 -12.61
CA PRO G 403 -14.42 -53.54 -13.40
C PRO G 403 -15.74 -52.78 -13.42
N ASN G 404 -15.63 -51.48 -13.69
CA ASN G 404 -16.79 -50.61 -13.85
C ASN G 404 -16.63 -49.83 -15.14
N PHE G 405 -17.71 -49.75 -15.92
CA PHE G 405 -17.67 -49.12 -17.23
C PHE G 405 -18.51 -47.85 -17.30
N LEU G 406 -19.32 -47.57 -16.28
CA LEU G 406 -20.06 -46.33 -16.17
C LEU G 406 -19.90 -45.77 -14.78
N PRO G 407 -19.85 -44.44 -14.64
CA PRO G 407 -19.64 -43.85 -13.31
C PRO G 407 -20.86 -44.04 -12.42
N ARG G 408 -20.63 -43.83 -11.12
CA ARG G 408 -21.67 -43.94 -10.10
C ARG G 408 -22.32 -45.32 -10.08
N HIS G 409 -21.56 -46.36 -10.44
CA HIS G 409 -22.06 -47.72 -10.47
C HIS G 409 -21.41 -48.61 -9.42
N ARG G 410 -20.61 -48.04 -8.52
CA ARG G 410 -19.98 -48.79 -7.44
C ARG G 410 -20.18 -48.04 -6.13
N LEU G 411 -20.59 -48.77 -5.09
CA LEU G 411 -20.79 -48.22 -3.76
C LEU G 411 -20.05 -49.07 -2.75
N ASP G 412 -19.24 -48.45 -1.91
CA ASP G 412 -18.51 -49.16 -0.87
C ASP G 412 -18.60 -48.36 0.42
N ALA G 413 -17.65 -48.58 1.34
CA ALA G 413 -17.68 -47.90 2.63
C ALA G 413 -17.36 -46.42 2.48
N GLY G 414 -16.53 -46.05 1.52
CA GLY G 414 -16.25 -44.66 1.26
C GLY G 414 -15.13 -44.10 2.11
N SER G 415 -15.09 -42.77 2.18
CA SER G 415 -14.03 -42.07 2.89
C SER G 415 -14.10 -42.27 4.40
N PHE G 416 -15.26 -42.68 4.92
CA PHE G 416 -15.42 -42.90 6.36
C PHE G 416 -15.16 -44.35 6.78
N GLY G 417 -14.97 -45.24 5.82
CA GLY G 417 -14.74 -46.65 6.13
C GLY G 417 -15.84 -47.29 6.93
N THR G 418 -17.08 -46.85 6.73
CA THR G 418 -18.19 -47.29 7.56
C THR G 418 -18.58 -48.72 7.22
N MET G 419 -18.74 -49.55 8.25
CA MET G 419 -19.27 -50.90 8.10
C MET G 419 -20.74 -50.89 8.51
N GLY G 420 -21.61 -51.30 7.60
CA GLY G 420 -23.05 -51.25 7.82
C GLY G 420 -23.81 -50.43 6.79
N VAL G 421 -23.14 -49.89 5.76
CA VAL G 421 -23.83 -49.12 4.72
C VAL G 421 -24.25 -49.98 3.54
N GLY G 422 -23.78 -51.22 3.47
CA GLY G 422 -23.98 -52.06 2.31
C GLY G 422 -25.41 -52.25 1.86
N LEU G 423 -26.22 -52.90 2.70
CA LEU G 423 -27.61 -53.19 2.30
C LEU G 423 -28.43 -51.92 2.15
N GLY G 424 -28.11 -50.88 2.94
CA GLY G 424 -28.79 -49.60 2.76
C GLY G 424 -28.50 -48.99 1.40
N GLN G 425 -27.22 -48.98 1.01
CA GLN G 425 -26.86 -48.44 -0.30
C GLN G 425 -27.36 -49.33 -1.43
N ALA G 426 -27.51 -50.63 -1.18
CA ALA G 426 -28.03 -51.52 -2.20
C ALA G 426 -29.51 -51.25 -2.47
N ILE G 427 -30.30 -51.03 -1.41
CA ILE G 427 -31.71 -50.72 -1.58
C ILE G 427 -31.88 -49.38 -2.29
N ALA G 428 -31.03 -48.40 -1.95
CA ALA G 428 -31.09 -47.10 -2.61
C ALA G 428 -30.75 -47.21 -4.09
N ALA G 429 -29.76 -48.04 -4.43
CA ALA G 429 -29.40 -48.23 -5.82
C ALA G 429 -30.53 -48.89 -6.60
N ALA G 430 -31.25 -49.82 -5.96
CA ALA G 430 -32.39 -50.45 -6.63
C ALA G 430 -33.57 -49.50 -6.74
N ALA G 431 -33.73 -48.59 -5.78
CA ALA G 431 -34.82 -47.62 -5.86
C ALA G 431 -34.53 -46.58 -6.93
N VAL G 432 -33.31 -46.05 -6.96
CA VAL G 432 -32.95 -45.05 -7.96
C VAL G 432 -32.88 -45.68 -9.35
N HIS G 433 -32.32 -46.89 -9.44
CA HIS G 433 -32.16 -47.60 -10.71
C HIS G 433 -32.89 -48.94 -10.63
N PRO G 434 -34.22 -48.95 -10.74
CA PRO G 434 -34.94 -50.22 -10.78
C PRO G 434 -34.78 -50.97 -12.10
N ASP G 435 -34.27 -50.32 -13.13
CA ASP G 435 -34.06 -50.94 -14.43
C ASP G 435 -32.71 -51.65 -14.54
N LYS G 436 -31.90 -51.64 -13.48
CA LYS G 436 -30.60 -52.29 -13.47
C LYS G 436 -30.52 -53.23 -12.28
N HIS G 437 -29.48 -54.06 -12.27
CA HIS G 437 -29.29 -55.08 -11.25
C HIS G 437 -28.29 -54.61 -10.20
N VAL G 438 -28.59 -54.89 -8.94
CA VAL G 438 -27.77 -54.46 -7.80
C VAL G 438 -27.06 -55.68 -7.25
N PHE G 439 -25.73 -55.67 -7.31
CA PHE G 439 -24.89 -56.74 -6.76
C PHE G 439 -24.41 -56.30 -5.39
N CYS G 440 -24.98 -56.91 -4.34
CA CYS G 440 -24.66 -56.56 -2.96
C CYS G 440 -23.70 -57.61 -2.41
N ILE G 441 -22.41 -57.40 -2.66
CA ILE G 441 -21.38 -58.34 -2.23
C ILE G 441 -20.86 -57.89 -0.86
N GLU G 442 -21.00 -58.76 0.14
CA GLU G 442 -20.69 -58.42 1.52
C GLU G 442 -19.75 -59.45 2.12
N GLY G 443 -19.08 -59.04 3.19
CA GLY G 443 -18.38 -59.99 4.05
C GLY G 443 -19.27 -60.47 5.17
N ASP G 444 -18.88 -61.58 5.80
CA ASP G 444 -19.70 -62.14 6.86
C ASP G 444 -19.80 -61.22 8.06
N SER G 445 -18.89 -60.26 8.21
CA SER G 445 -18.98 -59.27 9.26
C SER G 445 -19.83 -58.07 8.84
N ALA G 446 -19.54 -57.50 7.66
CA ALA G 446 -20.30 -56.35 7.18
C ALA G 446 -21.77 -56.70 6.99
N PHE G 447 -22.07 -57.96 6.64
CA PHE G 447 -23.45 -58.38 6.47
C PHE G 447 -24.19 -58.40 7.79
N GLY G 448 -23.49 -58.67 8.89
CA GLY G 448 -24.13 -58.74 10.20
C GLY G 448 -24.59 -57.41 10.73
N PHE G 449 -24.09 -56.30 10.18
CA PHE G 449 -24.47 -54.97 10.66
C PHE G 449 -25.93 -54.68 10.33
N SER G 450 -26.27 -54.71 9.04
CA SER G 450 -27.63 -54.41 8.60
C SER G 450 -28.23 -55.57 7.84
N GLY G 451 -28.11 -56.78 8.39
CA GLY G 451 -28.56 -57.96 7.68
C GLY G 451 -30.07 -58.10 7.61
N MET G 452 -30.78 -57.63 8.63
CA MET G 452 -32.24 -57.74 8.65
C MET G 452 -32.89 -56.99 7.49
N GLU G 453 -32.15 -56.11 6.81
CA GLU G 453 -32.72 -55.35 5.71
C GLU G 453 -32.97 -56.17 4.46
N VAL G 454 -32.61 -57.46 4.44
CA VAL G 454 -32.95 -58.29 3.28
C VAL G 454 -34.45 -58.42 3.14
N GLU G 455 -35.19 -58.38 4.26
CA GLU G 455 -36.64 -58.39 4.19
C GLU G 455 -37.17 -57.10 3.60
N THR G 456 -36.53 -55.97 3.94
CA THR G 456 -36.97 -54.68 3.40
C THR G 456 -36.84 -54.65 1.88
N ALA G 457 -35.72 -55.17 1.35
CA ALA G 457 -35.54 -55.22 -0.10
C ALA G 457 -36.57 -56.13 -0.75
N ALA G 458 -36.92 -57.24 -0.09
CA ALA G 458 -37.90 -58.16 -0.66
C ALA G 458 -39.32 -57.65 -0.50
N ARG G 459 -39.59 -56.85 0.54
CA ARG G 459 -40.94 -56.35 0.74
C ARG G 459 -41.36 -55.39 -0.37
N TYR G 460 -40.45 -54.50 -0.79
CA TYR G 460 -40.74 -53.55 -1.85
C TYR G 460 -40.44 -54.11 -3.24
N GLY G 461 -40.40 -55.43 -3.39
CA GLY G 461 -40.25 -56.05 -4.70
C GLY G 461 -38.97 -55.69 -5.42
N MET G 462 -37.84 -55.67 -4.70
CA MET G 462 -36.54 -55.39 -5.31
C MET G 462 -35.81 -56.68 -5.66
N LYS G 463 -36.42 -57.44 -6.58
CA LYS G 463 -35.80 -58.67 -7.05
C LYS G 463 -34.53 -58.42 -7.87
N ASN G 464 -34.25 -57.17 -8.23
CA ASN G 464 -33.03 -56.84 -8.96
C ASN G 464 -31.81 -56.76 -8.06
N ILE G 465 -31.94 -57.10 -6.78
CA ILE G 465 -30.81 -57.15 -5.85
C ILE G 465 -30.43 -58.60 -5.61
N THR G 466 -29.13 -58.89 -5.66
CA THR G 466 -28.60 -60.21 -5.37
C THR G 466 -27.58 -60.07 -4.25
N PHE G 467 -27.94 -60.54 -3.05
CA PHE G 467 -27.03 -60.49 -1.92
C PHE G 467 -26.02 -61.62 -2.01
N ILE G 468 -24.74 -61.28 -1.92
CA ILE G 468 -23.65 -62.24 -2.04
C ILE G 468 -22.72 -62.07 -0.86
N ILE G 469 -22.61 -63.10 -0.02
CA ILE G 469 -21.82 -63.05 1.20
C ILE G 469 -20.56 -63.89 1.00
N ILE G 470 -19.42 -63.28 1.25
CA ILE G 470 -18.13 -63.97 1.25
C ILE G 470 -17.75 -64.22 2.70
N ASN G 471 -17.84 -65.48 3.12
CA ASN G 471 -17.79 -65.85 4.53
C ASN G 471 -16.47 -66.55 4.83
N ASN G 472 -15.73 -66.02 5.80
CA ASN G 472 -14.58 -66.69 6.39
C ASN G 472 -14.73 -66.84 7.90
N ASN G 473 -15.96 -66.66 8.41
CA ASN G 473 -16.29 -66.87 9.82
C ASN G 473 -15.50 -65.93 10.74
N GLY G 474 -15.60 -64.65 10.46
CA GLY G 474 -15.02 -63.66 11.36
C GLY G 474 -14.53 -62.44 10.60
N ILE G 475 -13.99 -61.50 11.37
CA ILE G 475 -13.43 -60.25 10.86
C ILE G 475 -12.02 -60.56 10.36
N GLY G 476 -11.89 -60.76 9.06
CA GLY G 476 -10.60 -61.13 8.49
C GLY G 476 -10.17 -62.55 8.76
N GLY G 477 -11.12 -63.45 9.01
CA GLY G 477 -10.82 -64.83 9.29
C GLY G 477 -11.40 -65.28 10.62
N GLY G 478 -11.39 -66.60 10.82
CA GLY G 478 -11.88 -67.20 12.02
C GLY G 478 -11.68 -68.70 12.05
N PRO G 479 -11.75 -69.29 13.24
CA PRO G 479 -11.56 -70.73 13.37
C PRO G 479 -12.79 -71.52 12.94
N ASP G 480 -12.63 -72.84 12.89
CA ASP G 480 -13.69 -73.74 12.51
C ASP G 480 -14.48 -74.28 13.71
N THR G 481 -13.98 -74.09 14.92
CA THR G 481 -14.68 -74.46 16.14
C THR G 481 -14.58 -73.31 17.14
N LEU G 482 -15.56 -73.23 18.03
CA LEU G 482 -15.63 -72.14 19.00
C LEU G 482 -16.03 -72.70 20.36
N ASP G 483 -15.11 -72.63 21.31
CA ASP G 483 -15.45 -72.85 22.71
C ASP G 483 -16.24 -71.65 23.19
N PRO G 484 -17.49 -71.81 23.61
CA PRO G 484 -18.31 -70.63 23.95
C PRO G 484 -17.75 -69.80 25.08
N THR G 485 -16.81 -70.34 25.87
CA THR G 485 -16.16 -69.58 26.93
C THR G 485 -14.81 -69.02 26.50
N ARG G 486 -14.32 -69.36 25.30
CA ARG G 486 -13.03 -68.89 24.79
C ARG G 486 -13.20 -68.51 23.32
N VAL G 487 -13.97 -67.45 23.08
CA VAL G 487 -14.33 -67.02 21.73
C VAL G 487 -13.42 -65.87 21.33
N PRO G 488 -12.72 -65.96 20.19
CA PRO G 488 -11.92 -64.83 19.71
C PRO G 488 -12.80 -63.62 19.47
N PRO G 489 -12.29 -62.41 19.73
CA PRO G 489 -13.12 -61.21 19.57
C PRO G 489 -13.52 -60.93 18.13
N SER G 490 -12.75 -61.42 17.15
CA SER G 490 -13.03 -61.17 15.74
C SER G 490 -13.59 -62.39 15.03
N ALA G 491 -14.11 -63.36 15.76
CA ALA G 491 -14.60 -64.60 15.19
C ALA G 491 -16.13 -64.67 15.28
N TYR G 492 -16.72 -65.36 14.31
CA TYR G 492 -18.15 -65.60 14.25
C TYR G 492 -18.41 -67.10 14.25
N THR G 493 -19.69 -67.45 14.36
CA THR G 493 -20.09 -68.85 14.37
C THR G 493 -19.57 -69.54 13.11
N PRO G 494 -18.83 -70.64 13.24
CA PRO G 494 -18.29 -71.31 12.04
C PRO G 494 -19.40 -71.80 11.13
N ASN G 495 -19.29 -71.46 9.85
CA ASN G 495 -20.26 -71.85 8.83
C ASN G 495 -21.66 -71.39 9.20
N ALA G 496 -21.80 -70.08 9.47
CA ALA G 496 -23.10 -69.50 9.77
C ALA G 496 -23.92 -69.42 8.49
N HIS G 497 -24.98 -70.23 8.42
CA HIS G 497 -25.82 -70.31 7.22
C HIS G 497 -26.70 -69.07 7.12
N TYR G 498 -26.07 -67.96 6.74
CA TYR G 498 -26.82 -66.71 6.57
C TYR G 498 -27.84 -66.78 5.45
N GLU G 499 -27.68 -67.71 4.50
CA GLU G 499 -28.60 -67.80 3.37
C GLU G 499 -30.01 -68.20 3.82
N LYS G 500 -30.16 -68.73 5.04
CA LYS G 500 -31.48 -69.08 5.55
C LYS G 500 -32.35 -67.84 5.79
N MET G 501 -31.75 -66.65 5.86
CA MET G 501 -32.53 -65.43 6.00
C MET G 501 -33.33 -65.12 4.74
N ALA G 502 -32.90 -65.62 3.58
CA ALA G 502 -33.70 -65.48 2.37
C ALA G 502 -35.03 -66.19 2.50
N GLU G 503 -35.12 -67.21 3.36
CA GLU G 503 -36.34 -67.97 3.57
C GLU G 503 -37.22 -67.37 4.66
N ILE G 504 -37.02 -66.10 5.01
CA ILE G 504 -37.96 -65.38 5.86
C ILE G 504 -39.12 -64.84 5.03
N TYR G 505 -38.81 -64.32 3.84
CA TYR G 505 -39.81 -63.77 2.94
C TYR G 505 -40.20 -64.71 1.81
N GLY G 506 -39.54 -65.86 1.69
CA GLY G 506 -39.86 -66.84 0.68
C GLY G 506 -38.82 -67.02 -0.41
N GLY G 507 -37.61 -66.47 -0.24
CA GLY G 507 -36.58 -66.61 -1.24
C GLY G 507 -35.80 -67.90 -1.09
N LYS G 508 -34.82 -68.06 -1.99
CA LYS G 508 -33.97 -69.26 -2.02
C LYS G 508 -32.56 -68.86 -1.60
N GLY G 509 -32.05 -69.54 -0.57
CA GLY G 509 -30.69 -69.33 -0.11
C GLY G 509 -29.75 -70.35 -0.71
N TYR G 510 -28.56 -69.90 -1.10
CA TYR G 510 -27.58 -70.75 -1.74
C TYR G 510 -26.31 -70.80 -0.89
N PHE G 511 -25.71 -71.98 -0.81
CA PHE G 511 -24.55 -72.23 0.03
C PHE G 511 -23.48 -72.92 -0.81
N VAL G 512 -22.31 -72.29 -0.92
CA VAL G 512 -21.25 -72.73 -1.82
C VAL G 512 -20.02 -73.10 -1.01
N THR G 513 -19.41 -74.23 -1.34
CA THR G 513 -18.14 -74.64 -0.73
C THR G 513 -17.11 -74.99 -1.79
N GLU G 514 -17.57 -75.54 -2.92
CA GLU G 514 -16.72 -75.92 -4.04
C GLU G 514 -16.89 -74.93 -5.19
N PRO G 515 -15.83 -74.65 -5.96
CA PRO G 515 -15.97 -73.73 -7.10
C PRO G 515 -17.01 -74.17 -8.13
N SER G 516 -17.29 -75.48 -8.23
CA SER G 516 -18.31 -75.94 -9.16
C SER G 516 -19.72 -75.52 -8.74
N GLN G 517 -19.91 -75.14 -7.48
CA GLN G 517 -21.21 -74.68 -7.01
C GLN G 517 -21.41 -73.18 -7.21
N LEU G 518 -20.35 -72.44 -7.49
CA LEU G 518 -20.42 -70.98 -7.61
C LEU G 518 -21.35 -70.56 -8.74
N ARG G 519 -20.92 -70.75 -9.99
CA ARG G 519 -21.69 -70.25 -11.12
C ARG G 519 -23.12 -70.77 -11.19
N PRO G 520 -23.41 -72.05 -10.93
CA PRO G 520 -24.83 -72.47 -10.96
C PRO G 520 -25.70 -71.70 -9.98
N ALA G 521 -25.32 -71.65 -8.70
CA ALA G 521 -26.11 -70.93 -7.71
C ALA G 521 -26.10 -69.43 -7.96
N LEU G 522 -24.99 -68.89 -8.50
CA LEU G 522 -24.92 -67.46 -8.79
C LEU G 522 -25.90 -67.08 -9.90
N GLU G 523 -25.80 -67.74 -11.06
CA GLU G 523 -26.71 -67.44 -12.16
C GLU G 523 -28.16 -67.76 -11.80
N GLU G 524 -28.37 -68.79 -10.97
CA GLU G 524 -29.71 -69.08 -10.48
C GLU G 524 -30.22 -67.97 -9.58
N ALA G 525 -29.31 -67.24 -8.92
CA ALA G 525 -29.71 -66.15 -8.05
C ALA G 525 -30.00 -64.88 -8.84
N ILE G 526 -29.24 -64.63 -9.91
CA ILE G 526 -29.45 -63.43 -10.71
C ILE G 526 -30.84 -63.44 -11.33
N LYS G 527 -31.30 -64.62 -11.78
CA LYS G 527 -32.65 -64.79 -12.29
C LYS G 527 -33.50 -65.36 -11.16
N ALA G 528 -34.16 -64.46 -10.42
CA ALA G 528 -34.98 -64.86 -9.29
C ALA G 528 -36.10 -63.86 -9.11
N ASP G 529 -37.30 -64.36 -8.79
CA ASP G 529 -38.44 -63.51 -8.51
C ASP G 529 -38.36 -62.81 -7.17
N LYS G 530 -37.46 -63.24 -6.29
CA LYS G 530 -37.23 -62.64 -4.98
C LYS G 530 -35.74 -62.42 -4.78
N PRO G 531 -35.36 -61.46 -3.94
CA PRO G 531 -33.95 -61.28 -3.62
C PRO G 531 -33.32 -62.56 -3.08
N ALA G 532 -32.16 -62.91 -3.63
CA ALA G 532 -31.48 -64.15 -3.30
C ALA G 532 -30.20 -63.87 -2.51
N ILE G 533 -29.94 -64.73 -1.52
CA ILE G 533 -28.76 -64.62 -0.68
C ILE G 533 -27.87 -65.83 -0.98
N VAL G 534 -26.65 -65.57 -1.45
CA VAL G 534 -25.69 -66.60 -1.77
C VAL G 534 -24.56 -66.52 -0.75
N ASN G 535 -24.34 -67.61 -0.02
CA ASN G 535 -23.32 -67.68 1.01
C ASN G 535 -22.15 -68.51 0.49
N ILE G 536 -21.02 -67.85 0.24
CA ILE G 536 -19.83 -68.50 -0.30
C ILE G 536 -18.80 -68.60 0.80
N MET G 537 -18.56 -69.81 1.29
CA MET G 537 -17.53 -70.05 2.29
C MET G 537 -16.16 -70.05 1.62
N ILE G 538 -15.22 -69.31 2.22
CA ILE G 538 -13.87 -69.22 1.67
C ILE G 538 -12.86 -69.63 2.73
N SER G 539 -11.58 -69.40 2.44
CA SER G 539 -10.51 -69.73 3.37
C SER G 539 -10.31 -68.59 4.37
N ALA G 540 -10.19 -68.95 5.65
CA ALA G 540 -9.89 -67.96 6.67
C ALA G 540 -8.45 -67.47 6.59
N THR G 541 -7.61 -68.07 5.77
CA THR G 541 -6.22 -67.67 5.61
C THR G 541 -6.00 -66.98 4.26
N GLN H 6 8.13 -54.12 29.60
CA GLN H 6 7.25 -52.97 29.40
C GLN H 6 5.78 -53.38 29.39
N ILE H 7 4.92 -52.44 29.00
CA ILE H 7 3.48 -52.68 29.00
C ILE H 7 2.85 -51.72 28.00
N THR H 8 1.82 -52.18 27.30
CA THR H 8 1.18 -51.38 26.27
C THR H 8 -0.04 -50.65 26.84
N GLY H 9 -0.48 -49.62 26.11
CA GLY H 9 -1.61 -48.83 26.55
C GLY H 9 -2.90 -49.63 26.63
N ALA H 10 -3.08 -50.59 25.72
CA ALA H 10 -4.26 -51.45 25.79
C ALA H 10 -4.23 -52.32 27.04
N GLN H 11 -3.05 -52.75 27.47
CA GLN H 11 -2.94 -53.48 28.74
C GLN H 11 -3.33 -52.60 29.91
N ILE H 12 -2.80 -51.38 29.94
CA ILE H 12 -3.08 -50.47 31.06
C ILE H 12 -4.57 -50.19 31.14
N VAL H 13 -5.24 -50.03 29.99
CA VAL H 13 -6.67 -49.77 29.99
C VAL H 13 -7.44 -51.01 30.43
N ALA H 14 -7.11 -52.17 29.86
CA ALA H 14 -7.83 -53.40 30.21
C ALA H 14 -7.63 -53.75 31.67
N ARG H 15 -6.40 -53.63 32.18
CA ARG H 15 -6.12 -53.97 33.57
C ARG H 15 -6.84 -53.03 34.52
N ALA H 16 -6.85 -51.73 34.21
CA ALA H 16 -7.50 -50.76 35.10
C ALA H 16 -9.01 -50.91 35.09
N LEU H 17 -9.59 -51.39 33.98
CA LEU H 17 -11.04 -51.56 33.92
C LEU H 17 -11.49 -52.65 34.89
N LYS H 18 -10.79 -53.79 34.90
CA LYS H 18 -11.14 -54.85 35.85
C LYS H 18 -10.89 -54.40 37.28
N GLN H 19 -9.89 -53.54 37.51
CA GLN H 19 -9.61 -53.06 38.86
C GLN H 19 -10.74 -52.20 39.39
N GLN H 20 -11.48 -51.53 38.51
CA GLN H 20 -12.57 -50.64 38.93
C GLN H 20 -13.92 -51.33 39.02
N GLY H 21 -14.02 -52.58 38.56
CA GLY H 21 -15.27 -53.32 38.61
C GLY H 21 -15.89 -53.65 37.27
N VAL H 22 -15.32 -53.20 36.16
CA VAL H 22 -15.86 -53.54 34.85
C VAL H 22 -15.66 -55.03 34.60
N GLU H 23 -16.77 -55.74 34.37
CA GLU H 23 -16.74 -57.17 34.14
C GLU H 23 -17.17 -57.59 32.74
N TYR H 24 -17.88 -56.73 32.01
CA TYR H 24 -18.41 -57.08 30.70
C TYR H 24 -18.12 -55.96 29.72
N MET H 25 -17.52 -56.30 28.58
CA MET H 25 -17.27 -55.36 27.50
C MET H 25 -17.92 -55.88 26.24
N PHE H 26 -18.68 -55.01 25.56
CA PHE H 26 -19.37 -55.35 24.33
C PHE H 26 -18.88 -54.46 23.20
N GLY H 27 -19.08 -54.91 21.97
CA GLY H 27 -18.76 -54.12 20.81
C GLY H 27 -18.15 -54.97 19.71
N ILE H 28 -17.63 -54.29 18.70
CA ILE H 28 -17.04 -54.93 17.54
C ILE H 28 -15.61 -54.43 17.40
N VAL H 29 -14.68 -55.35 17.14
CA VAL H 29 -13.25 -55.02 17.09
C VAL H 29 -12.89 -54.46 15.73
N GLY H 30 -11.68 -53.95 15.63
CA GLY H 30 -11.21 -53.31 14.42
C GLY H 30 -10.17 -52.26 14.76
N ILE H 31 -9.61 -51.68 13.72
CA ILE H 31 -8.54 -50.68 13.91
C ILE H 31 -9.12 -49.46 14.62
N PRO H 32 -8.51 -48.98 15.71
CA PRO H 32 -7.32 -49.51 16.38
C PRO H 32 -7.63 -50.12 17.75
N VAL H 33 -8.85 -50.62 17.97
CA VAL H 33 -9.26 -51.10 19.29
C VAL H 33 -9.08 -52.60 19.42
N ILE H 34 -8.44 -53.26 18.46
CA ILE H 34 -8.21 -54.70 18.57
C ILE H 34 -7.38 -55.07 19.79
N PRO H 35 -6.24 -54.41 20.09
CA PRO H 35 -5.50 -54.78 21.29
C PRO H 35 -6.30 -54.64 22.58
N ILE H 36 -7.23 -53.68 22.64
CA ILE H 36 -8.05 -53.51 23.83
C ILE H 36 -8.93 -54.73 24.05
N ALA H 37 -9.42 -55.34 22.97
CA ALA H 37 -10.31 -56.50 23.10
C ALA H 37 -9.54 -57.74 23.54
N MET H 38 -8.37 -57.99 22.94
CA MET H 38 -7.61 -59.17 23.31
C MET H 38 -7.11 -59.09 24.75
N PHE H 39 -6.67 -57.91 25.18
CA PHE H 39 -6.15 -57.77 26.54
C PHE H 39 -7.27 -57.71 27.58
N ALA H 40 -8.48 -57.29 27.18
CA ALA H 40 -9.59 -57.32 28.11
C ALA H 40 -9.92 -58.76 28.52
N GLN H 41 -9.82 -59.69 27.57
CA GLN H 41 -10.01 -61.10 27.89
C GLN H 41 -8.89 -61.63 28.78
N ARG H 42 -7.65 -61.21 28.51
CA ARG H 42 -6.51 -61.64 29.31
C ARG H 42 -6.56 -61.10 30.73
N GLU H 43 -7.31 -60.02 30.97
CA GLU H 43 -7.41 -59.41 32.29
C GLU H 43 -8.67 -59.83 33.03
N GLY H 44 -9.48 -60.73 32.47
CA GLY H 44 -10.65 -61.22 33.15
C GLY H 44 -11.93 -60.50 32.84
N ILE H 45 -11.99 -59.75 31.75
CA ILE H 45 -13.20 -59.06 31.31
C ILE H 45 -13.82 -59.86 30.17
N LYS H 46 -15.12 -60.11 30.26
CA LYS H 46 -15.82 -60.89 29.24
C LYS H 46 -16.14 -59.98 28.05
N PHE H 47 -15.52 -60.25 26.91
CA PHE H 47 -15.76 -59.50 25.69
C PHE H 47 -16.75 -60.25 24.81
N TYR H 48 -17.64 -59.50 24.16
CA TYR H 48 -18.67 -60.08 23.30
C TYR H 48 -18.66 -59.35 21.96
N GLY H 49 -18.33 -60.08 20.91
CA GLY H 49 -18.34 -59.53 19.56
C GLY H 49 -19.73 -59.48 18.98
N PHE H 50 -20.35 -58.31 19.01
CA PHE H 50 -21.71 -58.14 18.51
C PHE H 50 -21.71 -58.04 16.99
N ARG H 51 -22.90 -57.92 16.42
CA ARG H 51 -23.07 -57.66 15.00
C ARG H 51 -23.34 -56.20 14.69
N ASN H 52 -23.54 -55.38 15.71
CA ASN H 52 -23.71 -53.94 15.53
C ASN H 52 -23.44 -53.26 16.87
N GLU H 53 -22.67 -52.17 16.84
CA GLU H 53 -22.32 -51.48 18.08
C GLU H 53 -23.55 -50.87 18.74
N GLN H 54 -24.57 -50.53 17.95
CA GLN H 54 -25.79 -49.96 18.51
C GLN H 54 -26.42 -50.90 19.53
N SER H 55 -26.53 -52.19 19.17
CA SER H 55 -27.04 -53.18 20.12
C SER H 55 -26.04 -53.44 21.24
N ALA H 56 -24.75 -53.26 20.97
CA ALA H 56 -23.74 -53.49 22.00
C ALA H 56 -23.72 -52.37 23.04
N SER H 57 -23.96 -51.13 22.60
CA SER H 57 -24.02 -50.03 23.56
C SER H 57 -25.27 -50.13 24.42
N TYR H 58 -26.38 -50.57 23.85
CA TYR H 58 -27.57 -50.86 24.65
C TYR H 58 -27.31 -51.99 25.64
N ALA H 59 -26.47 -52.96 25.25
CA ALA H 59 -26.12 -54.05 26.16
C ALA H 59 -25.21 -53.55 27.28
N ALA H 60 -24.29 -52.65 26.95
CA ALA H 60 -23.38 -52.12 27.97
C ALA H 60 -24.13 -51.30 29.01
N ALA H 61 -25.10 -50.49 28.57
CA ALA H 61 -25.88 -49.71 29.52
C ALA H 61 -26.73 -50.59 30.42
N ALA H 62 -27.23 -51.72 29.89
CA ALA H 62 -28.04 -52.62 30.70
C ALA H 62 -27.23 -53.24 31.83
N VAL H 63 -25.93 -53.45 31.61
CA VAL H 63 -25.08 -54.01 32.66
C VAL H 63 -25.00 -53.06 33.84
N GLY H 64 -24.99 -51.76 33.58
CA GLY H 64 -24.91 -50.79 34.67
C GLY H 64 -26.10 -50.87 35.61
N TYR H 65 -27.30 -51.00 35.06
CA TYR H 65 -28.49 -51.13 35.89
C TYR H 65 -28.53 -52.46 36.64
N LEU H 66 -28.05 -53.54 36.01
CA LEU H 66 -28.10 -54.85 36.65
C LEU H 66 -27.06 -54.99 37.74
N THR H 67 -25.82 -54.57 37.49
CA THR H 67 -24.72 -54.78 38.42
C THR H 67 -24.47 -53.59 39.35
N GLY H 68 -24.64 -52.37 38.85
CA GLY H 68 -24.26 -51.18 39.59
C GLY H 68 -22.93 -50.59 39.16
N ARG H 69 -22.15 -51.32 38.38
CA ARG H 69 -20.92 -50.89 37.75
C ARG H 69 -21.13 -50.74 36.25
N PRO H 70 -20.46 -49.78 35.61
CA PRO H 70 -20.76 -49.50 34.20
C PRO H 70 -20.22 -50.58 33.28
N GLY H 71 -21.07 -51.02 32.35
CA GLY H 71 -20.60 -51.86 31.27
C GLY H 71 -19.94 -51.03 30.17
N VAL H 72 -18.96 -51.63 29.50
CA VAL H 72 -18.16 -50.93 28.51
C VAL H 72 -18.59 -51.36 27.11
N CYS H 73 -18.77 -50.38 26.23
CA CYS H 73 -19.01 -50.61 24.81
C CYS H 73 -17.76 -50.18 24.04
N LEU H 74 -17.15 -51.11 23.32
CA LEU H 74 -15.92 -50.86 22.60
C LEU H 74 -16.23 -50.65 21.12
N GLY H 75 -15.86 -49.48 20.59
CA GLY H 75 -16.09 -49.18 19.20
C GLY H 75 -14.84 -48.65 18.54
N VAL H 76 -14.74 -48.89 17.23
CA VAL H 76 -13.60 -48.44 16.45
C VAL H 76 -13.72 -46.94 16.20
N SER H 77 -12.69 -46.35 15.61
CA SER H 77 -12.72 -44.92 15.32
C SER H 77 -13.81 -44.60 14.31
N GLY H 78 -14.30 -43.36 14.36
CA GLY H 78 -15.28 -42.89 13.42
C GLY H 78 -16.64 -43.54 13.61
N PRO H 79 -17.09 -44.27 12.59
CA PRO H 79 -18.46 -44.82 12.63
C PRO H 79 -18.67 -45.87 13.71
N GLY H 80 -17.62 -46.51 14.20
CA GLY H 80 -17.79 -47.44 15.31
C GLY H 80 -18.24 -46.74 16.58
N MET H 81 -17.63 -45.59 16.87
CA MET H 81 -17.99 -44.85 18.08
C MET H 81 -19.36 -44.20 17.95
N ILE H 82 -19.69 -43.69 16.76
CA ILE H 82 -20.96 -42.97 16.58
C ILE H 82 -22.13 -43.91 16.77
N HIS H 83 -22.00 -45.16 16.31
CA HIS H 83 -23.06 -46.14 16.53
C HIS H 83 -23.31 -46.38 18.02
N GLY H 84 -22.27 -46.28 18.84
CA GLY H 84 -22.40 -46.48 20.27
C GLY H 84 -23.01 -45.33 21.04
N VAL H 85 -23.17 -44.16 20.41
CA VAL H 85 -23.76 -43.02 21.10
C VAL H 85 -25.21 -43.30 21.44
N ALA H 86 -25.86 -44.20 20.69
CA ALA H 86 -27.24 -44.56 20.99
C ALA H 86 -27.37 -45.12 22.40
N GLY H 87 -26.53 -46.10 22.75
CA GLY H 87 -26.54 -46.63 24.10
C GLY H 87 -26.11 -45.62 25.14
N MET H 88 -25.19 -44.72 24.78
CA MET H 88 -24.89 -43.59 25.64
C MET H 88 -26.14 -42.78 25.95
N ALA H 89 -26.96 -42.52 24.94
CA ALA H 89 -28.17 -41.72 25.14
C ALA H 89 -29.20 -42.46 25.97
N ASN H 90 -29.34 -43.77 25.76
CA ASN H 90 -30.33 -44.53 26.52
C ASN H 90 -29.95 -44.62 28.00
N ALA H 91 -28.66 -44.75 28.29
CA ALA H 91 -28.20 -44.66 29.67
C ALA H 91 -28.40 -43.26 30.23
N TRP H 92 -28.26 -42.24 29.37
CA TRP H 92 -28.49 -40.86 29.80
C TRP H 92 -29.94 -40.64 30.19
N SER H 93 -30.87 -41.29 29.49
CA SER H 93 -32.29 -41.11 29.78
C SER H 93 -32.74 -41.94 30.98
N ASN H 94 -32.17 -43.12 31.15
CA ASN H 94 -32.58 -44.03 32.23
C ASN H 94 -31.74 -43.87 33.49
N CYS H 95 -30.73 -43.01 33.47
CA CYS H 95 -29.84 -42.79 34.62
C CYS H 95 -29.13 -44.10 35.00
N TRP H 96 -28.35 -44.62 34.05
CA TRP H 96 -27.59 -45.85 34.23
C TRP H 96 -26.12 -45.62 33.96
N PRO H 97 -25.23 -46.26 34.71
CA PRO H 97 -23.80 -46.12 34.44
C PRO H 97 -23.39 -46.91 33.20
N MET H 98 -22.59 -46.27 32.35
CA MET H 98 -22.21 -46.88 31.08
C MET H 98 -20.98 -46.14 30.54
N ILE H 99 -20.03 -46.91 30.03
CA ILE H 99 -18.79 -46.36 29.46
C ILE H 99 -18.74 -46.71 27.99
N LEU H 100 -18.49 -45.71 27.16
CA LEU H 100 -18.23 -45.91 25.73
C LEU H 100 -16.76 -45.65 25.48
N ILE H 101 -16.06 -46.65 24.95
CA ILE H 101 -14.66 -46.53 24.58
C ILE H 101 -14.59 -46.58 23.06
N GLY H 102 -14.38 -45.42 22.45
CA GLY H 102 -14.22 -45.32 21.01
C GLY H 102 -12.76 -45.09 20.66
N GLY H 103 -12.32 -45.70 19.57
CA GLY H 103 -10.98 -45.45 19.08
C GLY H 103 -10.89 -44.14 18.33
N ALA H 104 -9.66 -43.78 17.99
CA ALA H 104 -9.42 -42.58 17.19
C ALA H 104 -8.17 -42.80 16.37
N ASN H 105 -8.00 -41.96 15.35
CA ASN H 105 -6.82 -42.05 14.52
C ASN H 105 -5.57 -41.69 15.33
N ASP H 106 -4.41 -42.00 14.75
CA ASP H 106 -3.15 -41.60 15.38
C ASP H 106 -3.09 -40.09 15.53
N SER H 107 -2.71 -39.64 16.73
CA SER H 107 -2.76 -38.21 17.02
C SER H 107 -1.91 -37.40 16.06
N TYR H 108 -0.80 -37.97 15.57
CA TYR H 108 0.05 -37.29 14.61
C TYR H 108 -0.56 -37.25 13.20
N GLN H 109 -1.79 -37.72 13.02
CA GLN H 109 -2.50 -37.60 11.76
C GLN H 109 -3.72 -36.69 11.85
N ASN H 110 -3.95 -36.07 13.01
CA ASN H 110 -5.09 -35.18 13.17
C ASN H 110 -4.99 -34.00 12.19
N GLY H 111 -6.13 -33.67 11.58
CA GLY H 111 -6.18 -32.60 10.61
C GLY H 111 -5.78 -32.98 9.20
N GLN H 112 -5.24 -34.18 9.00
CA GLN H 112 -4.81 -34.62 7.68
C GLN H 112 -5.91 -35.32 6.89
N GLY H 113 -7.09 -35.47 7.47
CA GLY H 113 -8.12 -36.30 6.85
C GLY H 113 -7.79 -37.76 7.03
N ALA H 114 -7.42 -38.13 8.26
CA ALA H 114 -6.97 -39.48 8.55
C ALA H 114 -8.13 -40.47 8.47
N PHE H 115 -7.78 -41.75 8.57
CA PHE H 115 -8.77 -42.81 8.48
C PHE H 115 -9.73 -42.74 9.68
N GLN H 116 -11.00 -42.48 9.38
CA GLN H 116 -12.06 -42.43 10.39
C GLN H 116 -11.82 -41.32 11.42
N GLU H 117 -11.22 -40.22 10.99
CA GLU H 117 -11.10 -39.04 11.82
C GLU H 117 -12.45 -38.33 11.89
N ALA H 118 -12.96 -38.13 13.11
CA ALA H 118 -14.28 -37.57 13.31
C ALA H 118 -14.32 -36.85 14.65
N PRO H 119 -15.12 -35.78 14.77
CA PRO H 119 -15.27 -35.11 16.07
C PRO H 119 -16.07 -35.93 17.06
N GLN H 120 -15.43 -36.94 17.66
CA GLN H 120 -16.15 -37.91 18.47
C GLN H 120 -16.46 -37.37 19.87
N ILE H 121 -15.65 -36.45 20.38
CA ILE H 121 -15.95 -35.85 21.69
C ILE H 121 -17.24 -35.05 21.62
N GLU H 122 -17.40 -34.25 20.57
CA GLU H 122 -18.62 -33.45 20.42
C GLU H 122 -19.85 -34.35 20.20
N ALA H 123 -19.67 -35.50 19.55
CA ALA H 123 -20.80 -36.39 19.31
C ALA H 123 -21.29 -37.06 20.59
N ALA H 124 -20.45 -37.16 21.61
CA ALA H 124 -20.84 -37.83 22.85
C ALA H 124 -21.35 -36.86 23.91
N ARG H 125 -20.88 -35.61 23.88
CA ARG H 125 -21.16 -34.69 24.99
C ARG H 125 -22.65 -34.48 25.28
N PRO H 126 -23.56 -34.39 24.31
CA PRO H 126 -24.98 -34.17 24.67
C PRO H 126 -25.56 -35.20 25.62
N PHE H 127 -25.03 -36.42 25.64
CA PHE H 127 -25.56 -37.48 26.51
C PHE H 127 -24.53 -37.97 27.52
N ALA H 128 -23.45 -37.21 27.74
CA ALA H 128 -22.33 -37.68 28.55
C ALA H 128 -22.18 -36.82 29.79
N LYS H 129 -21.99 -37.46 30.94
CA LYS H 129 -21.57 -36.77 32.15
C LYS H 129 -20.09 -36.43 32.13
N TYR H 130 -19.31 -37.05 31.23
CA TYR H 130 -17.86 -36.91 31.27
C TYR H 130 -17.30 -37.39 29.94
N CYS H 131 -16.54 -36.53 29.28
CA CYS H 131 -15.79 -36.86 28.08
C CYS H 131 -14.32 -36.52 28.30
N ALA H 132 -13.43 -37.36 27.79
CA ALA H 132 -12.00 -37.14 27.98
C ALA H 132 -11.21 -37.93 26.96
N ARG H 133 -10.22 -37.27 26.35
CA ARG H 133 -9.20 -37.97 25.59
C ARG H 133 -7.95 -38.05 26.46
N PRO H 134 -7.56 -39.22 26.95
CA PRO H 134 -6.38 -39.30 27.81
C PRO H 134 -5.14 -38.74 27.12
N ASP H 135 -4.37 -37.97 27.87
CA ASP H 135 -3.24 -37.24 27.30
C ASP H 135 -2.01 -38.12 27.11
N SER H 136 -1.79 -39.08 28.00
CA SER H 136 -0.57 -39.88 27.95
C SER H 136 -0.86 -41.28 28.47
N LEU H 137 0.08 -42.18 28.21
CA LEU H 137 -0.06 -43.57 28.65
C LEU H 137 -0.03 -43.66 30.17
N ALA H 138 0.86 -42.89 30.82
CA ALA H 138 1.06 -43.01 32.26
C ALA H 138 -0.22 -42.71 33.02
N ARG H 139 -0.99 -41.72 32.57
CA ARG H 139 -2.20 -41.29 33.25
C ARG H 139 -3.44 -42.03 32.78
N LEU H 140 -3.28 -43.10 32.00
CA LEU H 140 -4.45 -43.88 31.57
C LEU H 140 -5.29 -44.42 32.72
N PRO H 141 -4.72 -44.97 33.80
CA PRO H 141 -5.58 -45.41 34.92
C PRO H 141 -6.28 -44.26 35.62
N PHE H 142 -5.77 -43.04 35.52
CA PHE H 142 -6.46 -41.89 36.10
C PHE H 142 -7.79 -41.65 35.41
N TYR H 143 -7.82 -41.74 34.09
CA TYR H 143 -9.07 -41.52 33.36
C TYR H 143 -10.03 -42.69 33.50
N VAL H 144 -9.50 -43.92 33.64
CA VAL H 144 -10.38 -45.07 33.83
C VAL H 144 -11.08 -44.97 35.18
N GLU H 145 -10.35 -44.60 36.22
CA GLU H 145 -10.97 -44.46 37.54
C GLU H 145 -11.95 -43.30 37.58
N GLN H 146 -11.63 -42.20 36.88
CA GLN H 146 -12.51 -41.04 36.91
C GLN H 146 -13.78 -41.28 36.08
N ALA H 147 -13.65 -42.02 34.97
CA ALA H 147 -14.82 -42.33 34.17
C ALA H 147 -15.76 -43.28 34.91
N VAL H 148 -15.21 -44.30 35.56
CA VAL H 148 -16.04 -45.23 36.33
C VAL H 148 -16.70 -44.50 37.49
N ARG H 149 -15.92 -43.71 38.22
CA ARG H 149 -16.45 -43.00 39.39
C ARG H 149 -17.57 -42.04 39.00
N THR H 150 -17.36 -41.28 37.92
CA THR H 150 -18.36 -40.30 37.50
C THR H 150 -19.66 -40.97 37.07
N SER H 151 -19.56 -42.15 36.44
CA SER H 151 -20.76 -42.81 35.92
C SER H 151 -21.62 -43.41 37.03
N ILE H 152 -21.05 -43.71 38.19
CA ILE H 152 -21.79 -44.34 39.26
C ILE H 152 -22.09 -43.39 40.42
N TYR H 153 -21.28 -42.36 40.64
CA TYR H 153 -21.55 -41.42 41.71
C TYR H 153 -22.58 -40.38 41.27
N GLY H 154 -23.40 -39.95 42.24
CA GLY H 154 -24.48 -39.04 41.91
C GLY H 154 -25.54 -39.73 41.05
N ARG H 155 -26.25 -38.94 40.26
CA ARG H 155 -27.18 -39.51 39.30
C ARG H 155 -26.40 -40.30 38.26
N PRO H 156 -26.61 -41.61 38.15
CA PRO H 156 -25.81 -42.39 37.19
C PRO H 156 -26.03 -41.92 35.76
N GLY H 157 -25.00 -42.08 34.94
CA GLY H 157 -25.06 -41.66 33.55
C GLY H 157 -23.92 -42.28 32.76
N ALA H 158 -23.85 -41.89 31.50
CA ALA H 158 -22.86 -42.42 30.58
C ALA H 158 -21.66 -41.48 30.46
N VAL H 159 -20.48 -42.08 30.24
CA VAL H 159 -19.25 -41.33 30.04
C VAL H 159 -18.57 -41.86 28.80
N TYR H 160 -17.64 -41.06 28.26
CA TYR H 160 -16.95 -41.38 27.03
C TYR H 160 -15.45 -41.20 27.20
N LEU H 161 -14.68 -42.13 26.61
CA LEU H 161 -13.23 -42.08 26.63
C LEU H 161 -12.72 -42.18 25.20
N ASP H 162 -11.95 -41.17 24.77
CA ASP H 162 -11.46 -41.06 23.40
C ASP H 162 -10.01 -41.54 23.38
N LEU H 163 -9.78 -42.74 22.83
CA LEU H 163 -8.46 -43.35 22.85
C LEU H 163 -7.83 -43.33 21.47
N PRO H 164 -6.86 -42.44 21.21
CA PRO H 164 -6.17 -42.46 19.92
C PRO H 164 -5.37 -43.75 19.75
N GLY H 165 -5.08 -44.07 18.48
CA GLY H 165 -4.40 -45.32 18.19
C GLY H 165 -3.02 -45.41 18.83
N ASP H 166 -2.28 -44.30 18.82
CA ASP H 166 -0.94 -44.31 19.41
C ASP H 166 -0.99 -44.51 20.92
N ILE H 167 -2.06 -44.04 21.57
CA ILE H 167 -2.23 -44.29 23.01
C ILE H 167 -2.45 -45.78 23.26
N ILE H 168 -3.13 -46.46 22.35
CA ILE H 168 -3.44 -47.88 22.55
C ILE H 168 -2.20 -48.73 22.34
N THR H 169 -1.45 -48.47 21.27
CA THR H 169 -0.32 -49.30 20.89
C THR H 169 1.00 -48.88 21.52
N GLY H 170 1.08 -47.68 22.09
CA GLY H 170 2.31 -47.26 22.73
C GLY H 170 2.67 -48.13 23.92
N ALA H 171 3.95 -48.10 24.28
CA ALA H 171 4.47 -48.91 25.36
C ALA H 171 5.29 -48.05 26.32
N MET H 172 5.38 -48.52 27.56
CA MET H 172 6.19 -47.86 28.58
C MET H 172 6.45 -48.84 29.71
N GLU H 173 7.37 -48.47 30.59
CA GLU H 173 7.73 -49.33 31.71
C GLU H 173 6.55 -49.49 32.66
N GLU H 174 6.30 -50.73 33.08
CA GLU H 174 5.14 -51.00 33.92
C GLU H 174 5.31 -50.43 35.33
N GLU H 175 6.54 -50.38 35.83
CA GLU H 175 6.76 -49.86 37.18
C GLU H 175 6.49 -48.37 37.29
N ASP H 176 6.41 -47.67 36.16
CA ASP H 176 6.15 -46.23 36.15
C ASP H 176 4.68 -45.91 35.90
N VAL H 177 3.79 -46.89 36.11
CA VAL H 177 2.35 -46.70 35.91
C VAL H 177 1.67 -46.87 37.27
N HIS H 178 1.00 -45.82 37.71
CA HIS H 178 0.26 -45.85 38.97
C HIS H 178 -1.17 -46.30 38.71
N PHE H 179 -1.59 -47.37 39.39
CA PHE H 179 -2.96 -47.85 39.30
C PHE H 179 -3.69 -47.45 40.58
N PRO H 180 -4.59 -46.47 40.55
CA PRO H 180 -5.31 -46.08 41.76
C PRO H 180 -6.21 -47.21 42.23
N PRO H 181 -6.54 -47.25 43.52
CA PRO H 181 -7.38 -48.34 44.04
C PRO H 181 -8.78 -48.29 43.43
N ARG H 182 -9.51 -49.39 43.61
CA ARG H 182 -10.88 -49.47 43.17
C ARG H 182 -11.72 -48.40 43.86
N CYS H 183 -12.37 -47.55 43.08
CA CYS H 183 -13.18 -46.49 43.66
C CYS H 183 -14.29 -47.09 44.51
N PRO H 184 -14.60 -46.51 45.66
CA PRO H 184 -15.61 -47.10 46.54
C PRO H 184 -16.99 -47.12 45.89
N ASP H 185 -17.89 -47.86 46.52
CA ASP H 185 -19.28 -47.87 46.07
C ASP H 185 -19.87 -46.47 46.16
N ALA H 186 -20.93 -46.24 45.41
CA ALA H 186 -21.57 -44.94 45.37
C ALA H 186 -22.00 -44.53 46.77
N PRO H 187 -21.62 -43.35 47.25
CA PRO H 187 -22.00 -42.95 48.61
C PRO H 187 -23.50 -42.71 48.72
N ARG H 188 -24.10 -43.33 49.73
CA ARG H 188 -25.54 -43.24 49.95
C ARG H 188 -25.80 -42.12 50.95
N MET H 189 -26.25 -40.97 50.46
CA MET H 189 -26.56 -39.84 51.32
C MET H 189 -28.01 -39.92 51.78
N MET H 190 -28.27 -39.28 52.93
CA MET H 190 -29.57 -39.35 53.59
C MET H 190 -30.23 -37.98 53.60
N ALA H 191 -31.49 -37.99 53.98
CA ALA H 191 -32.29 -36.79 54.14
C ALA H 191 -32.19 -36.28 55.58
N PRO H 192 -32.38 -34.98 55.80
CA PRO H 192 -32.38 -34.45 57.17
C PRO H 192 -33.55 -35.01 57.96
N GLN H 193 -33.48 -34.80 59.28
CA GLN H 193 -34.49 -35.38 60.15
C GLN H 193 -35.86 -34.74 59.94
N GLU H 194 -35.91 -33.41 59.92
CA GLU H 194 -37.18 -32.71 59.75
C GLU H 194 -37.87 -33.13 58.46
N SER H 195 -37.10 -33.40 57.41
CA SER H 195 -37.69 -33.85 56.15
C SER H 195 -38.33 -35.22 56.30
N ILE H 196 -37.67 -36.14 57.01
CA ILE H 196 -38.24 -37.46 57.23
C ILE H 196 -39.48 -37.36 58.10
N ASP H 197 -39.46 -36.50 59.11
CA ASP H 197 -40.61 -36.34 59.99
C ASP H 197 -41.79 -35.72 59.24
N ALA H 198 -41.51 -34.78 58.33
CA ALA H 198 -42.59 -34.17 57.55
C ALA H 198 -43.17 -35.14 56.53
N ALA H 199 -42.34 -36.06 56.01
CA ALA H 199 -42.84 -37.04 55.05
C ALA H 199 -43.79 -38.04 55.71
N MET H 200 -43.46 -38.49 56.92
CA MET H 200 -44.35 -39.39 57.64
C MET H 200 -45.66 -38.70 58.02
N ALA H 201 -45.57 -37.45 58.50
CA ALA H 201 -46.78 -36.72 58.85
C ALA H 201 -47.65 -36.44 57.63
N ALA H 202 -47.03 -36.28 56.46
CA ALA H 202 -47.81 -36.07 55.24
C ALA H 202 -48.56 -37.33 54.83
N LEU H 203 -47.92 -38.49 54.97
CA LEU H 203 -48.61 -39.75 54.66
C LEU H 203 -49.70 -40.06 55.67
N LYS H 204 -49.46 -39.74 56.95
CA LYS H 204 -50.50 -39.93 57.95
C LYS H 204 -51.68 -38.99 57.70
N SER H 205 -51.40 -37.72 57.44
CA SER H 205 -52.44 -36.75 57.12
C SER H 205 -52.74 -36.82 55.62
N ALA H 206 -53.36 -37.93 55.23
CA ALA H 206 -53.67 -38.18 53.82
C ALA H 206 -54.97 -38.97 53.75
N GLU H 207 -55.95 -38.43 53.04
CA GLU H 207 -57.22 -39.13 52.88
C GLU H 207 -57.08 -40.30 51.93
N ARG H 208 -56.36 -40.12 50.82
CA ARG H 208 -56.21 -41.13 49.78
C ARG H 208 -54.74 -41.23 49.39
N PRO H 209 -53.90 -41.80 50.26
CA PRO H 209 -52.47 -41.84 49.97
C PRO H 209 -52.12 -42.88 48.91
N LEU H 210 -50.94 -42.72 48.34
CA LEU H 210 -50.47 -43.63 47.30
C LEU H 210 -48.95 -43.55 47.22
N VAL H 211 -48.31 -44.72 47.09
CA VAL H 211 -46.87 -44.82 46.96
C VAL H 211 -46.54 -45.32 45.56
N ILE H 212 -45.45 -44.82 44.98
CA ILE H 212 -45.06 -45.18 43.62
C ILE H 212 -43.63 -45.70 43.66
N VAL H 213 -43.45 -46.97 43.34
CA VAL H 213 -42.14 -47.60 43.31
C VAL H 213 -41.58 -47.50 41.89
N GLY H 214 -40.38 -46.93 41.77
CA GLY H 214 -39.77 -46.68 40.48
C GLY H 214 -38.50 -47.49 40.27
N LYS H 215 -38.00 -47.41 39.03
CA LYS H 215 -36.74 -48.09 38.69
C LYS H 215 -35.58 -47.55 39.51
N GLY H 216 -35.61 -46.28 39.88
CA GLY H 216 -34.56 -45.73 40.73
C GLY H 216 -34.47 -46.43 42.07
N ALA H 217 -35.60 -46.96 42.57
CA ALA H 217 -35.55 -47.76 43.79
C ALA H 217 -34.94 -49.13 43.53
N ALA H 218 -35.12 -49.66 42.31
CA ALA H 218 -34.51 -50.94 41.97
C ALA H 218 -33.01 -50.81 41.77
N TYR H 219 -32.57 -49.74 41.08
CA TYR H 219 -31.13 -49.53 40.92
C TYR H 219 -30.47 -49.27 42.26
N SER H 220 -31.17 -48.58 43.16
CA SER H 220 -30.64 -48.35 44.51
C SER H 220 -30.50 -49.65 45.29
N ARG H 221 -31.11 -50.73 44.82
CA ARG H 221 -31.08 -52.04 45.48
C ARG H 221 -31.65 -51.92 46.91
N ALA H 222 -32.89 -51.40 46.96
CA ALA H 222 -33.59 -51.18 48.22
C ALA H 222 -34.83 -52.05 48.34
N GLU H 223 -34.80 -53.23 47.71
CA GLU H 223 -35.98 -54.10 47.73
C GLU H 223 -36.31 -54.58 49.13
N ASN H 224 -35.30 -54.80 49.98
CA ASN H 224 -35.54 -55.24 51.35
C ASN H 224 -36.22 -54.13 52.16
N GLU H 225 -35.70 -52.91 52.08
CA GLU H 225 -36.24 -51.83 52.88
C GLU H 225 -37.59 -51.35 52.36
N VAL H 226 -37.82 -51.46 51.05
CA VAL H 226 -39.11 -51.06 50.50
C VAL H 226 -40.20 -52.02 50.94
N ARG H 227 -39.94 -53.32 50.87
CA ARG H 227 -40.90 -54.32 51.34
C ARG H 227 -41.11 -54.25 52.84
N GLU H 228 -40.15 -53.72 53.59
CA GLU H 228 -40.32 -53.54 55.03
C GLU H 228 -41.22 -52.36 55.35
N PHE H 229 -41.23 -51.34 54.50
CA PHE H 229 -41.97 -50.11 54.80
C PHE H 229 -43.45 -50.23 54.43
N LEU H 230 -43.74 -50.68 53.20
CA LEU H 230 -45.12 -50.75 52.76
C LEU H 230 -45.91 -51.79 53.55
N GLU H 231 -45.31 -52.95 53.81
CA GLU H 231 -45.98 -53.97 54.61
C GLU H 231 -46.19 -53.52 56.05
N THR H 232 -45.44 -52.52 56.51
CA THR H 232 -45.65 -51.97 57.84
C THR H 232 -46.82 -51.00 57.88
N THR H 233 -47.10 -50.32 56.76
CA THR H 233 -48.14 -49.31 56.71
C THR H 233 -49.33 -49.70 55.85
N GLN H 234 -49.23 -50.76 55.06
CA GLN H 234 -50.30 -51.20 54.17
C GLN H 234 -50.72 -50.10 53.20
N LEU H 235 -49.76 -49.29 52.77
CA LEU H 235 -50.04 -48.25 51.80
C LEU H 235 -50.28 -48.86 50.42
N PRO H 236 -51.29 -48.40 49.70
CA PRO H 236 -51.42 -48.81 48.29
C PRO H 236 -50.25 -48.29 47.48
N TYR H 237 -49.67 -49.17 46.67
CA TYR H 237 -48.47 -48.83 45.93
C TYR H 237 -48.63 -49.18 44.45
N LEU H 238 -48.04 -48.34 43.60
CA LEU H 238 -48.00 -48.57 42.16
C LEU H 238 -46.55 -48.77 41.74
N ALA H 239 -46.33 -49.69 40.80
CA ALA H 239 -45.00 -50.01 40.30
C ALA H 239 -44.87 -49.57 38.86
N SER H 240 -43.77 -48.88 38.56
CA SER H 240 -43.45 -48.48 37.21
C SER H 240 -43.10 -49.73 36.39
N PRO H 241 -43.07 -49.63 35.06
CA PRO H 241 -42.76 -50.82 34.24
C PRO H 241 -41.48 -51.54 34.65
N MET H 242 -40.38 -50.82 34.84
CA MET H 242 -39.15 -51.42 35.35
C MET H 242 -39.05 -51.36 36.86
N GLY H 243 -39.99 -50.71 37.53
CA GLY H 243 -40.10 -50.81 38.97
C GLY H 243 -40.72 -52.11 39.46
N LYS H 244 -41.22 -52.93 38.54
CA LYS H 244 -41.74 -54.24 38.90
C LYS H 244 -40.63 -55.12 39.45
N GLY H 245 -41.02 -56.07 40.30
CA GLY H 245 -40.09 -56.97 40.93
C GLY H 245 -39.51 -56.45 42.24
N VAL H 246 -39.41 -55.13 42.40
CA VAL H 246 -39.00 -54.56 43.69
C VAL H 246 -39.92 -55.06 44.78
N MET H 247 -41.22 -55.05 44.53
CA MET H 247 -42.26 -55.69 45.29
C MET H 247 -42.81 -56.89 44.53
N PRO H 248 -43.26 -57.94 45.21
CA PRO H 248 -43.91 -59.05 44.50
C PRO H 248 -45.15 -58.55 43.77
N ASP H 249 -45.23 -58.90 42.49
CA ASP H 249 -46.35 -58.43 41.66
C ASP H 249 -47.68 -59.05 42.03
N ASP H 250 -47.69 -60.04 42.91
CA ASP H 250 -48.93 -60.61 43.45
C ASP H 250 -49.22 -60.11 44.85
N HIS H 251 -48.57 -59.03 45.29
CA HIS H 251 -48.79 -58.50 46.62
C HIS H 251 -50.18 -57.86 46.69
N PRO H 252 -50.88 -58.01 47.82
CA PRO H 252 -52.23 -57.42 47.91
C PRO H 252 -52.25 -55.91 47.85
N LEU H 253 -51.15 -55.25 48.25
CA LEU H 253 -51.09 -53.79 48.23
C LEU H 253 -50.96 -53.22 46.82
N SER H 254 -50.79 -54.07 45.81
CA SER H 254 -50.66 -53.60 44.43
C SER H 254 -51.99 -53.11 43.90
N ILE H 255 -52.09 -51.81 43.70
CA ILE H 255 -53.24 -51.21 43.03
C ILE H 255 -53.00 -51.08 41.52
N ALA H 256 -52.00 -51.78 41.00
CA ALA H 256 -51.63 -51.61 39.60
C ALA H 256 -52.74 -51.86 38.59
N PRO H 257 -53.59 -52.89 38.71
CA PRO H 257 -54.69 -53.03 37.73
C PRO H 257 -55.58 -51.80 37.62
N ALA H 258 -55.84 -51.13 38.74
CA ALA H 258 -56.56 -49.86 38.73
C ALA H 258 -55.60 -48.67 38.66
N ARG H 259 -54.71 -48.70 37.66
CA ARG H 259 -53.62 -47.74 37.61
C ARG H 259 -54.15 -46.31 37.43
N SER H 260 -55.00 -46.09 36.42
CA SER H 260 -55.53 -44.76 36.18
C SER H 260 -56.44 -44.31 37.31
N ALA H 261 -57.16 -45.24 37.94
CA ALA H 261 -58.07 -44.88 39.02
C ALA H 261 -57.33 -44.39 40.25
N ALA H 262 -56.11 -44.85 40.46
CA ALA H 262 -55.32 -44.45 41.63
C ALA H 262 -54.55 -43.15 41.42
N LEU H 263 -54.30 -42.78 40.16
CA LEU H 263 -53.56 -41.54 39.91
C LEU H 263 -54.45 -40.32 40.13
N LEU H 264 -55.72 -40.40 39.73
CA LEU H 264 -56.62 -39.26 39.88
C LEU H 264 -57.06 -39.08 41.33
N GLY H 265 -57.42 -40.16 42.01
CA GLY H 265 -57.94 -40.06 43.36
C GLY H 265 -56.89 -39.74 44.41
N ALA H 266 -55.62 -40.05 44.14
CA ALA H 266 -54.58 -39.82 45.13
C ALA H 266 -54.43 -38.35 45.44
N ASP H 267 -54.40 -38.02 46.74
CA ASP H 267 -54.13 -36.66 47.18
C ASP H 267 -52.71 -36.48 47.70
N VAL H 268 -52.04 -37.55 48.11
CA VAL H 268 -50.63 -37.52 48.45
C VAL H 268 -49.93 -38.64 47.70
N ILE H 269 -48.68 -38.40 47.33
CA ILE H 269 -47.90 -39.33 46.50
C ILE H 269 -46.49 -39.41 47.05
N LEU H 270 -45.99 -40.63 47.20
CA LEU H 270 -44.61 -40.88 47.61
C LEU H 270 -43.86 -41.45 46.41
N LEU H 271 -42.95 -40.65 45.84
CA LEU H 271 -42.17 -41.06 44.68
C LEU H 271 -40.86 -41.69 45.16
N MET H 272 -40.77 -43.01 45.06
CA MET H 272 -39.58 -43.75 45.47
C MET H 272 -38.79 -44.08 44.21
N GLY H 273 -37.86 -43.20 43.85
CA GLY H 273 -37.03 -43.41 42.68
C GLY H 273 -37.79 -43.38 41.37
N ALA H 274 -38.80 -42.51 41.26
CA ALA H 274 -39.60 -42.40 40.04
C ALA H 274 -39.81 -40.92 39.72
N ARG H 275 -39.64 -40.56 38.46
CA ARG H 275 -39.78 -39.19 38.01
C ARG H 275 -41.22 -38.90 37.56
N LEU H 276 -41.60 -37.64 37.66
CA LEU H 276 -42.89 -37.18 37.12
C LEU H 276 -42.73 -36.76 35.66
N ASN H 277 -42.27 -37.71 34.85
CA ASN H 277 -41.98 -37.46 33.45
C ASN H 277 -43.16 -37.91 32.58
N TRP H 278 -42.91 -38.15 31.30
CA TRP H 278 -43.98 -38.50 30.36
C TRP H 278 -44.71 -39.76 30.79
N MET H 279 -43.99 -40.72 31.35
CA MET H 279 -44.62 -41.98 31.77
C MET H 279 -45.55 -41.79 32.94
N MET H 280 -45.35 -40.74 33.75
CA MET H 280 -46.24 -40.41 34.85
C MET H 280 -47.16 -39.25 34.51
N HIS H 281 -47.35 -38.96 33.23
CA HIS H 281 -48.25 -37.90 32.76
C HIS H 281 -47.90 -36.54 33.35
N PHE H 282 -46.62 -36.34 33.67
CA PHE H 282 -46.09 -35.11 34.26
C PHE H 282 -46.75 -34.76 35.58
N GLY H 283 -47.52 -35.66 36.17
CA GLY H 283 -48.25 -35.34 37.39
C GLY H 283 -49.34 -34.31 37.22
N HIS H 284 -49.76 -34.04 35.98
CA HIS H 284 -50.74 -33.02 35.66
C HIS H 284 -52.12 -33.63 35.46
N PRO H 285 -53.18 -32.85 35.62
CA PRO H 285 -54.51 -33.29 35.21
C PRO H 285 -54.56 -33.51 33.72
N PRO H 286 -55.58 -34.23 33.20
CA PRO H 286 -56.76 -34.78 33.88
C PRO H 286 -56.49 -36.11 34.58
N ARG H 287 -55.23 -36.48 34.80
CA ARG H 287 -54.90 -37.75 35.44
C ARG H 287 -54.39 -37.58 36.86
N PHE H 288 -54.39 -36.37 37.41
CA PHE H 288 -53.91 -36.13 38.75
C PHE H 288 -54.73 -35.03 39.41
N ASP H 289 -54.84 -35.11 40.73
CA ASP H 289 -55.48 -34.09 41.53
C ASP H 289 -54.69 -32.78 41.39
N PRO H 290 -55.31 -31.68 40.97
CA PRO H 290 -54.54 -30.43 40.82
C PRO H 290 -53.92 -29.94 42.12
N LYS H 291 -54.49 -30.30 43.27
CA LYS H 291 -53.97 -29.91 44.57
C LYS H 291 -53.20 -31.05 45.25
N VAL H 292 -52.57 -31.92 44.45
CA VAL H 292 -51.91 -33.10 45.00
C VAL H 292 -50.63 -32.69 45.72
N ARG H 293 -50.32 -33.41 46.79
CA ARG H 293 -49.07 -33.25 47.54
C ARG H 293 -48.12 -34.38 47.15
N VAL H 294 -46.85 -34.05 46.98
CA VAL H 294 -45.85 -34.98 46.47
C VAL H 294 -44.70 -35.08 47.44
N ILE H 295 -44.36 -36.31 47.83
CA ILE H 295 -43.13 -36.60 48.56
C ILE H 295 -42.20 -37.30 47.59
N GLN H 296 -41.16 -36.59 47.14
CA GLN H 296 -40.26 -37.10 46.14
C GLN H 296 -38.97 -37.60 46.78
N MET H 297 -38.57 -38.82 46.42
CA MET H 297 -37.35 -39.44 46.92
C MET H 297 -36.48 -39.76 45.71
N ASP H 298 -35.55 -38.86 45.41
CA ASP H 298 -34.71 -38.99 44.22
C ASP H 298 -33.27 -38.64 44.60
N ILE H 299 -32.32 -39.18 43.83
CA ILE H 299 -30.92 -38.99 44.16
C ILE H 299 -30.41 -37.63 43.69
N SER H 300 -30.99 -37.07 42.63
CA SER H 300 -30.57 -35.78 42.10
C SER H 300 -31.48 -34.69 42.65
N ALA H 301 -30.87 -33.59 43.10
CA ALA H 301 -31.66 -32.47 43.59
C ALA H 301 -32.33 -31.71 42.46
N GLU H 302 -31.74 -31.73 41.27
CA GLU H 302 -32.29 -31.01 40.12
C GLU H 302 -33.62 -31.58 39.64
N GLU H 303 -34.00 -32.77 40.09
CA GLU H 303 -35.28 -33.35 39.73
C GLU H 303 -36.40 -32.98 40.69
N ILE H 304 -36.06 -32.54 41.91
CA ILE H 304 -37.06 -32.21 42.90
C ILE H 304 -37.87 -31.00 42.43
N GLY H 305 -39.19 -31.12 42.47
CA GLY H 305 -40.06 -30.02 42.12
C GLY H 305 -40.34 -29.84 40.64
N THR H 306 -40.05 -30.85 39.83
CA THR H 306 -40.31 -30.76 38.40
C THR H 306 -41.78 -30.98 38.12
N ASN H 307 -42.35 -30.12 37.26
CA ASN H 307 -43.75 -30.20 36.83
C ASN H 307 -44.72 -29.92 37.98
N VAL H 308 -44.61 -30.67 39.07
CA VAL H 308 -45.47 -30.52 40.25
C VAL H 308 -44.57 -30.10 41.41
N PRO H 309 -44.95 -29.07 42.17
CA PRO H 309 -44.13 -28.68 43.32
C PRO H 309 -44.07 -29.78 44.36
N THR H 310 -42.85 -30.05 44.86
CA THR H 310 -42.63 -31.09 45.85
C THR H 310 -42.79 -30.49 47.25
N GLU H 311 -43.68 -31.10 48.04
CA GLU H 311 -43.92 -30.59 49.39
C GLU H 311 -42.83 -31.05 50.37
N VAL H 312 -42.43 -32.31 50.29
CA VAL H 312 -41.38 -32.87 51.13
C VAL H 312 -40.29 -33.41 50.22
N ALA H 313 -39.13 -32.77 50.24
CA ALA H 313 -38.00 -33.20 49.42
C ALA H 313 -37.14 -34.17 50.22
N LEU H 314 -36.94 -35.37 49.67
CA LEU H 314 -36.11 -36.40 50.27
C LEU H 314 -35.04 -36.77 49.24
N VAL H 315 -33.98 -35.98 49.20
CA VAL H 315 -32.89 -36.17 48.25
C VAL H 315 -31.83 -37.05 48.89
N GLY H 316 -31.40 -38.08 48.18
CA GLY H 316 -30.45 -39.03 48.70
C GLY H 316 -30.71 -40.40 48.08
N ASP H 317 -30.03 -41.40 48.64
CA ASP H 317 -30.18 -42.76 48.17
C ASP H 317 -31.47 -43.36 48.69
N ALA H 318 -32.18 -44.09 47.81
CA ALA H 318 -33.48 -44.64 48.17
C ALA H 318 -33.38 -45.61 49.34
N LYS H 319 -32.34 -46.45 49.34
CA LYS H 319 -32.16 -47.42 50.42
C LYS H 319 -31.96 -46.73 51.76
N ALA H 320 -31.20 -45.64 51.77
CA ALA H 320 -30.90 -44.95 53.02
C ALA H 320 -32.12 -44.17 53.52
N ILE H 321 -32.78 -43.42 52.63
CA ILE H 321 -33.93 -42.62 53.05
C ILE H 321 -35.07 -43.52 53.51
N THR H 322 -35.26 -44.65 52.84
CA THR H 322 -36.28 -45.60 53.28
C THR H 322 -35.93 -46.17 54.65
N THR H 323 -34.64 -46.39 54.91
CA THR H 323 -34.21 -46.80 56.24
C THR H 323 -34.60 -45.77 57.29
N GLN H 324 -34.46 -44.48 56.96
CA GLN H 324 -34.93 -43.43 57.86
C GLN H 324 -36.43 -43.52 58.07
N LEU H 325 -37.19 -43.80 57.00
CA LEU H 325 -38.63 -43.98 57.14
C LEU H 325 -38.94 -45.24 57.94
N ASN H 326 -38.15 -46.30 57.75
CA ASN H 326 -38.37 -47.53 58.50
C ASN H 326 -37.98 -47.37 59.95
N ALA H 327 -36.87 -46.67 60.22
CA ALA H 327 -36.41 -46.50 61.60
C ALA H 327 -37.38 -45.63 62.40
N SER H 328 -37.95 -44.60 61.77
CA SER H 328 -38.90 -43.75 62.48
C SER H 328 -40.20 -44.50 62.77
N LEU H 329 -40.55 -45.49 61.95
CA LEU H 329 -41.73 -46.29 62.21
C LEU H 329 -41.55 -47.16 63.46
N LYS H 330 -40.31 -47.49 63.80
CA LYS H 330 -40.06 -48.28 65.01
C LYS H 330 -40.42 -47.50 66.26
N GLN H 331 -40.16 -46.18 66.25
CA GLN H 331 -40.52 -45.35 67.39
C GLN H 331 -42.02 -45.05 67.43
N GLN H 332 -42.66 -44.95 66.27
CA GLN H 332 -44.08 -44.67 66.18
C GLN H 332 -44.70 -45.52 65.07
N PRO H 333 -45.30 -46.66 65.42
CA PRO H 333 -45.94 -47.48 64.40
C PRO H 333 -47.21 -46.84 63.88
N TRP H 334 -47.43 -46.98 62.57
CA TRP H 334 -48.64 -46.47 61.93
C TRP H 334 -49.03 -47.41 60.81
N GLN H 335 -50.33 -47.51 60.57
CA GLN H 335 -50.84 -48.44 59.56
C GLN H 335 -52.09 -47.83 58.93
N TYR H 336 -52.07 -47.66 57.61
CA TYR H 336 -53.25 -47.20 56.91
C TYR H 336 -54.36 -48.23 57.07
N PRO H 337 -55.55 -47.83 57.51
CA PRO H 337 -56.59 -48.81 57.86
C PRO H 337 -56.93 -49.73 56.69
N SER H 338 -57.18 -50.99 57.01
CA SER H 338 -57.51 -51.97 55.98
C SER H 338 -58.89 -51.74 55.39
N GLU H 339 -59.76 -51.01 56.08
CA GLU H 339 -61.13 -50.75 55.64
C GLU H 339 -61.31 -49.24 55.51
N THR H 340 -61.03 -48.71 54.32
CA THR H 340 -61.27 -47.31 54.01
C THR H 340 -62.04 -47.21 52.70
N THR H 341 -62.62 -46.03 52.47
CA THR H 341 -63.29 -45.78 51.19
C THR H 341 -62.28 -45.80 50.04
N TRP H 342 -61.03 -45.43 50.32
CA TRP H 342 -60.00 -45.41 49.28
C TRP H 342 -59.61 -46.82 48.85
N TRP H 343 -59.67 -47.79 49.76
CA TRP H 343 -59.32 -49.16 49.40
C TRP H 343 -60.44 -49.85 48.63
N THR H 344 -61.69 -49.65 49.03
CA THR H 344 -62.80 -50.37 48.41
C THR H 344 -62.98 -49.98 46.95
N GLY H 345 -62.90 -48.68 46.64
CA GLY H 345 -63.07 -48.24 45.26
C GLY H 345 -62.00 -48.78 44.34
N LEU H 346 -60.76 -48.86 44.84
CA LEU H 346 -59.67 -49.38 44.01
C LEU H 346 -59.78 -50.89 43.85
N ARG H 347 -60.20 -51.60 44.91
CA ARG H 347 -60.33 -53.05 44.82
C ARG H 347 -61.44 -53.44 43.85
N LYS H 348 -62.51 -52.63 43.79
CA LYS H 348 -63.57 -52.88 42.81
C LYS H 348 -63.03 -52.79 41.39
N LYS H 349 -62.32 -51.69 41.09
CA LYS H 349 -61.77 -51.53 39.75
C LYS H 349 -60.68 -52.56 39.46
N ILE H 350 -59.98 -53.02 40.49
CA ILE H 350 -59.03 -54.13 40.32
C ILE H 350 -59.78 -55.42 39.99
N ASP H 351 -60.80 -55.73 40.79
CA ASP H 351 -61.55 -56.97 40.60
C ASP H 351 -62.29 -56.95 39.26
N GLU H 352 -62.84 -55.81 38.87
CA GLU H 352 -63.62 -55.73 37.64
C GLU H 352 -62.72 -55.80 36.41
N ASN H 353 -61.56 -55.12 36.46
CA ASN H 353 -60.65 -55.17 35.33
C ASN H 353 -59.96 -56.52 35.21
N GLY H 354 -59.80 -57.24 36.33
CA GLY H 354 -59.18 -58.55 36.26
C GLY H 354 -60.05 -59.57 35.53
N ALA H 355 -61.37 -59.51 35.73
CA ALA H 355 -62.26 -60.41 35.02
C ALA H 355 -62.32 -60.09 33.53
N THR H 356 -62.15 -58.81 33.18
CA THR H 356 -62.12 -58.42 31.77
C THR H 356 -60.90 -59.00 31.07
N VAL H 357 -59.78 -59.14 31.79
CA VAL H 357 -58.59 -59.73 31.20
C VAL H 357 -58.74 -61.24 31.08
N ALA H 358 -59.42 -61.87 32.06
CA ALA H 358 -59.59 -63.33 32.02
C ALA H 358 -60.38 -63.77 30.79
N GLU H 359 -61.35 -62.96 30.36
CA GLU H 359 -62.11 -63.29 29.16
C GLU H 359 -61.23 -63.25 27.93
N MET H 360 -60.32 -62.27 27.85
CA MET H 360 -59.46 -62.16 26.66
C MET H 360 -58.41 -63.27 26.63
N MET H 361 -57.88 -63.65 27.80
CA MET H 361 -56.92 -64.75 27.84
C MET H 361 -57.59 -66.09 27.57
N ALA H 362 -58.81 -66.27 28.10
CA ALA H 362 -59.55 -67.51 27.85
C ALA H 362 -60.04 -67.59 26.41
N ASP H 363 -60.05 -66.47 25.69
CA ASP H 363 -60.42 -66.48 24.28
C ASP H 363 -59.37 -67.25 23.47
N GLU H 364 -59.83 -68.15 22.61
CA GLU H 364 -58.94 -69.01 21.83
C GLU H 364 -59.24 -68.88 20.33
N SER H 365 -59.59 -67.67 19.90
CA SER H 365 -59.86 -67.42 18.50
C SER H 365 -58.57 -67.37 17.68
N VAL H 366 -58.66 -67.79 16.43
CA VAL H 366 -57.56 -67.71 15.47
C VAL H 366 -58.01 -66.77 14.35
N PRO H 367 -57.26 -65.70 14.03
CA PRO H 367 -55.93 -65.31 14.54
C PRO H 367 -55.90 -65.03 16.04
N MET H 368 -54.86 -65.50 16.73
CA MET H 368 -54.80 -65.38 18.17
C MET H 368 -54.54 -63.94 18.59
N SER H 369 -54.97 -63.62 19.81
CA SER H 369 -54.89 -62.27 20.34
C SER H 369 -53.57 -62.08 21.09
N TYR H 370 -53.41 -60.90 21.69
CA TYR H 370 -52.28 -60.68 22.59
C TYR H 370 -52.43 -61.45 23.89
N TYR H 371 -53.67 -61.71 24.31
CA TYR H 371 -53.91 -62.30 25.62
C TYR H 371 -53.83 -63.82 25.58
N ARG H 372 -54.27 -64.43 24.48
CA ARG H 372 -54.12 -65.88 24.34
C ARG H 372 -52.66 -66.29 24.37
N VAL H 373 -51.81 -65.56 23.63
CA VAL H 373 -50.39 -65.87 23.62
C VAL H 373 -49.78 -65.71 25.00
N TYR H 374 -49.93 -64.53 25.59
CA TYR H 374 -49.37 -64.26 26.91
C TYR H 374 -49.92 -65.19 27.98
N ARG H 375 -51.13 -65.74 27.79
CA ARG H 375 -51.66 -66.70 28.76
C ARG H 375 -50.71 -67.86 28.97
N GLU H 376 -50.17 -68.42 27.89
CA GLU H 376 -49.26 -69.55 28.01
C GLU H 376 -47.88 -69.12 28.49
N ILE H 377 -47.35 -68.04 27.92
CA ILE H 377 -46.00 -67.59 28.26
C ILE H 377 -45.90 -67.27 29.74
N ARG H 378 -46.89 -66.58 30.29
CA ARG H 378 -46.79 -66.10 31.68
C ARG H 378 -46.71 -67.25 32.67
N ASP H 379 -47.40 -68.36 32.41
CA ASP H 379 -47.35 -69.50 33.30
C ASP H 379 -46.11 -70.36 33.07
N LEU H 380 -45.54 -70.33 31.87
CA LEU H 380 -44.37 -71.15 31.58
C LEU H 380 -43.05 -70.52 32.01
N ILE H 381 -43.00 -69.21 32.16
CA ILE H 381 -41.77 -68.57 32.62
C ILE H 381 -41.63 -68.79 34.13
N PRO H 382 -40.46 -69.19 34.61
CA PRO H 382 -40.28 -69.40 36.05
C PRO H 382 -40.30 -68.07 36.79
N ASN H 383 -40.37 -68.18 38.11
CA ASN H 383 -40.42 -67.00 38.98
C ASN H 383 -39.06 -66.39 39.25
N ASP H 384 -38.00 -66.89 38.61
CA ASP H 384 -36.66 -66.34 38.74
C ASP H 384 -36.11 -65.87 37.40
N ALA H 385 -36.93 -65.89 36.35
CA ALA H 385 -36.44 -65.61 35.00
C ALA H 385 -36.30 -64.12 34.76
N ILE H 386 -35.37 -63.78 33.88
CA ILE H 386 -35.21 -62.41 33.40
C ILE H 386 -36.11 -62.21 32.19
N ILE H 387 -36.93 -61.17 32.22
CA ILE H 387 -37.88 -60.88 31.14
C ILE H 387 -37.43 -59.63 30.43
N GLN H 388 -37.07 -59.76 29.15
CA GLN H 388 -36.75 -58.63 28.29
C GLN H 388 -37.88 -58.48 27.29
N ASN H 389 -38.60 -57.36 27.36
CA ASN H 389 -39.82 -57.17 26.58
C ASN H 389 -39.76 -55.83 25.85
N GLU H 390 -39.61 -55.88 24.53
CA GLU H 390 -39.61 -54.70 23.68
C GLU H 390 -40.90 -54.68 22.87
N GLY H 391 -40.95 -53.80 21.87
CA GLY H 391 -42.13 -53.63 21.06
C GLY H 391 -43.03 -52.51 21.55
N ALA H 392 -44.18 -52.40 20.90
CA ALA H 392 -45.16 -51.37 21.26
C ALA H 392 -46.25 -51.94 22.15
N SER H 393 -47.33 -52.44 21.54
CA SER H 393 -48.40 -53.05 22.31
C SER H 393 -47.95 -54.36 22.94
N THR H 394 -46.97 -55.03 22.34
CA THR H 394 -46.41 -56.24 22.94
C THR H 394 -45.80 -55.94 24.30
N MET H 395 -45.10 -54.81 24.41
CA MET H 395 -44.45 -54.43 25.66
C MET H 395 -45.45 -53.85 26.66
N ASP H 396 -46.39 -53.03 26.19
CA ASP H 396 -47.36 -52.41 27.09
C ASP H 396 -48.27 -53.45 27.72
N ILE H 397 -48.79 -54.36 26.91
CA ILE H 397 -49.69 -55.39 27.45
C ILE H 397 -48.93 -56.37 28.32
N GLY H 398 -47.69 -56.67 27.94
CA GLY H 398 -46.86 -57.58 28.73
C GLY H 398 -46.50 -57.03 30.10
N ARG H 399 -46.53 -55.71 30.27
CA ARG H 399 -46.25 -55.12 31.58
C ARG H 399 -47.31 -55.52 32.60
N THR H 400 -48.56 -55.70 32.16
CA THR H 400 -49.65 -56.02 33.07
C THR H 400 -49.88 -57.52 33.22
N LEU H 401 -49.33 -58.34 32.32
CA LEU H 401 -49.56 -59.78 32.35
C LEU H 401 -48.36 -60.56 32.90
N MET H 402 -47.14 -60.13 32.59
CA MET H 402 -45.95 -60.81 33.09
C MET H 402 -45.65 -60.34 34.50
N PRO H 403 -45.71 -61.23 35.50
CA PRO H 403 -45.36 -60.82 36.86
C PRO H 403 -43.87 -60.94 37.14
N ASN H 404 -43.39 -60.05 38.00
CA ASN H 404 -42.00 -60.06 38.45
C ASN H 404 -41.98 -60.17 39.96
N PHE H 405 -41.25 -61.15 40.47
CA PHE H 405 -41.17 -61.40 41.91
C PHE H 405 -39.84 -60.96 42.51
N LEU H 406 -38.86 -60.62 41.68
CA LEU H 406 -37.55 -60.16 42.14
C LEU H 406 -37.17 -58.89 41.40
N PRO H 407 -36.49 -57.96 42.06
CA PRO H 407 -36.16 -56.69 41.40
C PRO H 407 -35.16 -56.88 40.28
N ARG H 408 -35.21 -55.95 39.32
CA ARG H 408 -34.30 -55.93 38.17
C ARG H 408 -34.43 -57.21 37.33
N HIS H 409 -35.65 -57.74 37.24
CA HIS H 409 -35.92 -58.91 36.41
C HIS H 409 -36.75 -58.59 35.17
N ARG H 410 -37.10 -57.33 34.96
CA ARG H 410 -37.78 -56.90 33.75
C ARG H 410 -36.96 -55.79 33.09
N LEU H 411 -36.66 -55.97 31.80
CA LEU H 411 -35.94 -54.98 31.01
C LEU H 411 -36.79 -54.65 29.79
N ASP H 412 -37.26 -53.40 29.71
CA ASP H 412 -38.05 -52.98 28.56
C ASP H 412 -37.36 -51.86 27.80
N ALA H 413 -38.15 -50.99 27.16
CA ALA H 413 -37.58 -49.92 26.37
C ALA H 413 -36.96 -48.84 27.24
N GLY H 414 -37.51 -48.61 28.43
CA GLY H 414 -36.96 -47.64 29.34
C GLY H 414 -37.57 -46.27 29.20
N SER H 415 -36.95 -45.31 29.89
CA SER H 415 -37.44 -43.94 29.89
C SER H 415 -37.32 -43.30 28.50
N PHE H 416 -36.35 -43.75 27.71
CA PHE H 416 -36.19 -43.24 26.35
C PHE H 416 -37.15 -43.88 25.35
N GLY H 417 -37.86 -44.94 25.75
CA GLY H 417 -38.73 -45.63 24.82
C GLY H 417 -38.02 -46.13 23.59
N THR H 418 -36.81 -46.64 23.76
CA THR H 418 -35.96 -46.97 22.62
C THR H 418 -36.32 -48.31 22.03
N MET H 419 -36.41 -48.37 20.70
CA MET H 419 -36.64 -49.60 19.96
C MET H 419 -35.31 -50.03 19.36
N GLY H 420 -34.78 -51.14 19.83
CA GLY H 420 -33.48 -51.61 19.40
C GLY H 420 -32.61 -52.08 20.56
N VAL H 421 -33.12 -51.94 21.78
CA VAL H 421 -32.42 -52.42 22.97
C VAL H 421 -32.75 -53.87 23.29
N GLY H 422 -33.60 -54.52 22.50
CA GLY H 422 -34.11 -55.83 22.82
C GLY H 422 -33.07 -56.92 23.01
N LEU H 423 -32.49 -57.40 21.91
CA LEU H 423 -31.56 -58.52 22.01
C LEU H 423 -30.28 -58.11 22.75
N GLY H 424 -29.92 -56.83 22.71
CA GLY H 424 -28.75 -56.40 23.46
C GLY H 424 -28.94 -56.57 24.96
N GLN H 425 -30.08 -56.13 25.48
CA GLN H 425 -30.35 -56.28 26.91
C GLN H 425 -30.52 -57.74 27.29
N ALA H 426 -31.04 -58.57 26.38
CA ALA H 426 -31.16 -59.99 26.68
C ALA H 426 -29.79 -60.66 26.75
N ILE H 427 -28.89 -60.33 25.81
CA ILE H 427 -27.54 -60.86 25.85
C ILE H 427 -26.81 -60.36 27.10
N ALA H 428 -27.04 -59.11 27.48
CA ALA H 428 -26.42 -58.58 28.69
C ALA H 428 -26.98 -59.25 29.94
N ALA H 429 -28.21 -59.76 29.88
CA ALA H 429 -28.78 -60.45 31.03
C ALA H 429 -28.17 -61.85 31.19
N ALA H 430 -27.97 -62.56 30.07
CA ALA H 430 -27.37 -63.89 30.13
C ALA H 430 -25.92 -63.85 30.60
N ALA H 431 -25.23 -62.72 30.42
CA ALA H 431 -23.87 -62.59 30.93
C ALA H 431 -23.87 -62.39 32.44
N VAL H 432 -24.88 -61.70 32.98
CA VAL H 432 -24.94 -61.47 34.41
C VAL H 432 -25.52 -62.66 35.14
N HIS H 433 -26.49 -63.34 34.52
CA HIS H 433 -27.16 -64.50 35.13
C HIS H 433 -27.12 -65.66 34.15
N PRO H 434 -25.99 -66.39 34.10
CA PRO H 434 -25.96 -67.60 33.26
C PRO H 434 -26.80 -68.73 33.81
N ASP H 435 -27.15 -68.69 35.10
CA ASP H 435 -27.97 -69.72 35.73
C ASP H 435 -29.46 -69.47 35.54
N LYS H 436 -29.89 -68.21 35.59
CA LYS H 436 -31.28 -67.87 35.36
C LYS H 436 -31.59 -67.87 33.86
N HIS H 437 -32.87 -68.00 33.54
CA HIS H 437 -33.33 -68.02 32.16
C HIS H 437 -33.79 -66.63 31.74
N VAL H 438 -33.47 -66.24 30.51
CA VAL H 438 -33.81 -64.94 29.98
C VAL H 438 -34.87 -65.12 28.90
N PHE H 439 -35.99 -64.40 29.04
CA PHE H 439 -37.08 -64.44 28.07
C PHE H 439 -37.10 -63.12 27.33
N CYS H 440 -36.73 -63.15 26.05
CA CYS H 440 -36.69 -61.96 25.20
C CYS H 440 -37.95 -61.97 24.33
N ILE H 441 -38.94 -61.17 24.73
CA ILE H 441 -40.21 -61.10 24.03
C ILE H 441 -40.22 -59.82 23.20
N GLU H 442 -40.41 -59.97 21.89
CA GLU H 442 -40.29 -58.86 20.95
C GLU H 442 -41.49 -58.83 20.01
N GLY H 443 -41.90 -57.62 19.63
CA GLY H 443 -42.76 -57.47 18.48
C GLY H 443 -41.99 -57.73 17.20
N ASP H 444 -42.73 -58.00 16.13
CA ASP H 444 -42.07 -58.34 14.87
C ASP H 444 -41.31 -57.16 14.27
N SER H 445 -41.56 -55.94 14.74
CA SER H 445 -40.78 -54.78 14.29
C SER H 445 -39.57 -54.53 15.18
N ALA H 446 -39.73 -54.61 16.50
CA ALA H 446 -38.61 -54.40 17.41
C ALA H 446 -37.53 -55.47 17.20
N PHE H 447 -37.92 -56.67 16.80
CA PHE H 447 -36.95 -57.73 16.55
C PHE H 447 -36.04 -57.38 15.38
N GLY H 448 -36.54 -56.64 14.39
CA GLY H 448 -35.74 -56.31 13.23
C GLY H 448 -34.60 -55.36 13.50
N PHE H 449 -34.67 -54.60 14.59
CA PHE H 449 -33.62 -53.63 14.89
C PHE H 449 -32.29 -54.32 15.20
N SER H 450 -32.33 -55.36 16.02
CA SER H 450 -31.11 -56.07 16.45
C SER H 450 -31.29 -57.58 16.30
N GLY H 451 -32.00 -58.02 15.26
CA GLY H 451 -32.28 -59.43 15.11
C GLY H 451 -31.06 -60.27 14.81
N MET H 452 -30.03 -59.65 14.23
CA MET H 452 -28.80 -60.38 13.93
C MET H 452 -28.09 -60.87 15.19
N GLU H 453 -28.43 -60.32 16.36
CA GLU H 453 -27.78 -60.72 17.60
C GLU H 453 -28.17 -62.12 18.06
N VAL H 454 -29.05 -62.82 17.34
CA VAL H 454 -29.31 -64.21 17.68
C VAL H 454 -28.08 -65.07 17.44
N GLU H 455 -27.27 -64.71 16.43
CA GLU H 455 -26.02 -65.43 16.19
C GLU H 455 -24.99 -65.09 17.26
N THR H 456 -25.02 -63.87 17.79
CA THR H 456 -24.10 -63.50 18.86
C THR H 456 -24.42 -64.26 20.13
N ALA H 457 -25.70 -64.34 20.49
CA ALA H 457 -26.10 -65.08 21.69
C ALA H 457 -25.81 -66.57 21.55
N ALA H 458 -25.86 -67.09 20.32
CA ALA H 458 -25.53 -68.49 20.09
C ALA H 458 -24.04 -68.72 19.90
N ARG H 459 -23.28 -67.68 19.55
CA ARG H 459 -21.83 -67.85 19.44
C ARG H 459 -21.20 -68.09 20.81
N TYR H 460 -21.77 -67.51 21.86
CA TYR H 460 -21.27 -67.68 23.22
C TYR H 460 -22.07 -68.71 24.01
N GLY H 461 -22.92 -69.48 23.35
CA GLY H 461 -23.65 -70.55 23.99
C GLY H 461 -24.60 -70.09 25.09
N MET H 462 -25.43 -69.10 24.78
CA MET H 462 -26.41 -68.60 25.74
C MET H 462 -27.76 -69.28 25.50
N LYS H 463 -27.79 -70.57 25.81
CA LYS H 463 -29.03 -71.34 25.66
C LYS H 463 -30.05 -71.02 26.75
N ASN H 464 -29.69 -70.18 27.72
CA ASN H 464 -30.64 -69.70 28.71
C ASN H 464 -31.50 -68.56 28.20
N ILE H 465 -31.35 -68.18 26.93
CA ILE H 465 -32.17 -67.16 26.29
C ILE H 465 -33.13 -67.86 25.33
N THR H 466 -34.40 -67.49 25.40
CA THR H 466 -35.42 -68.03 24.50
C THR H 466 -36.10 -66.86 23.80
N PHE H 467 -35.84 -66.72 22.50
CA PHE H 467 -36.41 -65.62 21.72
C PHE H 467 -37.85 -65.95 21.35
N ILE H 468 -38.78 -65.09 21.78
CA ILE H 468 -40.20 -65.25 21.49
C ILE H 468 -40.66 -63.98 20.79
N ILE H 469 -41.25 -64.14 19.60
CA ILE H 469 -41.66 -63.01 18.78
C ILE H 469 -43.18 -63.04 18.65
N ILE H 470 -43.82 -61.92 18.98
CA ILE H 470 -45.25 -61.74 18.78
C ILE H 470 -45.43 -60.92 17.51
N ASN H 471 -45.94 -61.56 16.46
CA ASN H 471 -45.95 -61.00 15.11
C ASN H 471 -47.35 -60.57 14.74
N ASN H 472 -47.57 -59.27 14.61
CA ASN H 472 -48.81 -58.73 14.07
C ASN H 472 -48.60 -58.12 12.69
N ASN H 473 -47.58 -58.58 11.96
CA ASN H 473 -47.33 -58.22 10.56
C ASN H 473 -46.98 -56.75 10.36
N GLY H 474 -46.55 -56.05 11.40
CA GLY H 474 -46.14 -54.66 11.21
C GLY H 474 -45.98 -53.94 12.53
N ILE H 475 -45.88 -52.62 12.42
CA ILE H 475 -45.79 -51.73 13.59
C ILE H 475 -47.22 -51.47 14.04
N GLY H 476 -47.67 -52.21 15.05
CA GLY H 476 -49.04 -52.12 15.51
C GLY H 476 -50.05 -52.84 14.65
N GLY H 477 -49.65 -53.37 13.50
CA GLY H 477 -50.56 -54.07 12.63
C GLY H 477 -50.17 -54.01 11.17
N GLY H 478 -50.39 -55.10 10.44
CA GLY H 478 -50.10 -55.16 9.03
C GLY H 478 -51.18 -55.89 8.26
N PRO H 479 -51.26 -55.63 6.96
CA PRO H 479 -52.27 -56.31 6.13
C PRO H 479 -51.89 -57.77 5.88
N ASP H 480 -52.85 -58.50 5.33
CA ASP H 480 -52.64 -59.92 5.05
C ASP H 480 -51.83 -60.13 3.78
N THR H 481 -51.90 -59.20 2.84
CA THR H 481 -51.11 -59.24 1.62
C THR H 481 -50.45 -57.89 1.43
N LEU H 482 -49.41 -57.86 0.59
CA LEU H 482 -48.67 -56.64 0.32
C LEU H 482 -48.42 -56.49 -1.18
N ASP H 483 -48.60 -55.26 -1.67
CA ASP H 483 -48.27 -54.92 -3.04
C ASP H 483 -46.95 -54.17 -3.04
N PRO H 484 -45.93 -54.62 -3.77
CA PRO H 484 -44.62 -53.93 -3.73
C PRO H 484 -44.70 -52.46 -4.11
N THR H 485 -45.65 -52.08 -4.95
CA THR H 485 -45.83 -50.68 -5.33
C THR H 485 -46.70 -49.90 -4.36
N ARG H 486 -47.33 -50.58 -3.40
CA ARG H 486 -48.21 -49.92 -2.44
C ARG H 486 -48.07 -50.64 -1.09
N VAL H 487 -47.14 -50.15 -0.28
CA VAL H 487 -46.82 -50.74 1.02
C VAL H 487 -47.13 -49.69 2.09
N PRO H 488 -47.94 -50.01 3.10
CA PRO H 488 -48.12 -49.08 4.20
C PRO H 488 -46.81 -48.84 4.92
N PRO H 489 -46.60 -47.62 5.44
CA PRO H 489 -45.32 -47.32 6.10
C PRO H 489 -45.09 -48.09 7.38
N SER H 490 -46.11 -48.75 7.94
CA SER H 490 -45.97 -49.50 9.18
C SER H 490 -46.13 -51.00 8.98
N ALA H 491 -45.93 -51.48 7.75
CA ALA H 491 -46.17 -52.87 7.42
C ALA H 491 -44.87 -53.58 7.04
N TYR H 492 -44.82 -54.87 7.32
CA TYR H 492 -43.72 -55.75 6.93
C TYR H 492 -44.27 -56.91 6.13
N THR H 493 -43.38 -57.84 5.77
CA THR H 493 -43.77 -58.99 4.97
C THR H 493 -44.80 -59.84 5.71
N PRO H 494 -45.98 -60.06 5.15
CA PRO H 494 -46.97 -60.91 5.82
C PRO H 494 -46.47 -62.34 5.94
N ASN H 495 -46.65 -62.91 7.13
CA ASN H 495 -46.19 -64.26 7.45
C ASN H 495 -44.67 -64.39 7.25
N ALA H 496 -43.93 -63.54 7.97
CA ALA H 496 -42.48 -63.56 7.92
C ALA H 496 -41.94 -64.64 8.85
N HIS H 497 -41.09 -65.51 8.31
CA HIS H 497 -40.54 -66.63 9.07
C HIS H 497 -39.24 -66.17 9.74
N TYR H 498 -39.40 -65.40 10.82
CA TYR H 498 -38.24 -64.93 11.57
C TYR H 498 -37.51 -66.10 12.24
N GLU H 499 -38.22 -67.17 12.59
CA GLU H 499 -37.59 -68.30 13.26
C GLU H 499 -36.61 -69.03 12.36
N LYS H 500 -36.67 -68.81 11.04
CA LYS H 500 -35.72 -69.44 10.13
C LYS H 500 -34.30 -68.92 10.30
N MET H 501 -34.11 -67.85 11.09
CA MET H 501 -32.76 -67.39 11.41
C MET H 501 -32.10 -68.21 12.51
N ALA H 502 -32.89 -68.96 13.30
CA ALA H 502 -32.30 -69.84 14.29
C ALA H 502 -31.46 -70.93 13.64
N GLU H 503 -31.78 -71.28 12.39
CA GLU H 503 -31.03 -72.29 11.65
C GLU H 503 -29.76 -71.73 11.01
N ILE H 504 -29.35 -70.50 11.36
CA ILE H 504 -28.05 -70.00 10.96
C ILE H 504 -26.95 -70.64 11.80
N TYR H 505 -27.19 -70.78 13.10
CA TYR H 505 -26.25 -71.40 14.02
C TYR H 505 -26.61 -72.84 14.35
N GLY H 506 -27.59 -73.41 13.67
CA GLY H 506 -28.03 -74.76 13.95
C GLY H 506 -29.08 -74.89 15.01
N GLY H 507 -29.71 -73.80 15.42
CA GLY H 507 -30.76 -73.83 16.41
C GLY H 507 -32.09 -74.26 15.84
N LYS H 508 -33.11 -74.18 16.69
CA LYS H 508 -34.45 -74.64 16.35
C LYS H 508 -35.38 -73.44 16.16
N GLY H 509 -36.23 -73.52 15.13
CA GLY H 509 -37.17 -72.47 14.83
C GLY H 509 -38.60 -72.96 14.97
N TYR H 510 -39.48 -72.07 15.39
CA TYR H 510 -40.88 -72.40 15.64
C TYR H 510 -41.77 -71.31 15.09
N PHE H 511 -42.93 -71.70 14.54
CA PHE H 511 -43.83 -70.80 13.84
C PHE H 511 -45.27 -71.05 14.29
N VAL H 512 -45.54 -70.78 15.56
CA VAL H 512 -46.87 -71.02 16.11
C VAL H 512 -47.88 -70.14 15.41
N THR H 513 -49.02 -70.73 15.05
CA THR H 513 -50.11 -69.99 14.41
C THR H 513 -51.48 -70.27 14.99
N GLU H 514 -51.70 -71.41 15.65
CA GLU H 514 -52.92 -71.74 16.35
C GLU H 514 -52.62 -72.00 17.82
N PRO H 515 -53.59 -71.77 18.72
CA PRO H 515 -53.31 -71.91 20.16
C PRO H 515 -52.79 -73.28 20.58
N SER H 516 -53.00 -74.30 19.76
CA SER H 516 -52.57 -75.64 20.11
C SER H 516 -51.06 -75.73 20.26
N GLN H 517 -50.31 -75.13 19.34
CA GLN H 517 -48.86 -75.26 19.30
C GLN H 517 -48.15 -74.41 20.35
N LEU H 518 -48.85 -73.49 21.01
CA LEU H 518 -48.24 -72.55 21.95
C LEU H 518 -47.40 -73.23 23.02
N ARG H 519 -48.06 -73.92 23.96
CA ARG H 519 -47.32 -74.58 25.03
C ARG H 519 -46.30 -75.60 24.54
N PRO H 520 -46.61 -76.48 23.57
CA PRO H 520 -45.57 -77.42 23.10
C PRO H 520 -44.31 -76.74 22.60
N ALA H 521 -44.44 -75.75 21.71
CA ALA H 521 -43.28 -75.07 21.16
C ALA H 521 -42.53 -74.30 22.25
N LEU H 522 -43.26 -73.59 23.12
CA LEU H 522 -42.63 -72.83 24.19
C LEU H 522 -41.80 -73.74 25.10
N GLU H 523 -42.38 -74.87 25.51
CA GLU H 523 -41.67 -75.78 26.40
C GLU H 523 -40.48 -76.42 25.70
N GLU H 524 -40.66 -76.84 24.45
CA GLU H 524 -39.56 -77.46 23.71
C GLU H 524 -38.47 -76.46 23.36
N ALA H 525 -38.77 -75.16 23.40
CA ALA H 525 -37.76 -74.15 23.10
C ALA H 525 -36.87 -73.85 24.29
N ILE H 526 -37.41 -73.94 25.51
CA ILE H 526 -36.61 -73.67 26.69
C ILE H 526 -35.55 -74.74 26.90
N LYS H 527 -35.89 -76.00 26.60
CA LYS H 527 -34.97 -77.11 26.77
C LYS H 527 -33.88 -77.16 25.71
N ALA H 528 -33.90 -76.26 24.72
CA ALA H 528 -32.96 -76.33 23.62
C ALA H 528 -31.54 -76.05 24.09
N ASP H 529 -30.58 -76.74 23.46
CA ASP H 529 -29.16 -76.51 23.74
C ASP H 529 -28.62 -75.26 23.05
N LYS H 530 -29.41 -74.64 22.18
CA LYS H 530 -29.06 -73.41 21.50
C LYS H 530 -30.20 -72.42 21.66
N PRO H 531 -29.94 -71.13 21.51
CA PRO H 531 -31.03 -70.14 21.59
C PRO H 531 -32.11 -70.43 20.55
N ALA H 532 -33.36 -70.48 21.02
CA ALA H 532 -34.50 -70.84 20.19
C ALA H 532 -35.33 -69.61 19.89
N ILE H 533 -35.68 -69.44 18.61
CA ILE H 533 -36.55 -68.37 18.16
C ILE H 533 -37.94 -68.95 17.96
N VAL H 534 -38.93 -68.37 18.63
CA VAL H 534 -40.32 -68.84 18.55
C VAL H 534 -41.14 -67.72 17.95
N ASN H 535 -41.44 -67.83 16.65
CA ASN H 535 -42.27 -66.85 15.97
C ASN H 535 -43.74 -67.18 16.19
N ILE H 536 -44.52 -66.19 16.60
CA ILE H 536 -45.94 -66.37 16.93
C ILE H 536 -46.73 -65.31 16.19
N MET H 537 -47.53 -65.73 15.21
CA MET H 537 -48.38 -64.82 14.46
C MET H 537 -49.66 -64.55 15.26
N ILE H 538 -50.05 -63.28 15.34
CA ILE H 538 -51.23 -62.87 16.08
C ILE H 538 -52.11 -62.00 15.17
N SER H 539 -53.25 -61.60 15.72
CA SER H 539 -54.20 -60.74 15.00
C SER H 539 -53.73 -59.29 15.05
N ALA H 540 -53.78 -58.62 13.90
CA ALA H 540 -53.43 -57.21 13.86
C ALA H 540 -54.49 -56.36 14.52
N THR H 541 -55.74 -56.83 14.56
CA THR H 541 -56.81 -56.09 15.21
C THR H 541 -56.71 -56.13 16.73
N SER H 542 -55.96 -57.07 17.28
CA SER H 542 -55.85 -57.22 18.72
C SER H 542 -55.19 -55.99 19.34
N GLN H 543 -55.79 -55.47 20.41
CA GLN H 543 -55.28 -54.28 21.07
C GLN H 543 -55.19 -54.48 22.58
N1' TPP I . 20.99 21.54 1.98
C2' TPP I . 21.95 22.41 1.62
CM2 TPP I . 22.84 22.00 0.49
N3' TPP I . 22.19 23.59 2.18
C4' TPP I . 21.39 23.97 3.20
N4' TPP I . 21.64 25.16 3.77
C5' TPP I . 20.33 23.13 3.65
C6' TPP I . 20.21 21.93 2.98
C7' TPP I . 19.42 23.49 4.79
N3 TPP I . 20.12 23.55 6.09
C2 TPP I . 20.56 24.66 6.64
S1 TPP I . 21.33 24.40 8.10
C5 TPP I . 21.06 22.70 7.98
C4 TPP I . 20.40 22.40 6.83
CM4 TPP I . 19.98 21.06 6.35
C6 TPP I . 21.54 21.74 9.04
C7 TPP I . 21.05 22.11 10.42
O7 TPP I . 21.35 21.01 11.32
PA TPP I . 22.74 20.83 12.06
O1A TPP I . 23.86 20.86 11.11
O2A TPP I . 22.65 19.55 12.90
O3A TPP I . 22.77 22.06 13.06
PB TPP I . 22.16 22.49 14.46
O1B TPP I . 20.71 22.82 14.33
O2B TPP I . 22.43 21.31 15.38
O3B TPP I . 23.01 23.68 14.90
PB ADP J . 31.48 38.60 3.90
O1B ADP J . 30.81 37.30 3.49
O2B ADP J . 32.73 38.41 4.71
O3B ADP J . 30.54 39.65 4.42
PA ADP J . 31.33 38.84 1.11
O1A ADP J . 31.78 37.46 0.70
O2A ADP J . 29.85 39.16 1.16
O3A ADP J . 32.02 39.21 2.51
O5' ADP J . 32.05 39.90 0.15
C5' ADP J . 33.02 39.46 -0.80
C4' ADP J . 33.46 40.65 -1.63
O4' ADP J . 34.87 40.85 -1.53
C3' ADP J . 33.14 40.46 -3.10
O3' ADP J . 32.14 41.40 -3.49
C2' ADP J . 34.42 40.73 -3.84
O2' ADP J . 34.18 41.65 -4.91
C1' ADP J . 35.32 41.36 -2.78
N9 ADP J . 36.75 41.02 -3.05
C8 ADP J . 37.24 39.83 -3.43
N7 ADP J . 38.58 39.89 -3.60
C5 ADP J . 38.98 41.15 -3.33
C6 ADP J . 40.25 41.90 -3.31
N6 ADP J . 41.42 41.29 -3.62
N1 ADP J . 40.21 43.20 -2.96
C2 ADP J . 39.06 43.82 -2.65
N3 ADP J . 37.86 43.21 -2.65
C4 ADP J . 37.76 41.90 -2.97
C1 GOL K . 29.04 36.78 -6.92
O1 GOL K . 29.32 36.34 -5.63
C2 GOL K . 27.52 36.68 -7.12
O2 GOL K . 27.14 36.77 -8.45
C3 GOL K . 27.11 35.33 -6.48
O3 GOL K . 26.43 35.63 -5.29
MG MG L . 21.42 19.46 14.45
N1' TPP M . 31.86 9.30 -10.45
C2' TPP M . 30.64 9.15 -10.97
CM2 TPP M . 29.58 10.10 -10.54
N3' TPP M . 30.29 8.19 -11.85
C4' TPP M . 31.23 7.33 -12.25
N4' TPP M . 30.86 6.39 -13.12
C5' TPP M . 32.57 7.42 -11.75
C6' TPP M . 32.80 8.43 -10.86
C7' TPP M . 33.67 6.47 -12.16
N3 TPP M . 33.43 5.09 -11.69
C2 TPP M . 32.91 4.13 -12.44
S1 TPP M . 32.76 2.68 -11.63
C5 TPP M . 33.44 3.38 -10.20
C4 TPP M . 33.74 4.68 -10.40
CM4 TPP M . 34.34 5.62 -9.42
C6 TPP M . 33.61 2.56 -8.94
C7 TPP M . 34.29 1.23 -9.19
O7 TPP M . 34.73 0.70 -7.92
PA TPP M . 33.86 -0.22 -6.99
O1A TPP M . 32.47 0.28 -6.88
O2A TPP M . 34.60 -0.38 -5.66
O3A TPP M . 33.93 -1.61 -7.73
PB TPP M . 35.01 -2.64 -8.28
O1B TPP M . 36.36 -2.34 -7.72
O2B TPP M . 34.46 -4.02 -7.88
O3B TPP M . 34.94 -2.51 -9.81
PB ADP N . 18.45 -0.20 -22.26
O1B ADP N . 18.72 -0.70 -20.86
O2B ADP N . 19.69 0.16 -23.03
O3B ADP N . 17.46 -0.99 -23.06
PA ADP N . 17.90 2.60 -22.69
O1A ADP N . 17.60 3.68 -21.68
O2A ADP N . 19.18 2.65 -23.47
O3A ADP N . 17.62 1.17 -22.00
O5' ADP N . 16.69 2.63 -23.75
C5' ADP N . 15.40 3.02 -23.29
C4' ADP N . 14.56 3.52 -24.46
O4' ADP N . 13.20 3.12 -24.28
C3' ADP N . 14.58 5.04 -24.53
O3' ADP N . 15.21 5.45 -25.76
C2' ADP N . 13.13 5.48 -24.53
O2' ADP N . 12.88 6.39 -25.61
C1' ADP N . 12.36 4.18 -24.72
N9 ADP N . 11.06 4.19 -24.00
C8 ADP N . 10.79 4.78 -22.83
N7 ADP N . 9.48 4.58 -22.49
C5 ADP N . 8.91 3.85 -23.46
C6 ADP N . 7.57 3.28 -23.74
N6 ADP N . 6.55 3.46 -22.87
N1 ADP N . 7.40 2.58 -24.87
C2 ADP N . 8.41 2.39 -25.74
N3 ADP N . 9.65 2.87 -25.56
C4 ADP N . 9.96 3.59 -24.47
C1 GOL O . 18.76 12.31 -23.72
O1 GOL O . 17.56 12.45 -24.42
C2 GOL O . 19.12 10.80 -23.74
O2 GOL O . 18.08 10.02 -23.24
C3 GOL O . 20.40 10.69 -22.88
O3 GOL O . 21.40 11.38 -23.56
MG MG P . 36.02 -1.80 -5.52
N1' TPP Q . -7.12 -12.54 31.39
C2' TPP Q . -7.95 -13.21 32.20
CM2 TPP Q . -9.40 -13.18 31.89
N3' TPP Q . -7.57 -13.89 33.29
C4' TPP Q . -6.26 -13.93 33.59
N4' TPP Q . -5.90 -14.63 34.67
C5' TPP Q . -5.30 -13.25 32.78
C6' TPP Q . -5.82 -12.58 31.69
C7' TPP Q . -3.83 -13.25 33.07
N3 TPP Q . -3.49 -12.54 34.32
C2 TPP Q . -3.27 -13.15 35.47
S1 TPP Q . -2.91 -12.07 36.70
C5 TPP Q . -3.04 -10.73 35.62
C4 TPP Q . -3.36 -11.15 34.38
CM4 TPP Q . -3.56 -10.32 33.17
C6 TPP Q . -2.84 -9.32 36.10
C7 TPP Q . -1.55 -9.15 36.88
O7 TPP Q . -1.33 -7.73 37.09
PA TPP Q . -1.93 -6.91 38.31
O1A TPP Q . -3.36 -7.20 38.51
O2A TPP Q . -1.59 -5.44 38.09
O3A TPP Q . -1.03 -7.43 39.52
PB TPP Q . 0.45 -7.33 40.04
O1B TPP Q . 1.38 -6.93 38.96
O2B TPP Q . 0.39 -6.33 41.20
O3B TPP Q . 0.74 -8.72 40.61
PB ADP R . -12.12 -23.03 47.66
O1B ADP R . -12.21 -21.99 46.58
O2B ADP R . -12.35 -22.50 49.06
O3B ADP R . -10.94 -23.98 47.54
PA ADP R . -13.72 -24.66 46.02
O1A ADP R . -14.44 -23.67 45.14
O2A ADP R . -12.49 -25.38 45.50
O3A ADP R . -13.40 -23.97 47.43
O5' ADP R . -14.78 -25.77 46.48
C5' ADP R . -16.17 -25.59 46.20
C4' ADP R . -16.91 -26.87 46.52
O4' ADP R . -17.87 -26.67 47.57
C3' ADP R . -17.68 -27.36 45.31
O3' ADP R . -17.08 -28.57 44.83
C2' ADP R . -19.09 -27.63 45.79
O2' ADP R . -19.49 -28.95 45.42
C1' ADP R . -19.01 -27.48 47.31
N9 ADP R . -20.25 -26.89 47.86
C8 ADP R . -20.95 -25.86 47.33
N7 ADP R . -22.05 -25.58 48.08
C5 ADP R . -22.08 -26.45 49.10
C6 ADP R . -22.96 -26.70 50.26
N6 ADP R . -24.06 -25.96 50.48
N1 ADP R . -22.62 -27.71 51.11
C2 ADP R . -21.52 -28.46 50.90
N3 ADP R . -20.67 -28.28 49.87
C4 ADP R . -20.89 -27.31 48.95
C1 EDO S . -15.63 -27.03 37.21
O1 EDO S . -14.72 -26.11 37.83
C2 EDO S . -16.82 -27.27 38.13
O2 EDO S . -17.71 -28.21 37.52
MG MG T . 0.55 -5.32 38.24
N1' TPP U . -24.21 -4.95 23.57
C2' TPP U . -23.72 -5.36 22.39
CM2 TPP U . -22.51 -6.26 22.43
N3' TPP U . -24.19 -5.05 21.18
C4' TPP U . -25.28 -4.25 21.12
N4' TPP U . -25.75 -3.96 19.91
C5' TPP U . -25.88 -3.75 22.31
C6' TPP U . -25.29 -4.15 23.49
C7' TPP U . -27.09 -2.86 22.32
N3 TPP U . -26.82 -1.52 21.73
C2 TPP U . -27.14 -1.18 20.50
S1 TPP U . -26.69 0.39 20.14
C5 TPP U . -26.04 0.61 21.72
C4 TPP U . -26.18 -0.51 22.45
CM4 TPP U . -25.75 -0.73 23.86
C6 TPP U . -25.41 1.92 22.13
C7 TPP U . -26.29 3.11 21.85
O7 TPP U . -25.75 4.26 22.56
PA TPP U . -24.58 5.16 22.04
O1A TPP U . -23.41 4.36 21.62
O2A TPP U . -24.29 6.21 23.10
O3A TPP U . -25.24 5.93 20.81
PB TPP U . -26.42 6.94 20.51
O1B TPP U . -27.74 6.38 20.95
O2B TPP U . -26.02 8.22 21.23
O3B TPP U . -26.33 7.19 18.99
PB ADP V . -22.85 -5.73 3.48
O1B ADP V . -21.75 -4.83 2.99
O2B ADP V . -22.86 -5.91 4.98
O3B ADP V . -24.21 -5.46 2.87
PA ADP V . -22.35 -8.47 3.85
O1A ADP V . -21.21 -8.30 4.83
O2A ADP V . -23.71 -8.85 4.37
O3A ADP V . -22.47 -7.18 2.91
O5' ADP V . -21.91 -9.57 2.76
C5' ADP V . -20.62 -10.16 2.82
C4' ADP V . -20.55 -11.25 1.76
O4' ADP V . -19.46 -11.06 0.86
C3' ADP V . -20.37 -12.62 2.40
O3' ADP V . -21.55 -13.40 2.20
C2' ADP V . -19.21 -13.26 1.66
O2' ADP V . -19.57 -14.57 1.22
C1' ADP V . -18.98 -12.33 0.48
N9 ADP V . -17.55 -12.31 0.10
C8 ADP V . -16.48 -12.24 0.93
N7 ADP V . -15.32 -12.24 0.22
C5 ADP V . -15.64 -12.31 -1.08
C6 ADP V . -14.89 -12.35 -2.37
N6 ADP V . -13.54 -12.31 -2.40
N1 ADP V . -15.62 -12.42 -3.50
C2 ADP V . -16.97 -12.46 -3.48
N3 ADP V . -17.70 -12.43 -2.37
C4 ADP V . -17.10 -12.36 -1.15
MG MG W . -25.64 7.87 23.12
N1' TPP X . 7.98 43.06 -34.03
C2' TPP X . 7.79 41.74 -34.27
CM2 TPP X . 8.98 40.96 -34.72
N3' TPP X . 6.64 41.08 -34.15
C4' TPP X . 5.56 41.79 -33.75
N4' TPP X . 4.41 41.11 -33.63
C5' TPP X . 5.66 43.18 -33.47
C6' TPP X . 6.90 43.73 -33.64
C7' TPP X . 4.48 44.01 -33.02
N3 TPP X . 3.55 44.33 -34.13
C2 TPP X . 2.46 43.64 -34.41
S1 TPP X . 1.64 44.26 -35.72
C5 TPP X . 2.80 45.51 -35.91
C4 TPP X . 3.77 45.41 -34.99
CM4 TPP X . 4.95 46.30 -34.81
C6 TPP X . 2.68 46.54 -37.01
C7 TPP X . 1.55 46.25 -37.97
O7 TPP X . 1.84 46.95 -39.21
PA TPP X . 0.77 47.31 -40.30
O1A TPP X . 0.51 46.11 -41.12
O2A TPP X . 1.24 48.55 -41.04
O3A TPP X . -0.50 47.73 -39.45
PB TPP X . -2.07 47.88 -39.61
O1B TPP X . -2.74 48.08 -38.29
O2B TPP X . -2.24 49.05 -40.57
O3B TPP X . -2.51 46.59 -40.31
PB ADP Y . -2.98 26.62 -35.54
O1B ADP Y . -3.28 26.06 -36.90
O2B ADP Y . -1.79 27.56 -35.52
O3B ADP Y . -4.17 27.12 -34.78
PA ADP Y . -0.94 25.15 -34.26
O1A ADP Y . -0.04 25.42 -35.44
O2A ADP Y . -0.70 25.89 -32.96
O3A ADP Y . -2.48 25.34 -34.70
O5' ADP Y . -0.86 23.57 -33.97
C5' ADP Y . 0.32 22.86 -34.30
C4' ADP Y . 0.28 21.47 -33.66
O4' ADP Y . 0.16 20.46 -34.67
C3' ADP Y . 1.57 21.19 -32.91
O3' ADP Y . 1.29 21.00 -31.52
C2' ADP Y . 2.13 19.91 -33.49
O2' ADP Y . 2.50 19.00 -32.44
C1' ADP Y . 0.96 19.34 -34.30
N9 ADP Y . 1.47 18.60 -35.48
C8 ADP Y . 2.49 18.96 -36.28
N7 ADP Y . 2.70 18.05 -37.25
C5 ADP Y . 1.80 17.06 -37.08
C6 ADP Y . 1.46 15.79 -37.74
N6 ADP Y . 2.15 15.37 -38.84
N1 ADP Y . 0.45 15.06 -37.23
C2 ADP Y . -0.24 15.46 -36.15
N3 ADP Y . 0.01 16.60 -35.49
C4 ADP Y . 0.99 17.43 -35.90
MG MG Z . -0.44 49.96 -40.73
N1' TPP AA . 26.14 39.43 -42.09
C2' TPP AA . 26.51 40.03 -40.95
CM2 TPP AA . 25.45 40.29 -39.93
N3' TPP AA . 27.75 40.42 -40.65
C4' TPP AA . 28.72 40.21 -41.55
N4' TPP AA . 29.96 40.60 -41.23
C5' TPP AA . 28.44 39.57 -42.80
C6' TPP AA . 27.12 39.21 -42.99
C7' TPP AA . 29.48 39.29 -43.85
N3 TPP AA . 29.88 40.51 -44.60
C2 TPP AA . 30.90 41.27 -44.26
S1 TPP AA . 31.10 42.56 -45.30
C5 TPP AA . 29.76 42.05 -46.26
C4 TPP AA . 29.21 40.93 -45.74
CM4 TPP AA . 28.04 40.16 -46.26
C6 TPP AA . 29.33 42.82 -47.47
C7 TPP AA . 30.48 43.36 -48.28
O7 TPP AA . 29.96 44.06 -49.43
PA TPP AA . 29.73 45.62 -49.48
O1A TPP AA . 29.03 46.09 -48.26
O2A TPP AA . 29.02 45.94 -50.80
O3A TPP AA . 31.20 46.22 -49.58
PB TPP AA . 32.42 46.26 -50.60
O1B TPP AA . 31.99 46.76 -51.94
O2B TPP AA . 33.45 47.17 -49.91
O3B TPP AA . 32.95 44.83 -50.61
PB ADP BA . 40.08 48.74 -30.52
O1B ADP BA . 39.41 50.10 -30.51
O2B ADP BA . 39.32 47.70 -31.29
O3B ADP BA . 41.57 48.76 -30.76
PA ADP BA . 38.85 47.21 -28.52
O1A ADP BA . 37.49 47.83 -28.71
O2A ADP BA . 39.14 45.84 -29.11
O3A ADP BA . 39.98 48.24 -28.99
O5' ADP BA . 39.14 47.18 -26.95
C5' ADP BA . 38.38 47.99 -26.07
C4' ADP BA . 38.88 47.79 -24.65
O4' ADP BA . 38.86 49.02 -23.92
C3' ADP BA . 38.00 46.80 -23.90
O3' ADP BA . 38.76 45.64 -23.57
C2' ADP BA . 37.60 47.51 -22.62
O2' ADP BA . 37.82 46.65 -21.50
C1' ADP BA . 38.50 48.73 -22.57
N9 ADP BA . 37.84 49.88 -21.91
C8 ADP BA . 36.53 50.21 -21.99
N7 ADP BA . 36.27 51.31 -21.24
C5 ADP BA . 37.42 51.69 -20.65
C6 ADP BA . 37.84 52.77 -19.73
N6 ADP BA . 36.95 53.68 -19.27
N1 ADP BA . 39.14 52.81 -19.35
C2 ADP BA . 40.03 51.90 -19.80
N3 ADP BA . 39.71 50.90 -20.63
C4 ADP BA . 38.44 50.74 -21.09
C1 EDO CA . 33.93 40.54 -25.14
O1 EDO CA . 33.99 39.99 -26.46
C2 EDO CA . 33.73 39.44 -24.13
O2 EDO CA . 33.58 40.00 -22.81
MG MG DA . 30.31 45.49 -52.62
N1' TPP EA . -17.75 -50.75 12.87
C2' TPP EA . -17.83 -49.87 11.88
CM2 TPP EA . -19.04 -48.98 11.85
N3' TPP EA . -16.94 -49.70 10.89
C4' TPP EA . -15.85 -50.49 10.91
N4' TPP EA . -14.97 -50.31 9.92
C5' TPP EA . -15.67 -51.47 11.92
C6' TPP EA . -16.67 -51.53 12.87
C7' TPP EA . -14.47 -52.39 11.98
N3 TPP EA . -14.30 -53.21 10.77
C2 TPP EA . -13.42 -52.95 9.81
S1 TPP EA . -13.48 -54.05 8.57
C5 TPP EA . -14.76 -54.93 9.35
C4 TPP EA . -15.08 -54.33 10.52
CM4 TPP EA . -16.12 -54.78 11.50
C6 TPP EA . -15.36 -56.15 8.73
C7 TPP EA . -14.32 -57.11 8.17
O7 TPP EA . -14.94 -58.40 8.01
PA TPP EA . -15.65 -58.88 6.69
O1A TPP EA . -16.66 -57.88 6.27
O2A TPP EA . -16.20 -60.29 6.93
O3A TPP EA . -14.46 -59.01 5.65
PB TPP EA . -13.16 -59.87 5.42
O1B TPP EA . -13.37 -61.29 5.79
O2B TPP EA . -12.84 -59.66 3.94
O3B TPP EA . -12.08 -59.17 6.26
PB ADP FA . -11.82 -40.36 -3.43
O1B ADP FA . -12.75 -40.95 -4.47
O2B ADP FA . -12.09 -40.85 -2.02
O3B ADP FA . -10.36 -40.33 -3.82
PA ADP FA . -12.82 -38.10 -2.07
O1A ADP FA . -14.22 -38.60 -1.82
O2A ADP FA . -11.78 -38.15 -0.97
O3A ADP FA . -12.22 -38.81 -3.40
O5' ADP FA . -12.92 -36.57 -2.59
C5' ADP FA . -14.19 -35.95 -2.75
C4' ADP FA . -13.94 -34.49 -3.08
O4' ADP FA . -14.61 -34.09 -4.28
C3' ADP FA . -14.44 -33.59 -1.97
O3' ADP FA . -13.33 -32.96 -1.31
C2' ADP FA . -15.29 -32.53 -2.65
O2' ADP FA . -14.87 -31.23 -2.24
C1' ADP FA . -15.04 -32.74 -4.13
N9 ADP FA . -16.25 -32.45 -4.94
C8 ADP FA . -17.52 -32.78 -4.61
N7 ADP FA . -18.40 -32.36 -5.56
C5 ADP FA . -17.68 -31.73 -6.51
C6 ADP FA . -17.96 -31.04 -7.80
N6 ADP FA . -19.23 -30.93 -8.26
N1 ADP FA . -16.92 -30.52 -8.47
C2 ADP FA . -15.66 -30.61 -8.03
N3 ADP FA . -15.33 -31.23 -6.88
C4 ADP FA . -16.27 -31.79 -6.09
C1 EDO GA . -14.77 -33.39 5.99
O1 EDO GA . -15.61 -32.70 5.06
C2 EDO GA . -14.84 -34.89 5.73
O2 EDO GA . -14.10 -35.59 6.74
MG MG HA . -14.86 -61.91 7.22
N1' TPP IA . -36.99 -46.27 16.54
C2' TPP IA . -36.64 -46.10 17.83
CM2 TPP IA . -35.18 -46.09 18.14
N3' TPP IA . -37.49 -45.96 18.85
C4' TPP IA . -38.80 -45.96 18.58
N4' TPP IA . -39.64 -45.81 19.62
C5' TPP IA . -39.28 -46.13 17.25
C6' TPP IA . -38.30 -46.28 16.29
C7' TPP IA . -40.74 -46.16 16.89
N3 TPP IA . -41.44 -47.36 17.41
C2 TPP IA . -42.16 -47.37 18.51
S1 TPP IA . -42.81 -48.87 18.83
C5 TPP IA . -42.10 -49.53 17.40
C4 TPP IA . -41.40 -48.58 16.76
CM4 TPP IA . -40.62 -48.75 15.48
C6 TPP IA . -42.29 -50.98 17.03
C7 TPP IA . -43.71 -51.46 17.24
O7 TPP IA . -43.88 -52.70 16.49
PA TPP IA . -43.67 -54.13 17.11
O1A TPP IA . -42.31 -54.28 17.68
O2A TPP IA . -44.04 -55.15 16.03
O3A TPP IA . -44.80 -54.21 18.22
PB TPP IA . -46.37 -54.37 18.35
O1B TPP IA . -47.07 -53.26 17.63
O2B TPP IA . -46.67 -55.75 17.77
O3B TPP IA . -46.63 -54.38 19.86
PB ADP JA . -39.49 -45.02 36.30
O1B ADP JA . -39.15 -46.29 37.04
O2B ADP JA . -38.95 -44.96 34.90
O3B ADP JA . -40.93 -44.57 36.46
PA ADP JA . -37.50 -43.02 36.39
O1A ADP JA . -36.47 -43.94 35.80
O2A ADP JA . -38.11 -41.94 35.52
O3A ADP JA . -38.67 -43.87 37.09
O5' ADP JA . -36.82 -42.33 37.66
C5' ADP JA . -35.46 -42.62 37.94
C4' ADP JA . -34.96 -41.64 38.99
O4' ADP JA . -34.45 -42.33 40.12
C3' ADP JA . -33.83 -40.80 38.42
O3' ADP JA . -34.26 -39.44 38.26
C2' ADP JA . -32.72 -40.85 39.46
O2' ADP JA . -32.34 -39.53 39.84
C1' ADP JA . -33.33 -41.60 40.64
N9 ADP JA . -32.32 -42.47 41.28
C8 ADP JA . -31.35 -43.18 40.66
N7 ADP JA . -30.60 -43.86 41.55
C5 ADP JA . -31.08 -43.58 42.79
C6 ADP JA . -30.74 -43.97 44.17
N6 ADP JA . -29.71 -44.81 44.45
N1 ADP JA . -31.50 -43.45 45.16
C2 ADP JA . -32.52 -42.61 44.91
N3 ADP JA . -32.88 -42.23 43.68
C4 ADP JA . -32.20 -42.67 42.59
C1 EDO KA . -32.92 -37.48 30.29
O1 EDO KA . -34.07 -38.22 30.69
C2 EDO KA . -32.23 -36.89 31.50
O2 EDO KA . -31.84 -37.94 32.39
MG MG LA . -45.73 -56.22 15.87
#